data_5VG6
#
_entry.id   5VG6
#
_cell.length_a   132.514
_cell.length_b   311.036
_cell.length_c   98.977
_cell.angle_alpha   90.000
_cell.angle_beta   90.000
_cell.angle_gamma   90.000
#
_symmetry.space_group_name_H-M   'P 21 21 2'
#
loop_
_entity.id
_entity.type
_entity.pdbx_description
1 polymer 'D-isomer specific 2-hydroxyacid dehydrogenase NAD-binding'
2 non-polymer 'NADPH DIHYDRO-NICOTINAMIDE-ADENINE-DINUCLEOTIDE PHOSPHATE'
3 non-polymer '2-(N-MORPHOLINO)-ETHANESULFONIC ACID'
4 water water
#
_entity_poly.entity_id   1
_entity_poly.type   'polypeptide(L)'
_entity_poly.pdbx_seq_one_letter_code
;MHHHHHHSSGVDLGTENLYFQSMNEQASGALVFYSAVDIGQDWKSALQAAHPGLDVRIARAGDGHVEGDPEEVRYALVWK
PPHGFFARFPNLKLVINLGAGVDALVARDDLPDVPVTRLSDPNMSQMMASFVLFCVLRHARDIPTFERAQREGRWHYVHP
RTAAEIRVGVLGLGDLGAAAALELARHGFDVRGWSRTPKALEGVSCFHGLEALPGFLAGSEIVVVMLPLTPETRGLMNAE
RLAHLPRGAKFINVARGPVVDEAALIAALRSGHIAEATLDVFEVEPLPVGSPLWAMDNVLVTPHLASIAIPRTAAPQIVE
NIRRIEAGEPVLNQVDPRRGY
;
_entity_poly.pdbx_strand_id   A,B,C,D,E,F,G,H,I,J
#
loop_
_chem_comp.id
_chem_comp.type
_chem_comp.name
_chem_comp.formula
MES non-polymer '2-(N-MORPHOLINO)-ETHANESULFONIC ACID' 'C6 H13 N O4 S'
NDP non-polymer 'NADPH DIHYDRO-NICOTINAMIDE-ADENINE-DINUCLEOTIDE PHOSPHATE' 'C21 H30 N7 O17 P3'
#
# COMPACT_ATOMS: atom_id res chain seq x y z
N SER A 28 -23.20 46.47 36.92
CA SER A 28 -22.25 45.56 36.21
C SER A 28 -21.11 46.34 35.58
N GLY A 29 -19.91 45.78 35.68
CA GLY A 29 -18.73 46.28 34.97
C GLY A 29 -18.60 45.61 33.62
N ALA A 30 -17.43 45.73 32.99
CA ALA A 30 -17.18 45.13 31.68
C ALA A 30 -16.57 43.73 31.79
N LEU A 31 -16.90 42.88 30.82
CA LEU A 31 -16.26 41.59 30.64
C LEU A 31 -15.24 41.71 29.51
N VAL A 32 -14.01 41.25 29.77
CA VAL A 32 -12.98 41.12 28.75
C VAL A 32 -12.91 39.65 28.31
N PHE A 33 -12.77 39.46 27.00
CA PHE A 33 -12.70 38.14 26.38
C PHE A 33 -11.32 37.97 25.74
N TYR A 34 -10.66 36.85 26.02
CA TYR A 34 -9.41 36.52 25.32
C TYR A 34 -9.42 35.06 24.90
N SER A 35 -9.28 34.83 23.60
CA SER A 35 -8.97 33.51 23.07
C SER A 35 -8.51 33.62 21.63
N ALA A 36 -7.38 32.97 21.33
CA ALA A 36 -6.89 32.85 19.96
C ALA A 36 -7.65 31.77 19.16
N VAL A 37 -8.40 30.91 19.85
CA VAL A 37 -9.03 29.73 19.24
C VAL A 37 -10.56 29.69 19.37
N ASP A 38 -11.17 30.77 19.86
CA ASP A 38 -12.61 30.90 19.94
C ASP A 38 -13.00 32.20 19.27
N ILE A 39 -14.17 32.22 18.65
CA ILE A 39 -14.68 33.39 17.93
C ILE A 39 -15.32 34.33 18.96
N GLY A 40 -14.62 35.43 19.25
CA GLY A 40 -15.11 36.42 20.20
C GLY A 40 -16.51 36.91 19.93
N GLN A 41 -16.83 37.19 18.66
CA GLN A 41 -18.15 37.68 18.29
C GLN A 41 -19.29 36.74 18.68
N ASP A 42 -19.08 35.42 18.52
CA ASP A 42 -20.11 34.43 18.91
C ASP A 42 -20.37 34.45 20.45
N TRP A 43 -19.30 34.57 21.23
CA TRP A 43 -19.38 34.67 22.66
C TRP A 43 -20.02 35.99 23.08
N LYS A 44 -19.59 37.08 22.45
CA LYS A 44 -20.17 38.40 22.70
C LYS A 44 -21.67 38.43 22.42
N SER A 45 -22.10 37.91 21.26
CA SER A 45 -23.51 37.87 20.92
C SER A 45 -24.33 37.08 21.92
N ALA A 46 -23.83 35.90 22.30
CA ALA A 46 -24.54 35.05 23.26
C ALA A 46 -24.64 35.67 24.66
N LEU A 47 -23.55 36.29 25.12
CA LEU A 47 -23.54 36.96 26.42
C LEU A 47 -24.49 38.15 26.47
N GLN A 48 -24.51 38.94 25.39
CA GLN A 48 -25.41 40.10 25.31
C GLN A 48 -26.88 39.70 25.17
N ALA A 49 -27.16 38.54 24.57
CA ALA A 49 -28.52 38.00 24.56
C ALA A 49 -28.98 37.56 25.94
N ALA A 50 -28.07 36.95 26.71
CA ALA A 50 -28.37 36.52 28.08
C ALA A 50 -28.38 37.69 29.08
N HIS A 51 -27.60 38.74 28.79
CA HIS A 51 -27.50 39.93 29.64
C HIS A 51 -27.48 41.18 28.73
N PRO A 52 -28.66 41.67 28.31
CA PRO A 52 -28.75 42.85 27.45
C PRO A 52 -27.92 44.02 27.95
N GLY A 53 -27.14 44.61 27.05
CA GLY A 53 -26.30 45.76 27.38
C GLY A 53 -24.98 45.46 28.09
N LEU A 54 -24.64 44.19 28.30
CA LEU A 54 -23.38 43.85 28.95
C LEU A 54 -22.21 44.37 28.09
N ASP A 55 -21.33 45.12 28.72
CA ASP A 55 -20.15 45.67 28.08
C ASP A 55 -19.12 44.53 27.90
N VAL A 56 -18.98 44.05 26.67
CA VAL A 56 -18.05 42.97 26.33
C VAL A 56 -16.94 43.49 25.43
N ARG A 57 -15.70 43.27 25.83
CA ARG A 57 -14.52 43.77 25.12
C ARG A 57 -13.65 42.60 24.69
N ILE A 58 -13.41 42.50 23.39
CA ILE A 58 -12.65 41.41 22.81
C ILE A 58 -11.21 41.85 22.76
N ALA A 59 -10.37 41.17 23.55
CA ALA A 59 -8.94 41.47 23.56
C ALA A 59 -8.30 40.89 22.31
N ARG A 60 -7.23 41.53 21.86
CA ARG A 60 -6.57 41.20 20.61
C ARG A 60 -5.73 39.94 20.77
N ALA A 61 -5.88 39.01 19.84
CA ALA A 61 -5.16 37.75 19.90
C ALA A 61 -3.65 37.99 19.85
N GLY A 62 -2.91 37.25 20.68
CA GLY A 62 -1.46 37.33 20.71
C GLY A 62 -0.88 38.15 21.84
N ASP A 63 -1.20 39.43 21.92
CA ASP A 63 -0.73 40.30 23.01
C ASP A 63 -1.78 40.74 24.02
N GLY A 64 -3.05 40.50 23.74
CA GLY A 64 -4.15 40.79 24.67
C GLY A 64 -4.53 42.27 24.78
N HIS A 65 -4.04 43.10 23.87
CA HIS A 65 -4.37 44.50 23.86
C HIS A 65 -5.88 44.67 23.71
N VAL A 66 -6.43 45.58 24.48
CA VAL A 66 -7.86 45.85 24.44
C VAL A 66 -8.11 47.34 24.57
N GLU A 67 -9.09 47.84 23.83
CA GLU A 67 -9.48 49.25 23.91
C GLU A 67 -10.44 49.47 25.08
N GLY A 68 -10.55 50.72 25.50
CA GLY A 68 -11.41 51.11 26.63
C GLY A 68 -10.62 51.23 27.92
N ASP A 69 -11.28 51.79 28.93
CA ASP A 69 -10.69 51.97 30.24
C ASP A 69 -10.56 50.61 30.95
N PRO A 70 -9.31 50.15 31.20
CA PRO A 70 -9.12 48.84 31.85
C PRO A 70 -9.63 48.76 33.31
N GLU A 71 -9.79 49.90 33.96
CA GLU A 71 -10.36 49.93 35.30
C GLU A 71 -11.84 49.54 35.38
N GLU A 72 -12.54 49.62 34.25
CA GLU A 72 -13.94 49.20 34.17
C GLU A 72 -14.13 47.68 34.03
N VAL A 73 -13.05 46.95 33.72
CA VAL A 73 -13.12 45.51 33.51
C VAL A 73 -13.17 44.77 34.86
N ARG A 74 -14.27 44.07 35.10
CA ARG A 74 -14.45 43.29 36.33
C ARG A 74 -14.51 41.77 36.14
N TYR A 75 -14.71 41.29 34.90
CA TYR A 75 -14.82 39.86 34.61
C TYR A 75 -13.94 39.53 33.41
N ALA A 76 -13.28 38.39 33.45
CA ALA A 76 -12.39 37.95 32.39
C ALA A 76 -12.74 36.53 31.98
N LEU A 77 -13.11 36.36 30.71
CA LEU A 77 -13.45 35.07 30.12
C LEU A 77 -12.31 34.75 29.16
N VAL A 78 -11.52 33.74 29.48
CA VAL A 78 -10.21 33.56 28.83
C VAL A 78 -9.85 32.12 28.50
N TRP A 79 -8.97 31.97 27.52
CA TRP A 79 -8.28 30.73 27.24
C TRP A 79 -6.84 31.07 26.94
N LYS A 80 -5.94 30.61 27.82
CA LYS A 80 -4.49 30.78 27.67
C LYS A 80 -4.08 32.18 27.26
N PRO A 81 -4.49 33.20 28.04
CA PRO A 81 -4.10 34.57 27.71
C PRO A 81 -2.61 34.82 27.91
N PRO A 82 -2.06 35.87 27.28
CA PRO A 82 -0.61 36.15 27.39
C PRO A 82 -0.18 36.40 28.82
N HIS A 83 1.09 36.17 29.12
CA HIS A 83 1.63 36.41 30.47
C HIS A 83 1.39 37.88 30.84
N GLY A 84 0.89 38.09 32.06
CA GLY A 84 0.62 39.45 32.55
C GLY A 84 -0.73 40.04 32.15
N PHE A 85 -1.52 39.30 31.37
CA PHE A 85 -2.83 39.75 30.94
C PHE A 85 -3.72 40.24 32.07
N PHE A 86 -3.80 39.46 33.15
CA PHE A 86 -4.72 39.81 34.26
C PHE A 86 -4.31 41.07 35.01
N ALA A 87 -3.00 41.34 35.06
CA ALA A 87 -2.49 42.55 35.71
C ALA A 87 -2.88 43.87 35.00
N ARG A 88 -3.32 43.78 33.75
CA ARG A 88 -3.92 44.94 33.05
C ARG A 88 -5.19 45.47 33.74
N PHE A 89 -5.88 44.60 34.47
CA PHE A 89 -7.23 44.88 34.98
C PHE A 89 -7.27 44.87 36.51
N PRO A 90 -6.98 46.00 37.14
CA PRO A 90 -6.82 45.97 38.62
C PRO A 90 -8.11 45.74 39.41
N ASN A 91 -9.28 45.96 38.79
CA ASN A 91 -10.60 45.79 39.45
C ASN A 91 -11.29 44.47 39.10
N LEU A 92 -10.51 43.50 38.63
CA LEU A 92 -11.04 42.20 38.28
C LEU A 92 -11.65 41.55 39.51
N LYS A 93 -12.90 41.08 39.38
CA LYS A 93 -13.60 40.37 40.47
C LYS A 93 -13.83 38.87 40.19
N LEU A 94 -13.62 38.43 38.95
CA LEU A 94 -14.00 37.07 38.57
C LEU A 94 -13.24 36.65 37.31
N VAL A 95 -12.68 35.44 37.35
CA VAL A 95 -12.04 34.82 36.19
C VAL A 95 -12.90 33.63 35.77
N ILE A 96 -13.09 33.49 34.46
CA ILE A 96 -13.81 32.36 33.90
C ILE A 96 -12.94 31.74 32.80
N ASN A 97 -12.56 30.48 32.98
CA ASN A 97 -11.81 29.75 31.97
C ASN A 97 -12.77 29.23 30.90
N LEU A 98 -12.38 29.31 29.65
CA LEU A 98 -13.23 28.85 28.53
C LEU A 98 -13.25 27.30 28.33
N GLY A 99 -12.66 26.55 29.25
CA GLY A 99 -12.71 25.12 29.24
C GLY A 99 -13.18 24.59 30.59
N ALA A 100 -13.50 23.30 30.61
CA ALA A 100 -13.77 22.61 31.84
C ALA A 100 -12.47 22.32 32.64
N GLY A 101 -11.34 22.21 31.94
CA GLY A 101 -10.04 22.04 32.58
C GLY A 101 -9.38 23.38 32.86
N VAL A 102 -8.63 23.46 33.95
CA VAL A 102 -8.00 24.68 34.40
C VAL A 102 -6.53 24.50 34.76
N ASP A 103 -5.91 23.40 34.32
CA ASP A 103 -4.54 23.07 34.75
C ASP A 103 -3.49 24.12 34.34
N ALA A 104 -3.63 24.67 33.13
CA ALA A 104 -2.70 25.73 32.68
C ALA A 104 -3.00 27.05 33.40
N LEU A 105 -4.28 27.40 33.51
CA LEU A 105 -4.69 28.61 34.21
C LEU A 105 -4.20 28.70 35.67
N VAL A 106 -4.37 27.63 36.44
CA VAL A 106 -4.00 27.64 37.85
C VAL A 106 -2.48 27.59 38.10
N ALA A 107 -1.72 27.15 37.11
CA ALA A 107 -0.25 27.14 37.20
C ALA A 107 0.39 28.52 36.95
N ARG A 108 -0.40 29.51 36.57
CA ARG A 108 0.12 30.84 36.24
C ARG A 108 0.60 31.59 37.48
N ASP A 109 1.66 32.38 37.29
CA ASP A 109 2.21 33.23 38.36
C ASP A 109 1.48 34.57 38.50
N ASP A 110 0.64 34.91 37.51
CA ASP A 110 -0.05 36.20 37.49
C ASP A 110 -1.55 36.11 37.76
N LEU A 111 -1.99 34.98 38.30
CA LEU A 111 -3.40 34.75 38.56
C LEU A 111 -3.83 35.63 39.73
N PRO A 112 -4.89 36.44 39.56
CA PRO A 112 -5.32 37.32 40.64
C PRO A 112 -6.08 36.59 41.71
N ASP A 113 -6.07 37.11 42.95
CA ASP A 113 -6.70 36.45 44.09
C ASP A 113 -8.19 36.81 44.12
N VAL A 114 -8.93 36.25 43.16
CA VAL A 114 -10.37 36.38 43.07
C VAL A 114 -10.95 35.01 42.72
N PRO A 115 -12.28 34.84 42.82
CA PRO A 115 -12.85 33.54 42.43
C PRO A 115 -12.53 33.19 40.97
N VAL A 116 -12.06 31.95 40.78
CA VAL A 116 -11.76 31.42 39.48
C VAL A 116 -12.78 30.33 39.19
N THR A 117 -13.47 30.47 38.06
CA THR A 117 -14.52 29.55 37.65
C THR A 117 -14.17 28.93 36.31
N ARG A 118 -14.86 27.85 36.00
CA ARG A 118 -14.72 27.18 34.72
C ARG A 118 -16.09 27.05 34.12
N LEU A 119 -16.14 26.76 32.81
CA LEU A 119 -17.42 26.45 32.16
C LEU A 119 -17.73 25.00 32.50
N SER A 120 -18.95 24.76 32.98
CA SER A 120 -19.41 23.43 33.28
C SER A 120 -20.94 23.45 33.35
N ASP A 121 -21.55 23.32 32.17
CA ASP A 121 -23.00 23.33 31.96
C ASP A 121 -23.54 21.97 31.54
N PRO A 122 -24.83 21.70 31.76
CA PRO A 122 -25.39 20.37 31.41
C PRO A 122 -25.32 19.97 29.93
N ASN A 123 -25.21 20.94 29.01
CA ASN A 123 -25.01 20.62 27.61
C ASN A 123 -23.63 20.03 27.31
N MET A 124 -22.60 20.63 27.90
CA MET A 124 -21.22 20.13 27.82
C MET A 124 -21.12 18.74 28.41
N SER A 125 -21.77 18.58 29.57
CA SER A 125 -21.89 17.32 30.30
C SER A 125 -22.46 16.20 29.43
N GLN A 126 -23.56 16.53 28.74
CA GLN A 126 -24.23 15.58 27.85
CA GLN A 126 -24.23 15.58 27.85
C GLN A 126 -23.33 15.20 26.69
N MET A 127 -22.71 16.19 26.08
CA MET A 127 -21.80 15.94 24.97
C MET A 127 -20.65 15.01 25.39
N MET A 128 -20.01 15.29 26.53
CA MET A 128 -18.94 14.43 27.03
C MET A 128 -19.46 13.02 27.33
N ALA A 129 -20.60 12.94 28.03
CA ALA A 129 -21.16 11.64 28.37
C ALA A 129 -21.48 10.81 27.12
N SER A 130 -22.03 11.45 26.09
CA SER A 130 -22.32 10.74 24.83
C SER A 130 -21.03 10.28 24.14
N PHE A 131 -20.02 11.13 24.17
CA PHE A 131 -18.73 10.78 23.55
C PHE A 131 -18.07 9.60 24.28
N VAL A 132 -18.10 9.61 25.60
CA VAL A 132 -17.56 8.48 26.38
C VAL A 132 -18.34 7.19 26.07
N LEU A 133 -19.65 7.32 25.99
CA LEU A 133 -20.48 6.18 25.64
C LEU A 133 -20.12 5.61 24.26
N PHE A 134 -19.93 6.49 23.29
CA PHE A 134 -19.45 6.08 21.96
C PHE A 134 -18.14 5.29 22.06
N CYS A 135 -17.16 5.82 22.81
CA CYS A 135 -15.85 5.19 22.95
C CYS A 135 -15.96 3.78 23.56
N VAL A 136 -16.74 3.67 24.64
CA VAL A 136 -16.93 2.43 25.35
C VAL A 136 -17.65 1.40 24.48
N LEU A 137 -18.76 1.81 23.88
CA LEU A 137 -19.52 0.92 22.99
C LEU A 137 -18.69 0.44 21.83
N ARG A 138 -17.87 1.34 21.27
CA ARG A 138 -17.03 0.97 20.14
C ARG A 138 -16.09 -0.19 20.52
N HIS A 139 -15.47 -0.12 21.70
CA HIS A 139 -14.65 -1.23 22.20
C HIS A 139 -15.49 -2.45 22.63
N ALA A 140 -16.57 -2.21 23.35
CA ALA A 140 -17.41 -3.28 23.91
C ALA A 140 -18.05 -4.14 22.80
N ARG A 141 -18.35 -3.52 21.66
CA ARG A 141 -18.92 -4.23 20.52
C ARG A 141 -17.90 -4.68 19.45
N ASP A 142 -16.62 -4.68 19.82
CA ASP A 142 -15.52 -5.28 19.01
C ASP A 142 -15.32 -4.62 17.64
N ILE A 143 -15.61 -3.33 17.56
CA ILE A 143 -15.63 -2.61 16.29
C ILE A 143 -14.25 -2.58 15.62
N PRO A 144 -13.16 -2.38 16.40
CA PRO A 144 -11.85 -2.41 15.74
C PRO A 144 -11.50 -3.74 15.08
N THR A 145 -12.02 -4.84 15.62
CA THR A 145 -11.87 -6.16 14.98
C THR A 145 -12.58 -6.16 13.63
N PHE A 146 -13.80 -5.63 13.56
CA PHE A 146 -14.56 -5.62 12.30
C PHE A 146 -13.94 -4.70 11.28
N GLU A 147 -13.37 -3.59 11.75
CA GLU A 147 -12.69 -2.65 10.87
C GLU A 147 -11.44 -3.28 10.27
N ARG A 148 -10.66 -3.98 11.09
CA ARG A 148 -9.46 -4.70 10.62
C ARG A 148 -9.86 -5.73 9.55
N ALA A 149 -10.87 -6.53 9.88
CA ALA A 149 -11.42 -7.52 8.95
C ALA A 149 -11.96 -6.89 7.64
N GLN A 150 -12.63 -5.77 7.75
CA GLN A 150 -13.17 -5.08 6.59
C GLN A 150 -12.07 -4.65 5.64
N ARG A 151 -10.98 -4.19 6.19
CA ARG A 151 -9.80 -3.78 5.39
C ARG A 151 -9.16 -4.95 4.63
N GLU A 152 -9.33 -6.16 5.13
CA GLU A 152 -8.89 -7.37 4.46
C GLU A 152 -9.97 -8.03 3.57
N GLY A 153 -11.16 -7.44 3.51
CA GLY A 153 -12.27 -8.00 2.73
C GLY A 153 -12.86 -9.27 3.33
N ARG A 154 -12.78 -9.40 4.64
CA ARG A 154 -13.13 -10.62 5.33
C ARG A 154 -14.36 -10.46 6.23
N TRP A 155 -15.35 -11.30 5.98
CA TRP A 155 -16.55 -11.38 6.80
C TRP A 155 -16.28 -12.40 7.89
N HIS A 156 -16.23 -11.94 9.13
CA HIS A 156 -16.00 -12.85 10.25
C HIS A 156 -16.85 -12.49 11.46
N TYR A 157 -17.84 -13.35 11.71
CA TYR A 157 -18.74 -13.17 12.84
C TYR A 157 -17.98 -13.40 14.14
N VAL A 158 -18.19 -12.52 15.10
CA VAL A 158 -17.68 -12.66 16.45
C VAL A 158 -18.89 -12.51 17.35
N HIS A 159 -19.14 -13.50 18.21
CA HIS A 159 -20.35 -13.51 19.02
C HIS A 159 -20.34 -12.32 19.98
N PRO A 160 -21.38 -11.46 19.91
CA PRO A 160 -21.43 -10.28 20.78
C PRO A 160 -21.55 -10.62 22.25
N ARG A 161 -21.04 -9.73 23.10
CA ARG A 161 -21.15 -9.86 24.54
C ARG A 161 -22.19 -8.90 25.07
N THR A 162 -22.94 -9.34 26.07
CA THR A 162 -23.85 -8.42 26.77
C THR A 162 -23.11 -7.41 27.60
N ALA A 163 -23.73 -6.26 27.77
CA ALA A 163 -23.10 -5.17 28.52
C ALA A 163 -22.82 -5.59 29.97
N ALA A 164 -23.69 -6.41 30.55
CA ALA A 164 -23.57 -6.87 31.92
C ALA A 164 -22.30 -7.71 32.19
N GLU A 165 -21.77 -8.33 31.14
CA GLU A 165 -20.53 -9.09 31.21
C GLU A 165 -19.27 -8.21 31.26
N ILE A 166 -19.40 -6.93 30.92
CA ILE A 166 -18.27 -6.05 30.74
C ILE A 166 -18.19 -5.03 31.85
N ARG A 167 -17.05 -4.99 32.53
CA ARG A 167 -16.84 -4.04 33.62
C ARG A 167 -16.14 -2.82 33.05
N VAL A 168 -16.69 -1.65 33.36
CA VAL A 168 -16.19 -0.38 32.84
C VAL A 168 -15.85 0.49 34.02
N GLY A 169 -14.61 0.98 34.07
CA GLY A 169 -14.15 1.83 35.16
C GLY A 169 -13.93 3.25 34.69
N VAL A 170 -14.44 4.21 35.46
CA VAL A 170 -14.24 5.63 35.18
C VAL A 170 -13.33 6.23 36.27
N LEU A 171 -12.16 6.72 35.85
CA LEU A 171 -11.26 7.44 36.75
C LEU A 171 -11.68 8.91 36.81
N GLY A 172 -12.23 9.33 37.95
CA GLY A 172 -12.75 10.66 38.14
C GLY A 172 -14.26 10.63 38.11
N LEU A 173 -14.91 11.16 39.16
CA LEU A 173 -16.38 11.18 39.20
C LEU A 173 -16.90 12.59 39.46
N GLY A 174 -16.38 13.55 38.69
CA GLY A 174 -16.81 14.95 38.78
C GLY A 174 -18.02 15.28 37.95
N ASP A 175 -18.17 16.54 37.56
CA ASP A 175 -19.31 16.96 36.71
C ASP A 175 -19.43 16.06 35.44
N LEU A 176 -18.27 15.80 34.82
CA LEU A 176 -18.20 15.00 33.61
C LEU A 176 -18.11 13.51 33.92
N GLY A 177 -17.22 13.14 34.82
CA GLY A 177 -17.00 11.75 35.17
C GLY A 177 -18.23 11.03 35.75
N ALA A 178 -18.93 11.68 36.67
CA ALA A 178 -20.15 11.12 37.24
C ALA A 178 -21.25 10.96 36.20
N ALA A 179 -21.41 11.97 35.34
CA ALA A 179 -22.41 11.92 34.27
C ALA A 179 -22.12 10.76 33.31
N ALA A 180 -20.86 10.57 32.96
CA ALA A 180 -20.47 9.48 32.08
C ALA A 180 -20.70 8.12 32.74
N ALA A 181 -20.30 7.98 34.00
CA ALA A 181 -20.51 6.74 34.74
C ALA A 181 -21.99 6.38 34.83
N LEU A 182 -22.84 7.35 35.15
CA LEU A 182 -24.29 7.13 35.23
C LEU A 182 -24.90 6.72 33.89
N GLU A 183 -24.43 7.33 32.81
CA GLU A 183 -24.87 6.95 31.47
C GLU A 183 -24.43 5.53 31.10
N LEU A 184 -23.19 5.19 31.42
CA LEU A 184 -22.70 3.83 31.17
C LEU A 184 -23.56 2.80 31.90
N ALA A 185 -23.94 3.13 33.14
CA ALA A 185 -24.78 2.25 33.93
C ALA A 185 -26.16 2.02 33.28
N ARG A 186 -26.73 3.05 32.64
CA ARG A 186 -28.01 2.93 31.95
C ARG A 186 -27.98 1.91 30.82
N HIS A 187 -26.83 1.75 30.20
CA HIS A 187 -26.64 0.79 29.11
C HIS A 187 -26.30 -0.66 29.57
N GLY A 188 -26.32 -0.90 30.88
CA GLY A 188 -26.24 -2.24 31.42
C GLY A 188 -24.83 -2.73 31.78
N PHE A 189 -23.82 -1.87 31.58
CA PHE A 189 -22.46 -2.20 31.96
C PHE A 189 -22.33 -2.33 33.48
N ASP A 190 -21.35 -3.12 33.92
CA ASP A 190 -21.01 -3.21 35.35
C ASP A 190 -20.01 -2.09 35.60
N VAL A 191 -20.53 -0.95 36.05
CA VAL A 191 -19.77 0.29 36.06
C VAL A 191 -19.15 0.52 37.44
N ARG A 192 -17.88 0.91 37.45
CA ARG A 192 -17.21 1.33 38.66
C ARG A 192 -16.58 2.71 38.43
N GLY A 193 -16.36 3.41 39.53
CA GLY A 193 -15.78 4.75 39.50
C GLY A 193 -14.77 4.93 40.61
N TRP A 194 -13.79 5.80 40.37
CA TRP A 194 -12.72 6.10 41.32
C TRP A 194 -12.61 7.62 41.49
N SER A 195 -12.53 8.05 42.75
CA SER A 195 -12.32 9.46 43.09
C SER A 195 -11.35 9.59 44.27
N ARG A 196 -11.04 10.81 44.63
CA ARG A 196 -10.09 11.09 45.72
C ARG A 196 -10.73 10.86 47.09
N THR A 197 -11.97 11.31 47.22
CA THR A 197 -12.76 11.21 48.45
C THR A 197 -14.02 10.39 48.17
N PRO A 198 -14.66 9.86 49.22
CA PRO A 198 -15.81 8.96 48.99
C PRO A 198 -16.96 9.65 48.24
N LYS A 199 -17.60 8.88 47.38
CA LYS A 199 -18.76 9.29 46.64
C LYS A 199 -19.76 8.16 46.63
N ALA A 200 -21.03 8.52 46.63
CA ALA A 200 -22.09 7.56 46.45
C ALA A 200 -22.77 7.94 45.14
N LEU A 201 -22.92 6.95 44.29
CA LEU A 201 -23.44 7.20 42.96
C LEU A 201 -24.27 5.98 42.63
N GLU A 202 -25.57 6.19 42.51
CA GLU A 202 -26.52 5.08 42.34
C GLU A 202 -26.19 4.27 41.11
N GLY A 203 -26.10 2.95 41.30
CA GLY A 203 -25.82 2.02 40.20
C GLY A 203 -24.39 1.94 39.72
N VAL A 204 -23.50 2.60 40.47
CA VAL A 204 -22.06 2.60 40.19
C VAL A 204 -21.30 2.13 41.43
N SER A 205 -20.36 1.19 41.23
CA SER A 205 -19.47 0.73 42.28
C SER A 205 -18.37 1.76 42.53
N CYS A 206 -18.48 2.51 43.62
CA CYS A 206 -17.56 3.60 43.90
C CYS A 206 -16.37 3.18 44.78
N PHE A 207 -15.18 3.47 44.28
CA PHE A 207 -13.90 3.28 44.96
C PHE A 207 -13.32 4.67 45.22
N HIS A 208 -12.50 4.80 46.25
CA HIS A 208 -11.81 6.06 46.50
C HIS A 208 -10.47 5.85 47.16
N GLY A 209 -9.56 6.77 46.89
CA GLY A 209 -8.24 6.79 47.57
C GLY A 209 -7.25 6.02 46.76
N LEU A 210 -5.99 6.38 46.96
CA LEU A 210 -4.87 5.79 46.25
C LEU A 210 -4.64 4.31 46.57
N GLU A 211 -4.95 3.92 47.80
CA GLU A 211 -4.81 2.52 48.24
C GLU A 211 -5.78 1.59 47.50
N ALA A 212 -6.96 2.10 47.14
CA ALA A 212 -7.96 1.32 46.40
C ALA A 212 -7.73 1.27 44.89
N LEU A 213 -6.81 2.05 44.37
CA LEU A 213 -6.62 2.18 42.90
C LEU A 213 -6.21 0.87 42.20
N PRO A 214 -5.27 0.08 42.78
CA PRO A 214 -4.95 -1.19 42.12
C PRO A 214 -6.17 -2.11 41.94
N GLY A 215 -6.96 -2.28 43.00
CA GLY A 215 -8.18 -3.09 42.95
C GLY A 215 -9.24 -2.54 41.99
N PHE A 216 -9.38 -1.21 41.95
CA PHE A 216 -10.27 -0.57 41.00
C PHE A 216 -9.86 -0.93 39.58
N LEU A 217 -8.58 -0.75 39.27
CA LEU A 217 -8.04 -1.06 37.94
C LEU A 217 -8.12 -2.54 37.60
N ALA A 218 -7.83 -3.40 38.56
CA ALA A 218 -7.83 -4.87 38.34
C ALA A 218 -9.16 -5.41 37.79
N GLY A 219 -10.26 -4.77 38.19
CA GLY A 219 -11.59 -5.16 37.68
C GLY A 219 -12.11 -4.41 36.47
N SER A 220 -11.32 -3.50 35.90
CA SER A 220 -11.77 -2.62 34.83
C SER A 220 -11.32 -3.16 33.46
N GLU A 221 -12.21 -3.89 32.78
CA GLU A 221 -11.93 -4.38 31.44
C GLU A 221 -11.81 -3.23 30.45
N ILE A 222 -12.69 -2.25 30.58
CA ILE A 222 -12.58 -1.01 29.85
C ILE A 222 -12.38 0.08 30.89
N VAL A 223 -11.44 0.99 30.64
CA VAL A 223 -11.17 2.06 31.58
C VAL A 223 -11.21 3.40 30.85
N VAL A 224 -11.79 4.39 31.51
CA VAL A 224 -11.95 5.74 30.97
C VAL A 224 -11.29 6.74 31.92
N VAL A 225 -10.29 7.47 31.41
CA VAL A 225 -9.60 8.50 32.19
C VAL A 225 -10.38 9.80 32.08
N MET A 226 -10.91 10.29 33.21
CA MET A 226 -11.67 11.54 33.29
C MET A 226 -11.18 12.40 34.47
N LEU A 227 -9.87 12.37 34.69
CA LEU A 227 -9.22 13.10 35.78
C LEU A 227 -8.68 14.44 35.32
N PRO A 228 -8.77 15.48 36.16
CA PRO A 228 -8.02 16.70 35.86
C PRO A 228 -6.53 16.46 36.00
N LEU A 229 -5.74 17.27 35.35
CA LEU A 229 -4.29 17.20 35.45
C LEU A 229 -3.85 18.02 36.64
N THR A 230 -3.24 17.35 37.60
CA THR A 230 -2.63 17.98 38.80
C THR A 230 -1.31 17.28 39.06
N PRO A 231 -0.52 17.77 40.03
CA PRO A 231 0.71 17.05 40.35
C PRO A 231 0.43 15.61 40.80
N GLU A 232 -0.67 15.39 41.51
CA GLU A 232 -1.07 14.06 41.91
C GLU A 232 -1.47 13.12 40.75
N THR A 233 -2.12 13.66 39.73
CA THR A 233 -2.56 12.85 38.61
C THR A 233 -1.57 12.79 37.47
N ARG A 234 -0.59 13.65 37.45
CA ARG A 234 0.40 13.66 36.37
C ARG A 234 1.21 12.36 36.42
N GLY A 235 1.18 11.61 35.33
CA GLY A 235 1.83 10.31 35.23
C GLY A 235 1.25 9.25 36.15
N LEU A 236 -0.01 9.41 36.58
CA LEU A 236 -0.68 8.42 37.46
C LEU A 236 -0.74 7.07 36.77
N MET A 237 -1.16 7.07 35.50
CA MET A 237 -1.23 5.84 34.70
C MET A 237 0.13 5.58 34.06
N ASN A 238 1.06 5.15 34.92
CA ASN A 238 2.43 4.81 34.55
C ASN A 238 2.48 3.29 34.31
N ALA A 239 3.67 2.75 34.07
CA ALA A 239 3.84 1.31 33.81
C ALA A 239 3.18 0.44 34.89
N GLU A 240 3.42 0.81 36.15
CA GLU A 240 2.88 0.08 37.30
C GLU A 240 1.34 0.07 37.35
N ARG A 241 0.73 1.23 37.12
CA ARG A 241 -0.74 1.33 37.14
C ARG A 241 -1.36 0.61 35.94
N LEU A 242 -0.74 0.73 34.77
CA LEU A 242 -1.22 0.02 33.59
C LEU A 242 -1.16 -1.49 33.80
N ALA A 243 -0.14 -1.97 34.52
CA ALA A 243 0.01 -3.40 34.82
C ALA A 243 -1.08 -3.94 35.75
N HIS A 244 -1.73 -3.07 36.52
CA HIS A 244 -2.88 -3.48 37.36
C HIS A 244 -4.14 -3.74 36.54
N LEU A 245 -4.26 -3.15 35.35
CA LEU A 245 -5.41 -3.45 34.48
C LEU A 245 -5.30 -4.92 34.04
N PRO A 246 -6.45 -5.58 33.81
CA PRO A 246 -6.39 -6.95 33.32
C PRO A 246 -5.84 -7.00 31.90
N ARG A 247 -5.17 -8.10 31.55
CA ARG A 247 -4.67 -8.28 30.20
C ARG A 247 -5.83 -8.19 29.23
N GLY A 248 -5.61 -7.49 28.12
CA GLY A 248 -6.64 -7.29 27.10
C GLY A 248 -7.55 -6.11 27.37
N ALA A 249 -7.20 -5.28 28.34
CA ALA A 249 -8.02 -4.12 28.68
C ALA A 249 -8.11 -3.11 27.52
N LYS A 250 -9.19 -2.36 27.50
CA LYS A 250 -9.41 -1.31 26.51
C LYS A 250 -9.28 0.03 27.25
N PHE A 251 -8.45 0.91 26.70
CA PHE A 251 -8.02 2.11 27.41
C PHE A 251 -8.49 3.38 26.72
N ILE A 252 -9.29 4.19 27.41
CA ILE A 252 -9.81 5.42 26.86
C ILE A 252 -9.33 6.62 27.66
N ASN A 253 -8.74 7.61 26.98
CA ASN A 253 -8.36 8.85 27.65
C ASN A 253 -9.04 10.04 26.99
N VAL A 254 -9.94 10.68 27.75
CA VAL A 254 -10.62 11.91 27.34
C VAL A 254 -10.38 13.04 28.34
N ALA A 255 -9.30 12.93 29.10
CA ALA A 255 -9.02 13.86 30.19
C ALA A 255 -7.89 14.81 29.81
N ARG A 256 -6.67 14.48 30.21
CA ARG A 256 -5.48 15.22 29.81
C ARG A 256 -4.41 14.18 29.54
N GLY A 257 -3.63 14.42 28.50
CA GLY A 257 -2.62 13.48 28.06
C GLY A 257 -1.60 13.06 29.10
N PRO A 258 -1.03 14.05 29.81
CA PRO A 258 0.00 13.73 30.81
C PRO A 258 -0.45 12.95 32.05
N VAL A 259 -1.75 12.72 32.22
CA VAL A 259 -2.23 11.78 33.24
C VAL A 259 -1.71 10.38 32.98
N VAL A 260 -1.47 10.09 31.69
CA VAL A 260 -0.94 8.82 31.22
C VAL A 260 0.52 8.97 30.82
N ASP A 261 1.34 8.03 31.24
CA ASP A 261 2.73 7.92 30.75
C ASP A 261 2.63 7.33 29.36
N GLU A 262 2.82 8.17 28.35
CA GLU A 262 2.50 7.80 26.96
C GLU A 262 3.41 6.69 26.44
N ALA A 263 4.69 6.78 26.76
CA ALA A 263 5.67 5.74 26.44
C ALA A 263 5.31 4.38 27.07
N ALA A 264 4.83 4.43 28.31
CA ALA A 264 4.37 3.22 29.01
C ALA A 264 3.10 2.64 28.39
N LEU A 265 2.19 3.51 27.96
CA LEU A 265 0.99 3.04 27.25
C LEU A 265 1.38 2.35 25.94
N ILE A 266 2.27 2.99 25.18
CA ILE A 266 2.77 2.41 23.92
C ILE A 266 3.38 1.03 24.15
N ALA A 267 4.23 0.89 25.17
CA ALA A 267 4.82 -0.41 25.49
C ALA A 267 3.77 -1.45 25.85
N ALA A 268 2.75 -1.05 26.61
CA ALA A 268 1.68 -1.95 27.01
C ALA A 268 0.79 -2.35 25.82
N LEU A 269 0.59 -1.41 24.88
CA LEU A 269 -0.09 -1.75 23.63
C LEU A 269 0.74 -2.76 22.83
N ARG A 270 2.05 -2.50 22.72
CA ARG A 270 2.94 -3.38 21.95
C ARG A 270 3.05 -4.81 22.50
N SER A 271 3.02 -4.95 23.82
CA SER A 271 3.09 -6.26 24.48
C SER A 271 1.73 -6.98 24.51
N GLY A 272 0.67 -6.29 24.10
CA GLY A 272 -0.68 -6.84 24.13
C GLY A 272 -1.37 -6.77 25.50
N HIS A 273 -0.72 -6.17 26.51
CA HIS A 273 -1.36 -6.03 27.80
C HIS A 273 -2.60 -5.14 27.70
N ILE A 274 -2.48 -4.04 26.96
CA ILE A 274 -3.64 -3.23 26.54
C ILE A 274 -3.97 -3.65 25.11
N ALA A 275 -5.18 -4.13 24.90
CA ALA A 275 -5.60 -4.60 23.56
C ALA A 275 -5.84 -3.48 22.57
N GLU A 276 -6.53 -2.45 23.05
CA GLU A 276 -6.98 -1.34 22.21
C GLU A 276 -7.05 -0.07 23.03
N ALA A 277 -7.00 1.06 22.34
CA ALA A 277 -7.14 2.35 22.99
C ALA A 277 -7.88 3.36 22.12
N THR A 278 -8.56 4.30 22.79
CA THR A 278 -9.11 5.49 22.18
C THR A 278 -8.56 6.68 22.94
N LEU A 279 -7.86 7.57 22.22
CA LEU A 279 -7.13 8.65 22.84
C LEU A 279 -7.51 9.97 22.17
N ASP A 280 -8.10 10.85 22.96
CA ASP A 280 -8.48 12.20 22.54
C ASP A 280 -7.44 13.23 22.99
N VAL A 281 -6.54 12.85 23.89
CA VAL A 281 -5.56 13.76 24.47
C VAL A 281 -4.23 13.07 24.61
N PHE A 282 -3.15 13.86 24.58
CA PHE A 282 -1.77 13.35 24.50
C PHE A 282 -0.80 14.22 25.27
N GLU A 283 0.37 13.68 25.61
CA GLU A 283 1.37 14.43 26.36
C GLU A 283 1.75 15.72 25.63
N VAL A 284 2.06 15.58 24.35
CA VAL A 284 2.26 16.72 23.45
C VAL A 284 1.15 16.71 22.41
N GLU A 285 0.47 17.85 22.30
CA GLU A 285 -0.59 18.07 21.31
C GLU A 285 -0.18 19.23 20.40
N PRO A 286 -0.27 19.08 19.08
CA PRO A 286 -0.72 17.88 18.40
C PRO A 286 0.26 16.71 18.56
N LEU A 287 -0.27 15.49 18.54
CA LEU A 287 0.52 14.28 18.59
C LEU A 287 1.61 14.33 17.50
N PRO A 288 2.90 14.31 17.91
CA PRO A 288 3.98 14.39 16.92
C PRO A 288 3.89 13.36 15.84
N VAL A 289 4.28 13.72 14.62
CA VAL A 289 4.15 12.79 13.47
C VAL A 289 4.92 11.50 13.69
N GLY A 290 6.03 11.57 14.43
CA GLY A 290 6.81 10.39 14.76
C GLY A 290 6.22 9.42 15.78
N SER A 291 5.10 9.78 16.44
CA SER A 291 4.50 8.89 17.44
C SER A 291 4.09 7.54 16.88
N PRO A 292 4.47 6.43 17.54
CA PRO A 292 4.00 5.11 17.14
C PRO A 292 2.47 4.93 17.17
N LEU A 293 1.76 5.78 17.91
CA LEU A 293 0.31 5.65 18.03
C LEU A 293 -0.46 5.87 16.72
N TRP A 294 0.07 6.71 15.82
CA TRP A 294 -0.63 7.04 14.58
C TRP A 294 -0.96 5.79 13.76
N ALA A 295 0.03 4.94 13.55
CA ALA A 295 -0.07 3.78 12.66
C ALA A 295 -0.70 2.51 13.28
N MET A 296 -1.02 2.55 14.56
CA MET A 296 -1.63 1.40 15.24
C MET A 296 -3.11 1.32 14.92
N ASP A 297 -3.53 0.21 14.30
CA ASP A 297 -4.95 0.04 13.91
C ASP A 297 -5.86 -0.30 15.10
N ASN A 298 -5.24 -0.63 16.25
CA ASN A 298 -5.95 -0.82 17.51
C ASN A 298 -6.01 0.44 18.38
N VAL A 299 -5.60 1.59 17.82
CA VAL A 299 -5.69 2.88 18.50
C VAL A 299 -6.51 3.84 17.66
N LEU A 300 -7.46 4.52 18.28
CA LEU A 300 -8.21 5.58 17.64
C LEU A 300 -7.73 6.91 18.20
N VAL A 301 -7.26 7.79 17.33
CA VAL A 301 -6.81 9.14 17.69
C VAL A 301 -7.87 10.15 17.31
N THR A 302 -8.32 10.93 18.28
CA THR A 302 -9.16 12.10 18.00
C THR A 302 -8.43 13.35 18.49
N PRO A 303 -8.58 14.48 17.79
CA PRO A 303 -7.71 15.64 18.06
C PRO A 303 -8.21 16.59 19.15
N HIS A 304 -8.36 16.07 20.36
CA HIS A 304 -8.77 16.84 21.55
C HIS A 304 -10.05 17.63 21.29
N LEU A 305 -11.15 16.90 21.18
CA LEU A 305 -12.46 17.50 20.99
C LEU A 305 -13.63 16.72 21.58
N ALA A 306 -13.36 15.95 22.64
CA ALA A 306 -14.38 15.10 23.24
C ALA A 306 -15.64 15.90 23.59
N SER A 307 -15.45 17.07 24.17
CA SER A 307 -16.59 17.94 24.48
C SER A 307 -16.15 19.40 24.42
N ILE A 308 -17.09 20.29 24.11
CA ILE A 308 -16.82 21.72 24.06
C ILE A 308 -17.98 22.53 24.61
N ALA A 309 -17.67 23.74 25.07
CA ALA A 309 -18.69 24.71 25.42
C ALA A 309 -19.25 25.35 24.16
N ILE A 310 -20.54 25.55 24.15
CA ILE A 310 -21.23 26.27 23.07
C ILE A 310 -21.70 27.61 23.62
N PRO A 311 -21.37 28.72 22.96
CA PRO A 311 -21.72 30.06 23.47
C PRO A 311 -23.16 30.20 23.99
N ARG A 312 -24.12 29.84 23.17
CA ARG A 312 -25.54 30.01 23.49
C ARG A 312 -25.95 29.29 24.79
N THR A 313 -25.50 28.07 25.01
CA THR A 313 -25.83 27.32 26.22
C THR A 313 -24.84 27.50 27.38
N ALA A 314 -23.64 28.00 27.09
CA ALA A 314 -22.67 28.33 28.15
C ALA A 314 -22.90 29.70 28.78
N ALA A 315 -23.43 30.64 27.99
CA ALA A 315 -23.59 32.04 28.43
C ALA A 315 -24.43 32.25 29.71
N PRO A 316 -25.54 31.50 29.88
CA PRO A 316 -26.39 31.73 31.06
C PRO A 316 -25.67 31.60 32.40
N GLN A 317 -24.85 30.57 32.57
CA GLN A 317 -24.11 30.39 33.82
C GLN A 317 -23.07 31.50 34.01
N ILE A 318 -22.50 32.02 32.92
CA ILE A 318 -21.55 33.11 32.99
C ILE A 318 -22.24 34.38 33.50
N VAL A 319 -23.39 34.72 32.91
CA VAL A 319 -24.10 35.94 33.33
C VAL A 319 -24.68 35.77 34.74
N GLU A 320 -25.05 34.54 35.10
CA GLU A 320 -25.50 34.26 36.47
C GLU A 320 -24.37 34.48 37.49
N ASN A 321 -23.14 34.11 37.15
CA ASN A 321 -21.98 34.36 38.01
C ASN A 321 -21.62 35.85 38.08
N ILE A 322 -21.82 36.59 36.99
CA ILE A 322 -21.71 38.05 37.03
C ILE A 322 -22.71 38.64 38.03
N ARG A 323 -23.96 38.21 37.95
CA ARG A 323 -24.99 38.65 38.91
C ARG A 323 -24.59 38.35 40.35
N ARG A 324 -24.16 37.11 40.60
CA ARG A 324 -23.75 36.66 41.93
C ARG A 324 -22.56 37.41 42.51
N ILE A 325 -21.53 37.67 41.69
CA ILE A 325 -20.34 38.40 42.16
C ILE A 325 -20.72 39.84 42.57
N GLU A 326 -21.63 40.46 41.83
CA GLU A 326 -22.10 41.82 42.18
C GLU A 326 -23.06 41.86 43.37
N ALA A 327 -23.84 40.79 43.57
CA ALA A 327 -24.74 40.65 44.72
C ALA A 327 -24.05 40.13 45.99
N GLY A 328 -22.80 39.71 45.89
CA GLY A 328 -22.08 39.12 47.01
C GLY A 328 -22.48 37.68 47.32
N GLU A 329 -23.06 36.98 46.33
CA GLU A 329 -23.40 35.57 46.47
C GLU A 329 -22.23 34.71 45.98
N PRO A 330 -22.04 33.51 46.57
CA PRO A 330 -21.01 32.62 46.06
C PRO A 330 -21.24 32.18 44.61
N VAL A 331 -20.16 32.08 43.85
CA VAL A 331 -20.27 31.74 42.43
C VAL A 331 -20.39 30.24 42.19
N LEU A 332 -21.00 29.90 41.05
CA LEU A 332 -21.11 28.52 40.59
C LEU A 332 -19.82 28.11 39.90
N ASN A 333 -19.51 26.81 39.99
CA ASN A 333 -18.40 26.17 39.27
C ASN A 333 -17.05 26.77 39.59
N GLN A 334 -16.85 27.12 40.85
CA GLN A 334 -15.58 27.66 41.32
C GLN A 334 -14.54 26.55 41.40
N VAL A 335 -13.31 26.85 41.04
CA VAL A 335 -12.24 25.89 41.12
C VAL A 335 -11.38 26.27 42.29
N ASP A 336 -10.60 25.34 42.81
CA ASP A 336 -9.59 25.62 43.82
C ASP A 336 -8.26 25.80 43.10
N PRO A 337 -7.74 27.05 43.04
CA PRO A 337 -6.46 27.23 42.34
C PRO A 337 -5.27 26.46 42.92
N ARG A 338 -5.29 26.19 44.24
CA ARG A 338 -4.20 25.48 44.92
C ARG A 338 -4.16 24.00 44.49
N ARG A 339 -5.32 23.37 44.40
CA ARG A 339 -5.44 21.95 44.06
C ARG A 339 -5.49 21.71 42.55
N GLY A 340 -6.03 22.65 41.80
CA GLY A 340 -5.99 22.61 40.34
C GLY A 340 -7.23 22.05 39.72
N TYR A 341 -8.31 21.99 40.49
CA TYR A 341 -9.64 21.67 39.96
C TYR A 341 -10.71 22.08 40.93
N ALA B 27 19.76 72.12 -16.68
CA ALA B 27 20.97 71.57 -17.36
C ALA B 27 21.12 70.06 -17.10
N SER B 28 20.11 69.30 -17.52
CA SER B 28 20.09 67.85 -17.32
C SER B 28 21.22 67.17 -18.10
N GLY B 29 21.82 66.15 -17.48
CA GLY B 29 22.78 65.26 -18.13
C GLY B 29 22.07 64.08 -18.75
N ALA B 30 22.82 63.05 -19.09
CA ALA B 30 22.25 61.84 -19.71
C ALA B 30 21.89 60.77 -18.68
N LEU B 31 20.85 60.01 -18.98
CA LEU B 31 20.50 58.81 -18.22
C LEU B 31 20.98 57.59 -19.00
N VAL B 32 21.69 56.70 -18.31
CA VAL B 32 22.06 55.39 -18.86
C VAL B 32 21.09 54.35 -18.30
N PHE B 33 20.69 53.43 -19.17
CA PHE B 33 19.76 52.35 -18.85
C PHE B 33 20.50 51.01 -19.00
N TYR B 34 20.41 50.15 -18.01
CA TYR B 34 20.91 48.77 -18.14
C TYR B 34 19.89 47.79 -17.58
N SER B 35 19.48 46.85 -18.43
CA SER B 35 18.75 45.66 -17.99
C SER B 35 18.74 44.63 -19.11
N ALA B 36 19.09 43.39 -18.75
CA ALA B 36 18.95 42.26 -19.65
C ALA B 36 17.51 41.75 -19.75
N VAL B 37 16.64 42.17 -18.83
CA VAL B 37 15.29 41.62 -18.71
C VAL B 37 14.16 42.67 -18.85
N ASP B 38 14.52 43.89 -19.21
CA ASP B 38 13.55 44.95 -19.47
C ASP B 38 13.84 45.52 -20.84
N ILE B 39 12.80 45.96 -21.52
CA ILE B 39 12.90 46.51 -22.87
C ILE B 39 13.33 47.98 -22.77
N GLY B 40 14.58 48.25 -23.10
CA GLY B 40 15.14 49.60 -23.06
C GLY B 40 14.31 50.63 -23.79
N GLN B 41 13.84 50.28 -25.00
CA GLN B 41 13.07 51.20 -25.81
C GLN B 41 11.78 51.66 -25.15
N ASP B 42 11.09 50.76 -24.44
CA ASP B 42 9.86 51.13 -23.72
C ASP B 42 10.14 52.14 -22.60
N TRP B 43 11.23 51.93 -21.87
CA TRP B 43 11.65 52.84 -20.81
C TRP B 43 12.11 54.17 -21.40
N LYS B 44 12.89 54.11 -22.46
CA LYS B 44 13.33 55.31 -23.17
C LYS B 44 12.16 56.17 -23.65
N SER B 45 11.19 55.53 -24.32
CA SER B 45 10.01 56.24 -24.83
C SER B 45 9.23 56.91 -23.70
N ALA B 46 9.01 56.18 -22.61
CA ALA B 46 8.26 56.70 -21.46
C ALA B 46 8.98 57.85 -20.77
N LEU B 47 10.29 57.73 -20.59
CA LEU B 47 11.10 58.79 -19.98
C LEU B 47 11.11 60.08 -20.82
N GLN B 48 11.24 59.91 -22.13
CA GLN B 48 11.24 61.05 -23.04
C GLN B 48 9.86 61.73 -23.14
N ALA B 49 8.79 60.96 -22.97
CA ALA B 49 7.45 61.55 -22.88
C ALA B 49 7.27 62.37 -21.59
N ALA B 50 7.81 61.87 -20.48
CA ALA B 50 7.74 62.60 -19.21
C ALA B 50 8.72 63.77 -19.14
N HIS B 51 9.84 63.66 -19.86
CA HIS B 51 10.89 64.69 -19.91
C HIS B 51 11.38 64.84 -21.36
N PRO B 52 10.66 65.63 -22.18
CA PRO B 52 11.05 65.86 -23.58
C PRO B 52 12.52 66.23 -23.75
N GLY B 53 13.19 65.55 -24.67
CA GLY B 53 14.60 65.81 -24.94
C GLY B 53 15.61 65.19 -23.98
N LEU B 54 15.15 64.39 -23.02
CA LEU B 54 16.07 63.70 -22.10
C LEU B 54 16.98 62.77 -22.89
N ASP B 55 18.28 62.93 -22.70
CA ASP B 55 19.29 62.10 -23.34
C ASP B 55 19.30 60.75 -22.62
N VAL B 56 18.76 59.72 -23.27
CA VAL B 56 18.67 58.36 -22.72
C VAL B 56 19.54 57.41 -23.55
N ARG B 57 20.45 56.71 -22.89
CA ARG B 57 21.40 55.81 -23.54
C ARG B 57 21.21 54.39 -23.02
N ILE B 58 20.93 53.47 -23.94
CA ILE B 58 20.65 52.09 -23.59
C ILE B 58 21.97 51.33 -23.65
N ALA B 59 22.43 50.88 -22.49
CA ALA B 59 23.65 50.09 -22.41
C ALA B 59 23.37 48.68 -22.91
N ARG B 60 24.40 48.07 -23.46
CA ARG B 60 24.31 46.77 -24.09
C ARG B 60 24.22 45.66 -23.06
N ALA B 61 23.25 44.77 -23.22
CA ALA B 61 23.07 43.66 -22.28
C ALA B 61 24.32 42.78 -22.23
N GLY B 62 24.69 42.39 -21.02
CA GLY B 62 25.84 41.50 -20.79
C GLY B 62 27.09 42.20 -20.29
N ASP B 63 27.64 43.10 -21.12
CA ASP B 63 28.84 43.84 -20.72
C ASP B 63 28.67 45.33 -20.40
N GLY B 64 27.47 45.87 -20.68
CA GLY B 64 27.14 47.25 -20.34
C GLY B 64 27.75 48.31 -21.22
N HIS B 65 28.31 47.91 -22.36
CA HIS B 65 28.90 48.86 -23.29
C HIS B 65 27.83 49.85 -23.74
N VAL B 66 28.20 51.11 -23.82
CA VAL B 66 27.28 52.16 -24.22
C VAL B 66 28.03 53.18 -25.06
N GLU B 67 27.35 53.73 -26.06
CA GLU B 67 27.94 54.75 -26.93
C GLU B 67 27.80 56.13 -26.28
N GLY B 68 28.61 57.07 -26.76
CA GLY B 68 28.58 58.44 -26.29
C GLY B 68 29.65 58.72 -25.25
N ASP B 69 29.78 59.99 -24.89
CA ASP B 69 30.73 60.43 -23.88
C ASP B 69 30.22 59.99 -22.48
N PRO B 70 30.95 59.08 -21.81
CA PRO B 70 30.50 58.63 -20.48
C PRO B 70 30.50 59.71 -19.38
N GLU B 71 31.26 60.78 -19.57
CA GLU B 71 31.27 61.90 -18.63
C GLU B 71 29.97 62.70 -18.61
N GLU B 72 29.15 62.58 -19.65
CA GLU B 72 27.84 63.23 -19.70
C GLU B 72 26.75 62.46 -18.92
N VAL B 73 27.02 61.21 -18.54
CA VAL B 73 26.04 60.39 -17.83
C VAL B 73 25.98 60.78 -16.35
N ARG B 74 24.81 61.25 -15.91
CA ARG B 74 24.59 61.63 -14.51
C ARG B 74 23.59 60.77 -13.76
N TYR B 75 22.77 59.98 -14.46
CA TYR B 75 21.73 59.14 -13.84
C TYR B 75 21.82 57.73 -14.44
N ALA B 76 21.63 56.72 -13.59
CA ALA B 76 21.72 55.33 -14.01
C ALA B 76 20.49 54.59 -13.52
N LEU B 77 19.73 54.04 -14.46
CA LEU B 77 18.52 53.26 -14.21
C LEU B 77 18.89 51.83 -14.57
N VAL B 78 18.97 50.96 -13.58
CA VAL B 78 19.62 49.65 -13.74
C VAL B 78 18.91 48.49 -13.08
N TRP B 79 19.17 47.30 -13.60
CA TRP B 79 18.83 46.04 -12.95
C TRP B 79 20.01 45.10 -13.14
N LYS B 80 20.66 44.76 -12.02
CA LYS B 80 21.76 43.81 -11.98
C LYS B 80 22.81 44.06 -13.07
N PRO B 81 23.36 45.29 -13.11
CA PRO B 81 24.37 45.57 -14.12
C PRO B 81 25.68 44.83 -13.84
N PRO B 82 26.54 44.68 -14.88
CA PRO B 82 27.82 43.98 -14.72
C PRO B 82 28.70 44.60 -13.65
N HIS B 83 29.60 43.81 -13.06
CA HIS B 83 30.54 44.34 -12.07
C HIS B 83 31.36 45.47 -12.69
N GLY B 84 31.47 46.57 -11.96
CA GLY B 84 32.20 47.75 -12.38
C GLY B 84 31.44 48.71 -13.26
N PHE B 85 30.17 48.41 -13.58
CA PHE B 85 29.38 49.23 -14.51
C PHE B 85 29.35 50.71 -14.11
N PHE B 86 29.12 50.98 -12.82
CA PHE B 86 28.99 52.34 -12.32
C PHE B 86 30.26 53.17 -12.44
N ALA B 87 31.42 52.50 -12.32
CA ALA B 87 32.72 53.15 -12.45
C ALA B 87 33.02 53.68 -13.86
N ARG B 88 32.27 53.22 -14.87
CA ARG B 88 32.33 53.82 -16.22
C ARG B 88 31.93 55.30 -16.25
N PHE B 89 31.11 55.72 -15.28
CA PHE B 89 30.46 57.02 -15.31
C PHE B 89 30.90 57.88 -14.12
N PRO B 90 32.00 58.65 -14.29
CA PRO B 90 32.55 59.34 -13.12
C PRO B 90 31.69 60.50 -12.58
N ASN B 91 30.76 61.03 -13.38
CA ASN B 91 29.89 62.14 -12.96
C ASN B 91 28.47 61.70 -12.56
N LEU B 92 28.33 60.43 -12.21
CA LEU B 92 27.06 59.89 -11.78
C LEU B 92 26.61 60.64 -10.52
N LYS B 93 25.36 61.12 -10.54
CA LYS B 93 24.74 61.78 -9.39
C LYS B 93 23.60 60.98 -8.73
N LEU B 94 23.11 59.94 -9.39
CA LEU B 94 21.92 59.24 -8.92
C LEU B 94 21.83 57.84 -9.52
N VAL B 95 21.54 56.87 -8.66
CA VAL B 95 21.26 55.49 -9.10
C VAL B 95 19.79 55.20 -8.85
N ILE B 96 19.16 54.54 -9.81
CA ILE B 96 17.77 54.11 -9.70
C ILE B 96 17.70 52.63 -10.04
N ASN B 97 17.26 51.82 -9.07
CA ASN B 97 17.06 50.40 -9.29
C ASN B 97 15.72 50.19 -9.98
N LEU B 98 15.68 49.28 -10.96
CA LEU B 98 14.45 48.97 -11.69
C LEU B 98 13.46 48.04 -10.95
N GLY B 99 13.66 47.84 -9.66
CA GLY B 99 12.67 47.15 -8.83
C GLY B 99 12.41 47.92 -7.57
N ALA B 100 11.40 47.50 -6.85
CA ALA B 100 11.14 48.00 -5.51
C ALA B 100 12.15 47.46 -4.48
N GLY B 101 12.68 46.26 -4.74
CA GLY B 101 13.72 45.65 -3.90
C GLY B 101 15.11 46.08 -4.36
N VAL B 102 16.01 46.21 -3.39
CA VAL B 102 17.38 46.65 -3.65
C VAL B 102 18.42 45.76 -2.98
N ASP B 103 18.05 44.55 -2.56
CA ASP B 103 18.94 43.69 -1.78
C ASP B 103 20.23 43.31 -2.51
N ALA B 104 20.14 43.03 -3.81
CA ALA B 104 21.34 42.71 -4.61
C ALA B 104 22.15 43.96 -4.88
N LEU B 105 21.48 45.05 -5.24
CA LEU B 105 22.15 46.33 -5.50
C LEU B 105 23.00 46.83 -4.32
N VAL B 106 22.44 46.83 -3.11
CA VAL B 106 23.14 47.36 -1.93
C VAL B 106 24.27 46.44 -1.42
N ALA B 107 24.25 45.17 -1.79
CA ALA B 107 25.34 44.24 -1.46
C ALA B 107 26.57 44.38 -2.36
N ARG B 108 26.51 45.20 -3.40
CA ARG B 108 27.60 45.34 -4.35
C ARG B 108 28.80 46.11 -3.76
N ASP B 109 29.99 45.70 -4.16
CA ASP B 109 31.23 46.34 -3.73
C ASP B 109 31.58 47.60 -4.56
N ASP B 110 30.90 47.79 -5.69
CA ASP B 110 31.21 48.89 -6.62
C ASP B 110 30.16 50.00 -6.63
N LEU B 111 29.30 50.02 -5.62
CA LEU B 111 28.24 51.00 -5.52
C LEU B 111 28.83 52.39 -5.25
N PRO B 112 28.49 53.39 -6.10
CA PRO B 112 29.09 54.71 -5.92
C PRO B 112 28.43 55.47 -4.78
N ASP B 113 29.14 56.44 -4.23
CA ASP B 113 28.68 57.23 -3.09
C ASP B 113 27.77 58.37 -3.57
N VAL B 114 26.59 58.00 -4.03
CA VAL B 114 25.55 58.95 -4.45
C VAL B 114 24.21 58.43 -3.95
N PRO B 115 23.16 59.26 -3.99
CA PRO B 115 21.83 58.74 -3.62
C PRO B 115 21.41 57.54 -4.47
N VAL B 116 20.94 56.49 -3.79
CA VAL B 116 20.43 55.30 -4.44
C VAL B 116 18.93 55.27 -4.19
N THR B 117 18.16 55.17 -5.26
CA THR B 117 16.70 55.14 -5.19
C THR B 117 16.16 53.87 -5.83
N ARG B 118 14.89 53.62 -5.56
CA ARG B 118 14.18 52.49 -6.13
C ARG B 118 12.92 53.02 -6.81
N LEU B 119 12.32 52.22 -7.67
CA LEU B 119 11.01 52.55 -8.21
C LEU B 119 9.98 52.21 -7.17
N SER B 120 9.09 53.16 -6.91
CA SER B 120 7.99 52.87 -5.98
C SER B 120 6.84 53.86 -6.23
N ASP B 121 6.01 53.50 -7.21
CA ASP B 121 4.88 54.32 -7.65
C ASP B 121 3.51 53.70 -7.27
N PRO B 122 2.44 54.51 -7.22
CA PRO B 122 1.11 53.99 -6.89
C PRO B 122 0.49 52.91 -7.82
N ASN B 123 0.97 52.79 -9.05
CA ASN B 123 0.49 51.73 -9.96
C ASN B 123 1.04 50.37 -9.57
N MET B 124 2.34 50.32 -9.27
CA MET B 124 3.00 49.11 -8.71
C MET B 124 2.34 48.69 -7.40
N SER B 125 2.09 49.68 -6.56
CA SER B 125 1.42 49.53 -5.27
C SER B 125 0.05 48.87 -5.43
N GLN B 126 -0.72 49.37 -6.38
CA GLN B 126 -2.07 48.85 -6.67
C GLN B 126 -1.99 47.41 -7.15
N MET B 127 -1.09 47.17 -8.09
CA MET B 127 -0.92 45.82 -8.62
C MET B 127 -0.55 44.82 -7.51
N MET B 128 0.41 45.18 -6.66
CA MET B 128 0.80 44.33 -5.54
C MET B 128 -0.37 44.14 -4.55
N ALA B 129 -1.05 45.23 -4.22
CA ALA B 129 -2.16 45.15 -3.29
C ALA B 129 -3.26 44.24 -3.80
N SER B 130 -3.56 44.33 -5.11
CA SER B 130 -4.58 43.46 -5.71
C SER B 130 -4.13 42.00 -5.70
N PHE B 131 -2.85 41.77 -5.99
CA PHE B 131 -2.30 40.41 -5.97
C PHE B 131 -2.35 39.80 -4.57
N VAL B 132 -1.98 40.57 -3.55
CA VAL B 132 -2.07 40.10 -2.17
C VAL B 132 -3.51 39.79 -1.80
N LEU B 133 -4.42 40.66 -2.21
CA LEU B 133 -5.84 40.44 -1.96
C LEU B 133 -6.32 39.13 -2.62
N PHE B 134 -5.92 38.89 -3.85
CA PHE B 134 -6.20 37.61 -4.53
C PHE B 134 -5.70 36.43 -3.70
N CYS B 135 -4.44 36.49 -3.26
CA CYS B 135 -3.83 35.40 -2.48
C CYS B 135 -4.60 35.11 -1.19
N VAL B 136 -4.92 36.17 -0.46
CA VAL B 136 -5.63 36.07 0.83
C VAL B 136 -7.04 35.54 0.62
N LEU B 137 -7.77 36.12 -0.33
CA LEU B 137 -9.12 35.65 -0.64
C LEU B 137 -9.14 34.20 -1.08
N ARG B 138 -8.15 33.80 -1.88
CA ARG B 138 -8.06 32.43 -2.35
C ARG B 138 -7.97 31.46 -1.16
N HIS B 139 -7.15 31.77 -0.16
CA HIS B 139 -7.09 30.97 1.06
C HIS B 139 -8.34 31.11 1.95
N ALA B 140 -8.78 32.36 2.13
CA ALA B 140 -9.91 32.66 3.01
C ALA B 140 -11.21 32.00 2.55
N ARG B 141 -11.38 31.86 1.23
CA ARG B 141 -12.55 31.22 0.65
C ARG B 141 -12.36 29.72 0.32
N ASP B 142 -11.33 29.09 0.88
CA ASP B 142 -11.11 27.63 0.83
C ASP B 142 -10.93 27.05 -0.58
N ILE B 143 -10.38 27.86 -1.47
CA ILE B 143 -10.30 27.51 -2.89
C ILE B 143 -9.45 26.26 -3.14
N PRO B 144 -8.31 26.11 -2.45
CA PRO B 144 -7.53 24.89 -2.68
C PRO B 144 -8.27 23.60 -2.33
N THR B 145 -9.18 23.67 -1.35
CA THR B 145 -10.07 22.55 -1.03
C THR B 145 -10.95 22.20 -2.22
N PHE B 146 -11.54 23.23 -2.84
CA PHE B 146 -12.46 23.00 -3.97
C PHE B 146 -11.72 22.51 -5.20
N GLU B 147 -10.49 22.99 -5.38
CA GLU B 147 -9.66 22.54 -6.48
C GLU B 147 -9.28 21.07 -6.33
N ARG B 148 -8.91 20.67 -5.11
CA ARG B 148 -8.59 19.27 -4.82
C ARG B 148 -9.81 18.40 -5.11
N ALA B 149 -10.96 18.81 -4.58
CA ALA B 149 -12.22 18.12 -4.81
C ALA B 149 -12.61 18.03 -6.28
N GLN B 150 -12.40 19.11 -7.03
CA GLN B 150 -12.73 19.15 -8.45
C GLN B 150 -11.95 18.11 -9.22
N ARG B 151 -10.67 17.95 -8.87
CA ARG B 151 -9.82 16.97 -9.52
C ARG B 151 -10.23 15.52 -9.25
N GLU B 152 -10.93 15.30 -8.15
CA GLU B 152 -11.50 13.99 -7.82
C GLU B 152 -12.96 13.84 -8.30
N GLY B 153 -13.53 14.85 -8.95
CA GLY B 153 -14.91 14.80 -9.42
C GLY B 153 -15.94 14.85 -8.30
N ARG B 154 -15.58 15.52 -7.21
CA ARG B 154 -16.38 15.54 -6.01
C ARG B 154 -16.94 16.95 -5.71
N TRP B 155 -18.26 17.03 -5.60
CA TRP B 155 -18.97 18.20 -5.13
C TRP B 155 -19.05 18.11 -3.61
N HIS B 156 -18.37 19.03 -2.93
CA HIS B 156 -18.40 19.06 -1.48
C HIS B 156 -18.48 20.47 -0.93
N TYR B 157 -19.66 20.80 -0.40
CA TYR B 157 -19.92 22.09 0.19
C TYR B 157 -19.12 22.25 1.48
N VAL B 158 -18.48 23.40 1.63
CA VAL B 158 -17.80 23.78 2.86
C VAL B 158 -18.37 25.15 3.21
N HIS B 159 -18.93 25.30 4.40
CA HIS B 159 -19.61 26.54 4.77
C HIS B 159 -18.60 27.71 4.79
N PRO B 160 -18.85 28.76 4.00
CA PRO B 160 -17.92 29.89 3.95
C PRO B 160 -17.83 30.68 5.26
N ARG B 161 -16.68 31.27 5.49
CA ARG B 161 -16.50 32.16 6.63
C ARG B 161 -16.47 33.60 6.17
N THR B 162 -17.03 34.49 6.98
CA THR B 162 -16.90 35.93 6.72
C THR B 162 -15.50 36.41 6.98
N ALA B 163 -15.14 37.47 6.28
CA ALA B 163 -13.84 38.07 6.40
C ALA B 163 -13.52 38.50 7.83
N ALA B 164 -14.53 38.98 8.56
CA ALA B 164 -14.35 39.46 9.95
C ALA B 164 -13.88 38.37 10.92
N GLU B 165 -14.16 37.11 10.58
CA GLU B 165 -13.71 35.97 11.37
C GLU B 165 -12.25 35.63 11.19
N ILE B 166 -11.62 36.17 10.14
CA ILE B 166 -10.28 35.77 9.74
C ILE B 166 -9.29 36.87 10.02
N ARG B 167 -8.24 36.55 10.77
CA ARG B 167 -7.19 37.51 11.07
C ARG B 167 -6.08 37.35 10.05
N VAL B 168 -5.66 38.47 9.47
CA VAL B 168 -4.64 38.49 8.42
C VAL B 168 -3.51 39.39 8.89
N GLY B 169 -2.29 38.86 8.90
CA GLY B 169 -1.11 39.59 9.31
C GLY B 169 -0.20 39.91 8.14
N VAL B 170 0.23 41.16 8.04
CA VAL B 170 1.18 41.59 7.01
C VAL B 170 2.52 41.92 7.67
N LEU B 171 3.57 41.18 7.30
CA LEU B 171 4.93 41.46 7.74
C LEU B 171 5.55 42.50 6.80
N GLY B 172 5.72 43.72 7.32
CA GLY B 172 6.20 44.86 6.54
C GLY B 172 5.05 45.78 6.24
N LEU B 173 5.19 47.06 6.56
CA LEU B 173 4.14 48.05 6.28
C LEU B 173 4.69 49.25 5.54
N GLY B 174 5.45 48.95 4.48
CA GLY B 174 6.06 49.99 3.64
C GLY B 174 5.13 50.43 2.54
N ASP B 175 5.69 50.96 1.46
CA ASP B 175 4.87 51.40 0.30
C ASP B 175 3.95 50.29 -0.18
N LEU B 176 4.44 49.05 -0.24
CA LEU B 176 3.63 47.92 -0.67
C LEU B 176 2.84 47.29 0.45
N GLY B 177 3.53 47.04 1.57
CA GLY B 177 2.89 46.41 2.74
C GLY B 177 1.72 47.17 3.32
N ALA B 178 1.88 48.48 3.49
CA ALA B 178 0.79 49.32 4.00
C ALA B 178 -0.39 49.36 3.04
N ALA B 179 -0.12 49.47 1.75
CA ALA B 179 -1.18 49.49 0.73
C ALA B 179 -1.98 48.17 0.74
N ALA B 180 -1.27 47.05 0.87
CA ALA B 180 -1.91 45.76 0.95
C ALA B 180 -2.75 45.60 2.21
N ALA B 181 -2.18 46.00 3.34
CA ALA B 181 -2.89 45.94 4.62
C ALA B 181 -4.18 46.76 4.59
N LEU B 182 -4.10 47.98 4.06
CA LEU B 182 -5.27 48.86 3.96
C LEU B 182 -6.37 48.28 3.05
N GLU B 183 -5.95 47.66 1.95
CA GLU B 183 -6.89 47.01 1.04
C GLU B 183 -7.54 45.79 1.72
N LEU B 184 -6.76 45.00 2.45
CA LEU B 184 -7.32 43.86 3.17
C LEU B 184 -8.36 44.31 4.19
N ALA B 185 -8.09 45.44 4.85
CA ALA B 185 -9.02 45.99 5.81
C ALA B 185 -10.35 46.40 5.17
N ARG B 186 -10.31 46.91 3.94
CA ARG B 186 -11.53 47.30 3.22
C ARG B 186 -12.47 46.13 2.97
N HIS B 187 -11.90 44.93 2.83
CA HIS B 187 -12.68 43.71 2.62
C HIS B 187 -13.17 43.02 3.89
N GLY B 188 -12.97 43.67 5.05
CA GLY B 188 -13.56 43.22 6.30
C GLY B 188 -12.71 42.29 7.14
N PHE B 189 -11.51 41.96 6.68
CA PHE B 189 -10.58 41.13 7.46
C PHE B 189 -10.14 41.84 8.72
N ASP B 190 -9.80 41.07 9.75
CA ASP B 190 -9.20 41.62 10.97
C ASP B 190 -7.71 41.70 10.73
N VAL B 191 -7.25 42.87 10.28
CA VAL B 191 -5.90 43.01 9.74
C VAL B 191 -4.92 43.50 10.80
N ARG B 192 -3.75 42.87 10.83
CA ARG B 192 -2.63 43.33 11.66
C ARG B 192 -1.40 43.48 10.80
N GLY B 193 -0.47 44.31 11.27
CA GLY B 193 0.76 44.60 10.57
C GLY B 193 1.94 44.67 11.52
N TRP B 194 3.12 44.33 11.01
CA TRP B 194 4.37 44.34 11.76
C TRP B 194 5.43 45.12 11.00
N SER B 195 6.14 46.02 11.71
CA SER B 195 7.25 46.76 11.14
C SER B 195 8.41 46.85 12.14
N ARG B 196 9.50 47.47 11.71
CA ARG B 196 10.69 47.60 12.53
C ARG B 196 10.52 48.67 13.61
N THR B 197 9.92 49.79 13.21
CA THR B 197 9.68 50.93 14.09
C THR B 197 8.15 51.17 14.19
N PRO B 198 7.70 51.93 15.20
CA PRO B 198 6.27 52.14 15.36
C PRO B 198 5.57 52.77 14.19
N LYS B 199 4.37 52.31 13.92
CA LYS B 199 3.55 52.86 12.83
C LYS B 199 2.12 52.85 13.31
N ALA B 200 1.35 53.81 12.84
CA ALA B 200 -0.07 53.87 13.02
C ALA B 200 -0.62 53.79 11.60
N LEU B 201 -1.65 53.00 11.42
CA LEU B 201 -2.25 52.73 10.16
C LEU B 201 -3.71 52.49 10.43
N GLU B 202 -4.55 53.39 9.92
CA GLU B 202 -5.98 53.35 10.12
C GLU B 202 -6.57 51.99 9.74
N GLY B 203 -7.32 51.41 10.66
CA GLY B 203 -8.03 50.16 10.45
C GLY B 203 -7.16 48.90 10.58
N VAL B 204 -5.90 49.06 10.95
CA VAL B 204 -4.95 47.97 11.06
C VAL B 204 -4.33 47.94 12.46
N SER B 205 -4.28 46.77 13.06
CA SER B 205 -3.62 46.56 14.35
C SER B 205 -2.09 46.49 14.16
N CYS B 206 -1.40 47.57 14.54
CA CYS B 206 0.03 47.67 14.28
C CYS B 206 0.91 47.21 15.45
N PHE B 207 1.82 46.29 15.13
CA PHE B 207 2.83 45.77 16.04
C PHE B 207 4.19 46.22 15.51
N HIS B 208 5.19 46.34 16.39
CA HIS B 208 6.53 46.66 15.94
C HIS B 208 7.59 46.04 16.84
N GLY B 209 8.76 45.77 16.25
CA GLY B 209 9.90 45.31 16.99
C GLY B 209 9.93 43.81 17.12
N LEU B 210 11.11 43.30 17.36
CA LEU B 210 11.36 41.87 17.39
C LEU B 210 10.70 41.17 18.59
N GLU B 211 10.58 41.88 19.70
CA GLU B 211 9.93 41.37 20.91
C GLU B 211 8.44 41.10 20.70
N ALA B 212 7.79 41.91 19.86
CA ALA B 212 6.36 41.75 19.56
C ALA B 212 6.06 40.71 18.48
N LEU B 213 7.08 40.20 17.79
CA LEU B 213 6.88 39.30 16.64
C LEU B 213 6.15 37.99 16.98
N PRO B 214 6.51 37.31 18.08
CA PRO B 214 5.75 36.11 18.44
C PRO B 214 4.24 36.33 18.60
N GLY B 215 3.87 37.37 19.33
CA GLY B 215 2.46 37.73 19.52
C GLY B 215 1.75 38.16 18.24
N PHE B 216 2.47 38.87 17.38
CA PHE B 216 1.94 39.22 16.07
C PHE B 216 1.60 37.98 15.28
N LEU B 217 2.56 37.06 15.20
CA LEU B 217 2.38 35.80 14.48
C LEU B 217 1.30 34.91 15.10
N ALA B 218 1.25 34.84 16.42
CA ALA B 218 0.27 33.99 17.13
C ALA B 218 -1.18 34.27 16.75
N GLY B 219 -1.50 35.52 16.43
CA GLY B 219 -2.84 35.90 16.00
C GLY B 219 -3.09 35.93 14.50
N SER B 220 -2.12 35.53 13.69
CA SER B 220 -2.22 35.64 12.23
C SER B 220 -2.62 34.31 11.60
N GLU B 221 -3.92 34.14 11.33
CA GLU B 221 -4.40 32.93 10.65
C GLU B 221 -3.87 32.87 9.22
N ILE B 222 -3.87 34.01 8.55
CA ILE B 222 -3.24 34.15 7.25
C ILE B 222 -2.13 35.16 7.43
N VAL B 223 -0.96 34.87 6.89
CA VAL B 223 0.19 35.75 7.03
C VAL B 223 0.77 36.04 5.65
N VAL B 224 1.16 37.30 5.44
CA VAL B 224 1.73 37.77 4.17
C VAL B 224 3.10 38.38 4.43
N VAL B 225 4.13 37.82 3.81
CA VAL B 225 5.50 38.35 3.93
C VAL B 225 5.72 39.43 2.90
N MET B 226 5.94 40.66 3.37
CA MET B 226 6.18 41.84 2.50
C MET B 226 7.40 42.63 3.00
N LEU B 227 8.41 41.90 3.47
CA LEU B 227 9.64 42.48 4.01
C LEU B 227 10.73 42.56 2.96
N PRO B 228 11.55 43.62 3.00
CA PRO B 228 12.76 43.59 2.18
C PRO B 228 13.74 42.59 2.76
N LEU B 229 14.63 42.10 1.90
CA LEU B 229 15.68 41.17 2.32
C LEU B 229 16.86 42.01 2.79
N THR B 230 17.20 41.84 4.06
CA THR B 230 18.36 42.49 4.69
C THR B 230 19.03 41.43 5.56
N PRO B 231 20.21 41.75 6.12
CA PRO B 231 20.83 40.82 7.05
C PRO B 231 19.92 40.52 8.24
N GLU B 232 19.18 41.51 8.70
CA GLU B 232 18.22 41.32 9.79
C GLU B 232 17.02 40.42 9.41
N THR B 233 16.52 40.53 8.18
CA THR B 233 15.36 39.76 7.77
C THR B 233 15.67 38.43 7.12
N ARG B 234 16.93 38.20 6.78
CA ARG B 234 17.30 36.93 6.14
C ARG B 234 17.09 35.78 7.13
N GLY B 235 16.29 34.79 6.72
CA GLY B 235 15.95 33.66 7.57
C GLY B 235 15.12 34.01 8.80
N LEU B 236 14.41 35.16 8.77
CA LEU B 236 13.58 35.58 9.90
C LEU B 236 12.48 34.55 10.18
N MET B 237 11.81 34.11 9.12
CA MET B 237 10.76 33.10 9.22
C MET B 237 11.38 31.70 9.18
N ASN B 238 12.06 31.37 10.28
CA ASN B 238 12.72 30.09 10.48
C ASN B 238 11.75 29.16 11.24
N ALA B 239 12.22 27.97 11.63
CA ALA B 239 11.38 26.99 12.33
C ALA B 239 10.68 27.60 13.54
N GLU B 240 11.43 28.34 14.34
CA GLU B 240 10.93 28.98 15.57
C GLU B 240 9.81 29.99 15.28
N ARG B 241 10.00 30.85 14.29
CA ARG B 241 9.00 31.86 13.95
C ARG B 241 7.75 31.21 13.34
N LEU B 242 7.94 30.21 12.48
CA LEU B 242 6.82 29.48 11.90
C LEU B 242 5.98 28.79 12.99
N ALA B 243 6.64 28.31 14.04
CA ALA B 243 5.96 27.66 15.17
C ALA B 243 5.09 28.63 15.99
N HIS B 244 5.37 29.93 15.92
CA HIS B 244 4.52 30.94 16.57
C HIS B 244 3.19 31.16 15.84
N LEU B 245 3.12 30.85 14.54
CA LEU B 245 1.85 30.93 13.83
C LEU B 245 0.88 29.90 14.39
N PRO B 246 -0.42 30.18 14.36
CA PRO B 246 -1.38 29.18 14.82
C PRO B 246 -1.41 27.97 13.88
N ARG B 247 -1.70 26.79 14.41
CA ARG B 247 -1.82 25.60 13.59
C ARG B 247 -2.91 25.84 12.55
N GLY B 248 -2.62 25.41 11.32
CA GLY B 248 -3.54 25.60 10.21
C GLY B 248 -3.41 26.94 9.51
N ALA B 249 -2.36 27.69 9.82
CA ALA B 249 -2.13 28.98 9.19
C ALA B 249 -1.92 28.87 7.69
N LYS B 250 -2.26 29.95 6.97
CA LYS B 250 -2.05 30.05 5.54
C LYS B 250 -0.92 31.04 5.32
N PHE B 251 0.08 30.66 4.54
CA PHE B 251 1.34 31.38 4.45
C PHE B 251 1.59 31.91 3.06
N ILE B 252 1.70 33.24 2.93
CA ILE B 252 1.91 33.89 1.64
C ILE B 252 3.24 34.63 1.65
N ASN B 253 4.10 34.35 0.67
CA ASN B 253 5.35 35.10 0.51
C ASN B 253 5.40 35.76 -0.86
N VAL B 254 5.35 37.10 -0.85
CA VAL B 254 5.49 37.93 -2.05
C VAL B 254 6.65 38.91 -1.91
N ALA B 255 7.60 38.60 -1.03
CA ALA B 255 8.68 39.52 -0.71
C ALA B 255 9.98 39.04 -1.34
N ARG B 256 10.80 38.32 -0.58
CA ARG B 256 12.01 37.70 -1.09
C ARG B 256 12.09 36.32 -0.44
N GLY B 257 12.51 35.34 -1.23
CA GLY B 257 12.55 33.97 -0.78
C GLY B 257 13.36 33.71 0.48
N PRO B 258 14.57 34.27 0.55
CA PRO B 258 15.44 34.00 1.72
C PRO B 258 14.98 34.63 3.05
N VAL B 259 13.93 35.43 3.05
CA VAL B 259 13.30 35.88 4.30
C VAL B 259 12.73 34.68 5.07
N VAL B 260 12.36 33.64 4.31
CA VAL B 260 11.82 32.40 4.83
C VAL B 260 12.86 31.29 4.73
N ASP B 261 12.98 30.51 5.81
CA ASP B 261 13.78 29.29 5.79
C ASP B 261 12.95 28.25 5.05
N GLU B 262 13.30 27.99 3.79
CA GLU B 262 12.45 27.21 2.89
C GLU B 262 12.28 25.76 3.36
N ALA B 263 13.37 25.16 3.82
CA ALA B 263 13.35 23.82 4.40
C ALA B 263 12.44 23.73 5.63
N ALA B 264 12.47 24.77 6.46
CA ALA B 264 11.60 24.86 7.63
C ALA B 264 10.13 25.04 7.24
N LEU B 265 9.86 25.81 6.19
CA LEU B 265 8.50 25.94 5.69
C LEU B 265 7.98 24.60 5.19
N ILE B 266 8.80 23.91 4.41
CA ILE B 266 8.46 22.57 3.91
C ILE B 266 8.11 21.61 5.05
N ALA B 267 8.95 21.58 6.09
CA ALA B 267 8.69 20.73 7.26
C ALA B 267 7.37 21.09 7.96
N ALA B 268 7.09 22.39 8.06
CA ALA B 268 5.86 22.87 8.70
C ALA B 268 4.61 22.56 7.83
N LEU B 269 4.77 22.61 6.51
CA LEU B 269 3.72 22.16 5.61
C LEU B 269 3.49 20.64 5.78
N ARG B 270 4.56 19.87 5.83
CA ARG B 270 4.45 18.41 5.96
C ARG B 270 3.83 17.94 7.27
N SER B 271 4.09 18.66 8.37
CA SER B 271 3.51 18.34 9.67
C SER B 271 2.09 18.88 9.84
N GLY B 272 1.62 19.65 8.88
CA GLY B 272 0.30 20.26 8.94
C GLY B 272 0.21 21.53 9.79
N HIS B 273 1.33 21.98 10.35
CA HIS B 273 1.31 23.22 11.11
C HIS B 273 0.93 24.42 10.24
N ILE B 274 1.48 24.46 9.02
CA ILE B 274 1.02 25.37 7.97
C ILE B 274 0.10 24.56 7.06
N ALA B 275 -1.14 24.97 6.92
CA ALA B 275 -2.13 24.23 6.11
C ALA B 275 -1.88 24.39 4.61
N GLU B 276 -1.64 25.62 4.20
CA GLU B 276 -1.53 26.00 2.80
C GLU B 276 -0.55 27.14 2.64
N ALA B 277 -0.01 27.28 1.43
CA ALA B 277 0.87 28.39 1.11
C ALA B 277 0.70 28.89 -0.32
N THR B 278 0.98 30.17 -0.51
CA THR B 278 1.13 30.78 -1.82
C THR B 278 2.50 31.46 -1.85
N LEU B 279 3.34 31.03 -2.77
CA LEU B 279 4.73 31.44 -2.80
C LEU B 279 5.08 31.96 -4.18
N ASP B 280 5.44 33.25 -4.24
CA ASP B 280 5.86 33.93 -5.45
C ASP B 280 7.39 34.04 -5.52
N VAL B 281 8.07 33.78 -4.41
CA VAL B 281 9.52 33.94 -4.32
C VAL B 281 10.13 32.81 -3.51
N PHE B 282 11.39 32.50 -3.78
CA PHE B 282 12.06 31.31 -3.25
C PHE B 282 13.54 31.56 -2.99
N GLU B 283 14.15 30.73 -2.17
CA GLU B 283 15.59 30.89 -1.84
C GLU B 283 16.43 30.85 -3.11
N VAL B 284 16.18 29.85 -3.95
CA VAL B 284 16.77 29.76 -5.28
C VAL B 284 15.64 29.90 -6.30
N GLU B 285 15.81 30.84 -7.23
CA GLU B 285 14.88 31.08 -8.34
C GLU B 285 15.63 30.87 -9.65
N PRO B 286 15.07 30.11 -10.59
CA PRO B 286 13.78 29.42 -10.45
C PRO B 286 13.84 28.28 -9.43
N LEU B 287 12.71 28.00 -8.81
CA LEU B 287 12.56 26.90 -7.87
C LEU B 287 13.06 25.60 -8.51
N PRO B 288 14.12 24.98 -7.94
CA PRO B 288 14.69 23.77 -8.53
C PRO B 288 13.66 22.68 -8.73
N VAL B 289 13.80 21.91 -9.81
CA VAL B 289 12.81 20.87 -10.14
C VAL B 289 12.64 19.85 -9.02
N GLY B 290 13.72 19.59 -8.28
CA GLY B 290 13.67 18.68 -7.14
C GLY B 290 12.95 19.17 -5.89
N SER B 291 12.54 20.44 -5.83
CA SER B 291 11.84 20.97 -4.64
C SER B 291 10.54 20.22 -4.34
N PRO B 292 10.35 19.80 -3.08
CA PRO B 292 9.07 19.22 -2.65
C PRO B 292 7.85 20.13 -2.84
N LEU B 293 8.06 21.44 -2.96
CA LEU B 293 6.95 22.40 -3.10
C LEU B 293 6.15 22.25 -4.38
N TRP B 294 6.78 21.81 -5.47
CA TRP B 294 6.11 21.70 -6.76
C TRP B 294 4.87 20.82 -6.69
N ALA B 295 5.02 19.62 -6.12
CA ALA B 295 3.97 18.59 -6.14
C ALA B 295 2.93 18.71 -5.01
N MET B 296 3.09 19.68 -4.11
CA MET B 296 2.13 19.91 -3.04
C MET B 296 0.90 20.65 -3.56
N ASP B 297 -0.26 20.02 -3.49
CA ASP B 297 -1.50 20.62 -4.00
C ASP B 297 -2.07 21.70 -3.05
N ASN B 298 -1.51 21.80 -1.84
CA ASN B 298 -1.80 22.87 -0.90
C ASN B 298 -0.80 24.04 -0.99
N VAL B 299 0.05 24.04 -2.03
CA VAL B 299 0.97 25.14 -2.30
C VAL B 299 0.71 25.65 -3.72
N LEU B 300 0.62 26.98 -3.86
CA LEU B 300 0.56 27.62 -5.16
C LEU B 300 1.88 28.30 -5.42
N VAL B 301 2.53 27.93 -6.53
CA VAL B 301 3.80 28.51 -6.96
C VAL B 301 3.54 29.49 -8.09
N THR B 302 3.96 30.74 -7.93
CA THR B 302 3.98 31.72 -9.02
C THR B 302 5.43 32.13 -9.24
N PRO B 303 5.82 32.42 -10.51
CA PRO B 303 7.24 32.58 -10.82
C PRO B 303 7.78 34.00 -10.67
N HIS B 304 7.70 34.54 -9.45
CA HIS B 304 8.20 35.87 -9.10
C HIS B 304 7.67 36.94 -10.04
N LEU B 305 6.37 37.20 -9.93
CA LEU B 305 5.73 38.25 -10.72
C LEU B 305 4.54 38.93 -10.03
N ALA B 306 4.58 38.99 -8.70
CA ALA B 306 3.46 39.55 -7.94
C ALA B 306 3.10 40.96 -8.43
N SER B 307 4.12 41.77 -8.63
CA SER B 307 3.94 43.11 -9.17
C SER B 307 5.13 43.53 -10.02
N ILE B 308 4.92 44.44 -10.95
CA ILE B 308 5.97 44.99 -11.79
C ILE B 308 5.81 46.48 -12.01
N ALA B 309 6.92 47.15 -12.31
CA ALA B 309 6.90 48.54 -12.69
C ALA B 309 6.50 48.63 -14.15
N ILE B 310 5.68 49.62 -14.48
CA ILE B 310 5.28 49.88 -15.86
C ILE B 310 5.94 51.19 -16.28
N PRO B 311 6.68 51.18 -17.42
CA PRO B 311 7.41 52.38 -17.85
C PRO B 311 6.61 53.68 -17.79
N ARG B 312 5.43 53.69 -18.40
CA ARG B 312 4.60 54.90 -18.52
C ARG B 312 4.26 55.53 -17.17
N THR B 313 3.90 54.70 -16.20
CA THR B 313 3.54 55.21 -14.87
C THR B 313 4.71 55.27 -13.88
N ALA B 314 5.81 54.58 -14.17
CA ALA B 314 7.03 54.67 -13.35
C ALA B 314 7.89 55.89 -13.70
N ALA B 315 7.86 56.29 -14.97
CA ALA B 315 8.72 57.37 -15.47
C ALA B 315 8.63 58.73 -14.74
N PRO B 316 7.40 59.17 -14.36
CA PRO B 316 7.27 60.46 -13.69
C PRO B 316 8.12 60.65 -12.44
N GLN B 317 8.15 59.66 -11.56
CA GLN B 317 8.97 59.76 -10.35
C GLN B 317 10.47 59.77 -10.68
N ILE B 318 10.87 59.08 -11.75
CA ILE B 318 12.26 59.08 -12.17
C ILE B 318 12.66 60.48 -12.66
N VAL B 319 11.85 61.08 -13.52
CA VAL B 319 12.18 62.42 -14.02
C VAL B 319 12.08 63.47 -12.92
N GLU B 320 11.18 63.27 -11.96
CA GLU B 320 11.09 64.14 -10.79
C GLU B 320 12.37 64.08 -9.94
N ASN B 321 12.95 62.89 -9.79
CA ASN B 321 14.22 62.74 -9.08
C ASN B 321 15.40 63.31 -9.84
N ILE B 322 15.36 63.25 -11.17
CA ILE B 322 16.34 63.96 -12.00
C ILE B 322 16.26 65.47 -11.73
N ARG B 323 15.05 66.03 -11.73
CA ARG B 323 14.85 67.45 -11.43
C ARG B 323 15.40 67.81 -10.04
N ARG B 324 15.06 67.01 -9.03
CA ARG B 324 15.50 67.21 -7.66
C ARG B 324 17.02 67.15 -7.46
N ILE B 325 17.67 66.18 -8.10
CA ILE B 325 19.13 66.04 -7.98
C ILE B 325 19.84 67.27 -8.59
N GLU B 326 19.31 67.80 -9.68
CA GLU B 326 19.87 69.02 -10.30
C GLU B 326 19.56 70.30 -9.54
N ALA B 327 18.41 70.35 -8.86
CA ALA B 327 18.02 71.49 -8.02
C ALA B 327 18.61 71.45 -6.61
N GLY B 328 19.26 70.35 -6.24
CA GLY B 328 19.80 70.17 -4.89
C GLY B 328 18.73 69.83 -3.85
N GLU B 329 17.59 69.30 -4.29
CA GLU B 329 16.54 68.86 -3.38
C GLU B 329 16.74 67.38 -3.06
N PRO B 330 16.36 66.94 -1.84
CA PRO B 330 16.41 65.51 -1.55
C PRO B 330 15.50 64.68 -2.44
N VAL B 331 15.97 63.51 -2.82
CA VAL B 331 15.25 62.64 -3.76
C VAL B 331 14.19 61.80 -3.06
N LEU B 332 13.18 61.41 -3.84
CA LEU B 332 12.13 60.51 -3.39
C LEU B 332 12.62 59.07 -3.47
N ASN B 333 12.07 58.24 -2.59
CA ASN B 333 12.27 56.78 -2.57
C ASN B 333 13.75 56.38 -2.44
N GLN B 334 14.47 57.12 -1.61
CA GLN B 334 15.87 56.84 -1.36
C GLN B 334 16.04 55.63 -0.45
N VAL B 335 17.06 54.84 -0.73
CA VAL B 335 17.44 53.70 0.09
C VAL B 335 18.43 54.18 1.13
N ASP B 336 18.29 53.67 2.34
CA ASP B 336 19.12 54.06 3.47
C ASP B 336 20.25 53.03 3.59
N PRO B 337 21.50 53.44 3.32
CA PRO B 337 22.60 52.48 3.43
C PRO B 337 22.80 51.86 4.82
N ARG B 338 22.44 52.60 5.88
CA ARG B 338 22.60 52.09 7.25
C ARG B 338 21.66 50.93 7.55
N ARG B 339 20.40 51.04 7.10
CA ARG B 339 19.37 50.03 7.34
C ARG B 339 19.36 48.93 6.30
N GLY B 340 19.73 49.26 5.06
CA GLY B 340 19.80 48.28 3.97
C GLY B 340 18.53 48.17 3.16
N TYR B 341 17.66 49.18 3.28
CA TYR B 341 16.44 49.26 2.48
C TYR B 341 15.91 50.68 2.49
N ALA C 27 -47.91 45.64 17.82
CA ALA C 27 -48.63 44.34 18.08
C ALA C 27 -48.16 43.25 17.11
N SER C 28 -46.89 42.91 17.23
CA SER C 28 -46.26 41.90 16.35
C SER C 28 -46.87 40.52 16.55
N GLY C 29 -47.05 39.79 15.44
CA GLY C 29 -47.43 38.39 15.46
C GLY C 29 -46.20 37.51 15.48
N ALA C 30 -46.38 36.23 15.17
CA ALA C 30 -45.27 35.27 15.20
C ALA C 30 -44.63 35.12 13.80
N LEU C 31 -43.33 34.85 13.80
CA LEU C 31 -42.60 34.47 12.60
C LEU C 31 -42.42 32.95 12.60
N VAL C 32 -42.74 32.33 11.47
CA VAL C 32 -42.45 30.91 11.25
C VAL C 32 -41.20 30.82 10.36
N PHE C 33 -40.34 29.87 10.70
CA PHE C 33 -39.10 29.60 9.98
C PHE C 33 -39.15 28.22 9.35
N TYR C 34 -38.82 28.11 8.07
CA TYR C 34 -38.66 26.79 7.42
C TYR C 34 -37.40 26.80 6.57
N SER C 35 -36.52 25.85 6.86
CA SER C 35 -35.40 25.49 5.98
C SER C 35 -34.80 24.17 6.40
N ALA C 36 -34.61 23.26 5.44
CA ALA C 36 -33.88 22.02 5.65
C ALA C 36 -32.33 22.23 5.71
N VAL C 37 -31.87 23.38 5.23
CA VAL C 37 -30.45 23.63 5.00
C VAL C 37 -29.90 24.86 5.75
N ASP C 38 -30.70 25.45 6.62
CA ASP C 38 -30.26 26.56 7.47
C ASP C 38 -30.62 26.15 8.91
N ILE C 39 -29.79 26.58 9.85
CA ILE C 39 -29.93 26.25 11.25
C ILE C 39 -30.97 27.22 11.86
N GLY C 40 -32.16 26.70 12.14
CA GLY C 40 -33.22 27.47 12.73
C GLY C 40 -32.84 28.28 13.95
N GLN C 41 -32.14 27.62 14.86
CA GLN C 41 -31.72 28.24 16.13
C GLN C 41 -30.85 29.50 15.92
N ASP C 42 -29.95 29.47 14.94
CA ASP C 42 -29.11 30.63 14.65
C ASP C 42 -29.94 31.84 14.16
N TRP C 43 -30.92 31.56 13.31
CA TRP C 43 -31.82 32.58 12.82
C TRP C 43 -32.73 33.09 13.93
N LYS C 44 -33.27 32.17 14.73
CA LYS C 44 -34.07 32.52 15.90
C LYS C 44 -33.32 33.44 16.87
N SER C 45 -32.10 33.05 17.23
CA SER C 45 -31.27 33.84 18.16
C SER C 45 -31.02 35.25 17.62
N ALA C 46 -30.65 35.34 16.33
CA ALA C 46 -30.36 36.62 15.71
C ALA C 46 -31.59 37.53 15.62
N LEU C 47 -32.74 36.95 15.25
CA LEU C 47 -33.98 37.70 15.18
C LEU C 47 -34.44 38.23 16.53
N GLN C 48 -34.32 37.41 17.55
CA GLN C 48 -34.67 37.80 18.93
C GLN C 48 -33.72 38.85 19.50
N ALA C 49 -32.47 38.84 19.09
CA ALA C 49 -31.53 39.91 19.46
C ALA C 49 -31.90 41.24 18.79
N ALA C 50 -32.31 41.19 17.54
CA ALA C 50 -32.74 42.40 16.81
C ALA C 50 -34.13 42.88 17.23
N HIS C 51 -34.98 41.95 17.67
CA HIS C 51 -36.35 42.25 18.11
C HIS C 51 -36.66 41.41 19.37
N PRO C 52 -36.25 41.89 20.55
CA PRO C 52 -36.51 41.19 21.81
C PRO C 52 -37.95 40.75 21.97
N GLY C 53 -38.15 39.49 22.34
CA GLY C 53 -39.48 38.93 22.54
C GLY C 53 -40.24 38.51 21.29
N LEU C 54 -39.62 38.59 20.11
CA LEU C 54 -40.28 38.14 18.88
C LEU C 54 -40.56 36.64 18.98
N ASP C 55 -41.82 36.28 18.75
CA ASP C 55 -42.26 34.90 18.77
C ASP C 55 -41.79 34.24 17.47
N VAL C 56 -40.77 33.39 17.56
CA VAL C 56 -40.20 32.66 16.43
C VAL C 56 -40.46 31.16 16.55
N ARG C 57 -41.06 30.56 15.53
CA ARG C 57 -41.44 29.15 15.52
C ARG C 57 -40.74 28.42 14.40
N ILE C 58 -39.99 27.38 14.74
CA ILE C 58 -39.20 26.64 13.78
C ILE C 58 -40.05 25.48 13.27
N ALA C 59 -40.42 25.54 12.00
CA ALA C 59 -41.18 24.47 11.38
C ALA C 59 -40.27 23.27 11.11
N ARG C 60 -40.87 22.10 11.14
CA ARG C 60 -40.17 20.84 11.03
C ARG C 60 -39.72 20.58 9.59
N ALA C 61 -38.47 20.22 9.41
CA ALA C 61 -37.94 19.96 8.09
C ALA C 61 -38.68 18.79 7.42
N GLY C 62 -38.99 18.96 6.14
CA GLY C 62 -39.66 17.94 5.34
C GLY C 62 -41.14 18.16 5.12
N ASP C 63 -41.92 18.21 6.21
CA ASP C 63 -43.38 18.45 6.07
C ASP C 63 -43.86 19.83 6.56
N GLY C 64 -43.00 20.58 7.23
CA GLY C 64 -43.33 21.93 7.69
C GLY C 64 -44.23 22.03 8.90
N HIS C 65 -44.47 20.93 9.58
CA HIS C 65 -45.29 20.92 10.79
C HIS C 65 -44.69 21.86 11.82
N VAL C 66 -45.55 22.62 12.47
CA VAL C 66 -45.11 23.56 13.48
C VAL C 66 -46.13 23.59 14.62
N GLU C 67 -45.64 23.72 15.85
CA GLU C 67 -46.48 23.80 17.02
C GLU C 67 -46.98 25.23 17.22
N GLY C 68 -48.05 25.37 18.00
CA GLY C 68 -48.65 26.65 18.31
C GLY C 68 -49.86 26.93 17.41
N ASP C 69 -50.57 28.01 17.75
CA ASP C 69 -51.73 28.44 17.01
C ASP C 69 -51.28 29.05 15.66
N PRO C 70 -51.65 28.41 14.53
CA PRO C 70 -51.22 28.93 13.22
C PRO C 70 -51.83 30.29 12.83
N GLU C 71 -52.92 30.67 13.46
CA GLU C 71 -53.52 31.99 13.25
C GLU C 71 -52.69 33.16 13.77
N GLU C 72 -51.77 32.88 14.69
CA GLU C 72 -50.85 33.91 15.21
C GLU C 72 -49.66 34.19 14.28
N VAL C 73 -49.42 33.32 13.28
CA VAL C 73 -48.28 33.45 12.38
C VAL C 73 -48.58 34.52 11.32
N ARG C 74 -47.79 35.59 11.32
CA ARG C 74 -47.94 36.67 10.34
C ARG C 74 -46.76 36.83 9.36
N TYR C 75 -45.60 36.23 9.68
CA TYR C 75 -44.40 36.36 8.85
C TYR C 75 -43.79 34.98 8.65
N ALA C 76 -43.29 34.72 7.44
CA ALA C 76 -42.70 33.43 7.10
C ALA C 76 -41.34 33.67 6.46
N LEU C 77 -40.31 33.11 7.10
CA LEU C 77 -38.93 33.17 6.63
C LEU C 77 -38.59 31.76 6.19
N VAL C 78 -38.40 31.57 4.88
CA VAL C 78 -38.41 30.24 4.28
C VAL C 78 -37.35 30.02 3.20
N TRP C 79 -37.01 28.76 3.01
CA TRP C 79 -36.24 28.30 1.85
C TRP C 79 -36.88 27.00 1.40
N LYS C 80 -37.44 27.04 0.18
CA LYS C 80 -38.04 25.87 -0.47
C LYS C 80 -38.94 25.05 0.46
N PRO C 81 -39.95 25.70 1.06
CA PRO C 81 -40.86 24.97 1.93
C PRO C 81 -41.75 24.01 1.16
N PRO C 82 -42.34 23.01 1.85
CA PRO C 82 -43.20 22.01 1.20
C PRO C 82 -44.39 22.66 0.49
N HIS C 83 -44.94 21.98 -0.51
CA HIS C 83 -46.12 22.46 -1.19
C HIS C 83 -47.26 22.66 -0.20
N GLY C 84 -47.92 23.82 -0.30
CA GLY C 84 -49.02 24.19 0.55
C GLY C 84 -48.65 24.79 1.88
N PHE C 85 -47.35 24.94 2.17
CA PHE C 85 -46.89 25.42 3.47
C PHE C 85 -47.54 26.74 3.90
N PHE C 86 -47.62 27.69 2.97
CA PHE C 86 -48.14 29.04 3.25
C PHE C 86 -49.64 29.04 3.62
N ALA C 87 -50.38 28.11 3.02
CA ALA C 87 -51.82 27.97 3.28
C ALA C 87 -52.15 27.50 4.71
N ARG C 88 -51.15 26.96 5.44
CA ARG C 88 -51.31 26.67 6.87
C ARG C 88 -51.60 27.91 7.71
N PHE C 89 -51.17 29.09 7.22
CA PHE C 89 -51.15 30.31 8.00
C PHE C 89 -52.09 31.36 7.37
N PRO C 90 -53.36 31.38 7.81
CA PRO C 90 -54.34 32.25 7.15
C PRO C 90 -54.12 33.76 7.35
N ASN C 91 -53.39 34.15 8.39
CA ASN C 91 -53.10 35.58 8.67
C ASN C 91 -51.72 36.05 8.24
N LEU C 92 -51.11 35.33 7.32
CA LEU C 92 -49.77 35.66 6.84
C LEU C 92 -49.82 37.04 6.17
N LYS C 93 -48.91 37.92 6.57
CA LYS C 93 -48.77 39.27 6.00
C LYS C 93 -47.49 39.48 5.17
N LEU C 94 -46.53 38.57 5.27
CA LEU C 94 -45.19 38.81 4.70
C LEU C 94 -44.43 37.52 4.51
N VAL C 95 -43.83 37.34 3.34
CA VAL C 95 -42.95 36.22 3.04
C VAL C 95 -41.54 36.78 2.88
N ILE C 96 -40.56 36.06 3.44
CA ILE C 96 -39.16 36.39 3.30
C ILE C 96 -38.41 35.16 2.86
N ASN C 97 -37.77 35.23 1.69
CA ASN C 97 -36.95 34.15 1.18
C ASN C 97 -35.59 34.23 1.84
N LEU C 98 -35.04 33.07 2.23
CA LEU C 98 -33.71 33.02 2.85
C LEU C 98 -32.55 33.09 1.86
N GLY C 99 -32.74 33.55 0.68
CA GLY C 99 -31.64 33.84 -0.26
C GLY C 99 -31.90 35.20 -0.89
N ALA C 100 -30.89 35.68 -1.59
CA ALA C 100 -31.02 36.83 -2.47
C ALA C 100 -31.79 36.50 -3.75
N GLY C 101 -31.74 35.24 -4.19
CA GLY C 101 -32.49 34.75 -5.33
C GLY C 101 -33.86 34.24 -4.93
N VAL C 102 -34.85 34.45 -5.82
CA VAL C 102 -36.22 34.06 -5.55
C VAL C 102 -36.86 33.27 -6.69
N ASP C 103 -36.04 32.73 -7.60
CA ASP C 103 -36.57 32.09 -8.81
C ASP C 103 -37.48 30.89 -8.54
N ALA C 104 -37.13 30.05 -7.54
CA ALA C 104 -37.98 28.92 -7.19
C ALA C 104 -39.23 29.38 -6.45
N LEU C 105 -39.04 30.30 -5.50
CA LEU C 105 -40.17 30.85 -4.74
C LEU C 105 -41.29 31.46 -5.62
N VAL C 106 -40.92 32.31 -6.58
CA VAL C 106 -41.91 33.00 -7.40
C VAL C 106 -42.60 32.09 -8.45
N ALA C 107 -41.98 30.95 -8.77
CA ALA C 107 -42.59 29.96 -9.66
C ALA C 107 -43.68 29.09 -8.97
N ARG C 108 -43.84 29.21 -7.66
CA ARG C 108 -44.77 28.37 -6.92
C ARG C 108 -46.24 28.73 -7.20
N ASP C 109 -47.08 27.70 -7.20
CA ASP C 109 -48.52 27.84 -7.41
CA ASP C 109 -48.52 27.83 -7.42
C ASP C 109 -49.28 28.20 -6.14
N ASP C 110 -48.63 28.10 -4.97
CA ASP C 110 -49.28 28.33 -3.68
C ASP C 110 -48.85 29.63 -2.98
N LEU C 111 -48.23 30.52 -3.74
CA LEU C 111 -47.70 31.76 -3.19
C LEU C 111 -48.84 32.67 -2.79
N PRO C 112 -48.88 33.14 -1.53
CA PRO C 112 -50.02 33.93 -1.07
C PRO C 112 -49.91 35.37 -1.58
N ASP C 113 -51.04 36.05 -1.63
CA ASP C 113 -51.13 37.41 -2.15
C ASP C 113 -50.74 38.46 -1.11
N VAL C 114 -49.46 38.46 -0.75
CA VAL C 114 -48.88 39.37 0.23
C VAL C 114 -47.50 39.75 -0.27
N PRO C 115 -46.89 40.81 0.32
CA PRO C 115 -45.51 41.15 -0.07
C PRO C 115 -44.54 39.99 0.11
N VAL C 116 -43.76 39.72 -0.93
CA VAL C 116 -42.71 38.72 -0.92
C VAL C 116 -41.39 39.48 -0.98
N THR C 117 -40.52 39.20 -0.04
CA THR C 117 -39.22 39.86 0.06
C THR C 117 -38.09 38.84 0.04
N ARG C 118 -36.89 39.36 -0.18
CA ARG C 118 -35.68 38.55 -0.16
C ARG C 118 -34.72 39.19 0.85
N LEU C 119 -33.71 38.43 1.26
CA LEU C 119 -32.63 38.99 2.05
C LEU C 119 -31.69 39.72 1.11
N SER C 120 -31.33 40.94 1.44
CA SER C 120 -30.32 41.65 0.66
C SER C 120 -29.63 42.74 1.47
N ASP C 121 -28.60 42.31 2.23
CA ASP C 121 -27.89 43.19 3.14
C ASP C 121 -26.44 43.49 2.68
N PRO C 122 -25.85 44.60 3.17
CA PRO C 122 -24.47 44.96 2.82
C PRO C 122 -23.35 43.96 3.17
N ASN C 123 -23.57 43.04 4.12
CA ASN C 123 -22.57 42.01 4.45
C ASN C 123 -22.50 40.94 3.35
N MET C 124 -23.68 40.49 2.89
CA MET C 124 -23.78 39.58 1.74
C MET C 124 -23.15 40.19 0.49
N SER C 125 -23.48 41.47 0.29
CA SER C 125 -22.95 42.29 -0.80
C SER C 125 -21.44 42.31 -0.82
N GLN C 126 -20.84 42.55 0.35
CA GLN C 126 -19.38 42.62 0.52
C GLN C 126 -18.77 41.25 0.20
N MET C 127 -19.35 40.20 0.77
CA MET C 127 -18.85 38.87 0.54
C MET C 127 -18.87 38.51 -0.96
N MET C 128 -19.99 38.78 -1.63
CA MET C 128 -20.11 38.53 -3.06
C MET C 128 -19.11 39.38 -3.86
N ALA C 129 -19.02 40.66 -3.53
CA ALA C 129 -18.09 41.55 -4.23
C ALA C 129 -16.65 41.09 -4.09
N SER C 130 -16.27 40.65 -2.89
CA SER C 130 -14.90 40.11 -2.67
C SER C 130 -14.67 38.83 -3.47
N PHE C 131 -15.68 37.97 -3.50
CA PHE C 131 -15.58 36.71 -4.25
C PHE C 131 -15.45 36.96 -5.75
N VAL C 132 -16.24 37.89 -6.29
CA VAL C 132 -16.12 38.27 -7.71
C VAL C 132 -14.74 38.84 -8.00
N LEU C 133 -14.26 39.68 -7.11
CA LEU C 133 -12.93 40.24 -7.26
C LEU C 133 -11.86 39.15 -7.30
N PHE C 134 -11.96 38.18 -6.38
CA PHE C 134 -11.08 37.01 -6.41
C PHE C 134 -11.11 36.30 -7.77
N CYS C 135 -12.31 36.03 -8.27
CA CYS C 135 -12.49 35.33 -9.56
C CYS C 135 -11.84 36.06 -10.72
N VAL C 136 -12.10 37.37 -10.79
CA VAL C 136 -11.58 38.23 -11.86
C VAL C 136 -10.06 38.33 -11.79
N LEU C 137 -9.54 38.62 -10.59
CA LEU C 137 -8.09 38.69 -10.40
C LEU C 137 -7.41 37.39 -10.74
N ARG C 138 -8.01 36.27 -10.35
CA ARG C 138 -7.45 34.96 -10.63
C ARG C 138 -7.25 34.76 -12.13
N HIS C 139 -8.25 35.14 -12.95
CA HIS C 139 -8.11 35.09 -14.39
C HIS C 139 -7.17 36.18 -14.94
N ALA C 140 -7.32 37.40 -14.44
CA ALA C 140 -6.55 38.54 -14.92
C ALA C 140 -5.04 38.37 -14.70
N ARG C 141 -4.68 37.69 -13.61
CA ARG C 141 -3.28 37.44 -13.28
C ARG C 141 -2.76 36.06 -13.73
N ASP C 142 -3.48 35.41 -14.65
CA ASP C 142 -3.02 34.18 -15.34
C ASP C 142 -2.77 32.99 -14.43
N ILE C 143 -3.51 32.92 -13.32
CA ILE C 143 -3.26 31.93 -12.29
C ILE C 143 -3.45 30.49 -12.79
N PRO C 144 -4.48 30.22 -13.61
CA PRO C 144 -4.62 28.85 -14.10
C PRO C 144 -3.44 28.37 -14.95
N THR C 145 -2.78 29.29 -15.65
CA THR C 145 -1.55 28.97 -16.37
C THR C 145 -0.46 28.52 -15.38
N PHE C 146 -0.31 29.24 -14.28
CA PHE C 146 0.74 28.91 -13.30
C PHE C 146 0.44 27.61 -12.58
N GLU C 147 -0.83 27.36 -12.34
CA GLU C 147 -1.24 26.11 -11.71
C GLU C 147 -0.97 24.92 -12.62
N ARG C 148 -1.29 25.06 -13.91
CA ARG C 148 -0.99 24.02 -14.90
C ARG C 148 0.52 23.74 -14.93
N ALA C 149 1.30 24.80 -15.03
CA ALA C 149 2.75 24.72 -15.03
C ALA C 149 3.31 24.08 -13.75
N GLN C 150 2.74 24.44 -12.60
CA GLN C 150 3.18 23.91 -11.33
C GLN C 150 3.00 22.40 -11.29
N ARG C 151 1.90 21.91 -11.83
CA ARG C 151 1.64 20.47 -11.88
C ARG C 151 2.61 19.68 -12.77
N GLU C 152 3.23 20.37 -13.73
CA GLU C 152 4.28 19.82 -14.57
C GLU C 152 5.69 20.09 -14.03
N GLY C 153 5.82 20.76 -12.89
CA GLY C 153 7.13 21.10 -12.32
C GLY C 153 7.89 22.15 -13.11
N ARG C 154 7.15 23.03 -13.77
CA ARG C 154 7.74 23.96 -14.72
C ARG C 154 7.60 25.41 -14.24
N TRP C 155 8.73 26.09 -14.16
CA TRP C 155 8.79 27.52 -13.91
C TRP C 155 8.72 28.22 -15.25
N HIS C 156 7.63 28.95 -15.49
CA HIS C 156 7.50 29.73 -16.72
C HIS C 156 6.90 31.09 -16.48
N TYR C 157 7.74 32.10 -16.62
CA TYR C 157 7.34 33.49 -16.46
C TYR C 157 6.39 33.89 -17.59
N VAL C 158 5.32 34.56 -17.23
CA VAL C 158 4.39 35.17 -18.18
C VAL C 158 4.25 36.61 -17.74
N HIS C 159 4.54 37.55 -18.64
CA HIS C 159 4.57 38.96 -18.28
C HIS C 159 3.17 39.42 -17.85
N PRO C 160 3.04 39.95 -16.62
CA PRO C 160 1.73 40.36 -16.12
C PRO C 160 1.14 41.53 -16.89
N ARG C 161 -0.20 41.58 -16.92
CA ARG C 161 -0.89 42.72 -17.48
C ARG C 161 -1.45 43.59 -16.38
N THR C 162 -1.44 44.90 -16.57
CA THR C 162 -2.14 45.80 -15.66
C THR C 162 -3.64 45.68 -15.84
N ALA C 163 -4.34 45.99 -14.76
CA ALA C 163 -5.77 45.96 -14.73
C ALA C 163 -6.41 46.86 -15.80
N ALA C 164 -5.78 48.00 -16.08
CA ALA C 164 -6.29 48.97 -17.05
C ALA C 164 -6.36 48.42 -18.48
N GLU C 165 -5.54 47.43 -18.77
CA GLU C 165 -5.53 46.75 -20.08
C GLU C 165 -6.71 45.80 -20.27
N ILE C 166 -7.37 45.42 -19.19
CA ILE C 166 -8.36 44.35 -19.21
C ILE C 166 -9.76 44.91 -19.03
N ARG C 167 -10.64 44.59 -19.97
CA ARG C 167 -12.04 44.98 -19.88
C ARG C 167 -12.84 43.89 -19.20
N VAL C 168 -13.62 44.27 -18.20
CA VAL C 168 -14.40 43.33 -17.40
C VAL C 168 -15.85 43.76 -17.47
N GLY C 169 -16.73 42.83 -17.86
CA GLY C 169 -18.16 43.09 -17.98
C GLY C 169 -18.95 42.36 -16.91
N VAL C 170 -19.86 43.09 -16.27
CA VAL C 170 -20.76 42.50 -15.29
C VAL C 170 -22.20 42.49 -15.84
N LEU C 171 -22.76 41.30 -16.01
CA LEU C 171 -24.16 41.14 -16.40
C LEU C 171 -25.04 41.21 -15.14
N GLY C 172 -25.78 42.30 -15.02
CA GLY C 172 -26.61 42.58 -13.85
C GLY C 172 -25.93 43.65 -13.02
N LEU C 173 -26.65 44.72 -12.68
CA LEU C 173 -26.12 45.80 -11.87
C LEU C 173 -27.06 46.09 -10.70
N GLY C 174 -27.47 45.03 -10.01
CA GLY C 174 -28.34 45.13 -8.86
C GLY C 174 -27.58 45.33 -7.58
N ASP C 175 -28.18 44.94 -6.46
CA ASP C 175 -27.51 45.03 -5.14
C ASP C 175 -26.13 44.39 -5.15
N LEU C 176 -26.02 43.23 -5.77
CA LEU C 176 -24.75 42.51 -5.86
C LEU C 176 -23.92 42.94 -7.05
N GLY C 177 -24.55 43.00 -8.21
CA GLY C 177 -23.86 43.34 -9.45
C GLY C 177 -23.22 44.74 -9.44
N ALA C 178 -23.95 45.76 -8.97
CA ALA C 178 -23.41 47.09 -8.89
C ALA C 178 -22.23 47.17 -7.89
N ALA C 179 -22.37 46.51 -6.75
CA ALA C 179 -21.31 46.47 -5.76
C ALA C 179 -20.04 45.84 -6.32
N ALA C 180 -20.19 44.74 -7.05
CA ALA C 180 -19.08 44.06 -7.68
C ALA C 180 -18.42 44.93 -8.75
N ALA C 181 -19.23 45.54 -9.60
CA ALA C 181 -18.72 46.43 -10.65
C ALA C 181 -17.93 47.58 -10.08
N LEU C 182 -18.46 48.22 -9.04
CA LEU C 182 -17.77 49.34 -8.37
C LEU C 182 -16.44 48.93 -7.75
N GLU C 183 -16.41 47.74 -7.15
CA GLU C 183 -15.18 47.21 -6.58
C GLU C 183 -14.15 46.90 -7.68
N LEU C 184 -14.59 46.31 -8.79
CA LEU C 184 -13.70 46.04 -9.90
C LEU C 184 -13.08 47.32 -10.44
N ALA C 185 -13.89 48.38 -10.50
CA ALA C 185 -13.41 49.67 -10.95
C ALA C 185 -12.31 50.23 -10.05
N ARG C 186 -12.42 50.01 -8.73
CA ARG C 186 -11.39 50.47 -7.78
C ARG C 186 -10.03 49.86 -8.02
N HIS C 187 -10.01 48.64 -8.54
CA HIS C 187 -8.78 47.93 -8.87
C HIS C 187 -8.18 48.25 -10.24
N GLY C 188 -8.78 49.20 -10.96
CA GLY C 188 -8.21 49.74 -12.20
C GLY C 188 -8.66 49.06 -13.47
N PHE C 189 -9.55 48.07 -13.37
CA PHE C 189 -10.11 47.43 -14.57
C PHE C 189 -10.96 48.42 -15.38
N ASP C 190 -11.05 48.18 -16.68
CA ASP C 190 -11.97 48.94 -17.54
C ASP C 190 -13.32 48.22 -17.46
N VAL C 191 -14.17 48.68 -16.56
CA VAL C 191 -15.37 47.95 -16.17
C VAL C 191 -16.58 48.42 -16.95
N ARG C 192 -17.37 47.45 -17.41
CA ARG C 192 -18.67 47.73 -18.02
C ARG C 192 -19.73 46.89 -17.33
N GLY C 193 -20.97 47.37 -17.43
CA GLY C 193 -22.11 46.70 -16.82
C GLY C 193 -23.31 46.72 -17.74
N TRP C 194 -24.16 45.70 -17.60
CA TRP C 194 -25.38 45.55 -18.39
C TRP C 194 -26.57 45.31 -17.46
N SER C 195 -27.65 46.04 -17.70
CA SER C 195 -28.88 45.89 -16.95
C SER C 195 -30.09 46.01 -17.89
N ARG C 196 -31.28 45.85 -17.34
CA ARG C 196 -32.52 45.90 -18.09
C ARG C 196 -32.89 47.34 -18.44
N THR C 197 -32.72 48.23 -17.48
CA THR C 197 -33.02 49.65 -17.59
C THR C 197 -31.75 50.46 -17.37
N PRO C 198 -31.73 51.74 -17.82
CA PRO C 198 -30.50 52.52 -17.74
C PRO C 198 -30.00 52.70 -16.30
N LYS C 199 -28.68 52.70 -16.15
CA LYS C 199 -28.04 53.07 -14.91
C LYS C 199 -26.90 54.05 -15.21
N ALA C 200 -26.61 54.87 -14.23
CA ALA C 200 -25.36 55.62 -14.20
C ALA C 200 -24.66 55.10 -12.96
N LEU C 201 -23.42 54.71 -13.14
CA LEU C 201 -22.64 54.10 -12.09
C LEU C 201 -21.23 54.60 -12.29
N GLU C 202 -20.74 55.38 -11.34
CA GLU C 202 -19.47 56.10 -11.46
C GLU C 202 -18.33 55.12 -11.75
N GLY C 203 -17.57 55.42 -12.80
CA GLY C 203 -16.40 54.61 -13.18
C GLY C 203 -16.70 53.32 -13.92
N VAL C 204 -17.97 53.12 -14.28
CA VAL C 204 -18.45 51.94 -14.98
C VAL C 204 -19.18 52.37 -16.25
N SER C 205 -18.81 51.74 -17.37
CA SER C 205 -19.50 51.92 -18.66
C SER C 205 -20.80 51.14 -18.67
N CYS C 206 -21.93 51.83 -18.52
CA CYS C 206 -23.22 51.17 -18.40
C CYS C 206 -23.96 51.01 -19.75
N PHE C 207 -24.34 49.78 -20.03
CA PHE C 207 -25.14 49.38 -21.18
C PHE C 207 -26.48 48.89 -20.66
N HIS C 208 -27.54 48.99 -21.46
CA HIS C 208 -28.84 48.46 -21.05
C HIS C 208 -29.66 47.98 -22.25
N GLY C 209 -30.51 46.99 -22.00
CA GLY C 209 -31.44 46.49 -22.97
C GLY C 209 -30.84 45.42 -23.84
N LEU C 210 -31.72 44.62 -24.42
CA LEU C 210 -31.35 43.44 -25.17
C LEU C 210 -30.62 43.78 -26.48
N GLU C 211 -30.95 44.92 -27.09
CA GLU C 211 -30.29 45.38 -28.30
C GLU C 211 -28.81 45.71 -28.10
N ALA C 212 -28.47 46.19 -26.91
CA ALA C 212 -27.08 46.53 -26.56
C ALA C 212 -26.23 45.34 -26.10
N LEU C 213 -26.85 44.18 -25.89
CA LEU C 213 -26.12 43.02 -25.31
C LEU C 213 -24.96 42.50 -26.17
N PRO C 214 -25.14 42.37 -27.51
CA PRO C 214 -24.00 41.94 -28.32
C PRO C 214 -22.77 42.83 -28.19
N GLY C 215 -22.97 44.15 -28.27
CA GLY C 215 -21.90 45.12 -28.11
C GLY C 215 -21.26 45.11 -26.72
N PHE C 216 -22.09 44.93 -25.69
CA PHE C 216 -21.60 44.80 -24.33
C PHE C 216 -20.65 43.59 -24.24
N LEU C 217 -21.12 42.46 -24.73
CA LEU C 217 -20.33 41.22 -24.70
C LEU C 217 -19.05 41.31 -25.55
N ALA C 218 -19.16 41.93 -26.73
CA ALA C 218 -18.01 42.06 -27.65
C ALA C 218 -16.79 42.72 -27.02
N GLY C 219 -17.00 43.63 -26.10
CA GLY C 219 -15.90 44.29 -25.40
C GLY C 219 -15.47 43.69 -24.07
N SER C 220 -16.08 42.57 -23.66
CA SER C 220 -15.84 41.99 -22.34
C SER C 220 -14.83 40.83 -22.40
N GLU C 221 -13.56 41.13 -22.10
CA GLU C 221 -12.53 40.10 -22.07
C GLU C 221 -12.79 39.13 -20.91
N ILE C 222 -13.19 39.66 -19.77
CA ILE C 222 -13.66 38.88 -18.65
C ILE C 222 -15.12 39.24 -18.44
N VAL C 223 -15.97 38.26 -18.24
CA VAL C 223 -17.39 38.51 -18.04
C VAL C 223 -17.86 37.79 -16.79
N VAL C 224 -18.74 38.47 -16.04
CA VAL C 224 -19.27 37.97 -14.77
C VAL C 224 -20.79 37.97 -14.85
N VAL C 225 -21.40 36.79 -14.70
CA VAL C 225 -22.86 36.65 -14.72
C VAL C 225 -23.38 36.89 -13.31
N MET C 226 -24.18 37.95 -13.14
CA MET C 226 -24.79 38.31 -11.85
C MET C 226 -26.27 38.64 -12.03
N LEU C 227 -26.93 37.89 -12.91
CA LEU C 227 -28.35 38.07 -13.22
C LEU C 227 -29.21 37.14 -12.39
N PRO C 228 -30.40 37.59 -11.98
CA PRO C 228 -31.36 36.65 -11.43
C PRO C 228 -31.88 35.75 -12.54
N LEU C 229 -32.37 34.57 -12.17
CA LEU C 229 -32.98 33.65 -13.11
C LEU C 229 -34.45 34.00 -13.24
N THR C 230 -34.84 34.36 -14.45
CA THR C 230 -36.23 34.67 -14.83
C THR C 230 -36.48 34.06 -16.18
N PRO C 231 -37.73 34.11 -16.65
CA PRO C 231 -37.99 33.62 -18.01
C PRO C 231 -37.18 34.37 -19.04
N GLU C 232 -36.98 35.67 -18.84
CA GLU C 232 -36.14 36.46 -19.75
C GLU C 232 -34.65 36.09 -19.73
N THR C 233 -34.11 35.75 -18.56
CA THR C 233 -32.71 35.41 -18.45
C THR C 233 -32.37 33.94 -18.59
N ARG C 234 -33.37 33.08 -18.56
CA ARG C 234 -33.11 31.64 -18.68
C ARG C 234 -32.53 31.34 -20.06
N GLY C 235 -31.36 30.72 -20.09
CA GLY C 235 -30.67 30.41 -21.34
C GLY C 235 -30.22 31.64 -22.13
N LEU C 236 -30.07 32.78 -21.46
CA LEU C 236 -29.65 34.02 -22.13
C LEU C 236 -28.27 33.84 -22.76
N MET C 237 -27.34 33.29 -21.99
CA MET C 237 -25.99 33.01 -22.47
C MET C 237 -25.94 31.67 -23.18
N ASN C 238 -26.55 31.66 -24.36
CA ASN C 238 -26.61 30.50 -25.25
C ASN C 238 -25.45 30.58 -26.24
N ALA C 239 -25.41 29.66 -27.21
CA ALA C 239 -24.33 29.62 -28.21
C ALA C 239 -24.11 30.98 -28.88
N GLU C 240 -25.21 31.60 -29.29
CA GLU C 240 -25.18 32.91 -29.97
C GLU C 240 -24.58 34.02 -29.11
N ARG C 241 -25.01 34.10 -27.85
CA ARG C 241 -24.49 35.13 -26.94
C ARG C 241 -23.02 34.88 -26.59
N LEU C 242 -22.66 33.62 -26.36
CA LEU C 242 -21.26 33.28 -26.09
C LEU C 242 -20.36 33.65 -27.26
N ALA C 243 -20.88 33.50 -28.50
CA ALA C 243 -20.13 33.85 -29.71
C ALA C 243 -19.85 35.35 -29.85
N HIS C 244 -20.66 36.19 -29.19
CA HIS C 244 -20.40 37.64 -29.16
C HIS C 244 -19.22 38.02 -28.25
N LEU C 245 -18.87 37.18 -27.28
CA LEU C 245 -17.66 37.44 -26.48
C LEU C 245 -16.43 37.35 -27.38
N PRO C 246 -15.38 38.10 -27.08
CA PRO C 246 -14.15 37.97 -27.86
C PRO C 246 -13.50 36.61 -27.60
N ARG C 247 -12.80 36.09 -28.61
CA ARG C 247 -12.08 34.84 -28.47
C ARG C 247 -11.08 34.97 -27.33
N GLY C 248 -10.99 33.93 -26.52
CA GLY C 248 -10.11 33.92 -25.36
C GLY C 248 -10.71 34.55 -24.11
N ALA C 249 -12.01 34.81 -24.13
CA ALA C 249 -12.67 35.42 -22.98
C ALA C 249 -12.63 34.50 -21.75
N LYS C 250 -12.70 35.11 -20.58
CA LYS C 250 -12.76 34.41 -19.31
C LYS C 250 -14.17 34.57 -18.76
N PHE C 251 -14.79 33.47 -18.39
CA PHE C 251 -16.22 33.42 -18.10
C PHE C 251 -16.50 33.04 -16.67
N ILE C 252 -17.16 33.93 -15.93
CA ILE C 252 -17.46 33.70 -14.52
C ILE C 252 -18.97 33.70 -14.31
N ASN C 253 -19.50 32.64 -13.70
CA ASN C 253 -20.91 32.58 -13.35
C ASN C 253 -21.07 32.39 -11.83
N VAL C 254 -21.60 33.43 -11.17
CA VAL C 254 -21.93 33.40 -9.76
C VAL C 254 -23.41 33.72 -9.52
N ALA C 255 -24.23 33.49 -10.54
CA ALA C 255 -25.64 33.90 -10.51
C ALA C 255 -26.52 32.65 -10.32
N ARG C 256 -27.03 32.14 -11.44
CA ARG C 256 -27.79 30.89 -11.45
C ARG C 256 -27.34 30.13 -12.69
N GLY C 257 -27.22 28.83 -12.55
CA GLY C 257 -26.71 27.99 -13.63
C GLY C 257 -27.49 28.07 -14.93
N PRO C 258 -28.83 28.01 -14.86
CA PRO C 258 -29.62 28.02 -16.10
C PRO C 258 -29.65 29.34 -16.87
N VAL C 259 -29.04 30.41 -16.35
CA VAL C 259 -28.82 31.62 -17.14
C VAL C 259 -27.90 31.32 -18.32
N VAL C 260 -27.03 30.33 -18.14
CA VAL C 260 -26.08 29.88 -19.14
C VAL C 260 -26.53 28.54 -19.72
N ASP C 261 -26.44 28.42 -21.04
CA ASP C 261 -26.63 27.14 -21.71
C ASP C 261 -25.35 26.35 -21.49
N GLU C 262 -25.41 25.38 -20.59
CA GLU C 262 -24.21 24.70 -20.09
C GLU C 262 -23.49 23.91 -21.19
N ALA C 263 -24.27 23.21 -22.01
CA ALA C 263 -23.75 22.49 -23.17
C ALA C 263 -23.04 23.42 -24.16
N ALA C 264 -23.61 24.61 -24.38
CA ALA C 264 -23.00 25.62 -25.24
C ALA C 264 -21.72 26.18 -24.63
N LEU C 265 -21.69 26.38 -23.32
CA LEU C 265 -20.46 26.82 -22.67
C LEU C 265 -19.35 25.77 -22.82
N ILE C 266 -19.70 24.50 -22.58
CA ILE C 266 -18.77 23.39 -22.77
C ILE C 266 -18.19 23.36 -24.19
N ALA C 267 -19.04 23.49 -25.19
CA ALA C 267 -18.60 23.53 -26.59
C ALA C 267 -17.65 24.71 -26.85
N ALA C 268 -17.97 25.87 -26.28
CA ALA C 268 -17.14 27.06 -26.44
C ALA C 268 -15.79 26.94 -25.71
N LEU C 269 -15.80 26.27 -24.56
CA LEU C 269 -14.55 25.93 -23.88
C LEU C 269 -13.71 24.97 -24.74
N ARG C 270 -14.35 23.93 -25.29
CA ARG C 270 -13.64 22.95 -26.11
C ARG C 270 -13.04 23.51 -27.40
N SER C 271 -13.72 24.47 -28.02
CA SER C 271 -13.23 25.12 -29.24
C SER C 271 -12.21 26.22 -28.96
N GLY C 272 -12.00 26.55 -27.69
CA GLY C 272 -11.09 27.62 -27.29
C GLY C 272 -11.66 29.03 -27.40
N HIS C 273 -12.93 29.16 -27.78
CA HIS C 273 -13.55 30.48 -27.83
C HIS C 273 -13.62 31.11 -26.44
N ILE C 274 -13.96 30.31 -25.43
CA ILE C 274 -13.80 30.69 -24.03
C ILE C 274 -12.52 30.02 -23.54
N ALA C 275 -11.57 30.82 -23.08
CA ALA C 275 -10.26 30.28 -22.63
C ALA C 275 -10.36 29.58 -21.28
N GLU C 276 -11.06 30.21 -20.35
CA GLU C 276 -11.14 29.76 -18.96
C GLU C 276 -12.48 30.13 -18.39
N ALA C 277 -12.88 29.41 -17.34
CA ALA C 277 -14.11 29.71 -16.62
C ALA C 277 -14.00 29.46 -15.14
N THR C 278 -14.79 30.23 -14.37
CA THR C 278 -15.02 29.98 -12.96
C THR C 278 -16.53 29.88 -12.76
N LEU C 279 -16.99 28.74 -12.27
CA LEU C 279 -18.40 28.44 -12.21
C LEU C 279 -18.76 28.00 -10.80
N ASP C 280 -19.62 28.79 -10.16
CA ASP C 280 -20.15 28.52 -8.83
C ASP C 280 -21.54 27.90 -8.90
N VAL C 281 -22.18 27.97 -10.07
CA VAL C 281 -23.57 27.51 -10.23
C VAL C 281 -23.71 26.81 -11.58
N PHE C 282 -24.68 25.88 -11.63
CA PHE C 282 -24.83 24.96 -12.77
C PHE C 282 -26.29 24.64 -13.04
N GLU C 283 -26.59 24.16 -14.24
CA GLU C 283 -27.98 23.84 -14.61
C GLU C 283 -28.57 22.83 -13.65
N VAL C 284 -27.82 21.75 -13.39
CA VAL C 284 -28.15 20.77 -12.37
C VAL C 284 -27.09 20.85 -11.28
N GLU C 285 -27.54 21.03 -10.04
CA GLU C 285 -26.67 21.06 -8.86
C GLU C 285 -27.09 19.93 -7.92
N PRO C 286 -26.16 19.13 -7.42
CA PRO C 286 -24.73 19.23 -7.72
C PRO C 286 -24.41 18.84 -9.16
N LEU C 287 -23.34 19.44 -9.69
CA LEU C 287 -22.83 19.13 -11.02
C LEU C 287 -22.66 17.61 -11.18
N PRO C 288 -23.42 16.98 -12.11
CA PRO C 288 -23.33 15.52 -12.26
C PRO C 288 -21.92 15.03 -12.50
N VAL C 289 -21.60 13.86 -11.98
CA VAL C 289 -20.23 13.32 -12.06
C VAL C 289 -19.76 13.16 -13.51
N GLY C 290 -20.70 12.88 -14.40
CA GLY C 290 -20.39 12.78 -15.83
C GLY C 290 -20.11 14.08 -16.58
N SER C 291 -20.30 15.24 -15.95
CA SER C 291 -20.05 16.53 -16.63
C SER C 291 -18.59 16.66 -17.10
N PRO C 292 -18.39 17.05 -18.38
CA PRO C 292 -17.04 17.35 -18.86
C PRO C 292 -16.31 18.47 -18.10
N LEU C 293 -17.05 19.33 -17.38
CA LEU C 293 -16.46 20.45 -16.66
C LEU C 293 -15.52 20.06 -15.52
N TRP C 294 -15.77 18.92 -14.88
CA TRP C 294 -14.96 18.50 -13.73
C TRP C 294 -13.48 18.40 -14.08
N ALA C 295 -13.18 17.71 -15.18
CA ALA C 295 -11.77 17.38 -15.53
C ALA C 295 -11.03 18.48 -16.32
N MET C 296 -11.70 19.58 -16.63
CA MET C 296 -11.09 20.70 -17.34
C MET C 296 -10.24 21.54 -16.38
N ASP C 297 -8.94 21.60 -16.63
CA ASP C 297 -8.02 22.34 -15.74
C ASP C 297 -8.10 23.86 -15.96
N ASN C 298 -8.80 24.28 -17.03
CA ASN C 298 -9.12 25.69 -17.26
C ASN C 298 -10.49 26.09 -16.73
N VAL C 299 -11.13 25.22 -15.94
CA VAL C 299 -12.39 25.53 -15.26
C VAL C 299 -12.20 25.34 -13.76
N LEU C 300 -12.67 26.31 -12.98
CA LEU C 300 -12.73 26.20 -11.54
C LEU C 300 -14.18 26.01 -11.15
N VAL C 301 -14.46 24.91 -10.45
CA VAL C 301 -15.80 24.58 -9.95
C VAL C 301 -15.84 24.88 -8.45
N THR C 302 -16.79 25.71 -8.03
CA THR C 302 -17.08 25.90 -6.62
C THR C 302 -18.53 25.49 -6.39
N PRO C 303 -18.85 24.92 -5.21
CA PRO C 303 -20.14 24.27 -5.02
C PRO C 303 -21.26 25.18 -4.53
N HIS C 304 -21.57 26.22 -5.30
CA HIS C 304 -22.64 27.18 -5.01
C HIS C 304 -22.51 27.77 -3.61
N LEU C 305 -21.49 28.59 -3.43
CA LEU C 305 -21.25 29.27 -2.15
C LEU C 305 -20.57 30.64 -2.28
N ALA C 306 -20.78 31.31 -3.41
CA ALA C 306 -20.11 32.59 -3.67
C ALA C 306 -20.33 33.58 -2.54
N SER C 307 -21.56 33.65 -2.07
CA SER C 307 -21.94 34.47 -0.92
C SER C 307 -23.05 33.80 -0.14
N ILE C 308 -23.14 34.14 1.15
CA ILE C 308 -24.20 33.65 2.02
C ILE C 308 -24.72 34.75 2.94
N ALA C 309 -25.96 34.59 3.36
CA ALA C 309 -26.55 35.45 4.36
C ALA C 309 -26.08 35.01 5.72
N ILE C 310 -25.77 35.96 6.60
CA ILE C 310 -25.35 35.64 7.96
C ILE C 310 -26.51 36.13 8.87
N PRO C 311 -27.04 35.23 9.74
CA PRO C 311 -28.16 35.58 10.59
C PRO C 311 -28.03 36.94 11.31
N ARG C 312 -26.92 37.16 11.99
CA ARG C 312 -26.71 38.35 12.79
C ARG C 312 -26.86 39.66 12.00
N THR C 313 -26.29 39.71 10.80
CA THR C 313 -26.36 40.89 9.95
C THR C 313 -27.54 40.91 8.98
N ALA C 314 -28.17 39.77 8.74
CA ALA C 314 -29.40 39.69 7.93
C ALA C 314 -30.67 40.06 8.73
N ALA C 315 -30.66 39.74 10.01
CA ALA C 315 -31.82 39.92 10.89
C ALA C 315 -32.42 41.35 10.94
N PRO C 316 -31.58 42.40 10.98
CA PRO C 316 -32.11 43.76 11.10
C PRO C 316 -33.10 44.16 10.00
N GLN C 317 -32.81 43.84 8.75
CA GLN C 317 -33.74 44.15 7.67
C GLN C 317 -35.04 43.35 7.77
N ILE C 318 -34.96 42.13 8.30
CA ILE C 318 -36.14 41.32 8.50
C ILE C 318 -37.04 41.95 9.57
N VAL C 319 -36.48 42.34 10.70
CA VAL C 319 -37.29 42.95 11.76
C VAL C 319 -37.79 44.33 11.35
N GLU C 320 -37.02 45.04 10.53
CA GLU C 320 -37.47 46.32 9.97
C GLU C 320 -38.70 46.13 9.05
N ASN C 321 -38.72 45.05 8.26
CA ASN C 321 -39.86 44.74 7.41
C ASN C 321 -41.07 44.28 8.22
N ILE C 322 -40.85 43.59 9.33
CA ILE C 322 -41.91 43.28 10.29
C ILE C 322 -42.55 44.58 10.81
N ARG C 323 -41.72 45.53 11.23
CA ARG C 323 -42.20 46.84 11.69
C ARG C 323 -43.03 47.56 10.60
N ARG C 324 -42.49 47.59 9.39
CA ARG C 324 -43.15 48.24 8.24
C ARG C 324 -44.50 47.61 7.87
N ILE C 325 -44.57 46.28 7.86
CA ILE C 325 -45.82 45.58 7.51
C ILE C 325 -46.92 45.89 8.54
N GLU C 326 -46.55 45.98 9.82
CA GLU C 326 -47.50 46.34 10.87
C GLU C 326 -47.89 47.82 10.88
N ALA C 327 -46.98 48.70 10.47
CA ALA C 327 -47.26 50.13 10.34
C ALA C 327 -47.94 50.53 9.02
N GLY C 328 -48.07 49.60 8.10
CA GLY C 328 -48.63 49.88 6.78
C GLY C 328 -47.67 50.61 5.84
N GLU C 329 -46.37 50.50 6.10
CA GLU C 329 -45.35 51.08 5.22
C GLU C 329 -44.90 50.04 4.20
N PRO C 330 -44.54 50.46 2.97
CA PRO C 330 -44.00 49.51 2.01
C PRO C 330 -42.68 48.88 2.49
N VAL C 331 -42.52 47.59 2.19
CA VAL C 331 -41.39 46.82 2.67
C VAL C 331 -40.16 47.01 1.79
N LEU C 332 -38.99 46.79 2.40
CA LEU C 332 -37.72 46.80 1.69
C LEU C 332 -37.49 45.47 0.99
N ASN C 333 -36.77 45.53 -0.15
CA ASN C 333 -36.34 44.37 -0.91
C ASN C 333 -37.51 43.47 -1.35
N GLN C 334 -38.61 44.11 -1.75
CA GLN C 334 -39.78 43.42 -2.25
C GLN C 334 -39.49 42.90 -3.66
N VAL C 335 -40.01 41.71 -3.95
CA VAL C 335 -39.89 41.10 -5.24
C VAL C 335 -41.13 41.54 -6.05
N ASP C 336 -40.86 41.84 -7.33
CA ASP C 336 -41.82 42.43 -8.21
C ASP C 336 -42.42 41.29 -9.04
N PRO C 337 -43.71 40.99 -8.84
CA PRO C 337 -44.32 39.91 -9.64
C PRO C 337 -44.29 40.12 -11.16
N ARG C 338 -44.32 41.37 -11.60
CA ARG C 338 -44.29 41.69 -13.04
C ARG C 338 -42.94 41.32 -13.69
N ARG C 339 -41.85 41.62 -12.99
CA ARG C 339 -40.49 41.39 -13.47
C ARG C 339 -39.98 39.99 -13.17
N GLY C 340 -40.40 39.42 -12.04
CA GLY C 340 -39.93 38.11 -11.59
C GLY C 340 -38.68 38.13 -10.73
N TYR C 341 -38.34 39.29 -10.20
CA TYR C 341 -37.20 39.45 -9.29
C TYR C 341 -37.37 40.75 -8.51
N ALA D 30 17.98 -67.96 27.84
CA ALA D 30 17.41 -66.73 27.27
C ALA D 30 18.49 -65.68 26.99
N LEU D 31 18.26 -64.88 25.95
CA LEU D 31 19.07 -63.71 25.66
C LEU D 31 18.31 -62.48 26.14
N VAL D 32 19.00 -61.62 26.89
CA VAL D 32 18.47 -60.32 27.28
C VAL D 32 19.10 -59.26 26.36
N PHE D 33 18.27 -58.30 25.94
CA PHE D 33 18.67 -57.21 25.06
C PHE D 33 18.52 -55.89 25.82
N TYR D 34 19.55 -55.05 25.80
CA TYR D 34 19.44 -53.69 26.34
C TYR D 34 20.08 -52.70 25.37
N SER D 35 19.28 -51.73 24.93
CA SER D 35 19.79 -50.54 24.27
C SER D 35 18.71 -49.46 24.24
N ALA D 36 19.10 -48.24 24.63
CA ALA D 36 18.22 -47.08 24.50
C ALA D 36 18.19 -46.53 23.07
N VAL D 37 19.13 -46.95 22.22
CA VAL D 37 19.31 -46.37 20.89
C VAL D 37 19.19 -47.39 19.74
N ASP D 38 18.78 -48.62 20.05
CA ASP D 38 18.54 -49.64 19.03
C ASP D 38 17.13 -50.18 19.25
N ILE D 39 16.48 -50.57 18.16
CA ILE D 39 15.11 -51.08 18.21
C ILE D 39 15.16 -52.56 18.59
N GLY D 40 14.78 -52.86 19.82
CA GLY D 40 14.75 -54.23 20.34
C GLY D 40 14.01 -55.20 19.45
N GLN D 41 12.84 -54.80 18.95
CA GLN D 41 12.02 -55.67 18.11
C GLN D 41 12.74 -56.13 16.83
N ASP D 42 13.50 -55.23 16.20
CA ASP D 42 14.26 -55.58 14.99
C ASP D 42 15.33 -56.64 15.28
N TRP D 43 16.03 -56.49 16.42
CA TRP D 43 17.04 -57.44 16.85
C TRP D 43 16.38 -58.76 17.25
N LYS D 44 15.29 -58.69 17.99
CA LYS D 44 14.52 -59.87 18.36
C LYS D 44 14.05 -60.68 17.14
N SER D 45 13.45 -60.00 16.17
CA SER D 45 12.98 -60.65 14.94
C SER D 45 14.12 -61.34 14.19
N ALA D 46 15.24 -60.64 14.04
CA ALA D 46 16.40 -61.18 13.33
C ALA D 46 17.02 -62.38 14.05
N LEU D 47 17.15 -62.30 15.38
CA LEU D 47 17.69 -63.40 16.18
C LEU D 47 16.81 -64.65 16.12
N GLN D 48 15.50 -64.45 16.20
CA GLN D 48 14.55 -65.56 16.12
C GLN D 48 14.49 -66.19 14.73
N ALA D 49 14.73 -65.42 13.68
CA ALA D 49 14.86 -65.96 12.33
C ALA D 49 16.12 -66.82 12.19
N ALA D 50 17.22 -66.38 12.78
CA ALA D 50 18.47 -67.14 12.76
C ALA D 50 18.46 -68.34 13.71
N HIS D 51 17.69 -68.25 14.80
CA HIS D 51 17.56 -69.30 15.81
C HIS D 51 16.09 -69.40 16.24
N PRO D 52 15.27 -70.14 15.48
CA PRO D 52 13.85 -70.32 15.80
C PRO D 52 13.62 -70.73 17.26
N GLY D 53 12.69 -70.04 17.90
CA GLY D 53 12.35 -70.32 19.29
C GLY D 53 13.28 -69.76 20.36
N LEU D 54 14.30 -68.98 19.96
CA LEU D 54 15.21 -68.37 20.94
C LEU D 54 14.42 -67.43 21.84
N ASP D 55 14.55 -67.63 23.15
CA ASP D 55 13.90 -66.80 24.15
C ASP D 55 14.67 -65.47 24.23
N VAL D 56 14.08 -64.41 23.67
CA VAL D 56 14.67 -63.07 23.66
C VAL D 56 13.83 -62.11 24.51
N ARG D 57 14.48 -61.46 25.46
CA ARG D 57 13.81 -60.56 26.40
C ARG D 57 14.39 -59.16 26.26
N ILE D 58 13.51 -58.21 25.97
CA ILE D 58 13.91 -56.82 25.75
C ILE D 58 13.81 -56.11 27.08
N ALA D 59 14.97 -55.71 27.61
CA ALA D 59 15.00 -54.97 28.86
C ALA D 59 14.56 -53.53 28.60
N ARG D 60 13.99 -52.93 29.63
CA ARG D 60 13.41 -51.61 29.57
C ARG D 60 14.47 -50.53 29.54
N ALA D 61 14.36 -49.60 28.60
CA ALA D 61 15.34 -48.53 28.48
C ALA D 61 15.37 -47.68 29.75
N GLY D 62 16.59 -47.33 30.19
CA GLY D 62 16.78 -46.49 31.36
C GLY D 62 17.20 -47.23 32.61
N ASP D 63 16.34 -48.12 33.10
CA ASP D 63 16.67 -48.92 34.31
C ASP D 63 16.97 -50.39 34.08
N GLY D 64 16.72 -50.88 32.87
CA GLY D 64 17.02 -52.27 32.51
C GLY D 64 16.10 -53.33 33.06
N HIS D 65 14.96 -52.92 33.60
CA HIS D 65 13.99 -53.87 34.13
C HIS D 65 13.54 -54.80 33.00
N VAL D 66 13.42 -56.07 33.33
CA VAL D 66 13.00 -57.08 32.37
C VAL D 66 12.11 -58.09 33.06
N GLU D 67 11.10 -58.57 32.34
CA GLU D 67 10.16 -59.56 32.85
C GLU D 67 10.76 -60.96 32.69
N GLY D 68 10.22 -61.90 33.46
CA GLY D 68 10.66 -63.30 33.43
C GLY D 68 11.66 -63.61 34.52
N ASP D 69 11.98 -64.90 34.64
CA ASP D 69 12.94 -65.38 35.62
C ASP D 69 14.36 -64.98 35.18
N PRO D 70 15.04 -64.11 35.95
CA PRO D 70 16.41 -63.69 35.56
C PRO D 70 17.47 -64.80 35.59
N GLU D 71 17.21 -65.88 36.31
CA GLU D 71 18.11 -67.04 36.33
C GLU D 71 18.16 -67.82 35.01
N GLU D 72 17.16 -67.63 34.16
CA GLU D 72 17.15 -68.24 32.82
C GLU D 72 17.99 -67.47 31.78
N VAL D 73 18.39 -66.25 32.10
CA VAL D 73 19.18 -65.42 31.17
C VAL D 73 20.64 -65.86 31.17
N ARG D 74 21.11 -66.31 30.01
CA ARG D 74 22.51 -66.74 29.83
C ARG D 74 23.33 -65.87 28.88
N TYR D 75 22.69 -65.04 28.07
CA TYR D 75 23.38 -64.20 27.08
C TYR D 75 22.83 -62.77 27.17
N ALA D 76 23.71 -61.79 27.05
CA ALA D 76 23.33 -60.38 27.15
C ALA D 76 23.89 -59.63 25.94
N LEU D 77 23.00 -59.04 25.17
CA LEU D 77 23.34 -58.24 23.99
C LEU D 77 22.99 -56.81 24.38
N VAL D 78 24.01 -55.96 24.52
CA VAL D 78 23.86 -54.68 25.19
C VAL D 78 24.59 -53.52 24.54
N TRP D 79 24.09 -52.32 24.82
CA TRP D 79 24.80 -51.07 24.54
C TRP D 79 24.59 -50.16 25.74
N LYS D 80 25.70 -49.87 26.43
CA LYS D 80 25.72 -48.95 27.57
C LYS D 80 24.57 -49.19 28.56
N PRO D 81 24.46 -50.43 29.08
CA PRO D 81 23.41 -50.70 30.04
C PRO D 81 23.65 -50.01 31.38
N PRO D 82 22.59 -49.85 32.20
CA PRO D 82 22.71 -49.18 33.50
C PRO D 82 23.72 -49.86 34.41
N HIS D 83 24.30 -49.12 35.36
CA HIS D 83 25.23 -49.70 36.31
C HIS D 83 24.55 -50.83 37.07
N GLY D 84 25.25 -51.96 37.19
CA GLY D 84 24.74 -53.14 37.87
C GLY D 84 23.85 -54.06 37.05
N PHE D 85 23.61 -53.71 35.78
CA PHE D 85 22.69 -54.48 34.93
C PHE D 85 23.05 -55.97 34.87
N PHE D 86 24.34 -56.27 34.70
CA PHE D 86 24.81 -57.65 34.55
C PHE D 86 24.60 -58.50 35.81
N ALA D 87 24.70 -57.87 36.98
CA ALA D 87 24.50 -58.54 38.27
C ALA D 87 23.06 -59.03 38.49
N ARG D 88 22.09 -58.53 37.72
CA ARG D 88 20.73 -59.07 37.70
C ARG D 88 20.67 -60.54 37.27
N PHE D 89 21.65 -60.98 36.48
CA PHE D 89 21.62 -62.27 35.79
C PHE D 89 22.75 -63.17 36.27
N PRO D 90 22.52 -63.96 37.33
CA PRO D 90 23.62 -64.72 37.92
C PRO D 90 24.17 -65.86 37.05
N ASN D 91 23.39 -66.34 36.07
CA ASN D 91 23.82 -67.44 35.17
C ASN D 91 24.30 -66.97 33.80
N LEU D 92 24.69 -65.71 33.71
CA LEU D 92 25.19 -65.15 32.47
C LEU D 92 26.44 -65.91 32.05
N LYS D 93 26.47 -66.35 30.79
CA LYS D 93 27.62 -67.05 30.20
C LYS D 93 28.34 -66.24 29.12
N LEU D 94 27.74 -65.16 28.63
CA LEU D 94 28.27 -64.46 27.44
C LEU D 94 27.73 -63.05 27.38
N VAL D 95 28.62 -62.09 27.14
CA VAL D 95 28.24 -60.71 26.88
C VAL D 95 28.56 -60.39 25.42
N ILE D 96 27.64 -59.67 24.78
CA ILE D 96 27.82 -59.22 23.40
C ILE D 96 27.54 -57.73 23.35
N ASN D 97 28.55 -56.93 22.98
CA ASN D 97 28.39 -55.50 22.81
C ASN D 97 27.76 -55.22 21.44
N LEU D 98 26.82 -54.29 21.39
CA LEU D 98 26.15 -53.93 20.13
C LEU D 98 26.97 -53.01 19.20
N GLY D 99 28.25 -52.84 19.47
CA GLY D 99 29.15 -52.13 18.56
C GLY D 99 30.39 -52.95 18.33
N ALA D 100 31.17 -52.52 17.35
CA ALA D 100 32.50 -53.07 17.12
C ALA D 100 33.51 -52.60 18.17
N GLY D 101 33.27 -51.41 18.74
CA GLY D 101 34.09 -50.88 19.84
C GLY D 101 33.58 -51.33 21.19
N VAL D 102 34.50 -51.54 22.13
CA VAL D 102 34.15 -52.01 23.47
C VAL D 102 34.81 -51.18 24.58
N ASP D 103 35.30 -49.98 24.25
CA ASP D 103 36.08 -49.19 25.22
C ASP D 103 35.30 -48.81 26.49
N ALA D 104 34.02 -48.47 26.34
CA ALA D 104 33.18 -48.15 27.50
C ALA D 104 32.81 -49.40 28.27
N LEU D 105 32.45 -50.46 27.55
CA LEU D 105 32.10 -51.74 28.17
C LEU D 105 33.22 -52.33 29.06
N VAL D 106 34.45 -52.35 28.55
CA VAL D 106 35.57 -52.94 29.30
C VAL D 106 36.06 -52.08 30.47
N ALA D 107 35.74 -50.80 30.48
CA ALA D 107 36.06 -49.91 31.60
C ALA D 107 35.11 -50.04 32.79
N ARG D 108 34.03 -50.82 32.64
CA ARG D 108 33.02 -50.94 33.70
C ARG D 108 33.53 -51.75 34.89
N ASP D 109 33.09 -51.36 36.08
CA ASP D 109 33.43 -52.06 37.33
C ASP D 109 32.56 -53.28 37.60
N ASP D 110 31.45 -53.43 36.86
CA ASP D 110 30.47 -54.49 37.10
C ASP D 110 30.48 -55.59 36.02
N LEU D 111 31.54 -55.62 35.21
CA LEU D 111 31.65 -56.57 34.12
C LEU D 111 31.85 -57.97 34.68
N PRO D 112 31.00 -58.94 34.29
CA PRO D 112 31.12 -60.29 34.84
C PRO D 112 32.27 -61.06 34.21
N ASP D 113 32.79 -62.05 34.92
CA ASP D 113 33.95 -62.82 34.46
C ASP D 113 33.51 -63.94 33.50
N VAL D 114 33.08 -63.53 32.32
CA VAL D 114 32.67 -64.45 31.26
C VAL D 114 33.20 -63.89 29.94
N PRO D 115 33.16 -64.68 28.86
CA PRO D 115 33.58 -64.15 27.56
C PRO D 115 32.78 -62.91 27.14
N VAL D 116 33.51 -61.89 26.73
CA VAL D 116 32.95 -60.65 26.23
C VAL D 116 33.25 -60.59 24.73
N THR D 117 32.21 -60.44 23.93
CA THR D 117 32.33 -60.37 22.48
C THR D 117 31.76 -59.06 21.94
N ARG D 118 32.09 -58.79 20.70
CA ARG D 118 31.60 -57.63 19.98
C ARG D 118 30.96 -58.10 18.70
N LEU D 119 30.15 -57.24 18.08
CA LEU D 119 29.65 -57.52 16.73
C LEU D 119 30.75 -57.18 15.76
N SER D 120 31.05 -58.09 14.85
CA SER D 120 32.03 -57.82 13.80
C SER D 120 31.84 -58.75 12.62
N ASP D 121 30.90 -58.38 11.74
CA ASP D 121 30.50 -59.17 10.57
C ASP D 121 30.93 -58.53 9.23
N PRO D 122 30.99 -59.32 8.15
CA PRO D 122 31.40 -58.78 6.84
C PRO D 122 30.54 -57.66 6.22
N ASN D 123 29.27 -57.50 6.65
CA ASN D 123 28.42 -56.40 6.17
C ASN D 123 28.86 -55.06 6.78
N MET D 124 29.11 -55.06 8.08
CA MET D 124 29.68 -53.90 8.78
C MET D 124 31.03 -53.50 8.19
N SER D 125 31.85 -54.52 7.94
CA SER D 125 33.16 -54.38 7.33
C SER D 125 33.08 -53.67 5.97
N GLN D 126 32.15 -54.12 5.14
CA GLN D 126 31.93 -53.56 3.81
C GLN D 126 31.49 -52.09 3.92
N MET D 127 30.53 -51.85 4.80
CA MET D 127 30.03 -50.50 4.98
C MET D 127 31.14 -49.54 5.43
N MET D 128 31.94 -49.96 6.42
CA MET D 128 33.08 -49.15 6.87
C MET D 128 34.10 -48.94 5.76
N ALA D 129 34.44 -50.02 5.05
CA ALA D 129 35.41 -49.93 3.96
C ALA D 129 34.95 -48.95 2.87
N SER D 130 33.65 -49.00 2.53
CA SER D 130 33.11 -48.08 1.53
C SER D 130 33.15 -46.63 2.03
N PHE D 131 32.82 -46.45 3.31
CA PHE D 131 32.84 -45.10 3.91
C PHE D 131 34.25 -44.52 3.93
N VAL D 132 35.24 -45.34 4.31
CA VAL D 132 36.63 -44.89 4.30
C VAL D 132 37.07 -44.54 2.88
N LEU D 133 36.68 -45.36 1.93
CA LEU D 133 37.00 -45.08 0.54
C LEU D 133 36.40 -43.75 0.09
N PHE D 134 35.14 -43.50 0.44
CA PHE D 134 34.52 -42.19 0.18
C PHE D 134 35.36 -41.04 0.75
N CYS D 135 35.74 -41.16 2.02
CA CYS D 135 36.52 -40.11 2.72
C CYS D 135 37.86 -39.83 2.02
N VAL D 136 38.58 -40.90 1.68
CA VAL D 136 39.88 -40.80 1.04
C VAL D 136 39.76 -40.20 -0.37
N LEU D 137 38.83 -40.73 -1.16
CA LEU D 137 38.59 -40.21 -2.50
C LEU D 137 38.19 -38.75 -2.48
N ARG D 138 37.35 -38.37 -1.52
CA ARG D 138 36.92 -36.99 -1.39
C ARG D 138 38.11 -36.05 -1.22
N HIS D 139 39.06 -36.41 -0.36
CA HIS D 139 40.30 -35.64 -0.21
C HIS D 139 41.23 -35.77 -1.43
N ALA D 140 41.41 -37.00 -1.91
CA ALA D 140 42.33 -37.28 -3.01
C ALA D 140 41.94 -36.56 -4.31
N ARG D 141 40.64 -36.38 -4.52
CA ARG D 141 40.14 -35.68 -5.70
C ARG D 141 39.82 -34.19 -5.48
N ASP D 142 40.35 -33.61 -4.39
CA ASP D 142 40.32 -32.16 -4.12
C ASP D 142 38.91 -31.55 -3.99
N ILE D 143 37.97 -32.36 -3.51
CA ILE D 143 36.57 -31.99 -3.49
C ILE D 143 36.30 -30.77 -2.61
N PRO D 144 36.93 -30.67 -1.43
CA PRO D 144 36.69 -29.47 -0.62
C PRO D 144 37.10 -28.16 -1.30
N THR D 145 38.11 -28.22 -2.16
CA THR D 145 38.50 -27.07 -2.98
C THR D 145 37.36 -26.68 -3.92
N PHE D 146 36.76 -27.67 -4.58
CA PHE D 146 35.68 -27.39 -5.53
C PHE D 146 34.43 -26.90 -4.84
N GLU D 147 34.17 -27.41 -3.65
CA GLU D 147 33.03 -26.97 -2.87
C GLU D 147 33.19 -25.53 -2.41
N ARG D 148 34.39 -25.17 -1.96
CA ARG D 148 34.69 -23.79 -1.57
C ARG D 148 34.48 -22.86 -2.77
N ALA D 149 35.06 -23.24 -3.91
CA ALA D 149 34.92 -22.49 -5.14
C ALA D 149 33.44 -22.37 -5.60
N GLN D 150 32.70 -23.47 -5.50
CA GLN D 150 31.29 -23.46 -5.91
C GLN D 150 30.49 -22.48 -5.09
N ARG D 151 30.79 -22.40 -3.79
CA ARG D 151 30.09 -21.49 -2.89
C ARG D 151 30.30 -20.02 -3.27
N GLU D 152 31.46 -19.73 -3.86
CA GLU D 152 31.78 -18.41 -4.38
C GLU D 152 31.24 -18.09 -5.80
N GLY D 153 30.85 -19.13 -6.53
CA GLY D 153 30.48 -19.03 -7.95
C GLY D 153 31.69 -18.99 -8.87
N ARG D 154 32.76 -19.68 -8.47
CA ARG D 154 34.01 -19.66 -9.19
C ARG D 154 34.35 -21.03 -9.82
N TRP D 155 34.58 -21.01 -11.11
CA TRP D 155 35.11 -22.15 -11.84
C TRP D 155 36.62 -22.12 -11.78
N HIS D 156 37.22 -23.09 -11.10
CA HIS D 156 38.68 -23.19 -11.04
C HIS D 156 39.19 -24.61 -11.17
N TYR D 157 39.78 -24.89 -12.32
CA TYR D 157 40.32 -26.21 -12.63
C TYR D 157 41.55 -26.49 -11.75
N VAL D 158 41.60 -27.68 -11.19
CA VAL D 158 42.78 -28.16 -10.46
C VAL D 158 43.12 -29.49 -11.09
N HIS D 159 44.34 -29.64 -11.57
CA HIS D 159 44.73 -30.84 -12.30
C HIS D 159 44.65 -32.08 -11.39
N PRO D 160 43.90 -33.09 -11.76
CA PRO D 160 43.79 -34.34 -11.02
C PRO D 160 45.05 -35.13 -10.90
N ARG D 161 45.17 -35.93 -9.86
CA ARG D 161 46.34 -36.78 -9.62
C ARG D 161 45.88 -38.21 -9.65
N THR D 162 46.69 -39.13 -10.17
CA THR D 162 46.31 -40.55 -10.07
C THR D 162 46.47 -41.06 -8.67
N ALA D 163 45.70 -42.07 -8.35
CA ALA D 163 45.74 -42.73 -7.06
C ALA D 163 47.14 -43.22 -6.69
N ALA D 164 47.89 -43.69 -7.69
CA ALA D 164 49.25 -44.23 -7.48
C ALA D 164 50.24 -43.20 -6.94
N GLU D 165 49.97 -41.93 -7.20
CA GLU D 165 50.79 -40.83 -6.69
C GLU D 165 50.57 -40.53 -5.21
N ILE D 166 49.47 -41.02 -4.65
CA ILE D 166 49.01 -40.61 -3.33
C ILE D 166 49.19 -41.74 -2.32
N ARG D 167 49.92 -41.45 -1.23
CA ARG D 167 50.14 -42.44 -0.20
C ARG D 167 49.09 -42.27 0.89
N VAL D 168 48.46 -43.39 1.25
CA VAL D 168 47.38 -43.40 2.21
C VAL D 168 47.76 -44.36 3.32
N GLY D 169 47.74 -43.87 4.56
CA GLY D 169 48.07 -44.69 5.73
C GLY D 169 46.85 -45.00 6.57
N VAL D 170 46.70 -46.27 6.95
CA VAL D 170 45.64 -46.70 7.84
C VAL D 170 46.23 -47.11 9.19
N LEU D 171 45.83 -46.39 10.25
CA LEU D 171 46.21 -46.75 11.62
C LEU D 171 45.24 -47.78 12.16
N GLY D 172 45.70 -49.01 12.30
CA GLY D 172 44.89 -50.14 12.73
C GLY D 172 44.60 -51.03 11.53
N LEU D 173 44.89 -52.31 11.64
CA LEU D 173 44.65 -53.27 10.56
C LEU D 173 43.84 -54.46 11.05
N GLY D 174 42.76 -54.16 11.78
CA GLY D 174 41.88 -55.19 12.32
C GLY D 174 40.80 -55.59 11.33
N ASP D 175 39.68 -56.09 11.83
CA ASP D 175 38.54 -56.47 10.98
C ASP D 175 38.12 -55.33 10.05
N LEU D 176 38.07 -54.10 10.58
CA LEU D 176 37.70 -52.93 9.79
C LEU D 176 38.89 -52.32 9.07
N GLY D 177 39.97 -52.12 9.80
CA GLY D 177 41.17 -51.49 9.24
C GLY D 177 41.79 -52.24 8.06
N ALA D 178 41.93 -53.55 8.19
CA ALA D 178 42.47 -54.36 7.09
C ALA D 178 41.56 -54.34 5.87
N ALA D 179 40.25 -54.44 6.09
CA ALA D 179 39.28 -54.38 4.99
C ALA D 179 39.35 -53.05 4.25
N ALA D 180 39.48 -51.96 5.00
CA ALA D 180 39.60 -50.63 4.40
C ALA D 180 40.90 -50.48 3.63
N ALA D 181 42.00 -50.92 4.22
CA ALA D 181 43.31 -50.86 3.56
C ALA D 181 43.31 -51.64 2.25
N LEU D 182 42.77 -52.85 2.27
CA LEU D 182 42.67 -53.69 1.05
C LEU D 182 41.82 -53.06 -0.04
N GLU D 183 40.72 -52.43 0.35
CA GLU D 183 39.86 -51.72 -0.60
C GLU D 183 40.60 -50.50 -1.19
N LEU D 184 41.30 -49.75 -0.36
CA LEU D 184 42.07 -48.61 -0.85
C LEU D 184 43.11 -49.06 -1.87
N ALA D 185 43.75 -50.20 -1.60
CA ALA D 185 44.72 -50.75 -2.51
C ALA D 185 44.13 -51.11 -3.88
N ARG D 186 42.89 -51.59 -3.91
CA ARG D 186 42.20 -51.91 -5.17
C ARG D 186 42.01 -50.71 -6.07
N HIS D 187 41.88 -49.53 -5.46
CA HIS D 187 41.73 -48.27 -6.21
C HIS D 187 43.05 -47.61 -6.63
N GLY D 188 44.16 -48.29 -6.40
CA GLY D 188 45.46 -47.87 -6.93
C GLY D 188 46.29 -46.99 -6.02
N PHE D 189 45.80 -46.68 -4.82
CA PHE D 189 46.57 -45.89 -3.85
C PHE D 189 47.80 -46.65 -3.38
N ASP D 190 48.84 -45.91 -2.99
CA ASP D 190 50.02 -46.51 -2.38
C ASP D 190 49.70 -46.60 -0.88
N VAL D 191 49.20 -47.77 -0.47
CA VAL D 191 48.57 -47.93 0.82
C VAL D 191 49.57 -48.51 1.82
N ARG D 192 49.59 -47.92 3.02
CA ARG D 192 50.36 -48.45 4.12
C ARG D 192 49.45 -48.61 5.32
N GLY D 193 49.85 -49.50 6.23
CA GLY D 193 49.11 -49.81 7.42
C GLY D 193 50.02 -49.94 8.62
N TRP D 194 49.46 -49.64 9.80
CA TRP D 194 50.18 -49.71 11.07
C TRP D 194 49.34 -50.52 12.07
N SER D 195 50.00 -51.47 12.74
CA SER D 195 49.38 -52.27 13.77
C SER D 195 50.34 -52.49 14.94
N ARG D 196 49.86 -53.19 15.96
CA ARG D 196 50.65 -53.43 17.17
C ARG D 196 51.70 -54.52 16.92
N THR D 197 51.28 -55.58 16.21
CA THR D 197 52.10 -56.73 15.91
C THR D 197 52.20 -56.86 14.39
N GLU D 202 48.99 -58.36 2.04
CA GLU D 202 48.30 -58.28 0.74
C GLU D 202 48.92 -57.17 -0.12
N GLY D 203 48.12 -56.20 -0.55
CA GLY D 203 48.64 -55.11 -1.38
C GLY D 203 49.22 -53.97 -0.62
N VAL D 204 49.58 -54.11 0.65
CA VAL D 204 49.70 -53.01 1.62
C VAL D 204 51.08 -53.06 2.28
N SER D 205 51.71 -51.89 2.39
CA SER D 205 52.98 -51.74 3.11
C SER D 205 52.73 -51.72 4.61
N CYS D 206 53.05 -52.82 5.29
CA CYS D 206 52.75 -52.97 6.71
C CYS D 206 53.92 -52.55 7.63
N PHE D 207 53.59 -51.65 8.57
CA PHE D 207 54.48 -51.18 9.62
C PHE D 207 53.91 -51.68 10.94
N HIS D 208 54.78 -51.80 11.95
CA HIS D 208 54.19 -52.30 13.25
C HIS D 208 55.07 -51.76 14.40
N GLY D 209 54.42 -51.52 15.54
CA GLY D 209 55.11 -51.14 16.74
C GLY D 209 55.29 -49.63 16.84
N LEU D 210 55.47 -49.18 18.06
CA LEU D 210 55.53 -47.76 18.38
C LEU D 210 56.77 -47.05 17.79
N GLU D 211 57.87 -47.80 17.69
CA GLU D 211 59.11 -47.27 17.11
C GLU D 211 58.97 -46.92 15.62
N ALA D 212 58.14 -47.68 14.91
CA ALA D 212 57.89 -47.45 13.48
C ALA D 212 56.85 -46.37 13.18
N LEU D 213 56.13 -45.88 14.20
CA LEU D 213 55.03 -44.95 13.98
C LEU D 213 55.43 -43.61 13.34
N PRO D 214 56.54 -42.97 13.80
CA PRO D 214 56.92 -41.72 13.12
C PRO D 214 57.16 -41.88 11.61
N GLY D 215 57.90 -42.92 11.22
CA GLY D 215 58.14 -43.21 9.81
C GLY D 215 56.89 -43.56 9.01
N PHE D 216 55.97 -44.30 9.65
CA PHE D 216 54.68 -44.59 9.05
C PHE D 216 53.94 -43.31 8.74
N LEU D 217 53.85 -42.43 9.74
CA LEU D 217 53.15 -41.15 9.59
C LEU D 217 53.84 -40.22 8.58
N ALA D 218 55.17 -40.18 8.60
CA ALA D 218 55.94 -39.31 7.70
C ALA D 218 55.63 -39.51 6.21
N GLY D 219 55.29 -40.75 5.82
CA GLY D 219 54.92 -41.04 4.45
C GLY D 219 53.44 -41.03 4.12
N SER D 220 52.58 -40.67 5.08
CA SER D 220 51.14 -40.74 4.91
C SER D 220 50.56 -39.37 4.53
N GLU D 221 50.33 -39.15 3.23
CA GLU D 221 49.71 -37.90 2.78
C GLU D 221 48.26 -37.83 3.25
N ILE D 222 47.57 -38.96 3.17
CA ILE D 222 46.24 -39.09 3.74
C ILE D 222 46.35 -40.15 4.83
N VAL D 223 45.78 -39.88 5.99
CA VAL D 223 45.84 -40.83 7.09
C VAL D 223 44.43 -41.09 7.62
N VAL D 224 44.17 -42.36 7.95
CA VAL D 224 42.88 -42.83 8.43
C VAL D 224 43.06 -43.50 9.78
N VAL D 225 42.41 -42.97 10.81
CA VAL D 225 42.48 -43.54 12.17
C VAL D 225 41.41 -44.61 12.29
N MET D 226 41.84 -45.85 12.50
CA MET D 226 40.95 -47.02 12.66
C MET D 226 41.38 -47.87 13.87
N LEU D 227 41.82 -47.19 14.93
CA LEU D 227 42.30 -47.83 16.15
C LEU D 227 41.21 -47.92 17.20
N PRO D 228 41.17 -49.00 17.97
CA PRO D 228 40.31 -48.99 19.15
C PRO D 228 40.88 -48.04 20.19
N LEU D 229 39.99 -47.57 21.07
CA LEU D 229 40.40 -46.71 22.17
C LEU D 229 40.84 -47.58 23.33
N THR D 230 42.10 -47.46 23.71
CA THR D 230 42.70 -48.16 24.86
C THR D 230 43.58 -47.18 25.61
N PRO D 231 44.10 -47.56 26.78
CA PRO D 231 45.02 -46.67 27.46
C PRO D 231 46.25 -46.34 26.61
N GLU D 232 46.73 -47.32 25.85
CA GLU D 232 47.86 -47.09 24.95
C GLU D 232 47.56 -46.13 23.80
N THR D 233 46.36 -46.24 23.24
CA THR D 233 45.94 -45.43 22.11
C THR D 233 45.36 -44.07 22.45
N ARG D 234 44.93 -43.88 23.69
CA ARG D 234 44.30 -42.62 24.09
C ARG D 234 45.30 -41.48 23.96
N GLY D 235 44.94 -40.47 23.19
CA GLY D 235 45.83 -39.34 22.93
C GLY D 235 47.08 -39.68 22.12
N LEU D 236 47.05 -40.79 21.38
CA LEU D 236 48.19 -41.22 20.56
C LEU D 236 48.53 -40.15 19.52
N MET D 237 47.50 -39.66 18.83
CA MET D 237 47.67 -38.59 17.83
C MET D 237 47.61 -37.23 18.53
N ASN D 238 48.70 -36.96 19.25
CA ASN D 238 48.90 -35.71 19.98
C ASN D 238 49.71 -34.75 19.08
N ALA D 239 50.08 -33.59 19.60
CA ALA D 239 50.84 -32.60 18.83
C ALA D 239 52.08 -33.20 18.14
N GLU D 240 52.83 -33.98 18.91
CA GLU D 240 54.05 -34.63 18.41
C GLU D 240 53.80 -35.60 17.25
N ARG D 241 52.78 -36.45 17.38
CA ARG D 241 52.45 -37.41 16.32
C ARG D 241 51.90 -36.71 15.09
N LEU D 242 51.05 -35.70 15.28
CA LEU D 242 50.52 -34.92 14.16
C LEU D 242 51.67 -34.23 13.40
N ALA D 243 52.69 -33.79 14.12
CA ALA D 243 53.87 -33.15 13.51
C ALA D 243 54.70 -34.08 12.63
N HIS D 244 54.60 -35.39 12.86
CA HIS D 244 55.26 -36.38 11.99
C HIS D 244 54.57 -36.53 10.63
N LEU D 245 53.29 -36.20 10.53
CA LEU D 245 52.62 -36.22 9.22
C LEU D 245 53.25 -35.13 8.34
N PRO D 246 53.27 -35.36 7.01
CA PRO D 246 53.78 -34.32 6.13
C PRO D 246 52.86 -33.11 6.11
N ARG D 247 53.43 -31.92 5.91
CA ARG D 247 52.63 -30.70 5.82
C ARG D 247 51.63 -30.86 4.68
N GLY D 248 50.40 -30.42 4.93
CA GLY D 248 49.32 -30.54 3.95
C GLY D 248 48.60 -31.88 3.98
N ALA D 249 48.85 -32.68 5.01
CA ALA D 249 48.21 -33.99 5.13
C ALA D 249 46.69 -33.86 5.29
N LYS D 250 45.99 -34.91 4.88
CA LYS D 250 44.55 -34.99 5.02
C LYS D 250 44.26 -36.04 6.10
N PHE D 251 43.44 -35.65 7.08
CA PHE D 251 43.30 -36.42 8.31
C PHE D 251 41.88 -36.93 8.48
N ILE D 252 41.75 -38.26 8.56
CA ILE D 252 40.42 -38.89 8.67
C ILE D 252 40.36 -39.68 9.97
N ASN D 253 39.35 -39.41 10.79
CA ASN D 253 39.12 -40.20 12.00
C ASN D 253 37.75 -40.84 11.97
N VAL D 254 37.73 -42.17 11.88
CA VAL D 254 36.50 -42.98 11.94
C VAL D 254 36.58 -44.01 13.06
N ALA D 255 37.42 -43.75 14.05
CA ALA D 255 37.70 -44.72 15.11
C ALA D 255 37.03 -44.28 16.41
N ARG D 256 37.76 -43.60 17.27
CA ARG D 256 37.24 -43.01 18.49
C ARG D 256 37.91 -41.66 18.64
N GLY D 257 37.12 -40.68 19.08
CA GLY D 257 37.59 -39.31 19.18
C GLY D 257 38.83 -39.13 20.05
N PRO D 258 38.84 -39.74 21.26
CA PRO D 258 39.97 -39.53 22.18
C PRO D 258 41.31 -40.17 21.76
N VAL D 259 41.33 -40.93 20.66
CA VAL D 259 42.60 -41.38 20.08
C VAL D 259 43.41 -40.16 19.58
N VAL D 260 42.69 -39.10 19.23
CA VAL D 260 43.25 -37.85 18.76
C VAL D 260 43.13 -36.79 19.85
N ASP D 261 44.20 -36.03 20.05
CA ASP D 261 44.17 -34.83 20.90
C ASP D 261 43.47 -33.75 20.08
N GLU D 262 42.21 -33.48 20.40
CA GLU D 262 41.35 -32.65 19.56
C GLU D 262 41.84 -31.20 19.47
N ALA D 263 42.28 -30.66 20.60
CA ALA D 263 42.88 -29.33 20.68
C ALA D 263 44.14 -29.23 19.79
N ALA D 264 44.95 -30.28 19.81
CA ALA D 264 46.15 -30.35 18.97
C ALA D 264 45.80 -30.46 17.48
N LEU D 265 44.76 -31.22 17.15
CA LEU D 265 44.29 -31.29 15.76
C LEU D 265 43.82 -29.91 15.28
N ILE D 266 43.02 -29.22 16.11
CA ILE D 266 42.55 -27.88 15.81
C ILE D 266 43.72 -26.92 15.53
N ALA D 267 44.73 -26.93 16.41
CA ALA D 267 45.92 -26.10 16.21
C ALA D 267 46.65 -26.43 14.91
N ALA D 268 46.75 -27.71 14.58
CA ALA D 268 47.42 -28.16 13.36
C ALA D 268 46.62 -27.79 12.10
N LEU D 269 45.29 -27.82 12.21
CA LEU D 269 44.43 -27.31 11.13
C LEU D 269 44.64 -25.80 10.96
N ARG D 270 44.65 -25.07 12.07
CA ARG D 270 44.82 -23.61 12.03
C ARG D 270 46.16 -23.14 11.47
N SER D 271 47.23 -23.89 11.75
CA SER D 271 48.56 -23.56 11.23
C SER D 271 48.79 -24.05 9.80
N GLY D 272 47.83 -24.80 9.26
CA GLY D 272 47.96 -25.37 7.92
C GLY D 272 48.80 -26.64 7.83
N HIS D 273 49.29 -27.15 8.97
CA HIS D 273 50.03 -28.41 8.94
C HIS D 273 49.15 -29.57 8.46
N ILE D 274 47.91 -29.60 8.95
CA ILE D 274 46.86 -30.48 8.39
C ILE D 274 46.01 -29.60 7.48
N ALA D 275 45.93 -29.97 6.20
CA ALA D 275 45.18 -29.17 5.22
C ALA D 275 43.66 -29.31 5.39
N GLU D 276 43.22 -30.55 5.57
CA GLU D 276 41.81 -30.89 5.60
C GLU D 276 41.60 -32.07 6.52
N ALA D 277 40.37 -32.21 7.01
CA ALA D 277 40.01 -33.35 7.83
C ALA D 277 38.58 -33.81 7.59
N THR D 278 38.36 -35.11 7.81
CA THR D 278 37.03 -35.69 7.87
C THR D 278 36.94 -36.42 9.21
N LEU D 279 35.98 -36.00 10.04
CA LEU D 279 35.89 -36.46 11.41
C LEU D 279 34.48 -36.97 11.68
N ASP D 280 34.40 -38.27 11.98
CA ASP D 280 33.16 -38.94 12.33
C ASP D 280 33.04 -39.11 13.85
N VAL D 281 34.12 -38.90 14.58
CA VAL D 281 34.15 -39.12 16.04
C VAL D 281 34.96 -38.02 16.71
N PHE D 282 34.64 -37.75 17.98
CA PHE D 282 35.17 -36.60 18.70
C PHE D 282 35.37 -36.92 20.19
N GLU D 283 36.20 -36.13 20.86
CA GLU D 283 36.47 -36.35 22.29
C GLU D 283 35.17 -36.32 23.09
N VAL D 284 34.36 -35.29 22.85
CA VAL D 284 33.01 -35.20 23.41
C VAL D 284 32.03 -35.29 22.24
N GLU D 285 31.08 -36.22 22.34
CA GLU D 285 30.01 -36.40 21.37
C GLU D 285 28.67 -36.22 22.09
N PRO D 286 27.75 -35.43 21.54
CA PRO D 286 27.94 -34.69 20.28
C PRO D 286 28.96 -33.56 20.42
N LEU D 287 29.62 -33.25 19.31
CA LEU D 287 30.57 -32.15 19.24
C LEU D 287 29.92 -30.86 19.76
N PRO D 288 30.47 -30.30 20.87
CA PRO D 288 29.85 -29.10 21.46
C PRO D 288 29.71 -27.96 20.45
N VAL D 289 28.63 -27.19 20.58
CA VAL D 289 28.34 -26.11 19.63
C VAL D 289 29.47 -25.09 19.53
N GLY D 290 30.19 -24.88 20.64
CA GLY D 290 31.33 -23.98 20.65
C GLY D 290 32.60 -24.45 19.96
N SER D 291 32.66 -25.72 19.51
CA SER D 291 33.87 -26.23 18.86
C SER D 291 34.24 -25.45 17.61
N PRO D 292 35.52 -25.04 17.47
CA PRO D 292 35.98 -24.42 16.23
C PRO D 292 35.84 -25.29 14.96
N LEU D 293 35.70 -26.61 15.12
CA LEU D 293 35.59 -27.52 13.99
C LEU D 293 34.34 -27.32 13.13
N TRP D 294 33.23 -26.89 13.75
CA TRP D 294 31.97 -26.74 13.02
C TRP D 294 32.10 -25.82 11.82
N ALA D 295 32.67 -24.63 12.04
CA ALA D 295 32.71 -23.57 11.02
C ALA D 295 33.88 -23.67 10.01
N MET D 296 34.76 -24.65 10.17
CA MET D 296 35.88 -24.86 9.26
C MET D 296 35.41 -25.54 7.98
N ASP D 297 35.56 -24.85 6.85
CA ASP D 297 35.10 -25.40 5.56
C ASP D 297 36.05 -26.47 5.00
N ASN D 298 37.23 -26.61 5.62
CA ASN D 298 38.16 -27.70 5.32
C ASN D 298 38.01 -28.90 6.25
N VAL D 299 36.94 -28.92 7.06
CA VAL D 299 36.60 -30.06 7.92
C VAL D 299 35.21 -30.53 7.58
N LEU D 300 35.06 -31.84 7.43
CA LEU D 300 33.75 -32.47 7.26
C LEU D 300 33.43 -33.19 8.56
N VAL D 301 32.30 -32.83 9.17
CA VAL D 301 31.81 -33.45 10.41
C VAL D 301 30.67 -34.39 10.07
N THR D 302 30.81 -35.65 10.46
CA THR D 302 29.71 -36.60 10.40
C THR D 302 29.41 -37.08 11.81
N PRO D 303 28.13 -37.35 12.14
CA PRO D 303 27.75 -37.56 13.54
C PRO D 303 27.87 -39.00 14.03
N HIS D 304 29.08 -39.54 13.98
CA HIS D 304 29.39 -40.91 14.45
C HIS D 304 28.44 -41.95 13.83
N LEU D 305 28.62 -42.16 12.53
CA LEU D 305 27.83 -43.17 11.82
C LEU D 305 28.56 -43.80 10.63
N ALA D 306 29.88 -43.88 10.71
CA ALA D 306 30.69 -44.42 9.62
C ALA D 306 30.19 -45.80 9.19
N SER D 307 29.92 -46.65 10.18
CA SER D 307 29.37 -47.97 9.93
C SER D 307 28.47 -48.40 11.08
N ILE D 308 27.51 -49.26 10.79
CA ILE D 308 26.60 -49.82 11.80
C ILE D 308 26.35 -51.29 11.57
N ALA D 309 25.98 -51.98 12.65
CA ALA D 309 25.54 -53.36 12.56
C ALA D 309 24.08 -53.36 12.12
N ILE D 310 23.74 -54.30 11.24
CA ILE D 310 22.37 -54.48 10.78
C ILE D 310 21.85 -55.80 11.38
N PRO D 311 20.69 -55.78 12.07
CA PRO D 311 20.18 -56.96 12.74
C PRO D 311 20.24 -58.25 11.91
N ARG D 312 19.68 -58.21 10.70
CA ARG D 312 19.56 -59.38 9.84
C ARG D 312 20.90 -60.06 9.55
N THR D 313 21.92 -59.26 9.24
CA THR D 313 23.25 -59.79 8.93
C THR D 313 24.18 -59.92 10.14
N ALA D 314 23.87 -59.24 11.25
CA ALA D 314 24.63 -59.39 12.50
C ALA D 314 24.20 -60.62 13.32
N ALA D 315 22.92 -60.98 13.22
CA ALA D 315 22.35 -62.07 14.01
C ALA D 315 23.04 -63.44 13.90
N PRO D 316 23.46 -63.87 12.69
CA PRO D 316 24.06 -65.18 12.56
C PRO D 316 25.28 -65.44 13.47
N GLN D 317 26.19 -64.49 13.55
CA GLN D 317 27.35 -64.65 14.42
C GLN D 317 26.96 -64.67 15.91
N ILE D 318 25.91 -63.96 16.27
CA ILE D 318 25.41 -63.97 17.64
C ILE D 318 24.87 -65.36 17.99
N VAL D 319 24.03 -65.92 17.13
CA VAL D 319 23.45 -67.24 17.42
C VAL D 319 24.53 -68.34 17.33
N GLU D 320 25.53 -68.15 16.47
CA GLU D 320 26.67 -69.06 16.41
C GLU D 320 27.47 -69.06 17.73
N ASN D 321 27.63 -67.88 18.34
CA ASN D 321 28.30 -67.78 19.65
C ASN D 321 27.47 -68.36 20.78
N ILE D 322 26.15 -68.24 20.70
CA ILE D 322 25.25 -68.95 21.61
C ILE D 322 25.48 -70.47 21.51
N ARG D 323 25.51 -71.00 20.29
CA ARG D 323 25.78 -72.42 20.07
C ARG D 323 27.14 -72.84 20.67
N ARG D 324 28.17 -72.06 20.39
CA ARG D 324 29.53 -72.32 20.88
C ARG D 324 29.66 -72.30 22.41
N ILE D 325 29.03 -71.32 23.05
CA ILE D 325 29.09 -71.21 24.52
C ILE D 325 28.43 -72.43 25.18
N GLU D 326 27.33 -72.92 24.60
CA GLU D 326 26.66 -74.13 25.11
C GLU D 326 27.40 -75.43 24.80
N ALA D 327 28.11 -75.47 23.68
CA ALA D 327 28.93 -76.63 23.30
C ALA D 327 30.33 -76.64 23.95
N GLY D 328 30.70 -75.56 24.63
CA GLY D 328 32.03 -75.43 25.23
C GLY D 328 33.12 -75.11 24.22
N GLU D 329 32.74 -74.54 23.07
CA GLU D 329 33.71 -74.10 22.06
C GLU D 329 34.06 -72.63 22.31
N PRO D 330 35.31 -72.23 21.98
CA PRO D 330 35.64 -70.81 22.07
C PRO D 330 34.81 -69.93 21.15
N VAL D 331 34.44 -68.75 21.62
CA VAL D 331 33.55 -67.85 20.88
C VAL D 331 34.33 -67.01 19.86
N LEU D 332 33.60 -66.59 18.83
CA LEU D 332 34.10 -65.67 17.82
C LEU D 332 34.05 -64.24 18.32
N ASN D 333 34.98 -63.42 17.82
CA ASN D 333 35.04 -61.98 18.08
C ASN D 333 35.14 -61.63 19.57
N GLN D 334 35.91 -62.42 20.29
CA GLN D 334 36.11 -62.20 21.73
C GLN D 334 37.05 -61.03 21.95
N VAL D 335 36.78 -60.26 22.99
CA VAL D 335 37.63 -59.15 23.42
C VAL D 335 38.62 -59.72 24.44
N ASP D 336 39.86 -59.26 24.33
CA ASP D 336 40.97 -59.79 25.09
C ASP D 336 41.17 -58.86 26.28
N PRO D 337 40.92 -59.33 27.51
CA PRO D 337 41.25 -58.51 28.68
C PRO D 337 42.72 -58.08 28.81
N ARG D 338 43.65 -58.87 28.29
CA ARG D 338 45.09 -58.53 28.33
C ARG D 338 45.42 -57.31 27.47
N ARG D 339 44.86 -57.25 26.27
CA ARG D 339 45.10 -56.16 25.31
C ARG D 339 44.19 -54.97 25.53
N GLY D 340 42.97 -55.21 25.97
CA GLY D 340 41.96 -54.16 26.17
C GLY D 340 41.08 -53.87 24.97
N TYR D 341 41.05 -54.82 24.03
CA TYR D 341 40.26 -54.73 22.82
C TYR D 341 40.22 -56.14 22.19
N SER E 28 0.80 -74.49 -1.85
CA SER E 28 0.97 -73.05 -2.18
C SER E 28 1.88 -72.85 -3.38
N GLY E 29 1.51 -71.89 -4.23
CA GLY E 29 2.36 -71.43 -5.34
C GLY E 29 3.22 -70.27 -4.86
N ALA E 30 3.81 -69.55 -5.81
CA ALA E 30 4.70 -68.42 -5.49
C ALA E 30 3.93 -67.09 -5.46
N LEU E 31 4.39 -66.18 -4.60
CA LEU E 31 3.93 -64.81 -4.59
C LEU E 31 4.98 -63.94 -5.28
N VAL E 32 4.51 -63.11 -6.21
CA VAL E 32 5.34 -62.09 -6.84
C VAL E 32 5.04 -60.75 -6.19
N PHE E 33 6.09 -59.98 -5.96
CA PHE E 33 6.02 -58.66 -5.33
C PHE E 33 6.48 -57.61 -6.33
N TYR E 34 5.71 -56.54 -6.51
CA TYR E 34 6.16 -55.40 -7.31
C TYR E 34 5.83 -54.10 -6.58
N SER E 35 6.87 -53.31 -6.34
CA SER E 35 6.72 -51.91 -5.93
C SER E 35 8.03 -51.17 -6.12
N ALA E 36 7.97 -50.00 -6.75
CA ALA E 36 9.12 -49.10 -6.85
C ALA E 36 9.32 -48.29 -5.55
N VAL E 37 8.32 -48.28 -4.66
CA VAL E 37 8.33 -47.42 -3.49
C VAL E 37 8.22 -48.17 -2.15
N ASP E 38 8.29 -49.49 -2.18
CA ASP E 38 8.30 -50.32 -0.98
C ASP E 38 9.50 -51.23 -1.07
N ILE E 39 10.09 -51.55 0.08
CA ILE E 39 11.28 -52.39 0.17
C ILE E 39 10.82 -53.86 0.11
N GLY E 40 11.08 -54.49 -1.02
CA GLY E 40 10.72 -55.89 -1.22
C GLY E 40 11.19 -56.82 -0.12
N GLN E 41 12.44 -56.65 0.30
CA GLN E 41 13.02 -57.51 1.33
C GLN E 41 12.26 -57.48 2.65
N ASP E 42 11.77 -56.31 3.06
CA ASP E 42 10.98 -56.19 4.30
C ASP E 42 9.66 -56.97 4.21
N TRP E 43 9.00 -56.87 3.05
CA TRP E 43 7.77 -57.60 2.80
C TRP E 43 8.03 -59.09 2.69
N LYS E 44 9.09 -59.47 1.98
CA LYS E 44 9.50 -60.87 1.88
C LYS E 44 9.78 -61.49 3.25
N SER E 45 10.56 -60.81 4.08
CA SER E 45 10.89 -61.30 5.43
C SER E 45 9.64 -61.49 6.28
N ALA E 46 8.74 -60.51 6.25
CA ALA E 46 7.51 -60.57 7.03
C ALA E 46 6.57 -61.69 6.55
N LEU E 47 6.43 -61.85 5.24
CA LEU E 47 5.59 -62.91 4.67
C LEU E 47 6.12 -64.31 5.01
N GLN E 48 7.44 -64.48 4.93
CA GLN E 48 8.07 -65.76 5.24
C GLN E 48 8.01 -66.08 6.74
N ALA E 49 8.01 -65.07 7.59
CA ALA E 49 7.78 -65.28 9.02
C ALA E 49 6.34 -65.73 9.32
N ALA E 50 5.37 -65.15 8.61
CA ALA E 50 3.96 -65.54 8.77
C ALA E 50 3.64 -66.87 8.07
N HIS E 51 4.38 -67.19 7.01
CA HIS E 51 4.20 -68.43 6.23
C HIS E 51 5.57 -69.00 5.88
N PRO E 52 6.20 -69.76 6.81
CA PRO E 52 7.51 -70.37 6.56
C PRO E 52 7.59 -71.11 5.23
N GLY E 53 8.65 -70.82 4.48
CA GLY E 53 8.87 -71.47 3.19
C GLY E 53 8.08 -70.92 2.00
N LEU E 54 7.31 -69.84 2.20
CA LEU E 54 6.57 -69.23 1.09
C LEU E 54 7.56 -68.74 0.04
N ASP E 55 7.34 -69.16 -1.20
CA ASP E 55 8.15 -68.75 -2.33
C ASP E 55 7.75 -67.32 -2.70
N VAL E 56 8.62 -66.36 -2.37
CA VAL E 56 8.39 -64.93 -2.64
C VAL E 56 9.42 -64.43 -3.65
N ARG E 57 8.94 -63.84 -4.74
CA ARG E 57 9.80 -63.36 -5.83
C ARG E 57 9.61 -61.86 -6.00
N ILE E 58 10.72 -61.13 -5.88
CA ILE E 58 10.70 -59.68 -5.96
C ILE E 58 10.93 -59.30 -7.41
N ALA E 59 9.91 -58.72 -8.04
CA ALA E 59 10.03 -58.26 -9.41
C ALA E 59 10.84 -56.97 -9.43
N ARG E 60 11.52 -56.77 -10.55
CA ARG E 60 12.44 -55.66 -10.73
C ARG E 60 11.70 -54.35 -10.95
N ALA E 61 12.07 -53.32 -10.23
CA ALA E 61 11.42 -52.03 -10.35
C ALA E 61 11.56 -51.47 -11.77
N GLY E 62 10.47 -50.92 -12.30
CA GLY E 62 10.46 -50.31 -13.62
C GLY E 62 9.82 -51.16 -14.70
N ASP E 63 10.41 -52.33 -14.99
CA ASP E 63 9.85 -53.23 -16.01
C ASP E 63 9.19 -54.50 -15.50
N GLY E 64 9.34 -54.78 -14.21
CA GLY E 64 8.69 -55.94 -13.57
C GLY E 64 9.29 -57.29 -13.87
N HIS E 65 10.48 -57.31 -14.46
CA HIS E 65 11.17 -58.55 -14.75
C HIS E 65 11.39 -59.33 -13.45
N VAL E 66 11.16 -60.63 -13.51
CA VAL E 66 11.32 -61.49 -12.36
C VAL E 66 11.90 -62.82 -12.81
N GLU E 67 12.76 -63.40 -11.97
CA GLU E 67 13.38 -64.69 -12.24
C GLU E 67 12.43 -65.82 -11.81
N GLY E 68 12.69 -67.00 -12.35
CA GLY E 68 11.90 -68.20 -12.03
C GLY E 68 10.84 -68.47 -13.06
N ASP E 69 10.19 -69.62 -12.92
CA ASP E 69 9.11 -70.03 -13.80
C ASP E 69 7.86 -69.20 -13.50
N PRO E 70 7.40 -68.35 -14.46
CA PRO E 70 6.21 -67.52 -14.21
C PRO E 70 4.90 -68.30 -14.03
N GLU E 71 4.85 -69.55 -14.51
CA GLU E 71 3.68 -70.39 -14.31
C GLU E 71 3.45 -70.82 -12.85
N GLU E 72 4.49 -70.75 -12.02
CA GLU E 72 4.38 -71.05 -10.60
C GLU E 72 3.80 -69.89 -9.77
N VAL E 73 3.71 -68.69 -10.34
CA VAL E 73 3.22 -67.52 -9.63
C VAL E 73 1.68 -67.54 -9.57
N ARG E 74 1.14 -67.61 -8.35
CA ARG E 74 -0.30 -67.61 -8.13
C ARG E 74 -0.85 -66.39 -7.40
N TYR E 75 0.01 -65.61 -6.75
CA TYR E 75 -0.40 -64.43 -5.97
C TYR E 75 0.50 -63.25 -6.35
N ALA E 76 -0.10 -62.07 -6.46
CA ALA E 76 0.64 -60.86 -6.82
C ALA E 76 0.32 -59.77 -5.83
N LEU E 77 1.37 -59.28 -5.15
CA LEU E 77 1.28 -58.20 -4.18
C LEU E 77 1.98 -57.01 -4.83
N VAL E 78 1.21 -55.98 -5.17
CA VAL E 78 1.67 -54.94 -6.10
C VAL E 78 1.28 -53.53 -5.71
N TRP E 79 2.07 -52.58 -6.21
CA TRP E 79 1.72 -51.17 -6.21
C TRP E 79 2.13 -50.60 -7.56
N LYS E 80 1.13 -50.18 -8.34
CA LYS E 80 1.32 -49.55 -9.65
C LYS E 80 2.34 -50.27 -10.52
N PRO E 81 2.11 -51.57 -10.78
CA PRO E 81 3.02 -52.31 -11.64
C PRO E 81 2.94 -51.86 -13.09
N PRO E 82 3.98 -52.14 -13.91
CA PRO E 82 3.98 -51.75 -15.31
C PRO E 82 2.81 -52.31 -16.09
N HIS E 83 2.43 -51.64 -17.18
CA HIS E 83 1.35 -52.14 -18.03
C HIS E 83 1.70 -53.54 -18.53
N GLY E 84 0.73 -54.45 -18.43
CA GLY E 84 0.88 -55.84 -18.86
C GLY E 84 1.52 -56.75 -17.84
N PHE E 85 1.89 -56.24 -16.65
CA PHE E 85 2.59 -57.05 -15.64
C PHE E 85 1.85 -58.35 -15.31
N PHE E 86 0.54 -58.26 -15.11
CA PHE E 86 -0.27 -59.41 -14.70
C PHE E 86 -0.33 -60.52 -15.76
N ALA E 87 -0.28 -60.13 -17.03
CA ALA E 87 -0.29 -61.08 -18.14
C ALA E 87 0.97 -61.97 -18.22
N ARG E 88 2.05 -61.59 -17.53
CA ARG E 88 3.22 -62.47 -17.37
C ARG E 88 2.89 -63.78 -16.64
N PHE E 89 1.86 -63.77 -15.80
CA PHE E 89 1.57 -64.84 -14.86
C PHE E 89 0.21 -65.50 -15.16
N PRO E 90 0.20 -66.51 -16.04
CA PRO E 90 -1.08 -67.04 -16.49
C PRO E 90 -1.89 -67.81 -15.41
N ASN E 91 -1.24 -68.26 -14.33
CA ASN E 91 -1.92 -69.01 -13.25
C ASN E 91 -2.21 -68.17 -12.01
N LEU E 92 -2.26 -66.86 -12.20
CA LEU E 92 -2.55 -65.95 -11.11
C LEU E 92 -3.95 -66.24 -10.57
N LYS E 93 -4.05 -66.40 -9.25
CA LYS E 93 -5.32 -66.65 -8.55
C LYS E 93 -5.79 -65.50 -7.67
N LEU E 94 -4.91 -64.53 -7.39
CA LEU E 94 -5.20 -63.50 -6.40
C LEU E 94 -4.30 -62.28 -6.61
N VAL E 95 -4.91 -61.11 -6.60
CA VAL E 95 -4.17 -59.83 -6.62
C VAL E 95 -4.36 -59.16 -5.26
N ILE E 96 -3.27 -58.59 -4.75
CA ILE E 96 -3.29 -57.84 -3.51
C ILE E 96 -2.62 -56.50 -3.75
N ASN E 97 -3.39 -55.41 -3.57
CA ASN E 97 -2.84 -54.07 -3.70
C ASN E 97 -2.14 -53.70 -2.40
N LEU E 98 -0.97 -53.05 -2.51
CA LEU E 98 -0.21 -52.62 -1.35
C LEU E 98 -0.73 -51.35 -0.65
N GLY E 99 -1.93 -50.92 -0.95
CA GLY E 99 -2.59 -49.84 -0.23
C GLY E 99 -4.00 -50.25 0.15
N ALA E 100 -4.62 -49.44 0.99
CA ALA E 100 -6.02 -49.56 1.30
C ALA E 100 -6.91 -49.07 0.14
N GLY E 101 -6.39 -48.14 -0.66
CA GLY E 101 -7.07 -47.64 -1.86
C GLY E 101 -6.74 -48.50 -3.08
N VAL E 102 -7.71 -48.64 -3.98
CA VAL E 102 -7.53 -49.44 -5.19
C VAL E 102 -7.98 -48.72 -6.46
N ASP E 103 -8.13 -47.39 -6.39
CA ASP E 103 -8.71 -46.63 -7.51
C ASP E 103 -7.87 -46.72 -8.81
N ALA E 104 -6.56 -46.70 -8.70
CA ALA E 104 -5.67 -46.84 -9.87
C ALA E 104 -5.67 -48.29 -10.36
N LEU E 105 -5.57 -49.23 -9.44
CA LEU E 105 -5.60 -50.66 -9.79
C LEU E 105 -6.85 -51.09 -10.58
N VAL E 106 -8.04 -50.70 -10.11
CA VAL E 106 -9.29 -51.11 -10.76
C VAL E 106 -9.56 -50.39 -12.09
N ALA E 107 -8.92 -49.27 -12.34
CA ALA E 107 -9.02 -48.55 -13.62
C ALA E 107 -8.16 -49.16 -14.73
N ARG E 108 -7.32 -50.15 -14.41
CA ARG E 108 -6.42 -50.75 -15.39
C ARG E 108 -7.15 -51.61 -16.41
N ASP E 109 -6.65 -51.59 -17.66
CA ASP E 109 -7.21 -52.41 -18.74
C ASP E 109 -6.69 -53.84 -18.74
N ASP E 110 -5.64 -54.11 -17.98
CA ASP E 110 -4.99 -55.43 -17.96
C ASP E 110 -5.24 -56.25 -16.69
N LEU E 111 -6.23 -55.85 -15.91
CA LEU E 111 -6.55 -56.52 -14.67
C LEU E 111 -7.11 -57.91 -14.95
N PRO E 112 -6.55 -58.94 -14.33
CA PRO E 112 -7.04 -60.30 -14.60
C PRO E 112 -8.34 -60.58 -13.84
N ASP E 113 -9.12 -61.52 -14.34
CA ASP E 113 -10.43 -61.88 -13.76
C ASP E 113 -10.23 -62.86 -12.60
N VAL E 114 -9.68 -62.33 -11.50
CA VAL E 114 -9.50 -63.09 -10.26
C VAL E 114 -9.86 -62.17 -9.10
N PRO E 115 -10.01 -62.71 -7.88
CA PRO E 115 -10.24 -61.84 -6.74
C PRO E 115 -9.14 -60.78 -6.55
N VAL E 116 -9.56 -59.54 -6.37
CA VAL E 116 -8.67 -58.42 -6.11
C VAL E 116 -8.92 -57.99 -4.67
N THR E 117 -7.84 -57.95 -3.89
CA THR E 117 -7.91 -57.57 -2.48
C THR E 117 -7.02 -56.37 -2.21
N ARG E 118 -7.23 -55.78 -1.05
CA ARG E 118 -6.43 -54.66 -0.57
C ARG E 118 -5.90 -55.02 0.80
N LEU E 119 -4.90 -54.29 1.26
CA LEU E 119 -4.43 -54.41 2.64
C LEU E 119 -5.39 -53.62 3.51
N SER E 120 -5.87 -54.23 4.58
CA SER E 120 -6.70 -53.50 5.53
C SER E 120 -6.69 -54.21 6.89
N ASP E 121 -5.66 -53.89 7.69
CA ASP E 121 -5.43 -54.50 9.00
C ASP E 121 -5.68 -53.50 10.16
N PRO E 122 -5.91 -54.00 11.38
CA PRO E 122 -6.14 -53.13 12.55
C PRO E 122 -5.00 -52.16 12.96
N ASN E 123 -3.77 -52.41 12.54
CA ASN E 123 -2.65 -51.50 12.83
C ASN E 123 -2.74 -50.23 11.95
N MET E 124 -3.01 -50.43 10.66
CA MET E 124 -3.29 -49.34 9.72
C MET E 124 -4.48 -48.51 10.18
N SER E 125 -5.52 -49.20 10.60
CA SER E 125 -6.74 -48.62 11.14
C SER E 125 -6.46 -47.69 12.31
N GLN E 126 -5.64 -48.18 13.25
CA GLN E 126 -5.27 -47.43 14.44
CA GLN E 126 -5.27 -47.43 14.44
C GLN E 126 -4.47 -46.18 14.04
N MET E 127 -3.50 -46.36 13.17
CA MET E 127 -2.68 -45.26 12.72
C MET E 127 -3.54 -44.16 12.05
N MET E 128 -4.44 -44.56 11.16
CA MET E 128 -5.34 -43.60 10.51
C MET E 128 -6.25 -42.91 11.53
N ALA E 129 -6.83 -43.70 12.44
CA ALA E 129 -7.72 -43.14 13.45
C ALA E 129 -6.99 -42.12 14.33
N SER E 130 -5.76 -42.42 14.72
CA SER E 130 -4.97 -41.48 15.52
C SER E 130 -4.65 -40.21 14.74
N PHE E 131 -4.31 -40.37 13.47
CA PHE E 131 -4.00 -39.23 12.61
C PHE E 131 -5.23 -38.31 12.42
N VAL E 132 -6.39 -38.91 12.19
CA VAL E 132 -7.62 -38.13 12.07
C VAL E 132 -7.93 -37.40 13.37
N LEU E 133 -7.74 -38.09 14.50
CA LEU E 133 -7.94 -37.46 15.78
C LEU E 133 -7.01 -36.23 15.97
N PHE E 134 -5.73 -36.40 15.61
CA PHE E 134 -4.81 -35.27 15.61
C PHE E 134 -5.34 -34.08 14.77
N CYS E 135 -5.77 -34.37 13.55
CA CYS E 135 -6.28 -33.33 12.63
C CYS E 135 -7.48 -32.57 13.22
N VAL E 136 -8.44 -33.34 13.75
CA VAL E 136 -9.66 -32.77 14.32
C VAL E 136 -9.35 -31.95 15.58
N LEU E 137 -8.56 -32.52 16.48
CA LEU E 137 -8.16 -31.81 17.70
C LEU E 137 -7.40 -30.52 17.38
N ARG E 138 -6.53 -30.58 16.38
CA ARG E 138 -5.77 -29.42 15.99
C ARG E 138 -6.68 -28.25 15.59
N HIS E 139 -7.72 -28.54 14.80
CA HIS E 139 -8.73 -27.52 14.47
C HIS E 139 -9.63 -27.15 15.67
N ALA E 140 -10.09 -28.18 16.39
CA ALA E 140 -11.04 -27.97 17.49
C ALA E 140 -10.44 -27.12 18.63
N ARG E 141 -9.12 -27.25 18.83
CA ARG E 141 -8.43 -26.48 19.87
C ARG E 141 -7.75 -25.19 19.35
N ASP E 142 -8.14 -24.73 18.16
CA ASP E 142 -7.74 -23.42 17.61
C ASP E 142 -6.23 -23.24 17.40
N ILE E 143 -5.55 -24.34 17.11
CA ILE E 143 -4.09 -24.35 17.05
C ILE E 143 -3.54 -23.45 15.93
N PRO E 144 -4.19 -23.41 14.75
CA PRO E 144 -3.67 -22.52 13.72
C PRO E 144 -3.70 -21.03 14.12
N THR E 145 -4.66 -20.65 14.96
CA THR E 145 -4.71 -19.31 15.53
C THR E 145 -3.48 -19.06 16.39
N PHE E 146 -3.12 -20.01 17.24
CA PHE E 146 -1.97 -19.85 18.15
C PHE E 146 -0.66 -19.83 17.39
N GLU E 147 -0.59 -20.63 16.33
CA GLU E 147 0.59 -20.65 15.48
C GLU E 147 0.78 -19.32 14.76
N ARG E 148 -0.30 -18.75 14.23
CA ARG E 148 -0.26 -17.44 13.59
C ARG E 148 0.22 -16.38 14.58
N ALA E 149 -0.39 -16.38 15.76
CA ALA E 149 -0.02 -15.48 16.85
C ALA E 149 1.43 -15.64 17.28
N GLN E 150 1.90 -16.88 17.37
CA GLN E 150 3.28 -17.16 17.77
C GLN E 150 4.27 -16.53 16.79
N ARG E 151 3.96 -16.60 15.50
CA ARG E 151 4.83 -16.02 14.47
C ARG E 151 4.90 -14.49 14.53
N GLU E 152 3.88 -13.87 15.12
CA GLU E 152 3.86 -12.42 15.38
C GLU E 152 4.39 -12.04 16.78
N GLY E 153 4.78 -13.01 17.59
CA GLY E 153 5.24 -12.76 18.96
C GLY E 153 4.14 -12.32 19.90
N ARG E 154 2.91 -12.77 19.63
CA ARG E 154 1.74 -12.29 20.34
C ARG E 154 1.11 -13.40 21.20
N TRP E 155 0.98 -13.12 22.49
CA TRP E 155 0.25 -13.93 23.42
C TRP E 155 -1.20 -13.49 23.40
N HIS E 156 -2.08 -14.38 22.94
CA HIS E 156 -3.50 -14.06 22.91
C HIS E 156 -4.36 -15.25 23.30
N TYR E 157 -4.95 -15.17 24.48
CA TYR E 157 -5.84 -16.18 25.01
C TYR E 157 -7.13 -16.23 24.18
N VAL E 158 -7.55 -17.44 23.82
CA VAL E 158 -8.83 -17.67 23.16
C VAL E 158 -9.49 -18.75 24.01
N HIS E 159 -10.69 -18.48 24.51
CA HIS E 159 -11.36 -19.40 25.41
C HIS E 159 -11.66 -20.72 24.69
N PRO E 160 -11.16 -21.84 25.22
CA PRO E 160 -11.39 -23.13 24.57
C PRO E 160 -12.84 -23.57 24.57
N ARG E 161 -13.21 -24.36 23.57
CA ARG E 161 -14.53 -24.96 23.51
C ARG E 161 -14.44 -26.43 23.88
N THR E 162 -15.46 -26.93 24.58
CA THR E 162 -15.53 -28.37 24.83
C THR E 162 -15.87 -29.13 23.59
N ALA E 163 -15.44 -30.38 23.56
CA ALA E 163 -15.65 -31.25 22.42
C ALA E 163 -17.14 -31.42 22.12
N ALA E 164 -17.98 -31.45 23.15
CA ALA E 164 -19.43 -31.65 22.99
C ALA E 164 -20.11 -30.54 22.20
N GLU E 165 -19.52 -29.35 22.19
CA GLU E 165 -20.02 -28.21 21.42
C GLU E 165 -19.72 -28.31 19.94
N ILE E 166 -18.82 -29.20 19.54
CA ILE E 166 -18.32 -29.26 18.18
C ILE E 166 -18.83 -30.49 17.48
N ARG E 167 -19.48 -30.28 16.33
CA ARG E 167 -19.99 -31.40 15.53
C ARG E 167 -18.96 -31.76 14.50
N VAL E 168 -18.65 -33.05 14.40
CA VAL E 168 -17.62 -33.55 13.50
C VAL E 168 -18.27 -34.59 12.61
N GLY E 169 -18.14 -34.40 11.30
CA GLY E 169 -18.72 -35.31 10.32
C GLY E 169 -17.65 -36.09 9.58
N VAL E 170 -17.84 -37.41 9.49
CA VAL E 170 -16.92 -38.27 8.75
C VAL E 170 -17.64 -38.80 7.49
N LEU E 171 -17.11 -38.45 6.32
CA LEU E 171 -17.60 -38.98 5.05
C LEU E 171 -16.92 -40.30 4.77
N GLY E 172 -17.70 -41.38 4.87
CA GLY E 172 -17.20 -42.74 4.71
C GLY E 172 -17.10 -43.39 6.07
N LEU E 173 -17.72 -44.56 6.23
CA LEU E 173 -17.69 -45.30 7.51
C LEU E 173 -17.23 -46.73 7.29
N GLY E 174 -16.13 -46.87 6.55
CA GLY E 174 -15.55 -48.19 6.27
C GLY E 174 -14.57 -48.61 7.34
N ASP E 175 -13.62 -49.48 6.98
CA ASP E 175 -12.59 -49.94 7.91
C ASP E 175 -11.89 -48.77 8.61
N LEU E 176 -11.56 -47.73 7.85
CA LEU E 176 -10.87 -46.56 8.36
C LEU E 176 -11.85 -45.53 8.91
N GLY E 177 -12.88 -45.21 8.13
CA GLY E 177 -13.84 -44.22 8.52
C GLY E 177 -14.61 -44.52 9.80
N ALA E 178 -15.07 -45.75 9.96
CA ALA E 178 -15.79 -46.14 11.18
C ALA E 178 -14.86 -46.08 12.40
N ALA E 179 -13.61 -46.55 12.24
CA ALA E 179 -12.65 -46.51 13.34
C ALA E 179 -12.37 -45.07 13.78
N ALA E 180 -12.22 -44.17 12.81
CA ALA E 180 -12.00 -42.76 13.11
C ALA E 180 -13.21 -42.13 13.80
N ALA E 181 -14.40 -42.39 13.28
CA ALA E 181 -15.62 -41.86 13.87
C ALA E 181 -15.81 -42.32 15.32
N LEU E 182 -15.57 -43.62 15.57
CA LEU E 182 -15.68 -44.17 16.92
C LEU E 182 -14.66 -43.54 17.90
N GLU E 183 -13.44 -43.30 17.41
CA GLU E 183 -12.43 -42.65 18.23
C GLU E 183 -12.81 -41.20 18.52
N LEU E 184 -13.33 -40.49 17.53
CA LEU E 184 -13.77 -39.11 17.74
C LEU E 184 -14.87 -39.04 18.79
N ALA E 185 -15.77 -40.02 18.75
CA ALA E 185 -16.84 -40.09 19.73
C ALA E 185 -16.32 -40.28 21.15
N ARG E 186 -15.24 -41.04 21.33
CA ARG E 186 -14.63 -41.26 22.65
C ARG E 186 -14.12 -39.97 23.29
N HIS E 187 -13.70 -39.03 22.45
CA HIS E 187 -13.22 -37.72 22.91
C HIS E 187 -14.31 -36.66 23.14
N GLY E 188 -15.58 -37.06 23.02
CA GLY E 188 -16.71 -36.23 23.41
C GLY E 188 -17.30 -35.34 22.32
N PHE E 189 -16.77 -35.46 21.10
CA PHE E 189 -17.34 -34.72 19.96
C PHE E 189 -18.74 -35.24 19.64
N ASP E 190 -19.56 -34.37 19.05
CA ASP E 190 -20.87 -34.77 18.54
C ASP E 190 -20.63 -35.27 17.11
N VAL E 191 -20.46 -36.58 16.99
CA VAL E 191 -19.94 -37.18 15.78
C VAL E 191 -21.08 -37.68 14.88
N ARG E 192 -20.96 -37.38 13.59
CA ARG E 192 -21.88 -37.92 12.59
C ARG E 192 -21.05 -38.57 11.48
N GLY E 193 -21.70 -39.50 10.79
CA GLY E 193 -21.07 -40.24 9.71
C GLY E 193 -22.01 -40.40 8.53
N TRP E 194 -21.43 -40.50 7.33
CA TRP E 194 -22.16 -40.67 6.09
C TRP E 194 -21.59 -41.84 5.30
N SER E 195 -22.48 -42.70 4.81
CA SER E 195 -22.10 -43.83 3.98
C SER E 195 -23.11 -44.03 2.84
N ARG E 196 -22.84 -45.00 1.99
CA ARG E 196 -23.67 -45.26 0.82
C ARG E 196 -24.97 -45.98 1.23
N THR E 197 -24.82 -46.95 2.13
CA THR E 197 -25.92 -47.76 2.63
C THR E 197 -26.03 -47.57 4.15
N PRO E 198 -27.19 -47.93 4.73
CA PRO E 198 -27.38 -47.67 6.16
C PRO E 198 -26.37 -48.39 7.05
N LYS E 199 -25.98 -47.71 8.11
CA LYS E 199 -25.06 -48.23 9.11
C LYS E 199 -25.56 -47.79 10.48
N ALA E 200 -25.33 -48.64 11.47
CA ALA E 200 -25.55 -48.30 12.85
C ALA E 200 -24.17 -48.36 13.49
N LEU E 201 -23.82 -47.32 14.22
CA LEU E 201 -22.50 -47.20 14.78
C LEU E 201 -22.67 -46.50 16.11
N GLU E 202 -22.35 -47.21 17.18
CA GLU E 202 -22.56 -46.75 18.55
C GLU E 202 -21.93 -45.39 18.78
N GLY E 203 -22.72 -44.45 19.28
CA GLY E 203 -22.26 -43.11 19.63
C GLY E 203 -22.08 -42.15 18.46
N VAL E 204 -22.48 -42.58 17.26
CA VAL E 204 -22.34 -41.81 16.05
C VAL E 204 -23.70 -41.67 15.36
N SER E 205 -24.02 -40.44 14.96
CA SER E 205 -25.23 -40.14 14.19
C SER E 205 -25.01 -40.51 12.73
N CYS E 206 -25.60 -41.63 12.30
CA CYS E 206 -25.39 -42.15 10.96
C CYS E 206 -26.41 -41.68 9.92
N PHE E 207 -25.90 -41.11 8.84
CA PHE E 207 -26.66 -40.68 7.67
C PHE E 207 -26.25 -41.57 6.51
N HIS E 208 -27.11 -41.76 5.52
CA HIS E 208 -26.74 -42.51 4.33
C HIS E 208 -27.48 -42.01 3.09
N GLY E 209 -26.84 -42.17 1.95
CA GLY E 209 -27.44 -41.88 0.67
C GLY E 209 -27.24 -40.44 0.26
N LEU E 210 -27.38 -40.21 -1.02
CA LEU E 210 -27.09 -38.91 -1.63
C LEU E 210 -28.08 -37.82 -1.23
N GLU E 211 -29.35 -38.23 -0.98
CA GLU E 211 -30.39 -37.29 -0.56
C GLU E 211 -30.10 -36.71 0.84
N ALA E 212 -29.46 -37.50 1.70
CA ALA E 212 -29.13 -37.04 3.06
C ALA E 212 -27.85 -36.22 3.15
N LEU E 213 -27.07 -36.14 2.07
CA LEU E 213 -25.74 -35.50 2.12
C LEU E 213 -25.78 -34.00 2.45
N PRO E 214 -26.71 -33.22 1.86
CA PRO E 214 -26.75 -31.80 2.25
C PRO E 214 -26.97 -31.58 3.76
N GLY E 215 -27.94 -32.29 4.33
CA GLY E 215 -28.21 -32.22 5.77
C GLY E 215 -27.06 -32.72 6.64
N PHE E 216 -26.39 -33.77 6.20
CA PHE E 216 -25.19 -34.26 6.88
C PHE E 216 -24.13 -33.17 6.94
N LEU E 217 -23.85 -32.57 5.78
CA LEU E 217 -22.85 -31.50 5.68
C LEU E 217 -23.25 -30.24 6.46
N ALA E 218 -24.54 -29.87 6.40
CA ALA E 218 -25.04 -28.66 7.08
C ALA E 218 -24.73 -28.64 8.59
N GLY E 219 -24.71 -29.80 9.22
CA GLY E 219 -24.40 -29.90 10.65
C GLY E 219 -22.94 -30.19 11.00
N SER E 220 -22.05 -30.25 10.01
CA SER E 220 -20.66 -30.65 10.22
C SER E 220 -19.75 -29.43 10.31
N GLU E 221 -19.43 -28.99 11.53
CA GLU E 221 -18.50 -27.88 11.73
C GLU E 221 -17.09 -28.28 11.31
N ILE E 222 -16.71 -29.50 11.62
CA ILE E 222 -15.47 -30.09 11.14
C ILE E 222 -15.88 -31.29 10.30
N VAL E 223 -15.28 -31.43 9.12
CA VAL E 223 -15.61 -32.53 8.24
C VAL E 223 -14.33 -33.25 7.83
N VAL E 224 -14.42 -34.58 7.77
CA VAL E 224 -13.30 -35.44 7.44
C VAL E 224 -13.68 -36.32 6.25
N VAL E 225 -12.93 -36.20 5.15
CA VAL E 225 -13.18 -36.99 3.95
C VAL E 225 -12.41 -38.32 4.09
N MET E 226 -13.16 -39.43 4.13
CA MET E 226 -12.59 -40.77 4.25
C MET E 226 -13.25 -41.72 3.24
N LEU E 227 -13.54 -41.20 2.05
CA LEU E 227 -14.18 -41.95 0.98
C LEU E 227 -13.17 -42.53 0.01
N PRO E 228 -13.42 -43.74 -0.51
CA PRO E 228 -12.59 -44.19 -1.64
C PRO E 228 -12.95 -43.37 -2.87
N LEU E 229 -12.01 -43.31 -3.81
CA LEU E 229 -12.22 -42.62 -5.07
C LEU E 229 -12.84 -43.61 -6.03
N THR E 230 -14.06 -43.27 -6.48
CA THR E 230 -14.81 -44.04 -7.47
C THR E 230 -15.46 -43.04 -8.42
N PRO E 231 -16.08 -43.53 -9.50
CA PRO E 231 -16.79 -42.60 -10.37
C PRO E 231 -17.88 -41.84 -9.61
N GLU E 232 -18.54 -42.52 -8.68
CA GLU E 232 -19.54 -41.85 -7.84
C GLU E 232 -18.97 -40.79 -6.90
N THR E 233 -17.80 -41.01 -6.33
CA THR E 233 -17.21 -40.06 -5.39
C THR E 233 -16.30 -39.01 -6.01
N ARG E 234 -15.91 -39.19 -7.26
CA ARG E 234 -15.00 -38.23 -7.91
C ARG E 234 -15.68 -36.87 -8.03
N GLY E 235 -15.05 -35.85 -7.49
CA GLY E 235 -15.61 -34.50 -7.50
C GLY E 235 -16.88 -34.33 -6.67
N LEU E 236 -17.12 -35.23 -5.71
CA LEU E 236 -18.31 -35.16 -4.87
C LEU E 236 -18.35 -33.86 -4.08
N MET E 237 -17.22 -33.50 -3.46
CA MET E 237 -17.10 -32.25 -2.73
C MET E 237 -16.72 -31.10 -3.68
N ASN E 238 -17.71 -30.74 -4.48
CA ASN E 238 -17.61 -29.65 -5.46
C ASN E 238 -18.12 -28.36 -4.80
N ALA E 239 -18.22 -27.28 -5.57
CA ALA E 239 -18.69 -25.98 -5.06
C ALA E 239 -20.01 -26.10 -4.30
N GLU E 240 -20.95 -26.82 -4.90
CA GLU E 240 -22.29 -27.02 -4.33
C GLU E 240 -22.26 -27.75 -2.98
N ARG E 241 -21.49 -28.82 -2.89
CA ARG E 241 -21.40 -29.59 -1.65
C ARG E 241 -20.65 -28.80 -0.56
N LEU E 242 -19.59 -28.09 -0.95
CA LEU E 242 -18.86 -27.25 0.01
C LEU E 242 -19.77 -26.15 0.56
N ALA E 243 -20.67 -25.62 -0.27
CA ALA E 243 -21.63 -24.58 0.15
C ALA E 243 -22.64 -25.09 1.18
N HIS E 244 -22.89 -26.40 1.24
CA HIS E 244 -23.75 -26.97 2.28
C HIS E 244 -23.10 -27.00 3.67
N LEU E 245 -21.77 -26.99 3.73
CA LEU E 245 -21.10 -26.90 5.03
C LEU E 245 -21.40 -25.54 5.65
N PRO E 246 -21.44 -25.47 6.99
CA PRO E 246 -21.67 -24.17 7.63
C PRO E 246 -20.46 -23.26 7.42
N ARG E 247 -20.69 -21.96 7.36
CA ARG E 247 -19.62 -20.99 7.24
C ARG E 247 -18.67 -21.16 8.42
N GLY E 248 -17.37 -21.11 8.13
CA GLY E 248 -16.33 -21.29 9.12
C GLY E 248 -15.96 -22.74 9.38
N ALA E 249 -16.44 -23.64 8.53
CA ALA E 249 -16.14 -25.07 8.69
C ALA E 249 -14.64 -25.36 8.55
N LYS E 250 -14.21 -26.44 9.18
CA LYS E 250 -12.84 -26.91 9.09
C LYS E 250 -12.86 -28.19 8.25
N PHE E 251 -12.00 -28.24 7.23
CA PHE E 251 -12.07 -29.28 6.21
C PHE E 251 -10.84 -30.16 6.20
N ILE E 252 -11.02 -31.46 6.43
CA ILE E 252 -9.93 -32.41 6.47
C ILE E 252 -10.09 -33.46 5.37
N ASN E 253 -9.08 -33.63 4.53
CA ASN E 253 -9.09 -34.69 3.52
C ASN E 253 -7.90 -35.64 3.73
N VAL E 254 -8.21 -36.87 4.09
CA VAL E 254 -7.24 -37.95 4.24
C VAL E 254 -7.61 -39.15 3.36
N ALA E 255 -8.38 -38.90 2.30
CA ALA E 255 -8.92 -39.95 1.47
C ALA E 255 -8.18 -40.00 0.12
N ARG E 256 -8.75 -39.34 -0.88
CA ARG E 256 -8.12 -39.17 -2.18
C ARG E 256 -8.42 -37.76 -2.62
N GLY E 257 -7.43 -37.12 -3.23
CA GLY E 257 -7.55 -35.74 -3.63
C GLY E 257 -8.71 -35.43 -4.57
N PRO E 258 -8.92 -36.26 -5.60
CA PRO E 258 -9.99 -35.96 -6.57
C PRO E 258 -11.43 -36.15 -6.07
N VAL E 259 -11.61 -36.63 -4.84
CA VAL E 259 -12.94 -36.62 -4.20
C VAL E 259 -13.40 -35.17 -3.99
N VAL E 260 -12.43 -34.26 -3.85
CA VAL E 260 -12.64 -32.84 -3.66
C VAL E 260 -12.30 -32.09 -4.94
N ASP E 261 -13.15 -31.14 -5.31
CA ASP E 261 -12.84 -30.20 -6.39
C ASP E 261 -11.88 -29.17 -5.78
N GLU E 262 -10.60 -29.30 -6.11
CA GLU E 262 -9.54 -28.57 -5.42
C GLU E 262 -9.65 -27.04 -5.65
N ALA E 263 -9.96 -26.66 -6.90
CA ALA E 263 -10.22 -25.26 -7.24
C ALA E 263 -11.38 -24.67 -6.45
N ALA E 264 -12.44 -25.47 -6.26
CA ALA E 264 -13.60 -25.07 -5.47
C ALA E 264 -13.25 -24.94 -3.98
N LEU E 265 -12.43 -25.85 -3.48
CA LEU E 265 -11.97 -25.74 -2.09
C LEU E 265 -11.15 -24.44 -1.90
N ILE E 266 -10.23 -24.18 -2.82
CA ILE E 266 -9.44 -22.95 -2.79
C ILE E 266 -10.33 -21.70 -2.76
N ALA E 267 -11.33 -21.65 -3.64
CA ALA E 267 -12.27 -20.52 -3.68
C ALA E 267 -13.03 -20.37 -2.34
N ALA E 268 -13.43 -21.50 -1.76
CA ALA E 268 -14.16 -21.47 -0.50
C ALA E 268 -13.26 -21.06 0.68
N LEU E 269 -11.99 -21.45 0.63
CA LEU E 269 -11.00 -20.96 1.59
C LEU E 269 -10.82 -19.44 1.43
N ARG E 270 -10.68 -18.97 0.19
CA ARG E 270 -10.47 -17.54 -0.07
C ARG E 270 -11.64 -16.65 0.33
N SER E 271 -12.86 -17.15 0.19
CA SER E 271 -14.07 -16.40 0.58
C SER E 271 -14.36 -16.50 2.09
N GLY E 272 -13.61 -17.34 2.79
CA GLY E 272 -13.83 -17.56 4.22
C GLY E 272 -14.96 -18.54 4.54
N HIS E 273 -15.60 -19.13 3.54
CA HIS E 273 -16.63 -20.12 3.80
C HIS E 273 -16.05 -21.35 4.52
N ILE E 274 -14.89 -21.79 4.09
CA ILE E 274 -14.07 -22.76 4.84
C ILE E 274 -13.00 -21.96 5.57
N ALA E 275 -12.97 -22.06 6.88
CA ALA E 275 -12.00 -21.30 7.71
C ALA E 275 -10.58 -21.85 7.60
N GLU E 276 -10.48 -23.17 7.69
CA GLU E 276 -9.19 -23.85 7.77
C GLU E 276 -9.30 -25.22 7.11
N ALA E 277 -8.15 -25.76 6.71
CA ALA E 277 -8.11 -27.10 6.14
C ALA E 277 -6.84 -27.85 6.52
N THR E 278 -6.96 -29.18 6.57
CA THR E 278 -5.82 -30.08 6.66
C THR E 278 -5.95 -31.07 5.52
N LEU E 279 -4.95 -31.10 4.66
CA LEU E 279 -5.00 -31.85 3.41
C LEU E 279 -3.77 -32.74 3.31
N ASP E 280 -4.02 -34.05 3.29
CA ASP E 280 -3.00 -35.06 3.12
C ASP E 280 -2.95 -35.57 1.66
N VAL E 281 -3.97 -35.25 0.87
CA VAL E 281 -4.09 -35.75 -0.50
C VAL E 281 -4.62 -34.65 -1.41
N PHE E 282 -4.28 -34.74 -2.70
CA PHE E 282 -4.52 -33.67 -3.66
C PHE E 282 -4.84 -34.23 -5.05
N GLU E 283 -5.46 -33.41 -5.89
CA GLU E 283 -5.81 -33.85 -7.26
C GLU E 283 -4.58 -34.32 -8.01
N VAL E 284 -3.53 -33.50 -7.97
CA VAL E 284 -2.22 -33.85 -8.51
C VAL E 284 -1.25 -33.94 -7.31
N GLU E 285 -0.56 -35.07 -7.20
CA GLU E 285 0.46 -35.30 -6.19
C GLU E 285 1.78 -35.59 -6.90
N PRO E 286 2.88 -34.94 -6.51
CA PRO E 286 2.91 -33.95 -5.44
C PRO E 286 2.19 -32.66 -5.83
N LEU E 287 1.66 -31.97 -4.81
CA LEU E 287 1.00 -30.69 -4.98
C LEU E 287 1.91 -29.74 -5.75
N PRO E 288 1.49 -29.28 -6.96
CA PRO E 288 2.35 -28.42 -7.77
C PRO E 288 2.80 -27.18 -7.02
N VAL E 289 4.03 -26.74 -7.29
CA VAL E 289 4.61 -25.60 -6.57
C VAL E 289 3.77 -24.33 -6.72
N GLY E 290 3.10 -24.19 -7.86
CA GLY E 290 2.22 -23.05 -8.09
C GLY E 290 0.89 -23.04 -7.33
N SER E 291 0.53 -24.13 -6.63
CA SER E 291 -0.74 -24.18 -5.91
C SER E 291 -0.86 -23.08 -4.85
N PRO E 292 -1.99 -22.36 -4.83
CA PRO E 292 -2.25 -21.39 -3.76
C PRO E 292 -2.29 -21.99 -2.34
N LEU E 293 -2.48 -23.30 -2.22
CA LEU E 293 -2.57 -23.96 -0.92
C LEU E 293 -1.28 -23.90 -0.10
N TRP E 294 -0.12 -23.89 -0.75
CA TRP E 294 1.17 -23.92 -0.06
C TRP E 294 1.31 -22.77 0.92
N ALA E 295 1.03 -21.55 0.45
CA ALA E 295 1.29 -20.32 1.24
C ALA E 295 0.17 -19.92 2.21
N MET E 296 -0.93 -20.67 2.23
CA MET E 296 -2.04 -20.39 3.15
C MET E 296 -1.72 -20.88 4.55
N ASP E 297 -1.66 -19.96 5.51
CA ASP E 297 -1.31 -20.35 6.89
C ASP E 297 -2.47 -21.02 7.64
N ASN E 298 -3.67 -20.98 7.04
CA ASN E 298 -4.84 -21.71 7.53
C ASN E 298 -5.02 -23.08 6.85
N VAL E 299 -4.02 -23.52 6.09
CA VAL E 299 -4.00 -24.86 5.48
C VAL E 299 -2.76 -25.60 5.95
N LEU E 300 -2.94 -26.85 6.36
CA LEU E 300 -1.83 -27.74 6.67
C LEU E 300 -1.73 -28.77 5.57
N VAL E 301 -0.57 -28.83 4.92
CA VAL E 301 -0.28 -29.79 3.85
C VAL E 301 0.60 -30.90 4.43
N THR E 302 0.15 -32.15 4.32
CA THR E 302 0.99 -33.31 4.60
C THR E 302 1.11 -34.12 3.31
N PRO E 303 2.28 -34.76 3.08
CA PRO E 303 2.56 -35.34 1.77
C PRO E 303 2.07 -36.78 1.56
N HIS E 304 0.76 -36.99 1.71
CA HIS E 304 0.11 -38.29 1.52
C HIS E 304 0.78 -39.38 2.36
N LEU E 305 0.60 -39.28 3.67
CA LEU E 305 1.14 -40.29 4.59
C LEU E 305 0.31 -40.48 5.86
N ALA E 306 -0.99 -40.24 5.77
CA ALA E 306 -1.87 -40.30 6.95
C ALA E 306 -1.73 -41.65 7.65
N SER E 307 -1.71 -42.72 6.87
CA SER E 307 -1.51 -44.05 7.39
C SER E 307 -0.80 -44.93 6.36
N ILE E 308 -0.10 -45.95 6.84
CA ILE E 308 0.60 -46.89 5.98
C ILE E 308 0.50 -48.31 6.51
N ALA E 309 0.63 -49.27 5.61
CA ALA E 309 0.76 -50.66 5.96
C ALA E 309 2.17 -50.94 6.45
N ILE E 310 2.28 -51.74 7.49
CA ILE E 310 3.58 -52.19 8.02
C ILE E 310 3.70 -53.68 7.70
N PRO E 311 4.81 -54.10 7.06
CA PRO E 311 4.97 -55.49 6.65
C PRO E 311 4.60 -56.52 7.72
N ARG E 312 5.20 -56.38 8.91
CA ARG E 312 5.02 -57.35 9.99
C ARG E 312 3.57 -57.57 10.40
N THR E 313 2.80 -56.48 10.49
CA THR E 313 1.39 -56.59 10.88
C THR E 313 0.42 -56.72 9.69
N ALA E 314 0.87 -56.39 8.49
CA ALA E 314 0.05 -56.58 7.27
C ALA E 314 0.12 -58.02 6.73
N ALA E 315 1.27 -58.67 6.93
CA ALA E 315 1.52 -60.01 6.38
C ALA E 315 0.49 -61.10 6.75
N PRO E 316 0.02 -61.15 8.01
CA PRO E 316 -0.92 -62.20 8.40
C PRO E 316 -2.18 -62.31 7.54
N GLN E 317 -2.82 -61.19 7.23
CA GLN E 317 -4.00 -61.22 6.37
C GLN E 317 -3.68 -61.65 4.95
N ILE E 318 -2.49 -61.33 4.47
CA ILE E 318 -2.05 -61.76 3.15
C ILE E 318 -1.89 -63.28 3.10
N VAL E 319 -1.20 -63.85 4.09
CA VAL E 319 -1.00 -65.30 4.11
C VAL E 319 -2.32 -66.04 4.39
N GLU E 320 -3.21 -65.42 5.16
CA GLU E 320 -4.55 -65.97 5.37
C GLU E 320 -5.36 -66.03 4.06
N ASN E 321 -5.22 -65.01 3.22
CA ASN E 321 -5.88 -65.01 1.90
C ASN E 321 -5.26 -66.01 0.94
N ILE E 322 -3.95 -66.22 1.04
CA ILE E 322 -3.31 -67.32 0.31
C ILE E 322 -3.91 -68.67 0.71
N ARG E 323 -4.04 -68.91 2.01
CA ARG E 323 -4.67 -70.14 2.52
C ARG E 323 -6.10 -70.30 1.98
N ARG E 324 -6.89 -69.24 2.07
CA ARG E 324 -8.28 -69.24 1.61
C ARG E 324 -8.45 -69.49 0.11
N ILE E 325 -7.60 -68.86 -0.71
CA ILE E 325 -7.68 -69.05 -2.16
C ILE E 325 -7.38 -70.52 -2.54
N GLU E 326 -6.43 -71.14 -1.84
CA GLU E 326 -6.10 -72.55 -2.08
C GLU E 326 -7.14 -73.54 -1.52
N ALA E 327 -7.82 -73.15 -0.43
CA ALA E 327 -8.89 -73.96 0.16
C ALA E 327 -10.27 -73.75 -0.51
N GLY E 328 -10.36 -72.78 -1.41
CA GLY E 328 -11.63 -72.43 -2.04
C GLY E 328 -12.57 -71.63 -1.14
N GLU E 329 -12.03 -70.96 -0.13
CA GLU E 329 -12.81 -70.09 0.74
C GLU E 329 -12.79 -68.66 0.20
N PRO E 330 -13.88 -67.90 0.40
CA PRO E 330 -13.84 -66.49 0.00
C PRO E 330 -12.77 -65.68 0.74
N VAL E 331 -12.13 -64.77 0.02
CA VAL E 331 -11.03 -63.99 0.58
C VAL E 331 -11.50 -62.79 1.38
N LEU E 332 -10.67 -62.36 2.31
CA LEU E 332 -10.90 -61.16 3.10
C LEU E 332 -10.48 -59.92 2.32
N ASN E 333 -11.16 -58.80 2.60
CA ASN E 333 -10.85 -57.48 2.06
C ASN E 333 -10.89 -57.44 0.52
N GLN E 334 -11.85 -58.14 -0.05
CA GLN E 334 -12.03 -58.19 -1.49
C GLN E 334 -12.66 -56.89 -1.99
N VAL E 335 -12.21 -56.44 -3.14
CA VAL E 335 -12.77 -55.28 -3.82
C VAL E 335 -13.88 -55.76 -4.72
N ASP E 336 -14.96 -54.99 -4.74
CA ASP E 336 -16.21 -55.38 -5.40
C ASP E 336 -16.23 -54.68 -6.75
N PRO E 337 -16.11 -55.43 -7.86
CA PRO E 337 -16.13 -54.75 -9.18
C PRO E 337 -17.41 -53.97 -9.48
N ARG E 338 -18.55 -54.39 -8.93
CA ARG E 338 -19.82 -53.69 -9.16
C ARG E 338 -19.85 -52.30 -8.52
N ARG E 339 -19.34 -52.19 -7.30
CA ARG E 339 -19.32 -50.95 -6.53
C ARG E 339 -18.11 -50.07 -6.84
N GLY E 340 -16.98 -50.69 -7.16
CA GLY E 340 -15.75 -49.98 -7.50
C GLY E 340 -14.81 -49.74 -6.33
N TYR E 341 -15.03 -50.45 -5.24
CA TYR E 341 -14.21 -50.34 -4.04
C TYR E 341 -14.45 -51.57 -3.15
N ALA F 30 -10.25 66.09 -35.00
CA ALA F 30 -10.00 64.92 -34.12
C ALA F 30 -9.97 63.61 -34.90
N LEU F 31 -9.15 62.67 -34.42
CA LEU F 31 -9.14 61.30 -34.92
C LEU F 31 -9.91 60.44 -33.92
N VAL F 32 -10.84 59.64 -34.43
CA VAL F 32 -11.53 58.62 -33.64
C VAL F 32 -10.89 57.27 -33.94
N PHE F 33 -10.71 56.47 -32.89
CA PHE F 33 -10.12 55.13 -32.97
C PHE F 33 -11.18 54.10 -32.57
N TYR F 34 -11.36 53.05 -33.37
CA TYR F 34 -12.20 51.93 -32.99
C TYR F 34 -11.50 50.62 -33.31
N SER F 35 -11.31 49.79 -32.27
CA SER F 35 -10.95 48.39 -32.44
C SER F 35 -11.18 47.63 -31.15
N ALA F 36 -11.85 46.48 -31.25
CA ALA F 36 -12.00 45.57 -30.12
C ALA F 36 -10.74 44.72 -29.88
N VAL F 37 -9.82 44.70 -30.86
CA VAL F 37 -8.66 43.81 -30.83
C VAL F 37 -7.30 44.52 -30.89
N ASP F 38 -7.30 45.85 -30.79
CA ASP F 38 -6.08 46.63 -30.75
C ASP F 38 -6.16 47.54 -29.53
N ILE F 39 -5.02 47.81 -28.92
CA ILE F 39 -4.95 48.62 -27.70
C ILE F 39 -4.96 50.10 -28.09
N GLY F 40 -6.10 50.76 -27.86
CA GLY F 40 -6.27 52.17 -28.18
C GLY F 40 -5.18 53.07 -27.64
N GLN F 41 -4.79 52.84 -26.39
CA GLN F 41 -3.79 53.68 -25.75
C GLN F 41 -2.42 53.64 -26.46
N ASP F 42 -2.03 52.46 -26.95
CA ASP F 42 -0.76 52.34 -27.70
C ASP F 42 -0.79 53.15 -29.01
N TRP F 43 -1.92 53.10 -29.71
CA TRP F 43 -2.12 53.85 -30.94
C TRP F 43 -2.18 55.34 -30.65
N LYS F 44 -2.93 55.71 -29.61
CA LYS F 44 -3.01 57.09 -29.16
C LYS F 44 -1.64 57.69 -28.83
N SER F 45 -0.86 56.97 -28.03
CA SER F 45 0.49 57.42 -27.65
C SER F 45 1.39 57.62 -28.86
N ALA F 46 1.37 56.65 -29.78
CA ALA F 46 2.20 56.72 -30.98
C ALA F 46 1.78 57.87 -31.91
N LEU F 47 0.48 58.06 -32.10
CA LEU F 47 -0.02 59.16 -32.94
C LEU F 47 0.32 60.53 -32.37
N GLN F 48 0.18 60.68 -31.05
CA GLN F 48 0.53 61.93 -30.39
C GLN F 48 2.02 62.22 -30.38
N ALA F 49 2.86 61.19 -30.38
CA ALA F 49 4.31 61.36 -30.54
C ALA F 49 4.65 61.84 -31.96
N ALA F 50 3.98 61.29 -32.97
CA ALA F 50 4.19 61.70 -34.37
C ALA F 50 3.54 63.05 -34.68
N HIS F 51 2.46 63.39 -33.98
CA HIS F 51 1.74 64.65 -34.17
C HIS F 51 1.34 65.21 -32.80
N PRO F 52 2.26 65.92 -32.12
CA PRO F 52 1.98 66.52 -30.81
C PRO F 52 0.67 67.30 -30.78
N GLY F 53 -0.14 67.04 -29.75
CA GLY F 53 -1.42 67.71 -29.58
C GLY F 53 -2.58 67.19 -30.42
N LEU F 54 -2.38 66.12 -31.20
CA LEU F 54 -3.47 65.55 -31.98
C LEU F 54 -4.58 65.06 -31.04
N ASP F 55 -5.80 65.51 -31.30
CA ASP F 55 -6.97 65.11 -30.54
C ASP F 55 -7.35 63.69 -30.98
N VAL F 56 -7.07 62.71 -30.11
CA VAL F 56 -7.38 61.31 -30.38
C VAL F 56 -8.43 60.80 -29.39
N ARG F 57 -9.52 60.25 -29.93
CA ARG F 57 -10.65 59.78 -29.12
C ARG F 57 -10.84 58.29 -29.34
N ILE F 58 -10.78 57.54 -28.25
CA ILE F 58 -10.88 56.09 -28.32
C ILE F 58 -12.34 55.73 -28.13
N ALA F 59 -12.95 55.19 -29.18
CA ALA F 59 -14.35 54.77 -29.10
C ALA F 59 -14.43 53.46 -28.33
N ARG F 60 -15.57 53.27 -27.69
CA ARG F 60 -15.81 52.15 -26.80
C ARG F 60 -16.05 50.87 -27.60
N ALA F 61 -15.35 49.81 -27.23
CA ALA F 61 -15.50 48.53 -27.92
C ALA F 61 -16.93 48.01 -27.83
N GLY F 62 -17.44 47.50 -28.94
CA GLY F 62 -18.78 46.94 -29.01
C GLY F 62 -19.81 47.83 -29.67
N ASP F 63 -20.07 48.98 -29.07
CA ASP F 63 -21.07 49.93 -29.64
C ASP F 63 -20.50 51.20 -30.25
N GLY F 64 -19.20 51.45 -30.05
CA GLY F 64 -18.52 52.59 -30.64
C GLY F 64 -18.80 53.94 -30.01
N HIS F 65 -19.43 53.95 -28.85
CA HIS F 65 -19.71 55.19 -28.13
C HIS F 65 -18.40 55.92 -27.85
N VAL F 66 -18.42 57.22 -28.05
CA VAL F 66 -17.25 58.05 -27.83
C VAL F 66 -17.69 59.38 -27.25
N GLU F 67 -16.87 59.92 -26.35
CA GLU F 67 -17.15 61.21 -25.71
C GLU F 67 -16.64 62.35 -26.63
N GLY F 68 -17.16 63.54 -26.38
CA GLY F 68 -16.79 64.74 -27.13
C GLY F 68 -17.78 65.05 -28.24
N ASP F 69 -17.59 66.22 -28.86
CA ASP F 69 -18.42 66.66 -29.96
C ASP F 69 -18.08 65.85 -31.22
N PRO F 70 -19.04 65.04 -31.72
CA PRO F 70 -18.77 64.22 -32.92
C PRO F 70 -18.53 65.03 -34.21
N GLU F 71 -18.98 66.28 -34.25
CA GLU F 71 -18.72 67.15 -35.40
C GLU F 71 -17.24 67.56 -35.55
N GLU F 72 -16.46 67.43 -34.49
CA GLU F 72 -15.02 67.69 -34.55
C GLU F 72 -14.19 66.53 -35.13
N VAL F 73 -14.80 65.36 -35.26
CA VAL F 73 -14.10 64.17 -35.76
C VAL F 73 -13.98 64.22 -37.29
N ARG F 74 -12.74 64.27 -37.77
CA ARG F 74 -12.46 64.28 -39.22
C ARG F 74 -11.75 63.04 -39.77
N TYR F 75 -11.15 62.23 -38.89
CA TYR F 75 -10.40 61.04 -39.30
C TYR F 75 -10.83 59.85 -38.44
N ALA F 76 -10.95 58.69 -39.06
CA ALA F 76 -11.38 57.48 -38.36
C ALA F 76 -10.39 56.35 -38.66
N LEU F 77 -9.77 55.84 -37.60
CA LEU F 77 -8.82 54.73 -37.68
C LEU F 77 -9.54 53.56 -37.02
N VAL F 78 -9.88 52.54 -37.83
CA VAL F 78 -10.85 51.53 -37.42
C VAL F 78 -10.48 50.11 -37.82
N TRP F 79 -11.04 49.15 -37.08
CA TRP F 79 -11.06 47.75 -37.46
C TRP F 79 -12.45 47.22 -37.12
N LYS F 80 -13.19 46.84 -38.16
CA LYS F 80 -14.53 46.24 -38.04
C LYS F 80 -15.42 46.97 -37.04
N PRO F 81 -15.63 48.28 -37.25
CA PRO F 81 -16.50 49.02 -36.34
C PRO F 81 -17.97 48.62 -36.48
N PRO F 82 -18.81 48.91 -35.47
CA PRO F 82 -20.23 48.55 -35.52
C PRO F 82 -20.95 49.16 -36.71
N HIS F 83 -22.03 48.53 -37.16
CA HIS F 83 -22.82 49.08 -38.26
C HIS F 83 -23.30 50.49 -37.90
N GLY F 84 -23.13 51.42 -38.84
CA GLY F 84 -23.52 52.81 -38.67
C GLY F 84 -22.50 53.69 -37.97
N PHE F 85 -21.36 53.13 -37.56
CA PHE F 85 -20.34 53.89 -36.81
C PHE F 85 -19.93 55.18 -37.51
N PHE F 86 -19.69 55.11 -38.82
CA PHE F 86 -19.22 56.27 -39.59
C PHE F 86 -20.24 57.41 -39.67
N ALA F 87 -21.52 57.06 -39.68
CA ALA F 87 -22.61 58.04 -39.72
C ALA F 87 -22.71 58.91 -38.45
N ARG F 88 -22.09 58.48 -37.35
CA ARG F 88 -21.95 59.32 -36.15
C ARG F 88 -21.17 60.63 -36.41
N PHE F 89 -20.30 60.61 -37.42
CA PHE F 89 -19.32 61.67 -37.64
C PHE F 89 -19.54 62.35 -38.99
N PRO F 90 -20.40 63.39 -39.02
CA PRO F 90 -20.78 63.96 -40.31
C PRO F 90 -19.67 64.71 -41.07
N ASN F 91 -18.62 65.13 -40.37
CA ASN F 91 -17.49 65.87 -40.97
C ASN F 91 -16.26 65.00 -41.25
N LEU F 92 -16.47 63.69 -41.33
CA LEU F 92 -15.40 62.76 -41.61
C LEU F 92 -14.79 63.08 -42.98
N LYS F 93 -13.47 63.20 -43.03
CA LYS F 93 -12.72 63.43 -44.28
C LYS F 93 -11.88 62.23 -44.73
N LEU F 94 -11.67 61.23 -43.85
CA LEU F 94 -10.78 60.15 -44.15
C LEU F 94 -11.01 58.93 -43.28
N VAL F 95 -11.04 57.74 -43.89
CA VAL F 95 -11.06 56.49 -43.18
C VAL F 95 -9.70 55.79 -43.35
N ILE F 96 -9.23 55.21 -42.24
CA ILE F 96 -8.01 54.43 -42.23
C ILE F 96 -8.30 53.08 -41.60
N ASN F 97 -8.12 52.01 -42.36
CA ASN F 97 -8.30 50.66 -41.85
C ASN F 97 -7.05 50.24 -41.10
N LEU F 98 -7.21 49.56 -39.96
CA LEU F 98 -6.10 49.09 -39.15
C LEU F 98 -5.40 47.82 -39.67
N GLY F 99 -5.69 47.41 -40.89
CA GLY F 99 -4.98 46.31 -41.55
C GLY F 99 -4.55 46.73 -42.92
N ALA F 100 -3.69 45.91 -43.52
CA ALA F 100 -3.33 46.06 -44.92
C ALA F 100 -4.47 45.60 -45.84
N GLY F 101 -5.31 44.68 -45.38
CA GLY F 101 -6.49 44.23 -46.12
C GLY F 101 -7.70 45.10 -45.81
N VAL F 102 -8.56 45.29 -46.80
CA VAL F 102 -9.75 46.12 -46.66
C VAL F 102 -11.03 45.45 -47.16
N ASP F 103 -11.00 44.12 -47.32
CA ASP F 103 -12.12 43.40 -47.94
C ASP F 103 -13.46 43.53 -47.18
N ALA F 104 -13.40 43.50 -45.85
CA ALA F 104 -14.60 43.66 -45.03
C ALA F 104 -15.05 45.12 -45.02
N LEU F 105 -14.10 46.04 -44.88
CA LEU F 105 -14.39 47.47 -44.89
C LEU F 105 -15.11 47.95 -46.17
N VAL F 106 -14.61 47.55 -47.34
CA VAL F 106 -15.18 48.01 -48.61
C VAL F 106 -16.53 47.37 -48.95
N ALA F 107 -16.84 46.23 -48.34
CA ALA F 107 -18.14 45.56 -48.52
C ALA F 107 -19.27 46.20 -47.69
N ARG F 108 -18.96 47.16 -46.82
CA ARG F 108 -19.95 47.77 -45.94
C ARG F 108 -20.92 48.68 -46.70
N ASP F 109 -22.16 48.69 -46.26
CA ASP F 109 -23.21 49.54 -46.83
C ASP F 109 -23.20 50.97 -46.27
N ASP F 110 -22.46 51.20 -45.19
CA ASP F 110 -22.44 52.50 -44.51
C ASP F 110 -21.12 53.28 -44.70
N LEU F 111 -20.32 52.86 -45.68
CA LEU F 111 -19.04 53.48 -45.94
C LEU F 111 -19.26 54.89 -46.50
N PRO F 112 -18.65 55.92 -45.89
CA PRO F 112 -18.86 57.28 -46.37
C PRO F 112 -18.05 57.57 -47.62
N ASP F 113 -18.50 58.54 -48.41
CA ASP F 113 -17.86 58.88 -49.68
C ASP F 113 -16.66 59.81 -49.46
N VAL F 114 -15.61 59.25 -48.87
CA VAL F 114 -14.36 59.97 -48.61
C VAL F 114 -13.22 59.00 -48.93
N PRO F 115 -11.97 59.51 -49.01
CA PRO F 115 -10.85 58.61 -49.22
C PRO F 115 -10.74 57.52 -48.14
N VAL F 116 -10.58 56.29 -48.59
CA VAL F 116 -10.37 55.14 -47.72
C VAL F 116 -8.94 54.69 -47.90
N THR F 117 -8.20 54.61 -46.81
CA THR F 117 -6.79 54.20 -46.82
C THR F 117 -6.59 52.98 -45.92
N ARG F 118 -5.44 52.37 -46.09
CA ARG F 118 -5.03 51.22 -45.30
C ARG F 118 -3.67 51.54 -44.69
N LEU F 119 -3.28 50.78 -43.68
CA LEU F 119 -1.91 50.86 -43.18
C LEU F 119 -1.04 50.05 -44.09
N SER F 120 0.06 50.64 -44.55
CA SER F 120 1.01 49.90 -45.37
C SER F 120 2.38 50.56 -45.33
N ASP F 121 3.14 50.23 -44.30
CA ASP F 121 4.46 50.82 -44.02
C ASP F 121 5.62 49.80 -44.21
N PRO F 122 6.85 50.28 -44.40
CA PRO F 122 8.01 49.39 -44.59
C PRO F 122 8.34 48.40 -43.45
N ASN F 123 7.89 48.65 -42.22
CA ASN F 123 8.10 47.72 -41.11
C ASN F 123 7.20 46.48 -41.23
N MET F 124 5.92 46.72 -41.56
CA MET F 124 4.97 45.64 -41.89
C MET F 124 5.45 44.81 -43.05
N SER F 125 5.92 45.51 -44.08
CA SER F 125 6.49 44.94 -45.29
C SER F 125 7.64 43.98 -44.97
N GLN F 126 8.55 44.43 -44.13
CA GLN F 126 9.71 43.64 -43.71
C GLN F 126 9.26 42.40 -42.95
N MET F 127 8.35 42.59 -42.01
CA MET F 127 7.85 41.48 -41.23
C MET F 127 7.19 40.42 -42.11
N MET F 128 6.34 40.84 -43.05
CA MET F 128 5.70 39.92 -43.99
C MET F 128 6.73 39.23 -44.88
N ALA F 129 7.67 40.01 -45.41
CA ALA F 129 8.72 39.45 -46.28
C ALA F 129 9.54 38.41 -45.55
N SER F 130 9.89 38.66 -44.29
CA SER F 130 10.64 37.68 -43.49
C SER F 130 9.81 36.43 -43.23
N PHE F 131 8.54 36.61 -42.94
CA PHE F 131 7.63 35.49 -42.70
C PHE F 131 7.47 34.61 -43.95
N VAL F 132 7.29 35.24 -45.12
CA VAL F 132 7.21 34.50 -46.37
C VAL F 132 8.50 33.75 -46.64
N LEU F 133 9.63 34.40 -46.39
CA LEU F 133 10.91 33.75 -46.55
C LEU F 133 11.04 32.51 -45.65
N PHE F 134 10.63 32.64 -44.39
CA PHE F 134 10.58 31.50 -43.49
C PHE F 134 9.75 30.35 -44.08
N CYS F 135 8.55 30.66 -44.55
CA CYS F 135 7.64 29.65 -45.12
C CYS F 135 8.26 28.92 -46.31
N VAL F 136 8.83 29.69 -47.23
CA VAL F 136 9.44 29.15 -48.45
C VAL F 136 10.67 28.30 -48.11
N LEU F 137 11.56 28.83 -47.28
CA LEU F 137 12.74 28.09 -46.85
C LEU F 137 12.37 26.80 -46.12
N ARG F 138 11.35 26.86 -45.30
CA ARG F 138 10.90 25.68 -44.57
C ARG F 138 10.52 24.54 -45.52
N HIS F 139 9.78 24.87 -46.59
CA HIS F 139 9.46 23.89 -47.62
C HIS F 139 10.68 23.52 -48.49
N ALA F 140 11.44 24.53 -48.91
CA ALA F 140 12.58 24.34 -49.79
C ALA F 140 13.67 23.45 -49.18
N ARG F 141 13.82 23.54 -47.87
CA ARG F 141 14.82 22.74 -47.14
C ARG F 141 14.25 21.45 -46.51
N ASP F 142 13.06 21.02 -46.96
CA ASP F 142 12.47 19.70 -46.63
C ASP F 142 12.19 19.49 -45.13
N ILE F 143 11.90 20.57 -44.42
CA ILE F 143 11.77 20.54 -42.97
C ILE F 143 10.64 19.64 -42.50
N PRO F 144 9.47 19.66 -43.18
CA PRO F 144 8.41 18.75 -42.73
C PRO F 144 8.78 17.27 -42.81
N THR F 145 9.65 16.91 -43.75
CA THR F 145 10.17 15.54 -43.82
C THR F 145 10.99 15.23 -42.56
N PHE F 146 11.85 16.16 -42.15
CA PHE F 146 12.71 15.93 -40.97
C PHE F 146 11.89 15.90 -39.69
N GLU F 147 10.84 16.71 -39.63
CA GLU F 147 9.96 16.72 -38.48
C GLU F 147 9.19 15.41 -38.36
N ARG F 148 8.69 14.89 -39.49
CA ARG F 148 8.01 13.59 -39.51
C ARG F 148 8.96 12.50 -39.02
N ALA F 149 10.16 12.48 -39.59
CA ALA F 149 11.21 11.53 -39.20
C ALA F 149 11.59 11.65 -37.72
N GLN F 150 11.70 12.88 -37.21
CA GLN F 150 12.05 13.09 -35.81
C GLN F 150 11.02 12.47 -34.87
N ARG F 151 9.74 12.59 -35.23
CA ARG F 151 8.68 12.01 -34.41
C ARG F 151 8.69 10.48 -34.38
N GLU F 152 9.31 9.87 -35.40
CA GLU F 152 9.50 8.43 -35.44
C GLU F 152 10.87 7.98 -34.90
N GLY F 153 11.72 8.92 -34.46
CA GLY F 153 13.06 8.59 -33.98
C GLY F 153 14.00 8.10 -35.10
N ARG F 154 13.78 8.61 -36.31
CA ARG F 154 14.48 8.17 -37.49
C ARG F 154 15.42 9.27 -38.05
N TRP F 155 16.69 8.91 -38.19
CA TRP F 155 17.66 9.71 -38.90
C TRP F 155 17.61 9.37 -40.35
N HIS F 156 17.18 10.31 -41.19
CA HIS F 156 17.21 10.09 -42.64
C HIS F 156 17.67 11.31 -43.40
N TYR F 157 18.88 11.22 -43.93
CA TYR F 157 19.49 12.27 -44.71
C TYR F 157 18.75 12.41 -46.05
N VAL F 158 18.45 13.65 -46.41
CA VAL F 158 17.87 13.99 -47.71
C VAL F 158 18.78 15.05 -48.29
N HIS F 159 19.32 14.81 -49.48
CA HIS F 159 20.30 15.71 -50.07
C HIS F 159 19.67 17.08 -50.33
N PRO F 160 20.26 18.14 -49.75
CA PRO F 160 19.70 19.49 -49.92
C PRO F 160 19.77 20.01 -51.35
N ARG F 161 18.84 20.86 -51.72
CA ARG F 161 18.83 21.50 -53.03
C ARG F 161 19.20 22.96 -52.86
N THR F 162 19.95 23.51 -53.81
CA THR F 162 20.18 24.97 -53.83
C THR F 162 18.93 25.71 -54.24
N ALA F 163 18.85 26.95 -53.78
CA ALA F 163 17.76 27.82 -54.05
C ALA F 163 17.54 28.02 -55.55
N ALA F 164 18.62 28.06 -56.33
CA ALA F 164 18.53 28.28 -57.78
C ALA F 164 17.77 27.19 -58.54
N GLU F 165 17.73 26.00 -57.95
CA GLU F 165 16.98 24.87 -58.50
C GLU F 165 15.48 24.98 -58.32
N ILE F 166 15.03 25.85 -57.40
CA ILE F 166 13.64 25.88 -56.99
C ILE F 166 12.96 27.14 -57.52
N ARG F 167 11.85 26.95 -58.23
CA ARG F 167 11.07 28.07 -58.74
C ARG F 167 9.99 28.41 -57.74
N VAL F 168 9.89 29.71 -57.41
CA VAL F 168 8.94 30.17 -56.42
C VAL F 168 8.09 31.24 -57.08
N GLY F 169 6.77 31.06 -57.00
CA GLY F 169 5.83 32.01 -57.59
C GLY F 169 5.07 32.78 -56.50
N VAL F 170 5.01 34.10 -56.66
CA VAL F 170 4.25 34.95 -55.77
C VAL F 170 3.03 35.51 -56.49
N LEU F 171 1.82 35.16 -56.01
CA LEU F 171 0.58 35.71 -56.53
C LEU F 171 0.29 37.03 -55.83
N GLY F 172 0.43 38.13 -56.56
CA GLY F 172 0.28 39.48 -56.06
C GLY F 172 1.65 40.10 -55.92
N LEU F 173 1.85 41.30 -56.48
CA LEU F 173 3.12 42.01 -56.39
C LEU F 173 2.91 43.43 -55.92
N GLY F 174 2.13 43.56 -54.85
CA GLY F 174 1.85 44.87 -54.24
C GLY F 174 2.91 45.25 -53.22
N ASP F 175 2.53 46.11 -52.27
CA ASP F 175 3.46 46.53 -51.21
C ASP F 175 4.09 45.34 -50.49
N LEU F 176 3.28 44.32 -50.20
CA LEU F 176 3.77 43.11 -49.53
C LEU F 176 4.32 42.10 -50.50
N GLY F 177 3.58 41.83 -51.56
CA GLY F 177 3.98 40.84 -52.55
C GLY F 177 5.30 41.13 -53.26
N ALA F 178 5.49 42.36 -53.69
CA ALA F 178 6.75 42.76 -54.34
C ALA F 178 7.92 42.68 -53.35
N ALA F 179 7.72 43.12 -52.12
CA ALA F 179 8.77 43.04 -51.10
C ALA F 179 9.19 41.59 -50.84
N ALA F 180 8.21 40.69 -50.75
CA ALA F 180 8.48 39.28 -50.55
C ALA F 180 9.21 38.67 -51.74
N ALA F 181 8.74 38.97 -52.95
CA ALA F 181 9.37 38.47 -54.17
C ALA F 181 10.82 38.91 -54.27
N LEU F 182 11.09 40.19 -54.00
CA LEU F 182 12.46 40.72 -54.03
C LEU F 182 13.38 40.08 -52.99
N GLU F 183 12.84 39.82 -51.80
CA GLU F 183 13.59 39.11 -50.77
C GLU F 183 13.88 37.67 -51.17
N LEU F 184 12.90 36.98 -51.74
CA LEU F 184 13.11 35.61 -52.22
C LEU F 184 14.21 35.58 -53.27
N ALA F 185 14.23 36.57 -54.15
CA ALA F 185 15.25 36.67 -55.18
C ALA F 185 16.66 36.83 -54.60
N ARG F 186 16.79 37.56 -53.49
CA ARG F 186 18.09 37.74 -52.82
C ARG F 186 18.68 36.44 -52.33
N HIS F 187 17.82 35.49 -51.97
CA HIS F 187 18.24 34.17 -51.50
C HIS F 187 18.51 33.14 -52.61
N GLY F 188 18.44 33.57 -53.87
CA GLY F 188 18.85 32.75 -55.00
C GLY F 188 17.76 31.94 -55.65
N PHE F 189 16.52 32.03 -55.17
CA PHE F 189 15.39 31.33 -55.79
C PHE F 189 15.14 31.87 -57.20
N ASP F 190 14.57 31.03 -58.06
CA ASP F 190 14.14 31.46 -59.39
C ASP F 190 12.71 31.97 -59.19
N VAL F 191 12.58 33.28 -59.00
CA VAL F 191 11.35 33.88 -58.54
C VAL F 191 10.52 34.40 -59.69
N ARG F 192 9.22 34.11 -59.64
CA ARG F 192 8.26 34.70 -60.57
C ARG F 192 7.13 35.34 -59.78
N GLY F 193 6.46 36.28 -60.41
CA GLY F 193 5.35 37.01 -59.80
C GLY F 193 4.22 37.22 -60.78
N TRP F 194 3.01 37.30 -60.23
CA TRP F 194 1.79 37.51 -61.00
C TRP F 194 0.99 38.68 -60.43
N SER F 195 0.54 39.55 -61.31
CA SER F 195 -0.31 40.68 -60.92
C SER F 195 -1.44 40.90 -61.96
N ARG F 196 -2.29 41.86 -61.69
CA ARG F 196 -3.43 42.15 -62.57
C ARG F 196 -2.98 42.92 -63.81
N THR F 197 -2.09 43.88 -63.59
CA THR F 197 -1.53 44.73 -64.65
C THR F 197 -0.02 44.54 -64.71
N PRO F 198 0.62 44.94 -65.83
CA PRO F 198 2.05 44.69 -65.97
C PRO F 198 2.90 45.34 -64.90
N LYS F 199 3.94 44.63 -64.47
CA LYS F 199 4.90 45.12 -63.51
C LYS F 199 6.29 44.71 -63.95
N ALA F 200 7.25 45.58 -63.64
CA ALA F 200 8.65 45.27 -63.83
C ALA F 200 9.24 45.26 -62.44
N LEU F 201 9.96 44.20 -62.13
CA LEU F 201 10.47 43.99 -60.79
C LEU F 201 11.80 43.31 -60.96
N GLU F 202 12.87 44.02 -60.61
CA GLU F 202 14.24 43.56 -60.85
C GLU F 202 14.47 42.19 -60.23
N GLY F 203 14.99 41.27 -61.03
CA GLY F 203 15.32 39.92 -60.57
C GLY F 203 14.16 38.96 -60.44
N VAL F 204 12.97 39.39 -60.86
CA VAL F 204 11.75 38.60 -60.78
C VAL F 204 11.11 38.49 -62.16
N SER F 205 10.73 37.27 -62.54
CA SER F 205 10.00 37.01 -63.78
C SER F 205 8.52 37.39 -63.61
N CYS F 206 8.13 38.53 -64.19
CA CYS F 206 6.77 39.05 -64.00
C CYS F 206 5.78 38.61 -65.08
N PHE F 207 4.67 38.04 -64.62
CA PHE F 207 3.53 37.63 -65.44
C PHE F 207 2.36 38.53 -65.02
N HIS F 208 1.40 38.75 -65.93
CA HIS F 208 0.20 39.49 -65.58
C HIS F 208 -1.01 39.03 -66.37
N GLY F 209 -2.18 39.19 -65.77
CA GLY F 209 -3.44 38.91 -66.43
C GLY F 209 -3.86 37.49 -66.26
N LEU F 210 -5.16 37.28 -66.43
CA LEU F 210 -5.79 35.98 -66.22
C LEU F 210 -5.35 34.93 -67.25
N GLU F 211 -5.06 35.36 -68.47
CA GLU F 211 -4.59 34.47 -69.54
C GLU F 211 -3.22 33.84 -69.22
N ALA F 212 -2.37 34.59 -68.53
CA ALA F 212 -1.04 34.13 -68.15
C ALA F 212 -1.01 33.25 -66.90
N LEU F 213 -2.12 33.17 -66.15
CA LEU F 213 -2.13 32.49 -64.86
C LEU F 213 -1.80 30.99 -64.91
N PRO F 214 -2.38 30.24 -65.89
CA PRO F 214 -2.00 28.81 -65.95
C PRO F 214 -0.49 28.57 -66.12
N GLY F 215 0.13 29.30 -67.05
CA GLY F 215 1.56 29.21 -67.27
C GLY F 215 2.41 29.65 -66.08
N PHE F 216 1.96 30.70 -65.39
CA PHE F 216 2.61 31.15 -64.17
C PHE F 216 2.60 30.03 -63.13
N LEU F 217 1.43 29.44 -62.91
CA LEU F 217 1.28 28.36 -61.94
C LEU F 217 2.05 27.09 -62.34
N ALA F 218 2.02 26.75 -63.63
CA ALA F 218 2.69 25.54 -64.14
C ALA F 218 4.19 25.47 -63.79
N GLY F 219 4.85 26.63 -63.72
CA GLY F 219 6.25 26.68 -63.36
C GLY F 219 6.57 26.93 -61.88
N SER F 220 5.55 27.00 -61.03
CA SER F 220 5.73 27.36 -59.62
C SER F 220 5.79 26.13 -58.73
N GLU F 221 7.00 25.67 -58.39
CA GLU F 221 7.15 24.53 -57.48
C GLU F 221 6.66 24.91 -56.07
N ILE F 222 6.98 26.14 -55.65
CA ILE F 222 6.45 26.68 -54.42
C ILE F 222 5.64 27.91 -54.84
N VAL F 223 4.44 28.05 -54.28
CA VAL F 223 3.59 29.18 -54.61
C VAL F 223 3.15 29.87 -53.32
N VAL F 224 3.13 31.21 -53.38
CA VAL F 224 2.75 32.05 -52.24
C VAL F 224 1.59 32.95 -52.64
N VAL F 225 0.46 32.83 -51.95
CA VAL F 225 -0.71 33.66 -52.22
C VAL F 225 -0.60 34.95 -51.42
N MET F 226 -0.50 36.07 -52.13
CA MET F 226 -0.39 37.42 -51.53
C MET F 226 -1.36 38.40 -52.21
N LEU F 227 -2.54 37.89 -52.54
CA LEU F 227 -3.60 38.66 -53.22
C LEU F 227 -4.60 39.22 -52.23
N PRO F 228 -5.10 40.45 -52.49
CA PRO F 228 -6.23 40.91 -51.70
C PRO F 228 -7.47 40.11 -52.09
N LEU F 229 -8.43 40.06 -51.18
CA LEU F 229 -9.70 39.39 -51.42
C LEU F 229 -10.63 40.41 -52.07
N THR F 230 -11.05 40.09 -53.29
CA THR F 230 -12.04 40.86 -54.05
C THR F 230 -12.97 39.87 -54.73
N PRO F 231 -14.04 40.36 -55.38
CA PRO F 231 -14.89 39.43 -56.10
C PRO F 231 -14.14 38.64 -57.17
N GLU F 232 -13.18 39.28 -57.85
CA GLU F 232 -12.39 38.53 -58.86
C GLU F 232 -11.45 37.49 -58.26
N THR F 233 -10.87 37.79 -57.12
CA THR F 233 -9.95 36.84 -56.47
C THR F 233 -10.62 35.79 -55.62
N ARG F 234 -11.85 36.02 -55.17
CA ARG F 234 -12.55 35.06 -54.36
C ARG F 234 -12.70 33.72 -55.08
N GLY F 235 -12.17 32.66 -54.47
CA GLY F 235 -12.17 31.34 -55.07
C GLY F 235 -11.32 31.21 -56.34
N LEU F 236 -10.34 32.10 -56.51
CA LEU F 236 -9.45 32.06 -57.68
C LEU F 236 -8.68 30.75 -57.73
N MET F 237 -8.11 30.36 -56.59
CA MET F 237 -7.38 29.10 -56.46
C MET F 237 -8.37 27.97 -56.15
N ASN F 238 -9.13 27.62 -57.18
CA ASN F 238 -10.12 26.56 -57.14
C ASN F 238 -9.46 25.27 -57.66
N ALA F 239 -10.24 24.20 -57.80
CA ALA F 239 -9.72 22.91 -58.27
C ALA F 239 -8.92 23.05 -59.57
N GLU F 240 -9.47 23.79 -60.52
CA GLU F 240 -8.85 24.02 -61.83
C GLU F 240 -7.49 24.73 -61.74
N ARG F 241 -7.41 25.79 -60.94
CA ARG F 241 -6.17 26.54 -60.79
C ARG F 241 -5.12 25.71 -60.01
N LEU F 242 -5.55 24.99 -58.98
CA LEU F 242 -4.65 24.12 -58.23
C LEU F 242 -4.06 23.03 -59.15
N ALA F 243 -4.86 22.54 -60.09
CA ALA F 243 -4.42 21.53 -61.06
C ALA F 243 -3.35 22.03 -62.02
N HIS F 244 -3.26 23.34 -62.24
CA HIS F 244 -2.19 23.92 -63.05
C HIS F 244 -0.83 23.92 -62.34
N LEU F 245 -0.81 23.87 -61.01
CA LEU F 245 0.46 23.74 -60.30
C LEU F 245 1.08 22.37 -60.62
N PRO F 246 2.41 22.28 -60.62
CA PRO F 246 3.03 20.97 -60.83
C PRO F 246 2.76 20.03 -59.66
N ARG F 247 2.69 18.73 -59.94
CA ARG F 247 2.50 17.75 -58.89
C ARG F 247 3.65 17.87 -57.89
N GLY F 248 3.29 17.79 -56.61
CA GLY F 248 4.27 17.94 -55.53
C GLY F 248 4.54 19.37 -55.13
N ALA F 249 3.72 20.31 -55.61
CA ALA F 249 3.92 21.71 -55.28
C ALA F 249 3.72 21.98 -53.79
N LYS F 250 4.37 23.04 -53.32
CA LYS F 250 4.24 23.48 -51.93
C LYS F 250 3.42 24.77 -51.94
N PHE F 251 2.39 24.83 -51.12
CA PHE F 251 1.37 25.87 -51.22
C PHE F 251 1.32 26.72 -49.96
N ILE F 252 1.58 28.03 -50.12
CA ILE F 252 1.59 28.95 -48.99
C ILE F 252 0.52 30.01 -49.17
N ASN F 253 -0.36 30.17 -48.17
CA ASN F 253 -1.33 31.26 -48.20
C ASN F 253 -1.16 32.17 -46.99
N VAL F 254 -0.75 33.41 -47.27
CA VAL F 254 -0.62 34.47 -46.26
C VAL F 254 -1.47 35.68 -46.64
N ALA F 255 -2.50 35.47 -47.45
CA ALA F 255 -3.30 36.56 -47.99
C ALA F 255 -4.66 36.59 -47.29
N ARG F 256 -5.66 35.98 -47.91
CA ARG F 256 -6.98 35.82 -47.34
C ARG F 256 -7.45 34.42 -47.68
N GLY F 257 -8.10 33.77 -46.72
CA GLY F 257 -8.52 32.39 -46.88
C GLY F 257 -9.42 32.13 -48.09
N PRO F 258 -10.44 32.97 -48.30
CA PRO F 258 -11.38 32.72 -49.39
C PRO F 258 -10.83 32.92 -50.81
N VAL F 259 -9.58 33.38 -50.95
CA VAL F 259 -8.92 33.38 -52.26
C VAL F 259 -8.72 31.94 -52.74
N VAL F 260 -8.62 31.01 -51.79
CA VAL F 260 -8.44 29.61 -52.03
C VAL F 260 -9.74 28.86 -51.74
N ASP F 261 -10.12 27.96 -52.64
CA ASP F 261 -11.21 27.03 -52.38
C ASP F 261 -10.67 25.97 -51.43
N GLU F 262 -11.06 26.08 -50.15
CA GLU F 262 -10.43 25.29 -49.09
C GLU F 262 -10.67 23.79 -49.24
N ALA F 263 -11.90 23.43 -49.61
CA ALA F 263 -12.27 22.05 -49.91
C ALA F 263 -11.45 21.46 -51.06
N ALA F 264 -11.21 22.28 -52.09
CA ALA F 264 -10.37 21.89 -53.22
C ALA F 264 -8.91 21.74 -52.84
N LEU F 265 -8.41 22.61 -51.97
CA LEU F 265 -7.04 22.47 -51.45
C LEU F 265 -6.90 21.16 -50.66
N ILE F 266 -7.85 20.89 -49.78
CA ILE F 266 -7.89 19.65 -49.02
C ILE F 266 -7.84 18.42 -49.93
N ALA F 267 -8.69 18.41 -50.95
CA ALA F 267 -8.70 17.30 -51.92
C ALA F 267 -7.35 17.14 -52.64
N ALA F 268 -6.73 18.26 -53.00
CA ALA F 268 -5.44 18.25 -53.68
C ALA F 268 -4.31 17.79 -52.75
N LEU F 269 -4.40 18.16 -51.48
CA LEU F 269 -3.48 17.63 -50.47
C LEU F 269 -3.67 16.10 -50.32
N ARG F 270 -4.92 15.66 -50.23
CA ARG F 270 -5.21 14.23 -50.07
C ARG F 270 -4.78 13.35 -51.24
N SER F 271 -4.87 13.88 -52.46
CA SER F 271 -4.45 13.15 -53.66
C SER F 271 -2.94 13.23 -53.91
N GLY F 272 -2.24 14.04 -53.12
CA GLY F 272 -0.81 14.25 -53.28
C GLY F 272 -0.43 15.24 -54.37
N HIS F 273 -1.39 15.86 -55.04
CA HIS F 273 -1.07 16.88 -56.04
C HIS F 273 -0.35 18.07 -55.41
N ILE F 274 -0.82 18.51 -54.23
CA ILE F 274 -0.08 19.45 -53.38
C ILE F 274 0.60 18.61 -52.31
N ALA F 275 1.92 18.68 -52.24
CA ALA F 275 2.69 17.87 -51.28
C ALA F 275 2.56 18.39 -49.84
N GLU F 276 2.66 19.71 -49.70
CA GLU F 276 2.71 20.37 -48.40
C GLU F 276 2.09 21.73 -48.50
N ALA F 277 1.65 22.26 -47.36
CA ALA F 277 1.11 23.61 -47.31
C ALA F 277 1.45 24.32 -46.01
N THR F 278 1.53 25.65 -46.10
CA THR F 278 1.61 26.52 -44.93
C THR F 278 0.48 27.54 -45.08
N LEU F 279 -0.42 27.56 -44.10
CA LEU F 279 -1.64 28.33 -44.18
C LEU F 279 -1.78 29.19 -42.95
N ASP F 280 -1.76 30.50 -43.16
CA ASP F 280 -1.95 31.49 -42.12
C ASP F 280 -3.39 32.02 -42.11
N VAL F 281 -4.16 31.74 -43.17
CA VAL F 281 -5.52 32.27 -43.34
C VAL F 281 -6.42 31.21 -43.91
N PHE F 282 -7.72 31.32 -43.61
CA PHE F 282 -8.70 30.27 -43.90
C PHE F 282 -10.06 30.86 -44.24
N GLU F 283 -10.91 30.07 -44.91
CA GLU F 283 -12.24 30.55 -45.29
C GLU F 283 -13.03 31.01 -44.07
N VAL F 284 -13.05 30.17 -43.05
CA VAL F 284 -13.59 30.53 -41.74
C VAL F 284 -12.45 30.55 -40.74
N GLU F 285 -12.32 31.67 -40.03
CA GLU F 285 -11.33 31.86 -38.96
C GLU F 285 -12.07 32.13 -37.65
N PRO F 286 -11.73 31.45 -36.56
CA PRO F 286 -10.69 30.42 -36.52
C PRO F 286 -11.07 29.16 -37.30
N LEU F 287 -10.07 28.47 -37.82
CA LEU F 287 -10.26 27.20 -38.51
C LEU F 287 -11.08 26.25 -37.63
N PRO F 288 -12.28 25.83 -38.10
CA PRO F 288 -13.15 24.97 -37.28
C PRO F 288 -12.44 23.70 -36.84
N VAL F 289 -12.75 23.24 -35.62
CA VAL F 289 -12.08 22.07 -35.05
C VAL F 289 -12.22 20.82 -35.93
N GLY F 290 -13.35 20.72 -36.63
CA GLY F 290 -13.57 19.63 -37.56
C GLY F 290 -12.77 19.62 -38.87
N SER F 291 -12.04 20.70 -39.16
CA SER F 291 -11.27 20.76 -40.43
C SER F 291 -10.24 19.65 -40.53
N PRO F 292 -10.20 18.94 -41.68
CA PRO F 292 -9.13 17.97 -41.94
C PRO F 292 -7.71 18.53 -41.91
N LEU F 293 -7.55 19.85 -42.06
CA LEU F 293 -6.23 20.48 -42.10
C LEU F 293 -5.45 20.38 -40.78
N TRP F 294 -6.15 20.36 -39.65
CA TRP F 294 -5.50 20.34 -38.34
C TRP F 294 -4.54 19.16 -38.19
N ALA F 295 -5.03 17.96 -38.51
CA ALA F 295 -4.28 16.72 -38.26
C ALA F 295 -3.29 16.32 -39.36
N MET F 296 -3.21 17.09 -40.43
CA MET F 296 -2.26 16.82 -41.51
C MET F 296 -0.86 17.29 -41.13
N ASP F 297 0.09 16.35 -41.05
CA ASP F 297 1.47 16.69 -40.65
C ASP F 297 2.26 17.36 -41.78
N ASN F 298 1.71 17.37 -42.99
CA ASN F 298 2.25 18.12 -44.13
C ASN F 298 1.61 19.50 -44.29
N VAL F 299 0.83 19.94 -43.30
CA VAL F 299 0.25 21.28 -43.28
C VAL F 299 0.69 21.98 -42.00
N LEU F 300 1.15 23.23 -42.14
CA LEU F 300 1.43 24.08 -41.00
C LEU F 300 0.34 25.13 -40.90
N VAL F 301 -0.35 25.19 -39.76
CA VAL F 301 -1.40 26.16 -39.49
C VAL F 301 -0.86 27.23 -38.57
N THR F 302 -0.94 28.49 -39.00
CA THR F 302 -0.66 29.62 -38.12
C THR F 302 -1.93 30.46 -38.03
N PRO F 303 -2.19 31.08 -36.85
CA PRO F 303 -3.50 31.69 -36.61
C PRO F 303 -3.64 33.14 -37.07
N HIS F 304 -3.46 33.37 -38.37
CA HIS F 304 -3.59 34.70 -38.99
C HIS F 304 -2.76 35.75 -38.27
N LEU F 305 -1.44 35.63 -38.40
CA LEU F 305 -0.52 36.59 -37.81
C LEU F 305 0.79 36.77 -38.59
N ALA F 306 0.74 36.56 -39.90
CA ALA F 306 1.94 36.63 -40.74
C ALA F 306 2.69 37.95 -40.53
N SER F 307 1.93 39.03 -40.51
CA SER F 307 2.47 40.36 -40.25
C SER F 307 1.46 41.23 -39.55
N ILE F 308 1.94 42.21 -38.80
CA ILE F 308 1.09 43.18 -38.10
C ILE F 308 1.65 44.58 -38.18
N ALA F 309 0.76 45.56 -38.04
CA ALA F 309 1.15 46.95 -37.94
C ALA F 309 1.57 47.21 -36.50
N ILE F 310 2.64 47.98 -36.35
CA ILE F 310 3.13 48.39 -35.03
C ILE F 310 2.86 49.88 -34.90
N PRO F 311 2.17 50.30 -33.80
CA PRO F 311 1.79 51.70 -33.63
C PRO F 311 2.90 52.71 -33.93
N ARG F 312 4.06 52.53 -33.30
CA ARG F 312 5.18 53.47 -33.41
C ARG F 312 5.63 53.71 -34.85
N THR F 313 5.74 52.65 -35.64
CA THR F 313 6.18 52.76 -37.03
C THR F 313 5.04 52.93 -38.05
N ALA F 314 3.81 52.62 -37.64
CA ALA F 314 2.62 52.87 -38.49
C ALA F 314 2.13 54.31 -38.42
N ALA F 315 2.30 54.94 -37.25
CA ALA F 315 1.77 56.28 -36.99
C ALA F 315 2.20 57.38 -37.98
N PRO F 316 3.48 57.41 -38.41
CA PRO F 316 3.93 58.47 -39.31
C PRO F 316 3.12 58.63 -40.59
N GLN F 317 2.82 57.52 -41.27
CA GLN F 317 2.02 57.59 -42.49
C GLN F 317 0.58 58.05 -42.21
N ILE F 318 0.05 57.72 -41.04
CA ILE F 318 -1.28 58.17 -40.66
C ILE F 318 -1.30 59.69 -40.47
N VAL F 319 -0.33 60.22 -39.73
CA VAL F 319 -0.30 61.67 -39.51
C VAL F 319 0.06 62.41 -40.80
N GLU F 320 0.85 61.80 -41.67
CA GLU F 320 1.13 62.37 -42.99
C GLU F 320 -0.15 62.47 -43.85
N ASN F 321 -1.02 61.47 -43.77
CA ASN F 321 -2.30 61.51 -44.48
C ASN F 321 -3.28 62.51 -43.88
N ILE F 322 -3.22 62.70 -42.56
CA ILE F 322 -3.96 63.80 -41.92
C ILE F 322 -3.50 65.16 -42.49
N ARG F 323 -2.19 65.36 -42.57
CA ARG F 323 -1.64 66.60 -43.15
C ARG F 323 -2.11 66.80 -44.59
N ARG F 324 -2.01 65.75 -45.40
CA ARG F 324 -2.43 65.78 -46.81
C ARG F 324 -3.91 66.07 -47.02
N ILE F 325 -4.77 65.44 -46.23
CA ILE F 325 -6.22 65.66 -46.36
C ILE F 325 -6.58 67.12 -46.04
N GLU F 326 -5.90 67.72 -45.05
CA GLU F 326 -6.13 69.13 -44.72
C GLU F 326 -5.50 70.11 -45.72
N ALA F 327 -4.39 69.73 -46.35
CA ALA F 327 -3.75 70.53 -47.40
C ALA F 327 -4.37 70.36 -48.79
N GLY F 328 -5.29 69.41 -48.94
CA GLY F 328 -5.88 69.10 -50.24
C GLY F 328 -4.97 68.30 -51.16
N GLU F 329 -4.00 67.59 -50.59
CA GLU F 329 -3.11 66.72 -51.36
C GLU F 329 -3.68 65.30 -51.38
N PRO F 330 -3.46 64.54 -52.47
CA PRO F 330 -3.89 63.15 -52.48
C PRO F 330 -3.20 62.30 -51.40
N VAL F 331 -3.96 61.39 -50.81
CA VAL F 331 -3.45 60.59 -49.69
C VAL F 331 -2.66 59.38 -50.16
N LEU F 332 -1.77 58.92 -49.30
CA LEU F 332 -1.00 57.70 -49.51
C LEU F 332 -1.83 56.47 -49.15
N ASN F 333 -1.55 55.37 -49.82
CA ASN F 333 -2.13 54.04 -49.56
C ASN F 333 -3.66 54.03 -49.66
N GLN F 334 -4.17 54.76 -50.65
CA GLN F 334 -5.60 54.84 -50.88
C GLN F 334 -6.09 53.55 -51.54
N VAL F 335 -7.29 53.13 -51.15
CA VAL F 335 -7.96 52.00 -51.74
C VAL F 335 -8.79 52.49 -52.92
N ASP F 336 -8.77 51.72 -54.00
CA ASP F 336 -9.35 52.10 -55.27
C ASP F 336 -10.74 51.48 -55.36
N PRO F 337 -11.80 52.32 -55.32
CA PRO F 337 -13.15 51.76 -55.41
C PRO F 337 -13.46 50.96 -56.68
N ARG F 338 -12.80 51.28 -57.80
CA ARG F 338 -12.98 50.55 -59.05
C ARG F 338 -12.55 49.05 -58.97
N ARG F 339 -11.48 48.77 -58.27
CA ARG F 339 -10.82 47.48 -58.21
C ARG F 339 -11.23 46.76 -56.97
N GLY F 340 -11.51 47.51 -55.91
CA GLY F 340 -11.78 46.90 -54.58
C GLY F 340 -10.57 46.63 -53.69
N TYR F 341 -9.46 47.29 -54.00
CA TYR F 341 -8.23 47.15 -53.21
C TYR F 341 -7.29 48.30 -53.45
N ALA G 100 33.89 22.23 -45.09
CA ALA G 100 34.24 23.49 -44.39
C ALA G 100 34.90 23.21 -43.03
N GLY G 101 34.52 22.11 -42.40
CA GLY G 101 35.16 21.62 -41.17
C GLY G 101 36.33 20.71 -41.47
N VAL G 102 37.35 20.76 -40.62
CA VAL G 102 38.55 19.93 -40.76
C VAL G 102 38.96 19.22 -39.47
N ASP G 103 38.03 19.13 -38.51
CA ASP G 103 38.35 18.71 -37.14
C ASP G 103 38.90 17.29 -37.05
N ALA G 104 38.35 16.36 -37.84
CA ALA G 104 38.86 14.98 -37.84
C ALA G 104 40.20 14.90 -38.58
N LEU G 105 40.29 15.57 -39.72
CA LEU G 105 41.53 15.61 -40.49
C LEU G 105 42.75 16.11 -39.70
N VAL G 106 42.61 17.23 -38.99
CA VAL G 106 43.72 17.84 -38.26
C VAL G 106 44.12 17.08 -36.98
N ALA G 107 43.22 16.25 -36.47
CA ALA G 107 43.51 15.40 -35.30
C ALA G 107 44.31 14.14 -35.65
N ARG G 108 44.56 13.88 -36.93
CA ARG G 108 45.30 12.69 -37.35
C ARG G 108 46.78 12.73 -36.98
N ASP G 109 47.32 11.57 -36.64
CA ASP G 109 48.74 11.42 -36.31
C ASP G 109 49.63 11.26 -37.54
N ASP G 110 49.03 11.01 -38.71
CA ASP G 110 49.77 10.74 -39.94
C ASP G 110 49.70 11.89 -40.97
N LEU G 111 49.29 13.06 -40.52
CA LEU G 111 49.08 14.19 -41.42
C LEU G 111 50.43 14.70 -41.90
N PRO G 112 50.63 14.81 -43.23
CA PRO G 112 51.91 15.28 -43.75
C PRO G 112 52.05 16.79 -43.60
N ASP G 113 53.29 17.27 -43.58
CA ASP G 113 53.58 18.70 -43.43
C ASP G 113 53.45 19.43 -44.78
N VAL G 114 52.23 19.53 -45.25
CA VAL G 114 51.91 20.22 -46.51
C VAL G 114 50.61 20.99 -46.30
N PRO G 115 50.34 21.99 -47.17
CA PRO G 115 49.12 22.78 -46.97
C PRO G 115 47.85 21.94 -46.93
N VAL G 116 47.03 22.19 -45.92
CA VAL G 116 45.72 21.58 -45.75
C VAL G 116 44.72 22.70 -45.94
N THR G 117 43.77 22.50 -46.86
CA THR G 117 42.73 23.48 -47.16
C THR G 117 41.35 22.87 -46.95
N ARG G 118 40.37 23.76 -46.90
CA ARG G 118 38.97 23.39 -46.80
C ARG G 118 38.22 24.06 -47.95
N LEU G 119 37.02 23.57 -48.21
CA LEU G 119 36.12 24.21 -49.17
C LEU G 119 35.48 25.38 -48.46
N SER G 120 35.50 26.55 -49.08
CA SER G 120 34.71 27.66 -48.57
C SER G 120 34.37 28.70 -49.64
N ASP G 121 33.22 28.53 -50.30
CA ASP G 121 32.78 29.42 -51.39
C ASP G 121 31.50 30.20 -51.00
N PRO G 122 31.22 31.32 -51.69
CA PRO G 122 30.00 32.10 -51.45
C PRO G 122 28.63 31.41 -51.65
N ASN G 123 28.57 30.32 -52.39
CA ASN G 123 27.32 29.53 -52.55
C ASN G 123 26.99 28.75 -51.27
N MET G 124 28.00 28.09 -50.70
CA MET G 124 27.90 27.44 -49.40
C MET G 124 27.50 28.42 -48.30
N SER G 125 28.15 29.57 -48.34
CA SER G 125 27.90 30.70 -47.44
C SER G 125 26.43 31.13 -47.47
N GLN G 126 25.90 31.29 -48.68
CA GLN G 126 24.52 31.70 -48.89
C GLN G 126 23.56 30.64 -48.34
N MET G 127 23.84 29.38 -48.68
CA MET G 127 23.00 28.29 -48.22
C MET G 127 22.96 28.23 -46.68
N MET G 128 24.13 28.33 -46.04
CA MET G 128 24.19 28.33 -44.58
C MET G 128 23.47 29.54 -44.00
N ALA G 129 23.71 30.72 -44.57
CA ALA G 129 23.07 31.94 -44.07
C ALA G 129 21.55 31.84 -44.16
N SER G 130 21.04 31.29 -45.27
CA SER G 130 19.59 31.11 -45.42
C SER G 130 19.04 30.11 -44.40
N PHE G 131 19.79 29.03 -44.19
CA PHE G 131 19.37 28.01 -43.22
C PHE G 131 19.34 28.57 -41.79
N VAL G 132 20.37 29.34 -41.42
CA VAL G 132 20.39 29.97 -40.09
C VAL G 132 19.22 30.94 -39.95
N LEU G 133 18.96 31.71 -41.00
CA LEU G 133 17.83 32.62 -40.98
C LEU G 133 16.50 31.87 -40.77
N PHE G 134 16.32 30.76 -41.48
CA PHE G 134 15.16 29.90 -41.26
C PHE G 134 15.04 29.48 -39.78
N CYS G 135 16.14 28.99 -39.21
CA CYS G 135 16.16 28.52 -37.81
C CYS G 135 15.76 29.63 -36.82
N VAL G 136 16.36 30.80 -37.00
CA VAL G 136 16.13 31.95 -36.13
C VAL G 136 14.70 32.45 -36.27
N LEU G 137 14.24 32.63 -37.51
CA LEU G 137 12.86 33.07 -37.75
C LEU G 137 11.85 32.08 -37.18
N ARG G 138 12.12 30.79 -37.33
CA ARG G 138 11.23 29.77 -36.81
C ARG G 138 11.03 29.93 -35.29
N HIS G 139 12.11 30.16 -34.55
CA HIS G 139 12.02 30.45 -33.11
C HIS G 139 11.42 31.84 -32.82
N ALA G 140 11.89 32.84 -33.55
CA ALA G 140 11.48 34.24 -33.33
C ALA G 140 9.99 34.46 -33.56
N ARG G 141 9.41 33.70 -34.49
CA ARG G 141 7.98 33.79 -34.80
C ARG G 141 7.12 32.73 -34.08
N ASP G 142 7.67 32.09 -33.04
CA ASP G 142 6.93 31.20 -32.12
C ASP G 142 6.31 29.96 -32.78
N ILE G 143 6.97 29.49 -33.84
CA ILE G 143 6.41 28.42 -34.68
C ILE G 143 6.21 27.11 -33.91
N PRO G 144 7.16 26.74 -33.03
CA PRO G 144 6.93 25.50 -32.28
C PRO G 144 5.69 25.54 -31.38
N THR G 145 5.34 26.72 -30.90
CA THR G 145 4.10 26.90 -30.14
C THR G 145 2.90 26.59 -31.03
N PHE G 146 2.90 27.12 -32.26
CA PHE G 146 1.77 26.90 -33.17
C PHE G 146 1.67 25.47 -33.62
N GLU G 147 2.82 24.82 -33.79
CA GLU G 147 2.85 23.42 -34.17
C GLU G 147 2.30 22.54 -33.05
N ARG G 148 2.67 22.82 -31.80
CA ARG G 148 2.14 22.11 -30.63
C ARG G 148 0.61 22.27 -30.58
N ALA G 149 0.16 23.52 -30.69
CA ALA G 149 -1.27 23.84 -30.73
C ALA G 149 -2.01 23.15 -31.89
N GLN G 150 -1.39 23.11 -33.07
CA GLN G 150 -2.00 22.47 -34.24
C GLN G 150 -2.24 20.99 -33.99
N ARG G 151 -1.29 20.33 -33.32
CA ARG G 151 -1.45 18.91 -33.00
C ARG G 151 -2.57 18.62 -32.00
N GLU G 152 -2.95 19.63 -31.22
CA GLU G 152 -4.10 19.55 -30.32
C GLU G 152 -5.40 20.09 -30.94
N GLY G 153 -5.36 20.55 -32.18
CA GLY G 153 -6.55 21.12 -32.84
C GLY G 153 -6.96 22.47 -32.28
N ARG G 154 -6.00 23.23 -31.78
CA ARG G 154 -6.27 24.45 -31.05
C ARG G 154 -5.74 25.69 -31.79
N TRP G 155 -6.66 26.62 -32.04
CA TRP G 155 -6.32 27.93 -32.59
C TRP G 155 -6.01 28.84 -31.40
N HIS G 156 -4.76 29.28 -31.29
CA HIS G 156 -4.40 30.21 -30.24
C HIS G 156 -3.45 31.30 -30.72
N TYR G 157 -3.99 32.50 -30.83
CA TYR G 157 -3.24 33.66 -31.25
C TYR G 157 -2.20 34.03 -30.18
N VAL G 158 -0.98 34.29 -30.62
CA VAL G 158 0.09 34.81 -29.78
C VAL G 158 0.60 36.03 -30.52
N HIS G 159 0.60 37.19 -29.86
CA HIS G 159 0.96 38.44 -30.51
C HIS G 159 2.42 38.39 -30.98
N PRO G 160 2.66 38.58 -32.29
CA PRO G 160 4.02 38.50 -32.82
C PRO G 160 4.94 39.59 -32.30
N ARG G 161 6.23 39.27 -32.22
CA ARG G 161 7.23 40.27 -31.85
C ARG G 161 7.99 40.71 -33.08
N THR G 162 8.33 41.99 -33.14
CA THR G 162 9.23 42.48 -34.18
C THR G 162 10.64 42.01 -33.93
N ALA G 163 11.37 41.92 -35.04
CA ALA G 163 12.74 41.46 -35.01
C ALA G 163 13.62 42.33 -34.10
N ALA G 164 13.36 43.64 -34.06
CA ALA G 164 14.14 44.58 -33.26
C ALA G 164 14.08 44.32 -31.76
N GLU G 165 13.02 43.66 -31.30
CA GLU G 165 12.86 43.26 -29.91
C GLU G 165 13.72 42.07 -29.50
N ILE G 166 14.23 41.32 -30.50
CA ILE G 166 14.89 40.05 -30.22
C ILE G 166 16.37 40.15 -30.47
N ARG G 167 17.16 39.78 -29.46
CA ARG G 167 18.62 39.76 -29.59
C ARG G 167 19.07 38.39 -30.02
N VAL G 168 19.90 38.34 -31.05
CA VAL G 168 20.38 37.08 -31.62
C VAL G 168 21.89 37.11 -31.59
N GLY G 169 22.48 36.08 -30.99
CA GLY G 169 23.94 35.95 -30.89
C GLY G 169 24.47 34.85 -31.77
N VAL G 170 25.53 35.15 -32.52
CA VAL G 170 26.21 34.16 -33.35
C VAL G 170 27.61 33.87 -32.76
N LEU G 171 27.83 32.63 -32.35
CA LEU G 171 29.15 32.18 -31.90
C LEU G 171 29.98 31.76 -33.11
N GLY G 172 30.98 32.58 -33.43
CA GLY G 172 31.83 32.37 -34.62
C GLY G 172 31.44 33.38 -35.66
N LEU G 173 32.42 34.14 -36.17
CA LEU G 173 32.17 35.14 -37.23
C LEU G 173 33.10 34.93 -38.41
N GLY G 174 33.20 33.68 -38.86
CA GLY G 174 34.06 33.32 -40.00
C GLY G 174 33.32 33.47 -41.32
N ASP G 175 33.76 32.72 -42.33
CA ASP G 175 33.11 32.73 -43.65
C ASP G 175 31.60 32.51 -43.53
N LEU G 176 31.19 31.56 -42.71
CA LEU G 176 29.78 31.23 -42.52
C LEU G 176 29.13 32.10 -41.45
N GLY G 177 29.80 32.21 -40.30
CA GLY G 177 29.26 32.98 -39.18
C GLY G 177 29.02 34.45 -39.46
N ALA G 178 29.98 35.10 -40.11
CA ALA G 178 29.81 36.52 -40.47
C ALA G 178 28.68 36.71 -41.48
N ALA G 179 28.60 35.82 -42.47
CA ALA G 179 27.53 35.90 -43.47
C ALA G 179 26.15 35.74 -42.83
N ALA G 180 26.04 34.81 -41.89
CA ALA G 180 24.79 34.60 -41.17
C ALA G 180 24.43 35.81 -40.31
N ALA G 181 25.40 36.32 -39.56
CA ALA G 181 25.17 37.49 -38.72
C ALA G 181 24.71 38.70 -39.54
N LEU G 182 25.36 38.95 -40.66
CA LEU G 182 24.99 40.07 -41.55
C LEU G 182 23.59 39.91 -42.13
N GLU G 183 23.21 38.69 -42.48
CA GLU G 183 21.86 38.42 -42.97
C GLU G 183 20.82 38.62 -41.86
N LEU G 184 21.12 38.16 -40.65
CA LEU G 184 20.21 38.36 -39.52
C LEU G 184 20.00 39.85 -39.27
N ALA G 185 21.06 40.64 -39.39
CA ALA G 185 20.97 42.08 -39.22
C ALA G 185 20.05 42.74 -40.25
N ARG G 186 20.05 42.24 -41.49
CA ARG G 186 19.17 42.77 -42.54
C ARG G 186 17.69 42.62 -42.22
N HIS G 187 17.36 41.57 -41.47
CA HIS G 187 15.99 41.32 -41.03
C HIS G 187 15.55 42.05 -39.77
N GLY G 188 16.41 42.93 -39.25
CA GLY G 188 16.06 43.83 -38.15
C GLY G 188 16.34 43.32 -36.75
N PHE G 189 16.92 42.12 -36.62
CA PHE G 189 17.30 41.59 -35.31
C PHE G 189 18.41 42.44 -34.70
N ASP G 190 18.47 42.44 -33.37
CA ASP G 190 19.58 43.07 -32.63
C ASP G 190 20.67 42.00 -32.55
N VAL G 191 21.60 42.03 -33.49
CA VAL G 191 22.52 40.94 -33.71
C VAL G 191 23.85 41.20 -33.00
N ARG G 192 24.36 40.17 -32.34
CA ARG G 192 25.70 40.20 -31.76
C ARG G 192 26.47 38.99 -32.24
N GLY G 193 27.80 39.11 -32.20
CA GLY G 193 28.70 38.05 -32.64
C GLY G 193 29.89 37.93 -31.70
N TRP G 194 30.42 36.71 -31.63
CA TRP G 194 31.57 36.39 -30.78
C TRP G 194 32.62 35.66 -31.61
N SER G 195 33.87 36.10 -31.47
CA SER G 195 35.01 35.46 -32.13
C SER G 195 36.22 35.41 -31.18
N ARG G 196 37.29 34.81 -31.66
CA ARG G 196 38.51 34.64 -30.86
C ARG G 196 39.29 35.95 -30.78
N THR G 197 39.39 36.64 -31.91
CA THR G 197 40.09 37.91 -32.04
C THR G 197 39.11 39.01 -32.46
N PRO G 198 39.48 40.28 -32.27
CA PRO G 198 38.53 41.36 -32.57
C PRO G 198 38.07 41.40 -34.02
N LYS G 199 36.81 41.72 -34.20
CA LYS G 199 36.22 41.90 -35.51
C LYS G 199 35.34 43.13 -35.51
N ALA G 200 35.27 43.78 -36.64
CA ALA G 200 34.31 44.86 -36.85
C ALA G 200 33.42 44.36 -37.98
N LEU G 201 32.14 44.43 -37.76
CA LEU G 201 31.18 43.88 -38.70
C LEU G 201 29.98 44.82 -38.63
N GLU G 202 29.73 45.50 -39.74
CA GLU G 202 28.70 46.53 -39.83
C GLU G 202 27.35 45.98 -39.40
N GLY G 203 26.69 46.69 -38.48
CA GLY G 203 25.36 46.33 -38.01
C GLY G 203 25.30 45.21 -36.99
N VAL G 204 26.46 44.74 -36.55
CA VAL G 204 26.58 43.64 -35.60
C VAL G 204 27.42 44.08 -34.40
N SER G 205 26.93 43.80 -33.19
CA SER G 205 27.66 44.04 -31.95
C SER G 205 28.70 42.95 -31.74
N CYS G 206 29.96 43.26 -31.97
CA CYS G 206 31.03 42.27 -31.91
C CYS G 206 31.73 42.19 -30.55
N PHE G 207 31.76 40.97 -30.02
CA PHE G 207 32.45 40.62 -28.79
C PHE G 207 33.61 39.68 -29.17
N HIS G 208 34.66 39.65 -28.38
CA HIS G 208 35.74 38.71 -28.61
C HIS G 208 36.43 38.27 -27.32
N GLY G 209 36.97 37.06 -27.34
CA GLY G 209 37.76 36.55 -26.25
C GLY G 209 36.90 35.85 -25.22
N LEU G 210 37.57 35.01 -24.45
CA LEU G 210 36.92 34.14 -23.48
C LEU G 210 36.31 34.91 -22.30
N GLU G 211 36.95 36.01 -21.93
CA GLU G 211 36.47 36.86 -20.82
C GLU G 211 35.12 37.52 -21.15
N ALA G 212 34.90 37.83 -22.44
CA ALA G 212 33.66 38.46 -22.88
C ALA G 212 32.51 37.48 -23.11
N LEU G 213 32.77 36.17 -23.09
CA LEU G 213 31.77 35.16 -23.46
C LEU G 213 30.53 35.15 -22.54
N PRO G 214 30.70 35.24 -21.21
CA PRO G 214 29.49 35.29 -20.36
C PRO G 214 28.55 36.45 -20.70
N GLY G 215 29.09 37.66 -20.86
CA GLY G 215 28.32 38.83 -21.25
C GLY G 215 27.67 38.72 -22.62
N PHE G 216 28.40 38.12 -23.57
CA PHE G 216 27.86 37.86 -24.90
C PHE G 216 26.63 36.96 -24.80
N LEU G 217 26.78 35.86 -24.07
CA LEU G 217 25.68 34.91 -23.88
C LEU G 217 24.50 35.50 -23.09
N ALA G 218 24.80 36.27 -22.06
CA ALA G 218 23.76 36.89 -21.20
C ALA G 218 22.74 37.72 -21.99
N GLY G 219 23.17 38.36 -23.07
CA GLY G 219 22.27 39.13 -23.91
C GLY G 219 21.67 38.43 -25.12
N SER G 220 21.94 37.13 -25.28
CA SER G 220 21.52 36.38 -26.47
C SER G 220 20.24 35.59 -26.21
N GLU G 221 19.09 36.15 -26.60
CA GLU G 221 17.81 35.44 -26.46
C GLU G 221 17.78 34.23 -27.39
N ILE G 222 18.29 34.41 -28.60
CA ILE G 222 18.49 33.32 -29.54
C ILE G 222 19.99 33.23 -29.77
N VAL G 223 20.54 32.02 -29.74
CA VAL G 223 21.97 31.85 -29.94
C VAL G 223 22.19 30.80 -31.04
N VAL G 224 23.18 31.07 -31.89
CA VAL G 224 23.54 30.20 -33.00
C VAL G 224 25.00 29.80 -32.89
N VAL G 225 25.28 28.50 -32.78
CA VAL G 225 26.65 28.00 -32.69
C VAL G 225 27.19 27.78 -34.10
N MET G 226 28.22 28.53 -34.45
CA MET G 226 28.88 28.46 -35.77
C MET G 226 30.40 28.39 -35.61
N LEU G 227 30.85 27.68 -34.59
CA LEU G 227 32.27 27.53 -34.26
C LEU G 227 32.84 26.25 -34.86
N PRO G 228 34.10 26.29 -35.31
CA PRO G 228 34.75 25.02 -35.64
C PRO G 228 35.03 24.25 -34.35
N LEU G 229 35.16 22.94 -34.48
CA LEU G 229 35.52 22.08 -33.37
C LEU G 229 37.03 22.03 -33.28
N THR G 230 37.54 22.50 -32.14
CA THR G 230 38.97 22.47 -31.80
C THR G 230 39.08 22.07 -30.34
N PRO G 231 40.30 21.84 -29.85
CA PRO G 231 40.44 21.54 -28.44
C PRO G 231 39.90 22.67 -27.57
N GLU G 232 40.07 23.91 -28.00
CA GLU G 232 39.51 25.05 -27.29
C GLU G 232 37.97 25.11 -27.25
N THR G 233 37.33 24.75 -28.37
CA THR G 233 35.88 24.83 -28.45
C THR G 233 35.16 23.57 -28.04
N ARG G 234 35.88 22.46 -27.91
CA ARG G 234 35.23 21.20 -27.52
C ARG G 234 34.64 21.35 -26.12
N GLY G 235 33.33 21.10 -26.00
CA GLY G 235 32.63 21.25 -24.73
C GLY G 235 32.55 22.69 -24.21
N LEU G 236 32.71 23.67 -25.10
CA LEU G 236 32.65 25.09 -24.70
C LEU G 236 31.28 25.43 -24.10
N MET G 237 30.22 24.99 -24.78
CA MET G 237 28.86 25.18 -24.30
C MET G 237 28.48 24.05 -23.34
N ASN G 238 29.09 24.13 -22.15
CA ASN G 238 28.87 23.18 -21.06
C ASN G 238 27.79 23.77 -20.14
N ALA G 239 27.52 23.10 -19.01
CA ALA G 239 26.50 23.54 -18.07
C ALA G 239 26.66 25.02 -17.68
N GLU G 240 27.90 25.39 -17.36
CA GLU G 240 28.24 26.76 -16.94
C GLU G 240 27.94 27.81 -18.02
N ARG G 241 28.35 27.52 -19.27
CA ARG G 241 28.10 28.46 -20.36
C ARG G 241 26.61 28.54 -20.71
N LEU G 242 25.92 27.41 -20.70
CA LEU G 242 24.48 27.40 -20.95
C LEU G 242 23.74 28.23 -19.89
N ALA G 243 24.22 28.19 -18.64
CA ALA G 243 23.63 28.96 -17.54
C ALA G 243 23.78 30.47 -17.70
N HIS G 244 24.77 30.92 -18.49
CA HIS G 244 24.91 32.34 -18.81
C HIS G 244 23.85 32.86 -19.79
N LEU G 245 23.26 31.97 -20.61
CA LEU G 245 22.16 32.39 -21.48
C LEU G 245 20.97 32.79 -20.61
N PRO G 246 20.15 33.74 -21.08
CA PRO G 246 18.95 34.09 -20.32
C PRO G 246 17.95 32.94 -20.31
N ARG G 247 17.17 32.82 -19.25
CA ARG G 247 16.14 31.80 -19.16
C ARG G 247 15.18 31.98 -20.33
N GLY G 248 14.80 30.86 -20.94
CA GLY G 248 13.91 30.87 -22.10
C GLY G 248 14.62 31.05 -23.42
N ALA G 249 15.95 30.96 -23.41
CA ALA G 249 16.72 31.14 -24.64
C ALA G 249 16.41 30.05 -25.67
N LYS G 250 16.61 30.40 -26.94
CA LYS G 250 16.43 29.47 -28.04
C LYS G 250 17.83 29.13 -28.58
N PHE G 251 18.12 27.84 -28.71
CA PHE G 251 19.47 27.36 -28.94
C PHE G 251 19.60 26.66 -30.28
N ILE G 252 20.45 27.18 -31.16
CA ILE G 252 20.64 26.61 -32.49
C ILE G 252 22.08 26.16 -32.65
N ASN G 253 22.30 24.90 -33.02
CA ASN G 253 23.64 24.40 -33.32
C ASN G 253 23.71 23.88 -34.76
N VAL G 254 24.48 24.60 -35.59
CA VAL G 254 24.76 24.21 -36.97
C VAL G 254 26.27 24.07 -37.21
N ALA G 255 27.02 23.83 -36.14
CA ALA G 255 28.47 23.83 -36.21
C ALA G 255 29.00 22.38 -36.12
N ARG G 256 29.36 21.97 -34.92
CA ARG G 256 29.75 20.60 -34.63
C ARG G 256 29.15 20.24 -33.29
N GLY G 257 28.67 19.01 -33.19
CA GLY G 257 27.99 18.55 -32.00
C GLY G 257 28.79 18.66 -30.70
N PRO G 258 30.06 18.23 -30.73
CA PRO G 258 30.86 18.26 -29.49
C PRO G 258 31.27 19.65 -28.97
N VAL G 259 30.96 20.71 -29.71
CA VAL G 259 31.10 22.07 -29.18
C VAL G 259 30.15 22.27 -27.98
N VAL G 260 29.04 21.53 -28.00
CA VAL G 260 28.03 21.54 -26.96
C VAL G 260 28.12 20.28 -26.12
N ASP G 261 28.05 20.44 -24.80
CA ASP G 261 27.91 19.30 -23.89
C ASP G 261 26.45 18.86 -24.00
N GLU G 262 26.22 17.75 -24.70
CA GLU G 262 24.86 17.35 -25.09
C GLU G 262 24.00 16.99 -23.89
N ALA G 263 24.58 16.29 -22.93
CA ALA G 263 23.92 15.96 -21.66
C ALA G 263 23.50 17.22 -20.88
N ALA G 264 24.38 18.23 -20.89
CA ALA G 264 24.09 19.52 -20.26
C ALA G 264 22.99 20.29 -21.00
N LEU G 265 22.98 20.22 -22.32
CA LEU G 265 21.90 20.84 -23.10
C LEU G 265 20.56 20.18 -22.77
N ILE G 266 20.55 18.84 -22.75
CA ILE G 266 19.35 18.08 -22.38
C ILE G 266 18.82 18.49 -21.01
N ALA G 267 19.71 18.56 -20.01
CA ALA G 267 19.31 19.00 -18.67
C ALA G 267 18.73 20.41 -18.66
N ALA G 268 19.33 21.31 -19.44
CA ALA G 268 18.86 22.69 -19.53
C ALA G 268 17.52 22.80 -20.27
N LEU G 269 17.32 21.95 -21.27
CA LEU G 269 16.00 21.84 -21.91
C LEU G 269 14.96 21.32 -20.90
N ARG G 270 15.31 20.28 -20.16
CA ARG G 270 14.38 19.69 -19.19
C ARG G 270 13.98 20.63 -18.04
N SER G 271 14.91 21.47 -17.59
CA SER G 271 14.64 22.44 -16.53
C SER G 271 13.94 23.70 -17.05
N GLY G 272 13.81 23.83 -18.36
CA GLY G 272 13.21 25.01 -18.97
C GLY G 272 14.15 26.20 -19.12
N HIS G 273 15.41 26.06 -18.73
CA HIS G 273 16.37 27.15 -18.92
C HIS G 273 16.56 27.48 -20.40
N ILE G 274 16.66 26.44 -21.23
CA ILE G 274 16.57 26.58 -22.68
C ILE G 274 15.15 26.19 -23.06
N ALA G 275 14.43 27.11 -23.70
CA ALA G 275 13.02 26.86 -24.07
C ALA G 275 12.88 25.91 -25.25
N GLU G 276 13.71 26.15 -26.27
CA GLU G 276 13.63 25.44 -27.54
C GLU G 276 15.00 25.32 -28.15
N ALA G 277 15.16 24.34 -29.03
CA ALA G 277 16.41 24.15 -29.75
C ALA G 277 16.19 23.67 -31.18
N THR G 278 17.13 24.03 -32.04
CA THR G 278 17.25 23.46 -33.38
C THR G 278 18.67 22.93 -33.51
N LEU G 279 18.80 21.63 -33.76
CA LEU G 279 20.07 20.95 -33.72
C LEU G 279 20.27 20.18 -35.02
N ASP G 280 21.30 20.58 -35.76
CA ASP G 280 21.70 19.93 -37.01
C ASP G 280 22.88 18.99 -36.79
N VAL G 281 23.54 19.09 -35.63
CA VAL G 281 24.75 18.32 -35.35
C VAL G 281 24.74 17.85 -33.90
N PHE G 282 25.42 16.73 -33.64
CA PHE G 282 25.35 16.03 -32.35
C PHE G 282 26.69 15.40 -31.99
N GLU G 283 26.87 15.08 -30.71
CA GLU G 283 28.13 14.47 -30.24
C GLU G 283 28.41 13.18 -31.00
N VAL G 284 27.40 12.32 -31.07
CA VAL G 284 27.44 11.11 -31.89
C VAL G 284 26.40 11.27 -33.00
N GLU G 285 26.85 11.09 -34.24
CA GLU G 285 25.99 11.13 -35.42
C GLU G 285 26.08 9.78 -36.13
N PRO G 286 24.95 9.16 -36.49
CA PRO G 286 23.61 9.69 -36.25
C PRO G 286 23.24 9.68 -34.77
N LEU G 287 22.37 10.61 -34.38
CA LEU G 287 21.85 10.71 -33.02
C LEU G 287 21.28 9.35 -32.61
N PRO G 288 21.86 8.72 -31.55
CA PRO G 288 21.40 7.40 -31.12
C PRO G 288 19.90 7.38 -30.83
N VAL G 289 19.25 6.25 -31.14
CA VAL G 289 17.80 6.13 -30.98
C VAL G 289 17.35 6.39 -29.53
N GLY G 290 18.21 6.04 -28.58
CA GLY G 290 17.92 6.30 -27.17
C GLY G 290 18.00 7.74 -26.70
N SER G 291 18.48 8.67 -27.53
CA SER G 291 18.60 10.08 -27.10
C SER G 291 17.25 10.69 -26.71
N PRO G 292 17.19 11.35 -25.54
CA PRO G 292 15.99 12.11 -25.16
C PRO G 292 15.57 13.22 -26.14
N LEU G 293 16.49 13.68 -26.99
CA LEU G 293 16.21 14.77 -27.92
C LEU G 293 15.17 14.44 -28.98
N TRP G 294 15.09 13.16 -29.39
CA TRP G 294 14.17 12.76 -30.46
C TRP G 294 12.73 13.13 -30.16
N ALA G 295 12.26 12.78 -28.96
CA ALA G 295 10.85 12.91 -28.58
C ALA G 295 10.44 14.30 -28.03
N MET G 296 11.40 15.22 -27.92
CA MET G 296 11.10 16.57 -27.43
C MET G 296 10.47 17.41 -28.53
N ASP G 297 9.23 17.87 -28.32
CA ASP G 297 8.54 18.65 -29.34
C ASP G 297 9.05 20.11 -29.44
N ASN G 298 9.85 20.52 -28.46
CA ASN G 298 10.55 21.81 -28.49
C ASN G 298 11.97 21.72 -29.05
N VAL G 299 12.32 20.58 -29.65
CA VAL G 299 13.59 20.40 -30.34
C VAL G 299 13.33 19.99 -31.78
N LEU G 300 14.01 20.64 -32.71
CA LEU G 300 13.99 20.25 -34.12
C LEU G 300 15.33 19.60 -34.43
N VAL G 301 15.28 18.36 -34.91
CA VAL G 301 16.47 17.59 -35.30
C VAL G 301 16.56 17.57 -36.82
N THR G 302 17.69 18.04 -37.36
CA THR G 302 17.99 17.88 -38.78
C THR G 302 19.26 17.06 -38.89
N PRO G 303 19.38 16.21 -39.95
CA PRO G 303 20.44 15.22 -39.98
C PRO G 303 21.76 15.69 -40.60
N HIS G 304 22.36 16.72 -40.01
CA HIS G 304 23.64 17.29 -40.46
C HIS G 304 23.63 17.62 -41.95
N LEU G 305 22.86 18.63 -42.29
CA LEU G 305 22.80 19.11 -43.67
C LEU G 305 22.52 20.61 -43.83
N ALA G 306 22.92 21.40 -42.84
CA ALA G 306 22.64 22.83 -42.84
C ALA G 306 23.09 23.49 -44.13
N SER G 307 24.30 23.14 -44.55
CA SER G 307 24.87 23.61 -45.80
C SER G 307 25.81 22.54 -46.35
N ILE G 308 25.94 22.54 -47.68
CA ILE G 308 26.85 21.61 -48.36
C ILE G 308 27.59 22.31 -49.48
N ALA G 309 28.74 21.77 -49.83
CA ALA G 309 29.47 22.24 -51.02
C ALA G 309 28.82 21.52 -52.22
N ILE G 310 28.64 22.27 -53.31
CA ILE G 310 28.19 21.78 -54.55
C ILE G 310 29.33 21.75 -55.55
N PRO G 311 29.55 20.59 -56.20
CA PRO G 311 30.69 20.44 -57.13
C PRO G 311 30.90 21.62 -58.08
N ARG G 312 29.88 22.00 -58.80
CA ARG G 312 29.97 23.06 -59.83
C ARG G 312 30.50 24.39 -59.30
N THR G 313 30.02 24.81 -58.12
CA THR G 313 30.48 26.08 -57.53
C THR G 313 31.69 25.94 -56.58
N ALA G 314 31.96 24.72 -56.10
CA ALA G 314 33.12 24.46 -55.26
C ALA G 314 34.40 24.24 -56.08
N ALA G 315 34.27 23.69 -57.27
CA ALA G 315 35.41 23.29 -58.10
C ALA G 315 36.41 24.40 -58.44
N PRO G 316 35.93 25.62 -58.76
CA PRO G 316 36.88 26.68 -59.18
C PRO G 316 37.98 26.98 -58.17
N GLN G 317 37.62 27.09 -56.87
CA GLN G 317 38.62 27.35 -55.85
C GLN G 317 39.59 26.18 -55.69
N ILE G 318 39.12 24.95 -55.91
CA ILE G 318 39.98 23.78 -55.84
C ILE G 318 41.01 23.81 -56.97
N VAL G 319 40.57 24.07 -58.20
CA VAL G 319 41.52 24.11 -59.32
C VAL G 319 42.44 25.33 -59.22
N GLU G 320 41.96 26.43 -58.65
CA GLU G 320 42.79 27.60 -58.38
C GLU G 320 43.91 27.27 -57.37
N ASN G 321 43.61 26.48 -56.36
CA ASN G 321 44.62 26.03 -55.38
C ASN G 321 45.60 25.04 -55.98
N ILE G 322 45.16 24.20 -56.91
CA ILE G 322 46.06 23.36 -57.70
C ILE G 322 47.05 24.23 -58.48
N ARG G 323 46.55 25.26 -59.16
CA ARG G 323 47.40 26.21 -59.89
C ARG G 323 48.43 26.88 -58.97
N ARG G 324 47.95 27.37 -57.83
CA ARG G 324 48.81 28.03 -56.82
C ARG G 324 49.90 27.14 -56.23
N ILE G 325 49.56 25.89 -55.90
CA ILE G 325 50.53 24.96 -55.33
C ILE G 325 51.65 24.66 -56.34
N GLU G 326 51.30 24.55 -57.62
CA GLU G 326 52.30 24.33 -58.68
C GLU G 326 53.13 25.58 -59.02
N ALA G 327 52.54 26.76 -58.88
CA ALA G 327 53.24 28.03 -59.09
C ALA G 327 54.04 28.52 -57.87
N GLY G 328 53.89 27.83 -56.73
CA GLY G 328 54.54 28.26 -55.49
C GLY G 328 53.88 29.45 -54.82
N GLU G 329 52.59 29.69 -55.13
CA GLU G 329 51.83 30.75 -54.48
C GLU G 329 51.10 30.19 -53.26
N PRO G 330 50.90 31.01 -52.21
CA PRO G 330 50.10 30.54 -51.07
C PRO G 330 48.66 30.20 -51.44
N VAL G 331 48.13 29.15 -50.86
CA VAL G 331 46.80 28.65 -51.20
C VAL G 331 45.70 29.40 -50.45
N LEU G 332 44.51 29.40 -51.03
CA LEU G 332 43.31 29.95 -50.41
C LEU G 332 42.72 28.95 -49.43
N ASN G 333 42.08 29.49 -48.38
CA ASN G 333 41.34 28.72 -47.37
C ASN G 333 42.21 27.66 -46.67
N GLN G 334 43.44 28.03 -46.38
CA GLN G 334 44.37 27.15 -45.67
C GLN G 334 44.02 27.07 -44.20
N VAL G 335 44.18 25.87 -43.63
CA VAL G 335 43.97 25.62 -42.22
C VAL G 335 45.31 25.85 -41.52
N ASP G 336 45.23 26.46 -40.35
CA ASP G 336 46.37 26.81 -39.53
C ASP G 336 46.59 25.70 -38.50
N PRO G 337 47.68 24.93 -38.63
CA PRO G 337 47.93 23.87 -37.64
C PRO G 337 48.07 24.36 -36.19
N ARG G 338 48.53 25.58 -35.97
CA ARG G 338 48.66 26.14 -34.62
C ARG G 338 47.32 26.34 -33.92
N ARG G 339 46.39 26.94 -34.66
CA ARG G 339 45.05 27.30 -34.22
C ARG G 339 44.11 26.09 -34.20
N GLY G 340 44.27 25.20 -35.19
CA GLY G 340 43.47 24.01 -35.30
C GLY G 340 42.24 24.16 -36.19
N TYR G 341 42.18 25.25 -36.94
CA TYR G 341 41.06 25.54 -37.81
C TYR G 341 41.50 26.61 -38.79
N ALA H 100 38.51 -39.19 -24.35
CA ALA H 100 37.58 -40.32 -24.57
C ALA H 100 36.33 -39.87 -25.35
N GLY H 101 35.94 -38.60 -25.20
CA GLY H 101 34.90 -37.98 -26.03
C GLY H 101 35.46 -37.39 -27.30
N VAL H 102 34.69 -37.44 -28.38
CA VAL H 102 35.07 -36.91 -29.69
C VAL H 102 33.98 -36.03 -30.33
N ASP H 103 33.02 -35.57 -29.51
CA ASP H 103 31.76 -34.99 -30.02
C ASP H 103 31.98 -33.72 -30.83
N ALA H 104 32.90 -32.86 -30.42
CA ALA H 104 33.20 -31.63 -31.16
C ALA H 104 33.99 -31.96 -32.42
N LEU H 105 34.99 -32.84 -32.30
CA LEU H 105 35.78 -33.24 -33.45
C LEU H 105 34.96 -33.83 -34.61
N VAL H 106 34.05 -34.76 -34.32
CA VAL H 106 33.26 -35.42 -35.36
C VAL H 106 32.17 -34.53 -35.98
N ALA H 107 31.78 -33.47 -35.29
CA ALA H 107 30.81 -32.50 -35.83
C ALA H 107 31.42 -31.50 -36.82
N ARG H 108 32.75 -31.52 -37.00
CA ARG H 108 33.42 -30.56 -37.87
C ARG H 108 33.15 -30.82 -39.34
N ASP H 109 33.05 -29.74 -40.11
CA ASP H 109 32.87 -29.81 -41.57
C ASP H 109 34.19 -30.02 -42.32
N ASP H 110 35.32 -29.83 -41.65
CA ASP H 110 36.65 -29.90 -42.27
C ASP H 110 37.45 -31.15 -41.87
N LEU H 111 36.77 -32.13 -41.30
CA LEU H 111 37.44 -33.33 -40.79
C LEU H 111 37.94 -34.16 -41.97
N PRO H 112 39.23 -34.51 -41.98
CA PRO H 112 39.77 -35.25 -43.11
C PRO H 112 39.39 -36.73 -43.04
N ASP H 113 39.39 -37.40 -44.20
CA ASP H 113 38.90 -38.77 -44.31
C ASP H 113 40.02 -39.75 -43.94
N VAL H 114 40.35 -39.79 -42.65
CA VAL H 114 41.34 -40.71 -42.10
C VAL H 114 40.81 -41.23 -40.77
N PRO H 115 41.40 -42.33 -40.26
CA PRO H 115 40.93 -42.85 -38.98
C PRO H 115 40.97 -41.83 -37.85
N VAL H 116 39.87 -41.73 -37.12
CA VAL H 116 39.76 -40.88 -35.95
C VAL H 116 39.67 -41.80 -34.74
N THR H 117 40.57 -41.60 -33.79
CA THR H 117 40.64 -42.42 -32.58
C THR H 117 40.53 -41.55 -31.35
N ARG H 118 40.28 -42.21 -30.23
CA ARG H 118 40.19 -41.57 -28.93
C ARG H 118 41.15 -42.29 -27.99
N LEU H 119 41.47 -41.65 -26.87
CA LEU H 119 42.22 -42.30 -25.81
C LEU H 119 41.25 -43.17 -25.02
N SER H 120 41.63 -44.41 -24.79
CA SER H 120 40.93 -45.19 -23.76
C SER H 120 41.75 -46.30 -23.09
N ASP H 121 42.37 -46.03 -21.95
CA ASP H 121 43.18 -47.04 -21.24
C ASP H 121 42.58 -47.43 -19.88
N PRO H 122 42.94 -48.61 -19.31
CA PRO H 122 42.49 -49.02 -17.99
C PRO H 122 42.81 -48.11 -16.78
N ASN H 123 43.79 -47.24 -16.89
CA ASN H 123 44.10 -46.26 -15.83
C ASN H 123 43.04 -45.15 -15.77
N MET H 124 42.68 -44.62 -16.94
CA MET H 124 41.56 -43.67 -17.06
C MET H 124 40.25 -44.27 -16.56
N SER H 125 40.04 -45.51 -16.95
CA SER H 125 38.88 -46.31 -16.55
C SER H 125 38.77 -46.40 -15.01
N GLN H 126 39.89 -46.71 -14.37
CA GLN H 126 39.97 -46.82 -12.92
C GLN H 126 39.68 -45.46 -12.26
N MET H 127 40.30 -44.42 -12.77
CA MET H 127 40.10 -43.08 -12.25
C MET H 127 38.61 -42.67 -12.34
N MET H 128 38.00 -42.89 -13.49
CA MET H 128 36.57 -42.60 -13.66
C MET H 128 35.70 -43.44 -12.73
N ALA H 129 35.99 -44.73 -12.66
CA ALA H 129 35.23 -45.63 -11.79
C ALA H 129 35.31 -45.19 -10.34
N SER H 130 36.50 -44.80 -9.88
CA SER H 130 36.66 -44.32 -8.50
C SER H 130 35.91 -43.02 -8.27
N PHE H 131 35.95 -42.12 -9.25
CA PHE H 131 35.24 -40.84 -9.15
C PHE H 131 33.71 -41.06 -9.09
N VAL H 132 33.19 -41.94 -9.95
CA VAL H 132 31.76 -42.26 -9.91
C VAL H 132 31.38 -42.87 -8.57
N LEU H 133 32.22 -43.76 -8.06
CA LEU H 133 31.99 -44.35 -6.76
C LEU H 133 31.94 -43.29 -5.65
N PHE H 134 32.87 -42.35 -5.68
CA PHE H 134 32.84 -41.21 -4.76
C PHE H 134 31.49 -40.46 -4.84
N CYS H 135 31.06 -40.14 -6.06
CA CYS H 135 29.80 -39.40 -6.27
C CYS H 135 28.58 -40.13 -5.70
N VAL H 136 28.50 -41.43 -6.01
CA VAL H 136 27.40 -42.28 -5.57
C VAL H 136 27.40 -42.43 -4.05
N LEU H 137 28.56 -42.77 -3.49
CA LEU H 137 28.68 -42.90 -2.03
C LEU H 137 28.34 -41.60 -1.31
N ARG H 138 28.77 -40.47 -1.86
CA ARG H 138 28.48 -39.18 -1.27
C ARG H 138 26.98 -38.96 -1.13
N HIS H 139 26.20 -39.28 -2.18
CA HIS H 139 24.75 -39.21 -2.12
C HIS H 139 24.14 -40.34 -1.23
N ALA H 140 24.64 -41.55 -1.41
CA ALA H 140 24.09 -42.72 -0.71
C ALA H 140 24.26 -42.62 0.81
N ARG H 141 25.34 -41.98 1.25
CA ARG H 141 25.60 -41.80 2.69
C ARG H 141 25.15 -40.43 3.23
N ASP H 142 24.28 -39.73 2.49
CA ASP H 142 23.58 -38.51 2.95
C ASP H 142 24.49 -37.34 3.31
N ILE H 143 25.63 -37.26 2.63
CA ILE H 143 26.67 -36.30 2.96
C ILE H 143 26.21 -34.85 2.82
N PRO H 144 25.44 -34.52 1.76
CA PRO H 144 24.97 -33.14 1.65
C PRO H 144 24.09 -32.69 2.81
N THR H 145 23.35 -33.63 3.41
CA THR H 145 22.56 -33.35 4.61
C THR H 145 23.50 -32.96 5.76
N PHE H 146 24.58 -33.72 5.94
CA PHE H 146 25.51 -33.44 7.04
C PHE H 146 26.27 -32.14 6.84
N GLU H 147 26.58 -31.83 5.59
CA GLU H 147 27.25 -30.59 5.26
C GLU H 147 26.34 -29.39 5.53
N ARG H 148 25.07 -29.49 5.16
CA ARG H 148 24.08 -28.45 5.46
C ARG H 148 23.97 -28.23 6.96
N ALA H 149 23.81 -29.32 7.69
CA ALA H 149 23.76 -29.31 9.16
C ALA H 149 25.03 -28.72 9.79
N GLN H 150 26.19 -29.07 9.26
CA GLN H 150 27.47 -28.56 9.78
C GLN H 150 27.53 -27.04 9.65
N ARG H 151 27.04 -26.50 8.55
CA ARG H 151 27.03 -25.04 8.36
C ARG H 151 26.11 -24.31 9.32
N GLU H 152 25.12 -25.01 9.86
CA GLU H 152 24.23 -24.49 10.90
C GLU H 152 24.69 -24.82 12.34
N GLY H 153 25.81 -25.51 12.48
CA GLY H 153 26.32 -25.91 13.79
C GLY H 153 25.49 -26.98 14.48
N ARG H 154 24.86 -27.83 13.68
CA ARG H 154 23.90 -28.81 14.18
C ARG H 154 24.39 -30.25 13.98
N TRP H 155 24.45 -30.97 15.09
CA TRP H 155 24.73 -32.40 15.10
C TRP H 155 23.37 -33.10 14.97
N HIS H 156 23.18 -33.80 13.86
CA HIS H 156 21.94 -34.53 13.63
C HIS H 156 22.17 -35.88 12.99
N TYR H 157 21.97 -36.91 13.79
CA TYR H 157 22.11 -38.29 13.35
C TYR H 157 21.00 -38.64 12.36
N VAL H 158 21.38 -39.26 11.25
CA VAL H 158 20.44 -39.80 10.28
C VAL H 158 20.88 -41.25 10.10
N HIS H 159 19.96 -42.19 10.32
CA HIS H 159 20.29 -43.60 10.28
C HIS H 159 20.77 -44.00 8.88
N PRO H 160 22.00 -44.55 8.77
CA PRO H 160 22.53 -44.92 7.45
C PRO H 160 21.77 -46.06 6.79
N ARG H 161 21.77 -46.09 5.47
CA ARG H 161 21.18 -47.17 4.70
C ARG H 161 22.28 -48.05 4.14
N THR H 162 22.03 -49.36 4.08
CA THR H 162 22.95 -50.26 3.39
C THR H 162 22.87 -50.07 1.89
N ALA H 163 23.98 -50.39 1.24
CA ALA H 163 24.09 -50.25 -0.20
C ALA H 163 23.05 -51.09 -0.93
N ALA H 164 22.70 -52.26 -0.39
CA ALA H 164 21.73 -53.16 -1.02
C ALA H 164 20.33 -52.58 -1.13
N GLU H 165 20.01 -51.61 -0.27
CA GLU H 165 18.73 -50.91 -0.31
C GLU H 165 18.63 -49.87 -1.42
N ILE H 166 19.76 -49.49 -2.01
CA ILE H 166 19.81 -48.38 -2.95
C ILE H 166 20.06 -48.88 -4.36
N ARG H 167 19.18 -48.50 -5.27
CA ARG H 167 19.32 -48.86 -6.68
C ARG H 167 20.05 -47.75 -7.40
N VAL H 168 21.08 -48.12 -8.15
CA VAL H 168 21.93 -47.18 -8.86
C VAL H 168 21.91 -47.54 -10.32
N GLY H 169 21.58 -46.58 -11.18
CA GLY H 169 21.52 -46.78 -12.62
C GLY H 169 22.64 -46.05 -13.33
N VAL H 170 23.32 -46.75 -14.24
CA VAL H 170 24.36 -46.15 -15.07
C VAL H 170 23.87 -46.07 -16.53
N LEU H 171 23.75 -44.87 -17.06
CA LEU H 171 23.44 -44.64 -18.48
C LEU H 171 24.72 -44.70 -19.29
N GLY H 172 24.87 -45.77 -20.06
CA GLY H 172 26.08 -46.04 -20.85
C GLY H 172 26.87 -47.12 -20.17
N LEU H 173 27.22 -48.18 -20.92
CA LEU H 173 28.00 -49.29 -20.39
C LEU H 173 29.21 -49.56 -21.27
N GLY H 174 29.93 -48.50 -21.61
CA GLY H 174 31.12 -48.61 -22.45
C GLY H 174 32.37 -48.85 -21.61
N ASP H 175 33.53 -48.46 -22.14
CA ASP H 175 34.79 -48.60 -21.42
C ASP H 175 34.71 -48.02 -20.00
N LEU H 176 34.12 -46.84 -19.88
CA LEU H 176 33.99 -46.17 -18.59
C LEU H 176 32.75 -46.61 -17.84
N GLY H 177 31.61 -46.64 -18.53
CA GLY H 177 30.34 -46.99 -17.92
C GLY H 177 30.29 -48.40 -17.34
N ALA H 178 30.77 -49.38 -18.07
CA ALA H 178 30.81 -50.75 -17.58
C ALA H 178 31.74 -50.89 -16.37
N ALA H 179 32.90 -50.25 -16.43
CA ALA H 179 33.83 -50.28 -15.30
C ALA H 179 33.22 -49.68 -14.03
N ALA H 180 32.52 -48.56 -14.20
CA ALA H 180 31.84 -47.92 -13.07
C ALA H 180 30.74 -48.79 -12.51
N ALA H 181 29.90 -49.34 -13.39
CA ALA H 181 28.82 -50.22 -12.97
C ALA H 181 29.33 -51.42 -12.19
N LEU H 182 30.38 -52.07 -12.69
CA LEU H 182 30.99 -53.23 -12.02
C LEU H 182 31.56 -52.88 -10.64
N GLU H 183 32.17 -51.70 -10.54
CA GLU H 183 32.69 -51.23 -9.26
C GLU H 183 31.56 -50.93 -8.27
N LEU H 184 30.49 -50.30 -8.75
CA LEU H 184 29.33 -50.04 -7.89
C LEU H 184 28.74 -51.34 -7.36
N ALA H 185 28.69 -52.36 -8.21
CA ALA H 185 28.20 -53.66 -7.80
C ALA H 185 29.05 -54.29 -6.69
N ARG H 186 30.36 -54.09 -6.72
CA ARG H 186 31.26 -54.62 -5.68
C ARG H 186 30.96 -54.05 -4.31
N HIS H 187 30.46 -52.82 -4.26
CA HIS H 187 30.08 -52.15 -3.01
C HIS H 187 28.67 -52.47 -2.50
N GLY H 188 27.98 -53.40 -3.18
CA GLY H 188 26.70 -53.93 -2.69
C GLY H 188 25.46 -53.22 -3.17
N PHE H 189 25.61 -52.19 -4.01
CA PHE H 189 24.46 -51.50 -4.59
C PHE H 189 23.69 -52.43 -5.53
N ASP H 190 22.39 -52.17 -5.67
CA ASP H 190 21.56 -52.87 -6.66
C ASP H 190 21.73 -52.11 -7.97
N VAL H 191 22.66 -52.56 -8.79
CA VAL H 191 23.13 -51.78 -9.93
C VAL H 191 22.40 -52.20 -11.20
N ARG H 192 21.99 -51.20 -11.98
CA ARG H 192 21.45 -51.42 -13.31
C ARG H 192 22.20 -50.55 -14.31
N GLY H 193 22.16 -50.97 -15.57
CA GLY H 193 22.83 -50.27 -16.64
C GLY H 193 21.98 -50.24 -17.90
N TRP H 194 22.18 -49.18 -18.71
CA TRP H 194 21.45 -48.97 -19.95
C TRP H 194 22.43 -48.70 -21.08
N SER H 195 22.23 -49.37 -22.21
CA SER H 195 23.05 -49.17 -23.40
C SER H 195 22.17 -49.20 -24.66
N ARG H 196 22.79 -48.98 -25.81
CA ARG H 196 22.07 -48.93 -27.08
C ARG H 196 21.70 -50.33 -27.56
N THR H 197 22.66 -51.26 -27.40
CA THR H 197 22.50 -52.65 -27.81
C THR H 197 22.67 -53.54 -26.58
N PRO H 198 22.22 -54.81 -26.65
CA PRO H 198 22.27 -55.67 -25.47
C PRO H 198 23.67 -55.88 -24.91
N LYS H 199 23.76 -55.92 -23.60
CA LYS H 199 24.98 -56.25 -22.89
C LYS H 199 24.63 -57.23 -21.76
N ALA H 200 25.58 -58.09 -21.47
CA ALA H 200 25.53 -58.92 -20.29
C ALA H 200 26.72 -58.49 -19.46
N LEU H 201 26.47 -58.21 -18.20
CA LEU H 201 27.48 -57.67 -17.33
C LEU H 201 27.18 -58.27 -15.97
N GLU H 202 28.12 -59.09 -15.49
CA GLU H 202 27.93 -59.85 -14.26
C GLU H 202 27.61 -58.94 -13.08
N GLY H 203 26.54 -59.25 -12.37
CA GLY H 203 26.14 -58.50 -11.18
C GLY H 203 25.41 -57.20 -11.44
N VAL H 204 25.11 -56.92 -12.71
CA VAL H 204 24.42 -55.70 -13.13
C VAL H 204 23.17 -56.07 -13.93
N SER H 205 22.05 -55.43 -13.59
CA SER H 205 20.81 -55.56 -14.34
C SER H 205 20.86 -54.72 -15.61
N CYS H 206 21.04 -55.38 -16.75
CA CYS H 206 21.23 -54.67 -18.02
C CYS H 206 19.94 -54.46 -18.81
N PHE H 207 19.69 -53.20 -19.15
CA PHE H 207 18.58 -52.76 -20.00
C PHE H 207 19.19 -52.23 -21.29
N HIS H 208 18.44 -52.28 -22.40
CA HIS H 208 18.92 -51.69 -23.63
C HIS H 208 17.77 -51.17 -24.49
N GLY H 209 18.06 -50.15 -25.29
CA GLY H 209 17.12 -49.61 -26.23
C GLY H 209 16.25 -48.54 -25.64
N LEU H 210 15.71 -47.72 -26.51
CA LEU H 210 14.95 -46.53 -26.12
C LEU H 210 13.62 -46.87 -25.46
N GLU H 211 13.02 -47.98 -25.86
CA GLU H 211 11.75 -48.46 -25.29
C GLU H 211 11.90 -48.86 -23.81
N ALA H 212 13.08 -49.36 -23.43
CA ALA H 212 13.35 -49.76 -22.05
C ALA H 212 13.78 -48.60 -21.13
N LEU H 213 14.04 -47.43 -21.69
CA LEU H 213 14.60 -46.30 -20.91
C LEU H 213 13.68 -45.81 -19.76
N PRO H 214 12.37 -45.65 -20.02
CA PRO H 214 11.51 -45.23 -18.88
C PRO H 214 11.57 -46.18 -17.69
N GLY H 215 11.47 -47.49 -17.93
CA GLY H 215 11.57 -48.50 -16.88
C GLY H 215 12.92 -48.54 -16.19
N PHE H 216 13.99 -48.34 -16.96
CA PHE H 216 15.33 -48.25 -16.40
C PHE H 216 15.40 -47.09 -15.42
N LEU H 217 14.94 -45.92 -15.86
CA LEU H 217 14.96 -44.72 -15.03
C LEU H 217 14.04 -44.83 -13.80
N ALA H 218 12.86 -45.43 -13.99
CA ALA H 218 11.89 -45.57 -12.89
C ALA H 218 12.44 -46.27 -11.65
N GLY H 219 13.36 -47.22 -11.85
CA GLY H 219 13.99 -47.92 -10.75
C GLY H 219 15.31 -47.36 -10.25
N SER H 220 15.77 -46.23 -10.79
CA SER H 220 17.09 -45.67 -10.46
C SER H 220 16.99 -44.57 -9.42
N GLU H 221 17.22 -44.91 -8.15
CA GLU H 221 17.23 -43.91 -7.08
C GLU H 221 18.41 -42.95 -7.26
N ILE H 222 19.56 -43.50 -7.63
CA ILE H 222 20.72 -42.70 -8.01
C ILE H 222 20.98 -43.04 -9.46
N VAL H 223 21.23 -42.02 -10.27
CA VAL H 223 21.49 -42.22 -11.69
C VAL H 223 22.78 -41.51 -12.08
N VAL H 224 23.57 -42.18 -12.93
CA VAL H 224 24.86 -41.69 -13.39
C VAL H 224 24.86 -41.63 -14.92
N VAL H 225 25.05 -40.43 -15.47
CA VAL H 225 25.10 -40.26 -16.92
C VAL H 225 26.53 -40.48 -17.40
N MET H 226 26.72 -41.52 -18.22
CA MET H 226 28.04 -41.88 -18.78
C MET H 226 27.92 -42.14 -20.30
N LEU H 227 27.08 -41.34 -20.96
CA LEU H 227 26.83 -41.46 -22.40
C LEU H 227 27.70 -40.50 -23.19
N PRO H 228 28.16 -40.92 -24.38
CA PRO H 228 28.79 -39.93 -25.27
C PRO H 228 27.71 -39.00 -25.81
N LEU H 229 28.13 -37.80 -26.21
CA LEU H 229 27.23 -36.83 -26.82
C LEU H 229 27.18 -37.11 -28.30
N THR H 230 25.98 -37.43 -28.78
CA THR H 230 25.68 -37.66 -30.20
C THR H 230 24.33 -37.01 -30.49
N PRO H 231 23.92 -36.97 -31.76
CA PRO H 231 22.59 -36.41 -32.04
C PRO H 231 21.49 -37.19 -31.33
N GLU H 232 21.65 -38.50 -31.19
CA GLU H 232 20.69 -39.31 -30.46
C GLU H 232 20.65 -39.04 -28.96
N THR H 233 21.79 -38.76 -28.34
CA THR H 233 21.85 -38.52 -26.90
C THR H 233 21.70 -37.06 -26.51
N ARG H 234 21.82 -36.15 -27.45
CA ARG H 234 21.70 -34.72 -27.13
C ARG H 234 20.29 -34.42 -26.61
N GLY H 235 20.22 -33.87 -25.41
CA GLY H 235 18.95 -33.57 -24.77
C GLY H 235 18.12 -34.80 -24.40
N LEU H 236 18.76 -35.96 -24.28
CA LEU H 236 18.06 -37.21 -23.93
C LEU H 236 17.38 -37.07 -22.56
N MET H 237 18.12 -36.55 -21.59
CA MET H 237 17.58 -36.32 -20.24
C MET H 237 16.88 -34.95 -20.20
N ASN H 238 15.73 -34.92 -20.85
CA ASN H 238 14.87 -33.73 -20.93
C ASN H 238 13.81 -33.84 -19.82
N ALA H 239 12.87 -32.91 -19.78
CA ALA H 239 11.82 -32.89 -18.75
C ALA H 239 11.12 -34.25 -18.61
N GLU H 240 10.74 -34.83 -19.74
CA GLU H 240 10.05 -36.12 -19.80
C GLU H 240 10.87 -37.28 -19.20
N ARG H 241 12.15 -37.36 -19.57
CA ARG H 241 13.01 -38.43 -19.05
C ARG H 241 13.30 -38.22 -17.55
N LEU H 242 13.53 -36.98 -17.14
CA LEU H 242 13.74 -36.69 -15.72
C LEU H 242 12.52 -37.08 -14.89
N ALA H 243 11.32 -36.89 -15.45
CA ALA H 243 10.05 -37.25 -14.78
C ALA H 243 9.89 -38.76 -14.57
N HIS H 244 10.57 -39.58 -15.37
CA HIS H 244 10.57 -41.03 -15.17
C HIS H 244 11.40 -41.47 -13.96
N LEU H 245 12.38 -40.67 -13.53
CA LEU H 245 13.12 -40.98 -12.32
C LEU H 245 12.16 -40.90 -11.12
N PRO H 246 12.40 -41.71 -10.07
CA PRO H 246 11.57 -41.60 -8.88
C PRO H 246 11.81 -40.27 -8.17
N ARG H 247 10.77 -39.76 -7.50
CA ARG H 247 10.91 -38.53 -6.74
C ARG H 247 11.99 -38.72 -5.69
N GLY H 248 12.82 -37.70 -5.54
CA GLY H 248 13.93 -37.73 -4.59
C GLY H 248 15.20 -38.36 -5.16
N ALA H 249 15.23 -38.59 -6.47
CA ALA H 249 16.40 -39.19 -7.10
C ALA H 249 17.63 -38.30 -6.97
N LYS H 250 18.81 -38.95 -7.00
CA LYS H 250 20.08 -38.26 -6.97
C LYS H 250 20.70 -38.39 -8.37
N PHE H 251 21.11 -37.25 -8.93
CA PHE H 251 21.47 -37.18 -10.35
C PHE H 251 22.92 -36.81 -10.54
N ILE H 252 23.68 -37.70 -11.19
CA ILE H 252 25.11 -37.49 -11.41
C ILE H 252 25.39 -37.44 -12.91
N ASN H 253 26.04 -36.37 -13.37
CA ASN H 253 26.47 -36.28 -14.76
C ASN H 253 27.98 -36.13 -14.84
N VAL H 254 28.64 -37.15 -15.38
CA VAL H 254 30.08 -37.14 -15.64
C VAL H 254 30.37 -37.42 -17.12
N ALA H 255 29.40 -37.13 -17.98
CA ALA H 255 29.49 -37.48 -19.39
C ALA H 255 29.74 -36.21 -20.22
N ARG H 256 28.66 -35.64 -20.77
CA ARG H 256 28.69 -34.38 -21.46
C ARG H 256 27.46 -33.61 -21.05
N GLY H 257 27.63 -32.30 -20.86
CA GLY H 257 26.56 -31.46 -20.37
C GLY H 257 25.29 -31.48 -21.22
N PRO H 258 25.41 -31.37 -22.55
CA PRO H 258 24.22 -31.32 -23.40
C PRO H 258 23.41 -32.63 -23.52
N VAL H 259 23.89 -33.71 -22.93
CA VAL H 259 23.06 -34.94 -22.80
C VAL H 259 21.84 -34.65 -21.91
N VAL H 260 22.01 -33.68 -21.01
CA VAL H 260 20.97 -33.25 -20.09
C VAL H 260 20.44 -31.88 -20.53
N ASP H 261 19.11 -31.74 -20.51
CA ASP H 261 18.48 -30.43 -20.69
C ASP H 261 18.65 -29.69 -19.36
N GLU H 262 19.58 -28.74 -19.34
CA GLU H 262 20.02 -28.12 -18.08
C GLU H 262 18.92 -27.32 -17.40
N ALA H 263 18.15 -26.58 -18.19
CA ALA H 263 16.97 -25.85 -17.71
C ALA H 263 15.93 -26.79 -17.09
N ALA H 264 15.73 -27.95 -17.70
CA ALA H 264 14.82 -28.97 -17.18
C ALA H 264 15.34 -29.59 -15.89
N LEU H 265 16.65 -29.81 -15.80
CA LEU H 265 17.25 -30.31 -14.56
C LEU H 265 17.05 -29.30 -13.42
N ILE H 266 17.33 -28.03 -13.71
CA ILE H 266 17.12 -26.94 -12.74
C ILE H 266 15.68 -26.91 -12.23
N ALA H 267 14.71 -27.00 -13.14
CA ALA H 267 13.30 -27.02 -12.76
C ALA H 267 12.97 -28.23 -11.87
N ALA H 268 13.54 -29.39 -12.21
CA ALA H 268 13.31 -30.61 -11.44
C ALA H 268 13.98 -30.55 -10.05
N LEU H 269 15.14 -29.90 -9.98
CA LEU H 269 15.76 -29.62 -8.68
C LEU H 269 14.89 -28.68 -7.85
N ARG H 270 14.40 -27.61 -8.48
CA ARG H 270 13.56 -26.63 -7.77
C ARG H 270 12.23 -27.19 -7.24
N SER H 271 11.63 -28.12 -7.99
CA SER H 271 10.37 -28.75 -7.57
C SER H 271 10.58 -29.89 -6.58
N GLY H 272 11.84 -30.26 -6.33
CA GLY H 272 12.17 -31.36 -5.45
C GLY H 272 12.06 -32.75 -6.08
N HIS H 273 11.73 -32.82 -7.37
CA HIS H 273 11.69 -34.12 -8.04
C HIS H 273 13.07 -34.79 -8.05
N ILE H 274 14.11 -34.00 -8.33
CA ILE H 274 15.49 -34.41 -8.11
C ILE H 274 15.93 -33.80 -6.78
N ALA H 275 16.34 -34.63 -5.84
CA ALA H 275 16.73 -34.15 -4.50
C ALA H 275 18.09 -33.46 -4.50
N GLU H 276 19.04 -34.08 -5.19
CA GLU H 276 20.44 -33.66 -5.18
C GLU H 276 21.08 -34.00 -6.51
N ALA H 277 22.15 -33.29 -6.83
CA ALA H 277 22.92 -33.58 -8.03
C ALA H 277 24.41 -33.37 -7.84
N THR H 278 25.20 -34.12 -8.62
CA THR H 278 26.62 -33.89 -8.77
C THR H 278 26.89 -33.76 -10.25
N LEU H 279 27.43 -32.61 -10.65
CA LEU H 279 27.58 -32.26 -12.05
C LEU H 279 29.02 -31.85 -12.32
N ASP H 280 29.66 -32.63 -13.18
CA ASP H 280 31.03 -32.39 -13.62
C ASP H 280 31.05 -31.72 -15.00
N VAL H 281 29.92 -31.71 -15.70
CA VAL H 281 29.83 -31.20 -17.07
C VAL H 281 28.53 -30.44 -17.25
N PHE H 282 28.53 -29.49 -18.19
CA PHE H 282 27.42 -28.53 -18.35
C PHE H 282 27.23 -28.16 -19.82
N GLU H 283 26.05 -27.63 -20.14
CA GLU H 283 25.76 -27.23 -21.53
C GLU H 283 26.78 -26.24 -22.05
N VAL H 284 27.03 -25.21 -21.26
CA VAL H 284 28.10 -24.25 -21.51
C VAL H 284 29.13 -24.39 -20.38
N GLU H 285 30.38 -24.59 -20.78
CA GLU H 285 31.52 -24.68 -19.86
C GLU H 285 32.50 -23.56 -20.20
N PRO H 286 32.97 -22.78 -19.22
CA PRO H 286 32.60 -22.92 -17.82
C PRO H 286 31.15 -22.51 -17.56
N LEU H 287 30.55 -23.11 -16.53
CA LEU H 287 29.20 -22.79 -16.10
C LEU H 287 29.07 -21.28 -15.88
N PRO H 288 28.20 -20.60 -16.66
CA PRO H 288 28.07 -19.15 -16.53
C PRO H 288 27.76 -18.71 -15.10
N VAL H 289 28.30 -17.55 -14.70
CA VAL H 289 28.14 -17.07 -13.33
C VAL H 289 26.67 -16.90 -12.94
N GLY H 290 25.82 -16.57 -13.91
CA GLY H 290 24.39 -16.44 -13.67
C GLY H 290 23.60 -17.74 -13.45
N SER H 291 24.23 -18.91 -13.65
CA SER H 291 23.50 -20.18 -13.48
C SER H 291 22.95 -20.36 -12.07
N PRO H 292 21.67 -20.73 -11.94
CA PRO H 292 21.11 -21.08 -10.63
C PRO H 292 21.81 -22.25 -9.91
N LEU H 293 22.55 -23.09 -10.65
CA LEU H 293 23.21 -24.25 -10.06
C LEU H 293 24.31 -23.90 -9.05
N TRP H 294 24.98 -22.76 -9.22
CA TRP H 294 26.09 -22.39 -8.35
C TRP H 294 25.69 -22.34 -6.88
N ALA H 295 24.59 -21.64 -6.60
CA ALA H 295 24.16 -21.36 -5.22
C ALA H 295 23.33 -22.46 -4.55
N MET H 296 23.02 -23.54 -5.27
CA MET H 296 22.25 -24.64 -4.73
C MET H 296 23.13 -25.53 -3.86
N ASP H 297 22.80 -25.63 -2.56
CA ASP H 297 23.63 -26.43 -1.64
C ASP H 297 23.40 -27.95 -1.80
N ASN H 298 22.36 -28.31 -2.55
CA ASN H 298 22.11 -29.71 -2.94
C ASN H 298 22.71 -30.08 -4.31
N VAL H 299 23.55 -29.20 -4.86
CA VAL H 299 24.28 -29.48 -6.10
C VAL H 299 25.77 -29.34 -5.85
N LEU H 300 26.55 -30.31 -6.30
CA LEU H 300 28.00 -30.23 -6.26
C LEU H 300 28.48 -30.01 -7.69
N VAL H 301 29.22 -28.93 -7.90
CA VAL H 301 29.81 -28.57 -9.19
C VAL H 301 31.29 -28.90 -9.17
N THR H 302 31.74 -29.73 -10.12
CA THR H 302 33.16 -29.96 -10.35
C THR H 302 33.48 -29.50 -11.77
N PRO H 303 34.69 -28.95 -11.98
CA PRO H 303 34.97 -28.26 -13.25
C PRO H 303 35.50 -29.16 -14.38
N HIS H 304 34.70 -30.15 -14.76
CA HIS H 304 35.02 -31.08 -15.86
C HIS H 304 36.39 -31.71 -15.68
N LEU H 305 36.50 -32.58 -14.67
CA LEU H 305 37.74 -33.30 -14.42
C LEU H 305 37.54 -34.69 -13.81
N ALA H 306 36.41 -35.33 -14.10
CA ALA H 306 36.10 -36.62 -13.52
C ALA H 306 37.22 -37.64 -13.71
N SER H 307 37.72 -37.67 -14.93
CA SER H 307 38.85 -38.52 -15.28
C SER H 307 39.67 -37.87 -16.38
N ILE H 308 40.96 -38.19 -16.41
CA ILE H 308 41.87 -37.69 -17.45
C ILE H 308 42.82 -38.77 -17.90
N ALA H 309 43.34 -38.60 -19.11
CA ALA H 309 44.39 -39.46 -19.63
C ALA H 309 45.71 -38.97 -19.05
N ILE H 310 46.55 -39.92 -18.65
CA ILE H 310 47.82 -39.63 -17.98
C ILE H 310 48.93 -40.06 -18.94
N PRO H 311 49.87 -39.15 -19.27
CA PRO H 311 50.83 -39.40 -20.34
C PRO H 311 51.48 -40.79 -20.31
N ARG H 312 52.05 -41.15 -19.16
CA ARG H 312 52.81 -42.41 -19.03
C ARG H 312 51.99 -43.65 -19.41
N THR H 313 50.74 -43.71 -18.95
CA THR H 313 49.87 -44.86 -19.24
C THR H 313 49.02 -44.72 -20.52
N ALA H 314 48.86 -43.48 -21.01
CA ALA H 314 48.14 -43.24 -22.26
C ALA H 314 49.02 -43.44 -23.50
N ALA H 315 50.32 -43.16 -23.36
CA ALA H 315 51.23 -43.17 -24.51
C ALA H 315 51.33 -44.48 -25.29
N PRO H 316 51.35 -45.64 -24.60
CA PRO H 316 51.52 -46.91 -25.32
C PRO H 316 50.51 -47.17 -26.43
N GLN H 317 49.22 -46.92 -26.16
CA GLN H 317 48.19 -47.12 -27.17
C GLN H 317 48.35 -46.15 -28.34
N ILE H 318 48.84 -44.93 -28.07
CA ILE H 318 49.07 -43.96 -29.12
C ILE H 318 50.20 -44.42 -30.04
N VAL H 319 51.32 -44.86 -29.46
CA VAL H 319 52.45 -45.31 -30.28
C VAL H 319 52.11 -46.62 -30.99
N GLU H 320 51.28 -47.46 -30.39
CA GLU H 320 50.78 -48.68 -31.03
C GLU H 320 49.92 -48.36 -32.26
N ASN H 321 49.10 -47.31 -32.19
CA ASN H 321 48.31 -46.87 -33.34
C ASN H 321 49.16 -46.23 -34.43
N ILE H 322 50.24 -45.55 -34.04
CA ILE H 322 51.24 -45.08 -35.01
C ILE H 322 51.86 -46.27 -35.76
N ARG H 323 52.26 -47.30 -35.04
CA ARG H 323 52.80 -48.53 -35.65
C ARG H 323 51.79 -49.16 -36.62
N ARG H 324 50.55 -49.31 -36.17
CA ARG H 324 49.47 -49.90 -36.98
C ARG H 324 49.15 -49.11 -38.26
N ILE H 325 49.09 -47.78 -38.17
CA ILE H 325 48.80 -46.96 -39.34
C ILE H 325 49.90 -47.09 -40.40
N GLU H 326 51.17 -47.19 -39.97
CA GLU H 326 52.29 -47.39 -40.88
C GLU H 326 52.39 -48.81 -41.45
N ALA H 327 51.95 -49.81 -40.68
CA ALA H 327 51.91 -51.21 -41.13
C ALA H 327 50.65 -51.56 -41.94
N GLY H 328 49.69 -50.65 -42.02
CA GLY H 328 48.43 -50.91 -42.70
C GLY H 328 47.47 -51.78 -41.90
N GLU H 329 47.64 -51.82 -40.58
CA GLU H 329 46.72 -52.56 -39.70
C GLU H 329 45.63 -51.61 -39.20
N PRO H 330 44.41 -52.12 -38.97
CA PRO H 330 43.37 -51.29 -38.37
C PRO H 330 43.75 -50.79 -36.97
N VAL H 331 43.39 -49.55 -36.68
CA VAL H 331 43.78 -48.91 -35.42
C VAL H 331 42.82 -49.28 -34.29
N LEU H 332 43.35 -49.19 -33.06
CA LEU H 332 42.57 -49.39 -31.86
C LEU H 332 41.78 -48.11 -31.51
N ASN H 333 40.64 -48.32 -30.86
CA ASN H 333 39.78 -47.25 -30.33
C ASN H 333 39.32 -46.25 -31.40
N GLN H 334 39.00 -46.78 -32.57
CA GLN H 334 38.50 -45.97 -33.66
C GLN H 334 37.05 -45.54 -33.42
N VAL H 335 36.75 -44.32 -33.83
CA VAL H 335 35.41 -43.76 -33.74
C VAL H 335 34.68 -44.09 -35.04
N ASP H 336 33.41 -44.40 -34.92
CA ASP H 336 32.56 -44.77 -36.04
C ASP H 336 31.83 -43.51 -36.54
N PRO H 337 32.20 -43.05 -37.76
CA PRO H 337 31.56 -41.84 -38.27
C PRO H 337 30.04 -41.94 -38.46
N ARG H 338 29.50 -43.14 -38.70
CA ARG H 338 28.07 -43.33 -38.89
C ARG H 338 27.28 -43.05 -37.61
N ARG H 339 27.80 -43.53 -36.46
CA ARG H 339 27.11 -43.28 -35.18
C ARG H 339 27.49 -42.00 -34.50
N GLY H 340 28.75 -41.62 -34.66
CA GLY H 340 29.31 -40.43 -33.93
C GLY H 340 29.92 -40.77 -32.58
N TYR H 341 30.27 -42.05 -32.35
CA TYR H 341 31.03 -42.42 -31.15
C TYR H 341 31.71 -43.75 -31.38
N ALA I 27 -29.38 -27.28 56.01
CA ALA I 27 -29.10 -25.84 56.31
C ALA I 27 -27.79 -25.40 55.66
N SER I 28 -27.78 -25.42 54.33
CA SER I 28 -26.67 -24.84 53.54
C SER I 28 -26.54 -23.34 53.80
N GLY I 29 -25.29 -22.87 53.88
CA GLY I 29 -24.98 -21.44 53.90
C GLY I 29 -24.79 -20.91 52.49
N ALA I 30 -24.21 -19.73 52.38
CA ALA I 30 -23.97 -19.08 51.09
C ALA I 30 -22.58 -19.42 50.52
N LEU I 31 -22.50 -19.48 49.21
CA LEU I 31 -21.23 -19.58 48.48
C LEU I 31 -20.88 -18.18 47.95
N VAL I 32 -19.65 -17.75 48.19
CA VAL I 32 -19.10 -16.54 47.60
C VAL I 32 -18.20 -16.96 46.44
N PHE I 33 -18.30 -16.19 45.34
CA PHE I 33 -17.51 -16.42 44.13
C PHE I 33 -16.59 -15.22 43.91
N TYR I 34 -15.30 -15.47 43.66
CA TYR I 34 -14.38 -14.42 43.26
C TYR I 34 -13.53 -14.89 42.09
N SER I 35 -13.59 -14.14 41.00
CA SER I 35 -12.64 -14.27 39.90
C SER I 35 -12.75 -13.07 38.97
N ALA I 36 -11.61 -12.47 38.65
CA ALA I 36 -11.53 -11.41 37.64
C ALA I 36 -11.55 -11.98 36.21
N VAL I 37 -11.35 -13.28 36.06
CA VAL I 37 -11.16 -13.90 34.74
C VAL I 37 -12.18 -15.02 34.42
N ASP I 38 -13.19 -15.18 35.27
CA ASP I 38 -14.27 -16.14 35.02
C ASP I 38 -15.57 -15.37 35.18
N ILE I 39 -16.57 -15.77 34.40
CA ILE I 39 -17.88 -15.10 34.38
C ILE I 39 -18.71 -15.65 35.57
N GLY I 40 -18.86 -14.83 36.59
CA GLY I 40 -19.63 -15.20 37.78
C GLY I 40 -21.02 -15.74 37.48
N GLN I 41 -21.72 -15.08 36.58
CA GLN I 41 -23.09 -15.48 36.26
C GLN I 41 -23.20 -16.90 35.70
N ASP I 42 -22.24 -17.30 34.89
CA ASP I 42 -22.21 -18.68 34.34
C ASP I 42 -22.04 -19.73 35.46
N TRP I 43 -21.14 -19.43 36.41
CA TRP I 43 -20.90 -20.29 37.55
C TRP I 43 -22.12 -20.30 38.47
N LYS I 44 -22.68 -19.13 38.74
CA LYS I 44 -23.90 -19.01 39.53
C LYS I 44 -25.06 -19.84 38.97
N SER I 45 -25.31 -19.69 37.66
CA SER I 45 -26.39 -20.42 37.00
C SER I 45 -26.19 -21.93 37.10
N ALA I 46 -24.97 -22.39 36.83
CA ALA I 46 -24.65 -23.82 36.90
C ALA I 46 -24.76 -24.39 38.31
N LEU I 47 -24.29 -23.66 39.30
CA LEU I 47 -24.39 -24.10 40.70
C LEU I 47 -25.83 -24.19 41.18
N GLN I 48 -26.65 -23.21 40.80
CA GLN I 48 -28.06 -23.20 41.18
C GLN I 48 -28.86 -24.30 40.45
N ALA I 49 -28.45 -24.67 39.25
CA ALA I 49 -29.04 -25.82 38.57
C ALA I 49 -28.70 -27.14 39.27
N ALA I 50 -27.47 -27.27 39.74
CA ALA I 50 -27.02 -28.47 40.48
C ALA I 50 -27.55 -28.51 41.91
N HIS I 51 -27.78 -27.33 42.49
CA HIS I 51 -28.30 -27.19 43.88
C HIS I 51 -29.34 -26.06 43.90
N PRO I 52 -30.60 -26.36 43.53
CA PRO I 52 -31.68 -25.37 43.54
C PRO I 52 -31.74 -24.57 44.84
N GLY I 53 -31.84 -23.25 44.71
CA GLY I 53 -31.92 -22.35 45.86
C GLY I 53 -30.60 -22.03 46.57
N LEU I 54 -29.47 -22.52 46.06
CA LEU I 54 -28.18 -22.21 46.66
C LEU I 54 -27.94 -20.70 46.59
N ASP I 55 -27.64 -20.11 47.75
CA ASP I 55 -27.33 -18.69 47.86
C ASP I 55 -25.91 -18.48 47.33
N VAL I 56 -25.80 -17.89 46.13
CA VAL I 56 -24.52 -17.60 45.48
C VAL I 56 -24.31 -16.09 45.38
N ARG I 57 -23.17 -15.61 45.88
CA ARG I 57 -22.85 -14.18 45.92
C ARG I 57 -21.58 -13.92 45.14
N ILE I 58 -21.67 -13.02 44.15
CA ILE I 58 -20.56 -12.72 43.28
C ILE I 58 -19.82 -11.54 43.87
N ALA I 59 -18.58 -11.79 44.31
CA ALA I 59 -17.76 -10.72 44.88
C ALA I 59 -17.23 -9.86 43.75
N ARG I 60 -16.99 -8.60 44.06
CA ARG I 60 -16.57 -7.60 43.10
C ARG I 60 -15.12 -7.77 42.71
N ALA I 61 -14.84 -7.77 41.42
CA ALA I 61 -13.48 -7.94 40.94
C ALA I 61 -12.58 -6.81 41.45
N GLY I 62 -11.38 -7.18 41.87
CA GLY I 62 -10.37 -6.23 42.34
C GLY I 62 -10.23 -6.15 43.84
N ASP I 63 -11.29 -5.76 44.55
CA ASP I 63 -11.26 -5.66 46.01
C ASP I 63 -12.06 -6.73 46.77
N GLY I 64 -12.87 -7.50 46.06
CA GLY I 64 -13.64 -8.58 46.64
C GLY I 64 -14.85 -8.20 47.47
N HIS I 65 -15.27 -6.95 47.37
CA HIS I 65 -16.44 -6.48 48.07
C HIS I 65 -17.65 -7.29 47.65
N VAL I 66 -18.48 -7.66 48.63
CA VAL I 66 -19.67 -8.44 48.36
C VAL I 66 -20.81 -7.96 49.25
N GLU I 67 -22.01 -7.95 48.69
CA GLU I 67 -23.22 -7.56 49.43
C GLU I 67 -23.75 -8.75 50.22
N GLY I 68 -24.57 -8.45 51.22
CA GLY I 68 -25.17 -9.44 52.10
C GLY I 68 -24.40 -9.59 53.40
N ASP I 69 -24.96 -10.37 54.32
CA ASP I 69 -24.32 -10.66 55.59
C ASP I 69 -23.15 -11.62 55.38
N PRO I 70 -21.90 -11.16 55.64
CA PRO I 70 -20.73 -12.05 55.43
C PRO I 70 -20.66 -13.27 56.37
N GLU I 71 -21.37 -13.22 57.49
CA GLU I 71 -21.44 -14.35 58.42
C GLU I 71 -22.22 -15.56 57.84
N GLU I 72 -23.05 -15.33 56.82
CA GLU I 72 -23.77 -16.41 56.16
C GLU I 72 -22.91 -17.18 55.13
N VAL I 73 -21.77 -16.63 54.76
CA VAL I 73 -20.89 -17.26 53.76
C VAL I 73 -20.10 -18.41 54.38
N ARG I 74 -20.33 -19.62 53.87
CA ARG I 74 -19.63 -20.82 54.33
C ARG I 74 -18.70 -21.47 53.31
N TYR I 75 -18.84 -21.13 52.02
CA TYR I 75 -18.04 -21.73 50.94
C TYR I 75 -17.51 -20.62 50.04
N ALA I 76 -16.27 -20.75 49.60
CA ALA I 76 -15.63 -19.76 48.75
C ALA I 76 -15.04 -20.45 47.54
N LEU I 77 -15.51 -20.05 46.35
CA LEU I 77 -15.05 -20.55 45.06
C LEU I 77 -14.29 -19.39 44.43
N VAL I 78 -12.97 -19.54 44.30
CA VAL I 78 -12.08 -18.40 44.04
C VAL I 78 -10.98 -18.69 43.04
N TRP I 79 -10.49 -17.60 42.42
CA TRP I 79 -9.26 -17.62 41.65
C TRP I 79 -8.52 -16.33 41.99
N LYS I 80 -7.36 -16.47 42.64
CA LYS I 80 -6.47 -15.37 42.98
C LYS I 80 -7.20 -14.18 43.59
N PRO I 81 -7.93 -14.42 44.70
CA PRO I 81 -8.63 -13.33 45.35
C PRO I 81 -7.65 -12.37 46.04
N PRO I 82 -8.10 -11.12 46.33
CA PRO I 82 -7.26 -10.13 46.97
C PRO I 82 -6.72 -10.61 48.33
N HIS I 83 -5.59 -10.06 48.76
CA HIS I 83 -5.07 -10.39 50.08
C HIS I 83 -6.11 -10.03 51.15
N GLY I 84 -6.34 -10.96 52.08
CA GLY I 84 -7.27 -10.84 53.16
C GLY I 84 -8.70 -11.20 52.82
N PHE I 85 -8.98 -11.60 51.58
CA PHE I 85 -10.36 -11.88 51.15
C PHE I 85 -11.09 -12.88 52.07
N PHE I 86 -10.40 -13.94 52.45
CA PHE I 86 -10.98 -15.03 53.24
C PHE I 86 -11.37 -14.59 54.66
N ALA I 87 -10.60 -13.66 55.22
CA ALA I 87 -10.86 -13.11 56.55
C ALA I 87 -12.17 -12.30 56.65
N ARG I 88 -12.74 -11.88 55.51
CA ARG I 88 -14.07 -11.28 55.47
C ARG I 88 -15.18 -12.21 55.97
N PHE I 89 -14.94 -13.52 55.87
CA PHE I 89 -15.98 -14.53 56.09
C PHE I 89 -15.60 -15.41 57.29
N PRO I 90 -16.03 -15.02 58.49
CA PRO I 90 -15.58 -15.76 59.69
C PRO I 90 -16.14 -17.19 59.82
N ASN I 91 -17.23 -17.51 59.13
CA ASN I 91 -17.83 -18.86 59.18
C ASN I 91 -17.51 -19.74 57.98
N LEU I 92 -16.44 -19.41 57.27
CA LEU I 92 -16.01 -20.16 56.11
C LEU I 92 -15.69 -21.59 56.55
N LYS I 93 -16.25 -22.57 55.85
CA LYS I 93 -15.99 -24.00 56.08
C LYS I 93 -15.21 -24.68 54.95
N LEU I 94 -15.09 -24.05 53.80
CA LEU I 94 -14.56 -24.74 52.60
C LEU I 94 -14.06 -23.73 51.57
N VAL I 95 -12.86 -23.96 51.06
CA VAL I 95 -12.32 -23.19 49.95
C VAL I 95 -12.24 -24.10 48.73
N ILE I 96 -12.61 -23.54 47.57
CA ILE I 96 -12.54 -24.24 46.30
C ILE I 96 -11.81 -23.36 45.31
N ASN I 97 -10.68 -23.83 44.80
CA ASN I 97 -9.92 -23.12 43.79
C ASN I 97 -10.54 -23.38 42.43
N LEU I 98 -10.64 -22.35 41.60
CA LEU I 98 -11.22 -22.48 40.26
C LEU I 98 -10.29 -23.11 39.20
N GLY I 99 -9.16 -23.66 39.61
CA GLY I 99 -8.27 -24.40 38.72
C GLY I 99 -7.97 -25.76 39.33
N ALA I 100 -7.38 -26.62 38.51
CA ALA I 100 -6.81 -27.86 38.99
C ALA I 100 -5.50 -27.65 39.76
N GLY I 101 -4.78 -26.57 39.45
CA GLY I 101 -3.56 -26.20 40.17
C GLY I 101 -3.89 -25.30 41.36
N VAL I 102 -3.11 -25.44 42.44
CA VAL I 102 -3.32 -24.68 43.65
C VAL I 102 -2.00 -24.09 44.19
N ASP I 103 -0.98 -23.99 43.36
CA ASP I 103 0.34 -23.56 43.83
C ASP I 103 0.36 -22.13 44.40
N ALA I 104 -0.37 -21.21 43.76
CA ALA I 104 -0.47 -19.83 44.27
C ALA I 104 -1.35 -19.78 45.51
N LEU I 105 -2.49 -20.47 45.47
CA LEU I 105 -3.40 -20.53 46.62
C LEU I 105 -2.75 -21.03 47.92
N VAL I 106 -2.01 -22.13 47.86
CA VAL I 106 -1.40 -22.72 49.06
C VAL I 106 -0.19 -21.94 49.59
N ALA I 107 0.42 -21.10 48.75
CA ALA I 107 1.52 -20.23 49.19
C ALA I 107 1.04 -18.97 49.95
N ARG I 108 -0.27 -18.74 50.01
CA ARG I 108 -0.80 -17.53 50.64
C ARG I 108 -0.67 -17.58 52.16
N ASP I 109 -0.44 -16.42 52.77
CA ASP I 109 -0.33 -16.31 54.22
C ASP I 109 -1.67 -16.14 54.90
N ASP I 110 -2.73 -15.90 54.12
CA ASP I 110 -4.05 -15.61 54.68
C ASP I 110 -5.07 -16.75 54.52
N LEU I 111 -4.57 -17.92 54.17
CA LEU I 111 -5.40 -19.09 53.95
C LEU I 111 -6.00 -19.55 55.25
N PRO I 112 -7.33 -19.73 55.30
CA PRO I 112 -7.96 -20.13 56.56
C PRO I 112 -7.78 -21.63 56.82
N ASP I 113 -7.87 -22.03 58.07
CA ASP I 113 -7.64 -23.42 58.48
C ASP I 113 -8.92 -24.25 58.28
N VAL I 114 -9.25 -24.48 57.03
CA VAL I 114 -10.41 -25.28 56.63
C VAL I 114 -9.99 -26.12 55.43
N PRO I 115 -10.79 -27.13 55.05
CA PRO I 115 -10.46 -27.89 53.84
C PRO I 115 -10.34 -27.01 52.59
N VAL I 116 -9.24 -27.20 51.86
CA VAL I 116 -9.01 -26.52 50.60
C VAL I 116 -9.10 -27.57 49.51
N THR I 117 -9.96 -27.30 48.53
CA THR I 117 -10.20 -28.21 47.41
C THR I 117 -9.90 -27.52 46.09
N ARG I 118 -9.78 -28.33 45.06
CA ARG I 118 -9.59 -27.87 43.70
C ARG I 118 -10.70 -28.47 42.84
N LEU I 119 -10.89 -27.91 41.65
CA LEU I 119 -11.76 -28.52 40.65
C LEU I 119 -10.98 -29.64 39.99
N SER I 120 -11.56 -30.82 39.92
CA SER I 120 -10.95 -31.92 39.20
C SER I 120 -12.01 -32.96 38.86
N ASP I 121 -12.70 -32.71 37.75
CA ASP I 121 -13.82 -33.52 37.24
C ASP I 121 -13.44 -34.28 35.95
N PRO I 122 -14.16 -35.35 35.62
CA PRO I 122 -13.85 -36.12 34.41
C PRO I 122 -13.94 -35.37 33.06
N ASN I 123 -14.69 -34.27 32.97
CA ASN I 123 -14.71 -33.47 31.74
C ASN I 123 -13.40 -32.72 31.51
N MET I 124 -12.85 -32.14 32.57
CA MET I 124 -11.54 -31.49 32.57
C MET I 124 -10.45 -32.49 32.20
N SER I 125 -10.55 -33.66 32.81
CA SER I 125 -9.68 -34.80 32.58
C SER I 125 -9.63 -35.20 31.11
N GLN I 126 -10.82 -35.31 30.51
CA GLN I 126 -10.96 -35.69 29.10
CA GLN I 126 -10.96 -35.68 29.11
C GLN I 126 -10.33 -34.63 28.21
N MET I 127 -10.65 -33.36 28.49
CA MET I 127 -10.10 -32.28 27.71
C MET I 127 -8.56 -32.26 27.76
N MET I 128 -7.98 -32.39 28.96
CA MET I 128 -6.53 -32.46 29.10
C MET I 128 -5.95 -33.67 28.39
N ALA I 129 -6.57 -34.83 28.57
CA ALA I 129 -6.08 -36.06 27.94
C ALA I 129 -6.08 -35.93 26.41
N SER I 130 -7.14 -35.35 25.86
CA SER I 130 -7.20 -35.13 24.41
C SER I 130 -6.13 -34.14 23.94
N PHE I 131 -5.92 -33.08 24.72
CA PHE I 131 -4.90 -32.10 24.39
C PHE I 131 -3.49 -32.70 24.42
N VAL I 132 -3.20 -33.50 25.44
CA VAL I 132 -1.90 -34.19 25.52
C VAL I 132 -1.73 -35.13 24.31
N LEU I 133 -2.79 -35.85 23.98
CA LEU I 133 -2.76 -36.72 22.82
C LEU I 133 -2.46 -35.94 21.53
N PHE I 134 -3.12 -34.81 21.35
CA PHE I 134 -2.79 -33.90 20.24
C PHE I 134 -1.32 -33.54 20.19
N CYS I 135 -0.77 -33.11 21.34
CA CYS I 135 0.64 -32.69 21.43
C CYS I 135 1.60 -33.83 21.04
N VAL I 136 1.35 -35.01 21.60
CA VAL I 136 2.19 -36.18 21.35
C VAL I 136 2.10 -36.63 19.90
N LEU I 137 0.88 -36.74 19.38
CA LEU I 137 0.67 -37.13 17.98
C LEU I 137 1.31 -36.14 17.03
N ARG I 138 1.20 -34.85 17.34
CA ARG I 138 1.80 -33.83 16.50
C ARG I 138 3.31 -34.04 16.35
N HIS I 139 4.01 -34.32 17.46
CA HIS I 139 5.43 -34.66 17.40
C HIS I 139 5.69 -36.04 16.78
N ALA I 140 4.92 -37.03 17.19
CA ALA I 140 5.12 -38.41 16.75
C ALA I 140 4.94 -38.58 15.24
N ARG I 141 4.05 -37.79 14.65
CA ARG I 141 3.80 -37.82 13.21
C ARG I 141 4.56 -36.75 12.41
N ASP I 142 5.60 -36.16 13.01
CA ASP I 142 6.58 -35.29 12.31
C ASP I 142 5.98 -34.01 11.72
N ILE I 143 4.92 -33.51 12.35
CA ILE I 143 4.14 -32.41 11.79
C ILE I 143 4.96 -31.12 11.67
N PRO I 144 5.81 -30.80 12.66
CA PRO I 144 6.62 -29.58 12.50
C PRO I 144 7.56 -29.62 11.30
N THR I 145 8.02 -30.82 10.91
CA THR I 145 8.82 -30.99 9.71
C THR I 145 7.97 -30.62 8.47
N PHE I 146 6.73 -31.09 8.42
CA PHE I 146 5.87 -30.82 7.25
C PHE I 146 5.47 -29.36 7.19
N GLU I 147 5.28 -28.74 8.35
CA GLU I 147 4.97 -27.32 8.40
C GLU I 147 6.13 -26.48 7.91
N ARG I 148 7.34 -26.82 8.33
CA ARG I 148 8.55 -26.14 7.85
C ARG I 148 8.66 -26.25 6.33
N ALA I 149 8.52 -27.48 5.84
CA ALA I 149 8.55 -27.76 4.41
C ALA I 149 7.45 -27.02 3.64
N GLN I 150 6.25 -26.96 4.19
CA GLN I 150 5.12 -26.30 3.55
C GLN I 150 5.40 -24.83 3.37
N ARG I 151 6.04 -24.22 4.35
CA ARG I 151 6.41 -22.80 4.28
C ARG I 151 7.44 -22.49 3.21
N GLU I 152 8.24 -23.48 2.84
CA GLU I 152 9.19 -23.38 1.73
C GLU I 152 8.63 -23.86 0.39
N GLY I 153 7.38 -24.31 0.35
CA GLY I 153 6.75 -24.83 -0.88
C GLY I 153 7.29 -26.16 -1.31
N ARG I 154 7.74 -26.96 -0.35
CA ARG I 154 8.43 -28.21 -0.63
C ARG I 154 7.62 -29.43 -0.17
N TRP I 155 7.35 -30.33 -1.12
CA TRP I 155 6.76 -31.63 -0.85
C TRP I 155 7.91 -32.58 -0.54
N HIS I 156 7.96 -33.07 0.70
CA HIS I 156 8.98 -34.04 1.07
C HIS I 156 8.42 -35.11 1.99
N TYR I 157 8.32 -36.31 1.43
CA TYR I 157 7.82 -37.48 2.14
C TYR I 157 8.84 -37.88 3.21
N VAL I 158 8.33 -38.15 4.41
CA VAL I 158 9.12 -38.71 5.51
C VAL I 158 8.36 -39.93 5.95
N HIS I 159 9.03 -41.10 5.95
CA HIS I 159 8.34 -42.35 6.24
C HIS I 159 7.81 -42.33 7.68
N PRO I 160 6.49 -42.52 7.86
CA PRO I 160 5.90 -42.48 9.19
C PRO I 160 6.38 -43.59 10.10
N ARG I 161 6.38 -43.31 11.41
CA ARG I 161 6.67 -44.33 12.40
C ARG I 161 5.37 -44.74 13.08
N THR I 162 5.25 -46.04 13.39
CA THR I 162 4.14 -46.49 14.22
C THR I 162 4.34 -46.07 15.65
N ALA I 163 3.21 -45.94 16.34
CA ALA I 163 3.19 -45.58 17.72
C ALA I 163 4.02 -46.50 18.60
N ALA I 164 4.04 -47.81 18.28
CA ALA I 164 4.76 -48.80 19.06
C ALA I 164 6.27 -48.59 19.10
N GLU I 165 6.79 -47.92 18.08
CA GLU I 165 8.22 -47.56 17.99
C GLU I 165 8.61 -46.42 18.91
N ILE I 166 7.64 -45.66 19.42
CA ILE I 166 7.92 -44.42 20.12
C ILE I 166 7.61 -44.56 21.60
N ARG I 167 8.58 -44.25 22.43
CA ARG I 167 8.40 -44.26 23.87
C ARG I 167 8.00 -42.89 24.35
N VAL I 168 6.94 -42.83 25.14
CA VAL I 168 6.37 -41.59 25.64
C VAL I 168 6.33 -41.66 27.14
N GLY I 169 6.93 -40.67 27.81
CA GLY I 169 6.97 -40.58 29.26
C GLY I 169 6.08 -39.47 29.78
N VAL I 170 5.29 -39.78 30.80
CA VAL I 170 4.45 -38.78 31.47
C VAL I 170 4.99 -38.55 32.89
N LEU I 171 5.42 -37.33 33.17
CA LEU I 171 5.82 -36.93 34.52
C LEU I 171 4.59 -36.50 35.30
N GLY I 172 4.20 -37.31 36.28
CA GLY I 172 2.99 -37.11 37.05
C GLY I 172 1.93 -38.09 36.59
N LEU I 173 1.35 -38.85 37.52
CA LEU I 173 0.30 -39.80 37.21
C LEU I 173 -0.92 -39.57 38.11
N GLY I 174 -1.33 -38.31 38.21
CA GLY I 174 -2.49 -37.94 39.01
C GLY I 174 -3.79 -38.03 38.23
N ASP I 175 -4.79 -37.24 38.63
CA ASP I 175 -6.07 -37.21 37.94
C ASP I 175 -5.91 -36.97 36.43
N LEU I 176 -5.02 -36.03 36.09
CA LEU I 176 -4.76 -35.68 34.70
C LEU I 176 -3.70 -36.55 34.08
N GLY I 177 -2.59 -36.72 34.78
CA GLY I 177 -1.46 -37.51 34.28
C GLY I 177 -1.78 -38.97 34.00
N ALA I 178 -2.48 -39.62 34.91
CA ALA I 178 -2.86 -41.04 34.69
C ALA I 178 -3.84 -41.15 33.52
N ALA I 179 -4.80 -40.24 33.42
CA ALA I 179 -5.75 -40.26 32.31
C ALA I 179 -5.05 -40.08 30.96
N ALA I 180 -4.08 -39.19 30.91
CA ALA I 180 -3.30 -38.96 29.69
C ALA I 180 -2.46 -40.17 29.35
N ALA I 181 -1.77 -40.74 30.33
CA ALA I 181 -0.95 -41.93 30.11
C ALA I 181 -1.78 -43.10 29.59
N LEU I 182 -2.94 -43.33 30.18
CA LEU I 182 -3.84 -44.41 29.74
C LEU I 182 -4.35 -44.20 28.31
N GLU I 183 -4.65 -42.96 27.96
CA GLU I 183 -5.05 -42.63 26.60
C GLU I 183 -3.92 -42.84 25.61
N LEU I 184 -2.71 -42.42 25.97
CA LEU I 184 -1.54 -42.63 25.10
C LEU I 184 -1.33 -44.12 24.85
N ALA I 185 -1.53 -44.93 25.88
CA ALA I 185 -1.39 -46.38 25.75
C ALA I 185 -2.40 -46.97 24.77
N ARG I 186 -3.62 -46.44 24.73
CA ARG I 186 -4.66 -46.91 23.80
C ARG I 186 -4.26 -46.71 22.34
N HIS I 187 -3.46 -45.68 22.07
CA HIS I 187 -2.97 -45.40 20.72
C HIS I 187 -1.70 -46.16 20.31
N GLY I 188 -1.24 -47.07 21.18
CA GLY I 188 -0.15 -47.99 20.84
C GLY I 188 1.24 -47.52 21.18
N PHE I 189 1.38 -46.35 21.81
CA PHE I 189 2.69 -45.88 22.27
C PHE I 189 3.24 -46.79 23.37
N ASP I 190 4.57 -46.83 23.47
CA ASP I 190 5.23 -47.52 24.60
C ASP I 190 5.30 -46.47 25.72
N VAL I 191 4.31 -46.50 26.60
CA VAL I 191 4.09 -45.44 27.56
C VAL I 191 4.72 -45.76 28.90
N ARG I 192 5.39 -44.77 29.48
CA ARG I 192 5.91 -44.86 30.84
C ARG I 192 5.43 -43.65 31.63
N GLY I 193 5.39 -43.81 32.94
CA GLY I 193 4.94 -42.77 33.85
C GLY I 193 5.81 -42.70 35.09
N TRP I 194 5.91 -41.51 35.66
CA TRP I 194 6.70 -41.24 36.86
C TRP I 194 5.85 -40.52 37.89
N SER I 195 5.89 -41.00 39.13
CA SER I 195 5.18 -40.40 40.24
C SER I 195 6.05 -40.43 41.50
N ARG I 196 5.52 -39.88 42.59
CA ARG I 196 6.24 -39.80 43.85
C ARG I 196 6.23 -41.15 44.57
N THR I 197 5.08 -41.81 44.54
CA THR I 197 4.87 -43.11 45.17
C THR I 197 4.47 -44.13 44.10
N PRO I 198 4.61 -45.44 44.41
CA PRO I 198 4.37 -46.45 43.38
C PRO I 198 2.93 -46.42 42.83
N LYS I 199 2.83 -46.70 41.54
CA LYS I 199 1.54 -46.91 40.90
C LYS I 199 1.59 -48.19 40.06
N ALA I 200 0.45 -48.80 39.92
CA ALA I 200 0.25 -49.82 38.89
C ALA I 200 -0.83 -49.24 38.01
N LEU I 201 -0.52 -49.22 36.72
CA LEU I 201 -1.41 -48.59 35.76
C LEU I 201 -1.33 -49.44 34.50
N GLU I 202 -2.44 -50.06 34.16
CA GLU I 202 -2.48 -51.07 33.09
C GLU I 202 -1.94 -50.48 31.78
N GLY I 203 -0.99 -51.18 31.18
CA GLY I 203 -0.40 -50.80 29.91
C GLY I 203 0.63 -49.68 29.95
N VAL I 204 0.99 -49.26 31.16
CA VAL I 204 1.96 -48.20 31.40
C VAL I 204 3.09 -48.72 32.29
N SER I 205 4.33 -48.45 31.87
CA SER I 205 5.52 -48.76 32.66
C SER I 205 5.70 -47.69 33.73
N CYS I 206 5.37 -48.03 34.98
CA CYS I 206 5.40 -47.07 36.08
C CYS I 206 6.73 -47.06 36.84
N PHE I 207 7.32 -45.86 36.96
CA PHE I 207 8.52 -45.57 37.71
C PHE I 207 8.11 -44.66 38.87
N HIS I 208 8.84 -44.66 39.96
CA HIS I 208 8.57 -43.77 41.07
C HIS I 208 9.84 -43.39 41.84
N GLY I 209 9.81 -42.20 42.42
CA GLY I 209 10.86 -41.73 43.28
C GLY I 209 11.98 -41.04 42.50
N LEU I 210 12.71 -40.21 43.21
CA LEU I 210 13.72 -39.35 42.62
C LEU I 210 14.92 -40.12 42.05
N GLU I 211 15.25 -41.24 42.68
CA GLU I 211 16.35 -42.09 42.23
C GLU I 211 16.08 -42.73 40.87
N ALA I 212 14.82 -43.02 40.58
CA ALA I 212 14.42 -43.60 39.29
C ALA I 212 14.25 -42.59 38.16
N LEU I 213 14.29 -41.29 38.46
CA LEU I 213 14.01 -40.25 37.45
C LEU I 213 14.99 -40.23 36.26
N PRO I 214 16.31 -40.36 36.50
CA PRO I 214 17.21 -40.40 35.34
C PRO I 214 16.89 -41.54 34.34
N GLY I 215 16.66 -42.74 34.85
CA GLY I 215 16.29 -43.89 34.01
C GLY I 215 14.95 -43.73 33.31
N PHE I 216 13.98 -43.12 34.01
CA PHE I 216 12.71 -42.81 33.41
C PHE I 216 12.89 -41.87 32.21
N LEU I 217 13.64 -40.80 32.43
CA LEU I 217 13.91 -39.82 31.37
C LEU I 217 14.73 -40.39 30.22
N ALA I 218 15.73 -41.22 30.54
CA ALA I 218 16.61 -41.83 29.52
C ALA I 218 15.86 -42.60 28.43
N GLY I 219 14.74 -43.20 28.78
CA GLY I 219 13.92 -43.93 27.82
C GLY I 219 12.76 -43.16 27.18
N SER I 220 12.62 -41.88 27.49
CA SER I 220 11.49 -41.08 27.04
C SER I 220 11.81 -40.25 25.80
N GLU I 221 11.47 -40.77 24.61
CA GLU I 221 11.69 -40.03 23.36
C GLU I 221 10.79 -38.80 23.32
N ILE I 222 9.55 -38.95 23.76
CA ILE I 222 8.64 -37.85 23.95
C ILE I 222 8.34 -37.80 25.44
N VAL I 223 8.37 -36.62 26.02
CA VAL I 223 8.11 -36.46 27.45
C VAL I 223 7.06 -35.38 27.65
N VAL I 224 6.15 -35.64 28.60
CA VAL I 224 5.04 -34.75 28.93
C VAL I 224 5.10 -34.40 30.41
N VAL I 225 5.24 -33.11 30.72
CA VAL I 225 5.27 -32.65 32.11
C VAL I 225 3.84 -32.40 32.56
N MET I 226 3.42 -33.17 33.57
CA MET I 226 2.08 -33.08 34.16
C MET I 226 2.15 -33.07 35.69
N LEU I 227 3.18 -32.38 36.20
CA LEU I 227 3.44 -32.28 37.64
C LEU I 227 2.84 -31.01 38.22
N PRO I 228 2.32 -31.06 39.45
CA PRO I 228 1.99 -29.81 40.12
C PRO I 228 3.26 -29.08 40.49
N LEU I 229 3.16 -27.75 40.65
CA LEU I 229 4.28 -26.95 41.08
C LEU I 229 4.31 -26.97 42.61
N THR I 230 5.40 -27.49 43.16
CA THR I 230 5.65 -27.54 44.59
C THR I 230 7.12 -27.20 44.81
N PRO I 231 7.54 -27.06 46.07
CA PRO I 231 8.95 -26.84 46.33
C PRO I 231 9.80 -27.97 45.77
N GLU I 232 9.31 -29.19 45.87
CA GLU I 232 10.02 -30.35 45.30
C GLU I 232 10.11 -30.36 43.79
N THR I 233 9.06 -29.92 43.09
CA THR I 233 9.06 -29.94 41.63
C THR I 233 9.58 -28.67 40.98
N ARG I 234 9.72 -27.59 41.73
CA ARG I 234 10.17 -26.33 41.13
C ARG I 234 11.61 -26.49 40.60
N GLY I 235 11.79 -26.21 39.32
CA GLY I 235 13.09 -26.36 38.68
C GLY I 235 13.57 -27.81 38.56
N LEU I 236 12.66 -28.77 38.64
CA LEU I 236 13.02 -30.19 38.55
C LEU I 236 13.67 -30.50 37.21
N MET I 237 13.06 -30.02 36.12
CA MET I 237 13.61 -30.19 34.79
C MET I 237 14.63 -29.08 34.48
N ASN I 238 15.77 -29.21 35.14
CA ASN I 238 16.90 -28.30 35.00
C ASN I 238 17.86 -28.87 33.96
N ALA I 239 19.03 -28.23 33.78
CA ALA I 239 20.02 -28.68 32.79
C ALA I 239 20.36 -30.17 32.93
N GLU I 240 20.59 -30.59 34.18
CA GLU I 240 20.94 -31.97 34.50
C GLU I 240 19.85 -32.98 34.11
N ARG I 241 18.61 -32.67 34.45
CA ARG I 241 17.49 -33.56 34.12
C ARG I 241 17.22 -33.59 32.62
N LEU I 242 17.29 -32.44 31.96
CA LEU I 242 17.12 -32.39 30.51
C LEU I 242 18.20 -33.23 29.79
N ALA I 243 19.42 -33.24 30.35
CA ALA I 243 20.52 -34.02 29.79
C ALA I 243 20.30 -35.55 29.88
N HIS I 244 19.46 -35.99 30.81
CA HIS I 244 19.08 -37.41 30.90
C HIS I 244 18.13 -37.85 29.78
N LEU I 245 17.38 -36.93 29.18
CA LEU I 245 16.55 -37.28 28.04
C LEU I 245 17.46 -37.69 26.87
N PRO I 246 16.98 -38.59 26.00
CA PRO I 246 17.79 -38.94 24.83
C PRO I 246 17.88 -37.77 23.86
N ARG I 247 18.99 -37.67 23.13
CA ARG I 247 19.14 -36.64 22.13
C ARG I 247 18.02 -36.75 21.11
N GLY I 248 17.47 -35.62 20.73
CA GLY I 248 16.35 -35.55 19.78
C GLY I 248 14.99 -35.71 20.43
N ALA I 249 14.93 -35.66 21.76
CA ALA I 249 13.67 -35.80 22.47
C ALA I 249 12.69 -34.67 22.14
N LYS I 250 11.40 -34.97 22.27
CA LYS I 250 10.34 -34.00 22.07
C LYS I 250 9.75 -33.69 23.46
N PHE I 251 9.66 -32.40 23.78
CA PHE I 251 9.38 -31.96 25.13
C PHE I 251 8.06 -31.20 25.20
N ILE I 252 7.12 -31.72 26.01
CA ILE I 252 5.81 -31.11 26.16
C ILE I 252 5.59 -30.69 27.61
N ASN I 253 5.25 -29.42 27.83
CA ASN I 253 4.90 -28.95 29.17
C ASN I 253 3.48 -28.40 29.17
N VAL I 254 2.58 -29.08 29.88
CA VAL I 254 1.21 -28.65 30.11
C VAL I 254 0.90 -28.54 31.60
N ALA I 255 1.93 -28.38 32.41
CA ALA I 255 1.78 -28.41 33.86
C ALA I 255 1.90 -26.98 34.42
N ARG I 256 3.10 -26.62 34.86
CA ARG I 256 3.41 -25.29 35.32
C ARG I 256 4.79 -24.94 34.79
N GLY I 257 4.96 -23.70 34.34
CA GLY I 257 6.19 -23.28 33.73
C GLY I 257 7.44 -23.46 34.60
N PRO I 258 7.37 -23.06 35.89
CA PRO I 258 8.56 -23.15 36.73
C PRO I 258 9.01 -24.56 37.12
N VAL I 259 8.26 -25.60 36.74
CA VAL I 259 8.73 -26.98 36.88
C VAL I 259 9.97 -27.19 35.99
N VAL I 260 10.05 -26.42 34.90
CA VAL I 260 11.12 -26.45 33.93
C VAL I 260 12.00 -25.21 34.10
N ASP I 261 13.32 -25.41 34.07
CA ASP I 261 14.25 -24.31 33.99
C ASP I 261 14.24 -23.82 32.55
N GLU I 262 13.58 -22.70 32.32
CA GLU I 262 13.27 -22.24 30.95
C GLU I 262 14.52 -21.90 30.15
N ALA I 263 15.47 -21.24 30.80
CA ALA I 263 16.78 -20.95 30.20
C ALA I 263 17.54 -22.22 29.79
N ALA I 264 17.46 -23.25 30.64
CA ALA I 264 18.06 -24.55 30.34
C ALA I 264 17.35 -25.27 29.18
N LEU I 265 16.03 -25.16 29.13
CA LEU I 265 15.30 -25.71 27.99
C LEU I 265 15.70 -25.03 26.69
N ILE I 266 15.76 -23.70 26.71
CA ILE I 266 16.21 -22.92 25.54
C ILE I 266 17.60 -23.37 25.07
N ALA I 267 18.55 -23.51 26.00
CA ALA I 267 19.89 -23.96 25.66
C ALA I 267 19.88 -25.37 25.03
N ALA I 268 19.05 -26.26 25.58
CA ALA I 268 18.95 -27.62 25.07
C ALA I 268 18.27 -27.67 23.69
N LEU I 269 17.31 -26.78 23.47
CA LEU I 269 16.73 -26.62 22.14
C LEU I 269 17.79 -26.11 21.15
N ARG I 270 18.56 -25.10 21.56
CA ARG I 270 19.59 -24.52 20.69
C ARG I 270 20.73 -25.48 20.31
N SER I 271 21.10 -26.36 21.23
CA SER I 271 22.14 -27.36 20.98
C SER I 271 21.62 -28.58 20.23
N GLY I 272 20.30 -28.67 20.04
CA GLY I 272 19.68 -29.81 19.38
C GLY I 272 19.46 -31.03 20.29
N HIS I 273 19.79 -30.92 21.57
CA HIS I 273 19.53 -32.03 22.49
C HIS I 273 18.03 -32.31 22.61
N ILE I 274 17.23 -31.24 22.69
CA ILE I 274 15.77 -31.32 22.53
C ILE I 274 15.47 -30.89 21.11
N ALA I 275 14.84 -31.77 20.33
CA ALA I 275 14.54 -31.47 18.91
C ALA I 275 13.40 -30.47 18.75
N GLU I 276 12.35 -30.68 19.52
CA GLU I 276 11.10 -29.94 19.38
C GLU I 276 10.43 -29.83 20.74
N ALA I 277 9.59 -28.82 20.89
CA ALA I 277 8.82 -28.64 22.11
C ALA I 277 7.42 -28.10 21.85
N THR I 278 6.50 -28.45 22.74
CA THR I 278 5.17 -27.84 22.81
C THR I 278 4.99 -27.35 24.25
N LEU I 279 4.77 -26.05 24.39
CA LEU I 279 4.77 -25.40 25.68
C LEU I 279 3.50 -24.58 25.84
N ASP I 280 2.68 -24.98 26.81
CA ASP I 280 1.45 -24.31 27.17
C ASP I 280 1.64 -23.40 28.40
N VAL I 281 2.76 -23.56 29.10
CA VAL I 281 3.02 -22.84 30.35
C VAL I 281 4.48 -22.43 30.42
N PHE I 282 4.74 -21.33 31.14
CA PHE I 282 6.06 -20.68 31.14
C PHE I 282 6.38 -20.10 32.51
N GLU I 283 7.66 -19.84 32.76
CA GLU I 283 8.08 -19.26 34.05
C GLU I 283 7.38 -17.96 34.33
N VAL I 284 7.38 -17.07 33.33
CA VAL I 284 6.60 -15.83 33.37
C VAL I 284 5.54 -15.93 32.28
N GLU I 285 4.29 -15.72 32.67
CA GLU I 285 3.14 -15.68 31.77
C GLU I 285 2.48 -14.30 31.86
N PRO I 286 2.20 -13.65 30.75
CA PRO I 286 2.48 -14.15 29.39
C PRO I 286 3.98 -14.20 29.08
N LEU I 287 4.36 -15.13 28.21
CA LEU I 287 5.73 -15.26 27.75
C LEU I 287 6.23 -13.90 27.23
N PRO I 288 7.27 -13.33 27.87
CA PRO I 288 7.77 -12.01 27.45
C PRO I 288 8.11 -11.96 25.97
N VAL I 289 7.86 -10.81 25.34
CA VAL I 289 8.09 -10.67 23.90
C VAL I 289 9.53 -10.95 23.50
N GLY I 290 10.47 -10.65 24.39
CA GLY I 290 11.88 -10.95 24.16
C GLY I 290 12.31 -12.41 24.23
N SER I 291 11.43 -13.32 24.65
CA SER I 291 11.81 -14.74 24.76
C SER I 291 12.23 -15.34 23.42
N PRO I 292 13.39 -16.04 23.40
CA PRO I 292 13.80 -16.77 22.20
C PRO I 292 12.81 -17.85 21.72
N LEU I 293 11.91 -18.30 22.58
CA LEU I 293 10.94 -19.34 22.24
C LEU I 293 9.95 -18.95 21.15
N TRP I 294 9.59 -17.67 21.08
CA TRP I 294 8.57 -17.20 20.13
C TRP I 294 8.95 -17.55 18.69
N ALA I 295 10.18 -17.21 18.30
CA ALA I 295 10.62 -17.31 16.90
C ALA I 295 11.12 -18.71 16.48
N MET I 296 11.16 -19.66 17.41
CA MET I 296 11.61 -21.02 17.10
C MET I 296 10.50 -21.80 16.40
N ASP I 297 10.75 -22.24 15.17
CA ASP I 297 9.73 -22.98 14.41
C ASP I 297 9.57 -24.43 14.87
N ASN I 298 10.51 -24.90 15.71
CA ASN I 298 10.41 -26.21 16.36
C ASN I 298 9.78 -26.13 17.77
N VAL I 299 9.21 -24.98 18.12
CA VAL I 299 8.48 -24.80 19.37
C VAL I 299 7.06 -24.34 19.06
N LEU I 300 6.08 -24.97 19.69
CA LEU I 300 4.70 -24.52 19.61
C LEU I 300 4.34 -23.90 20.96
N VAL I 301 3.91 -22.64 20.93
CA VAL I 301 3.49 -21.89 22.11
C VAL I 301 1.97 -21.82 22.12
N THR I 302 1.37 -22.28 23.21
CA THR I 302 -0.06 -22.07 23.45
C THR I 302 -0.21 -21.27 24.74
N PRO I 303 -1.22 -20.39 24.84
CA PRO I 303 -1.26 -19.42 25.94
C PRO I 303 -1.97 -19.91 27.20
N HIS I 304 -1.46 -20.99 27.78
CA HIS I 304 -1.98 -21.58 29.03
C HIS I 304 -3.49 -21.84 28.95
N LEU I 305 -3.85 -22.82 28.13
CA LEU I 305 -5.23 -23.22 27.98
C LEU I 305 -5.44 -24.71 27.65
N ALA I 306 -4.51 -25.54 28.09
CA ALA I 306 -4.56 -26.97 27.79
C ALA I 306 -5.91 -27.58 28.16
N SER I 307 -6.38 -27.24 29.34
CA SER I 307 -7.68 -27.69 29.81
C SER I 307 -8.28 -26.65 30.74
N ILE I 308 -9.61 -26.63 30.79
CA ILE I 308 -10.35 -25.71 31.65
C ILE I 308 -11.56 -26.38 32.26
N ALA I 309 -12.00 -25.85 33.40
CA ALA I 309 -13.23 -26.29 34.03
C ALA I 309 -14.39 -25.59 33.31
N ILE I 310 -15.46 -26.33 33.10
CA ILE I 310 -16.68 -25.82 32.49
C ILE I 310 -17.75 -25.79 33.58
N PRO I 311 -18.41 -24.62 33.80
CA PRO I 311 -19.36 -24.50 34.90
C PRO I 311 -20.36 -25.66 35.02
N ARG I 312 -21.04 -25.99 33.91
CA ARG I 312 -22.09 -26.99 33.93
C ARG I 312 -21.62 -28.37 34.45
N THR I 313 -20.45 -28.81 34.00
CA THR I 313 -19.91 -30.10 34.40
C THR I 313 -18.99 -30.06 35.63
N ALA I 314 -18.51 -28.87 36.00
CA ALA I 314 -17.75 -28.68 37.25
C ALA I 314 -18.62 -28.55 38.48
N ALA I 315 -19.80 -27.98 38.31
CA ALA I 315 -20.72 -27.68 39.43
C ALA I 315 -21.10 -28.87 40.33
N PRO I 316 -21.37 -30.04 39.75
CA PRO I 316 -21.79 -31.18 40.58
C PRO I 316 -20.82 -31.55 41.69
N GLN I 317 -19.53 -31.61 41.40
CA GLN I 317 -18.56 -31.90 42.46
C GLN I 317 -18.51 -30.81 43.54
N ILE I 318 -18.73 -29.56 43.14
CA ILE I 318 -18.76 -28.46 44.09
C ILE I 318 -19.96 -28.60 45.04
N VAL I 319 -21.15 -28.86 44.50
CA VAL I 319 -22.33 -29.00 45.35
C VAL I 319 -22.25 -30.28 46.20
N GLU I 320 -21.61 -31.32 45.67
CA GLU I 320 -21.36 -32.54 46.45
C GLU I 320 -20.43 -32.26 47.66
N ASN I 321 -19.43 -31.42 47.47
CA ASN I 321 -18.54 -31.00 48.57
C ASN I 321 -19.24 -30.11 49.58
N ILE I 322 -20.17 -29.27 49.13
CA ILE I 322 -21.05 -28.53 50.03
C ILE I 322 -21.87 -29.49 50.90
N ARG I 323 -22.47 -30.50 50.29
CA ARG I 323 -23.21 -31.52 51.03
C ARG I 323 -22.33 -32.23 52.07
N ARG I 324 -21.16 -32.66 51.64
CA ARG I 324 -20.19 -33.36 52.52
C ARG I 324 -19.71 -32.52 53.70
N ILE I 325 -19.39 -31.25 53.46
CA ILE I 325 -18.92 -30.37 54.54
C ILE I 325 -20.01 -30.18 55.61
N GLU I 326 -21.28 -30.08 55.18
CA GLU I 326 -22.40 -29.95 56.11
C GLU I 326 -22.76 -31.26 56.82
N ALA I 327 -22.53 -32.40 56.17
CA ALA I 327 -22.75 -33.73 56.76
C ALA I 327 -21.58 -34.22 57.62
N GLY I 328 -20.45 -33.51 57.60
CA GLY I 328 -19.25 -33.92 58.31
C GLY I 328 -18.48 -35.03 57.62
N GLU I 329 -18.68 -35.20 56.31
CA GLU I 329 -17.95 -36.18 55.53
C GLU I 329 -16.71 -35.53 54.93
N PRO I 330 -15.60 -36.30 54.78
CA PRO I 330 -14.44 -35.75 54.10
C PRO I 330 -14.75 -35.37 52.63
N VAL I 331 -14.16 -34.25 52.20
CA VAL I 331 -14.46 -33.69 50.89
C VAL I 331 -13.63 -34.36 49.80
N LEU I 332 -14.15 -34.28 48.58
CA LEU I 332 -13.42 -34.72 47.39
C LEU I 332 -12.42 -33.67 46.94
N ASN I 333 -11.33 -34.16 46.34
CA ASN I 333 -10.29 -33.33 45.71
C ASN I 333 -9.65 -32.34 46.68
N GLN I 334 -9.42 -32.78 47.90
CA GLN I 334 -8.78 -31.97 48.92
C GLN I 334 -7.29 -31.86 48.64
N VAL I 335 -6.75 -30.69 48.91
CA VAL I 335 -5.33 -30.41 48.77
C VAL I 335 -4.70 -30.70 50.13
N ASP I 336 -3.53 -31.35 50.09
CA ASP I 336 -2.85 -31.83 51.26
C ASP I 336 -1.79 -30.80 51.64
N PRO I 337 -1.96 -30.11 52.77
CA PRO I 337 -0.95 -29.11 53.17
C PRO I 337 0.46 -29.66 53.36
N ARG I 338 0.59 -30.93 53.77
CA ARG I 338 1.91 -31.56 53.97
C ARG I 338 2.67 -31.75 52.64
N ARG I 339 1.98 -32.18 51.60
CA ARG I 339 2.56 -32.44 50.30
C ARG I 339 2.64 -31.20 49.40
N GLY I 340 1.67 -30.30 49.56
CA GLY I 340 1.60 -29.09 48.73
C GLY I 340 0.79 -29.22 47.45
N TYR I 341 0.00 -30.29 47.35
CA TYR I 341 -0.88 -30.54 46.22
C TYR I 341 -1.96 -31.52 46.60
N ALA J 27 -50.16 -28.38 32.35
CA ALA J 27 -49.92 -29.76 31.76
C ALA J 27 -48.99 -29.66 30.52
N SER J 28 -47.77 -29.20 30.77
CA SER J 28 -46.86 -28.85 29.71
C SER J 28 -46.44 -30.03 28.85
N GLY J 29 -46.37 -29.81 27.53
CA GLY J 29 -45.78 -30.76 26.57
C GLY J 29 -44.30 -30.47 26.41
N ALA J 30 -43.70 -31.03 25.37
CA ALA J 30 -42.27 -30.86 25.10
C ALA J 30 -42.00 -29.66 24.18
N LEU J 31 -40.86 -29.00 24.39
CA LEU J 31 -40.34 -28.00 23.47
C LEU J 31 -39.24 -28.64 22.63
N VAL J 32 -39.34 -28.47 21.31
CA VAL J 32 -38.28 -28.85 20.38
C VAL J 32 -37.49 -27.61 20.01
N PHE J 33 -36.17 -27.76 19.95
CA PHE J 33 -35.23 -26.70 19.60
C PHE J 33 -34.53 -27.07 18.29
N TYR J 34 -34.49 -26.13 17.35
CA TYR J 34 -33.66 -26.31 16.14
C TYR J 34 -32.88 -25.04 15.85
N SER J 35 -31.57 -25.17 15.79
CA SER J 35 -30.69 -24.15 15.21
C SER J 35 -29.32 -24.74 14.93
N ALA J 36 -28.81 -24.52 13.73
CA ALA J 36 -27.45 -24.87 13.36
C ALA J 36 -26.42 -23.85 13.89
N VAL J 37 -26.89 -22.68 14.34
CA VAL J 37 -26.00 -21.57 14.71
C VAL J 37 -26.17 -21.10 16.16
N ASP J 38 -26.95 -21.82 16.96
CA ASP J 38 -27.09 -21.54 18.38
C ASP J 38 -26.79 -22.84 19.14
N ILE J 39 -26.24 -22.71 20.33
CA ILE J 39 -25.88 -23.85 21.17
C ILE J 39 -27.14 -24.33 21.91
N GLY J 40 -27.69 -25.44 21.48
CA GLY J 40 -28.89 -26.04 22.08
C GLY J 40 -28.79 -26.20 23.58
N GLN J 41 -27.65 -26.67 24.07
CA GLN J 41 -27.48 -26.90 25.51
C GLN J 41 -27.65 -25.62 26.34
N ASP J 42 -27.14 -24.50 25.85
CA ASP J 42 -27.29 -23.20 26.56
C ASP J 42 -28.77 -22.79 26.66
N TRP J 43 -29.53 -22.99 25.58
CA TRP J 43 -30.94 -22.69 25.55
C TRP J 43 -31.71 -23.66 26.44
N LYS J 44 -31.38 -24.93 26.34
CA LYS J 44 -31.97 -25.96 27.21
C LYS J 44 -31.77 -25.67 28.68
N SER J 45 -30.53 -25.37 29.09
CA SER J 45 -30.23 -25.05 30.48
C SER J 45 -31.01 -23.85 30.98
N ALA J 46 -31.05 -22.78 30.17
CA ALA J 46 -31.78 -21.56 30.55
C ALA J 46 -33.29 -21.78 30.67
N LEU J 47 -33.86 -22.52 29.72
CA LEU J 47 -35.29 -22.84 29.76
C LEU J 47 -35.68 -23.70 30.97
N GLN J 48 -34.85 -24.68 31.28
CA GLN J 48 -35.09 -25.54 32.44
C GLN J 48 -34.90 -24.81 33.78
N ALA J 49 -34.03 -23.82 33.81
CA ALA J 49 -33.91 -22.95 34.99
C ALA J 49 -35.16 -22.08 35.18
N ALA J 50 -35.71 -21.57 34.08
CA ALA J 50 -36.93 -20.77 34.14
C ALA J 50 -38.19 -21.61 34.36
N HIS J 51 -38.17 -22.86 33.89
CA HIS J 51 -39.28 -23.80 34.01
C HIS J 51 -38.73 -25.19 34.38
N PRO J 52 -38.48 -25.44 35.67
CA PRO J 52 -37.96 -26.75 36.13
C PRO J 52 -38.77 -27.91 35.58
N GLY J 53 -38.07 -28.92 35.05
CA GLY J 53 -38.72 -30.11 34.51
C GLY J 53 -39.28 -29.99 33.09
N LEU J 54 -39.10 -28.84 32.43
CA LEU J 54 -39.56 -28.69 31.06
C LEU J 54 -38.82 -29.68 30.16
N ASP J 55 -39.59 -30.46 29.41
CA ASP J 55 -39.05 -31.43 28.48
C ASP J 55 -38.57 -30.67 27.25
N VAL J 56 -37.24 -30.56 27.11
CA VAL J 56 -36.60 -29.85 25.99
C VAL J 56 -35.83 -30.85 25.14
N ARG J 57 -36.13 -30.87 23.84
CA ARG J 57 -35.51 -31.80 22.89
C ARG J 57 -34.78 -31.02 21.82
N ILE J 58 -33.50 -31.31 21.69
CA ILE J 58 -32.63 -30.62 20.75
C ILE J 58 -32.63 -31.42 19.48
N ALA J 59 -33.22 -30.82 18.41
CA ALA J 59 -33.22 -31.47 17.12
C ALA J 59 -31.83 -31.37 16.49
N ARG J 60 -31.51 -32.38 15.68
CA ARG J 60 -30.21 -32.53 15.10
C ARG J 60 -29.98 -31.54 13.97
N ALA J 61 -28.85 -30.86 14.00
CA ALA J 61 -28.54 -29.86 12.97
C ALA J 61 -28.48 -30.51 11.59
N GLY J 62 -29.08 -29.82 10.61
CA GLY J 62 -29.07 -30.29 9.22
C GLY J 62 -30.34 -30.92 8.74
N ASP J 63 -30.76 -32.03 9.37
CA ASP J 63 -32.01 -32.70 9.00
C ASP J 63 -33.16 -32.59 10.01
N GLY J 64 -32.86 -32.08 11.20
CA GLY J 64 -33.90 -31.85 12.23
C GLY J 64 -34.40 -33.09 12.94
N HIS J 65 -33.72 -34.20 12.78
CA HIS J 65 -34.08 -35.43 13.45
C HIS J 65 -34.05 -35.22 14.96
N VAL J 66 -35.07 -35.74 15.64
CA VAL J 66 -35.17 -35.60 17.07
C VAL J 66 -35.69 -36.89 17.68
N GLU J 67 -35.14 -37.24 18.85
CA GLU J 67 -35.57 -38.43 19.58
C GLU J 67 -36.81 -38.15 20.40
N GLY J 68 -37.50 -39.22 20.78
CA GLY J 68 -38.71 -39.16 21.57
C GLY J 68 -39.96 -39.22 20.70
N ASP J 69 -41.11 -39.29 21.36
CA ASP J 69 -42.40 -39.30 20.70
C ASP J 69 -42.70 -37.88 20.15
N PRO J 70 -42.77 -37.73 18.81
CA PRO J 70 -43.05 -36.39 18.24
C PRO J 70 -44.46 -35.83 18.55
N GLU J 71 -45.40 -36.69 18.91
CA GLU J 71 -46.73 -36.25 19.34
C GLU J 71 -46.77 -35.50 20.66
N GLU J 72 -45.72 -35.64 21.47
CA GLU J 72 -45.59 -34.90 22.73
C GLU J 72 -45.08 -33.46 22.55
N VAL J 73 -44.55 -33.15 21.36
CA VAL J 73 -43.99 -31.82 21.09
C VAL J 73 -45.11 -30.81 20.84
N ARG J 74 -45.20 -29.80 21.70
CA ARG J 74 -46.20 -28.73 21.56
C ARG J 74 -45.65 -27.34 21.26
N TYR J 75 -44.34 -27.13 21.46
CA TYR J 75 -43.70 -25.83 21.25
C TYR J 75 -42.40 -26.04 20.44
N ALA J 76 -42.14 -25.12 19.51
CA ALA J 76 -40.97 -25.22 18.65
C ALA J 76 -40.24 -23.89 18.65
N LEU J 77 -38.98 -23.92 19.10
CA LEU J 77 -38.11 -22.76 19.18
C LEU J 77 -37.04 -23.00 18.10
N VAL J 78 -37.05 -22.18 17.05
CA VAL J 78 -36.32 -22.51 15.83
C VAL J 78 -35.63 -21.33 15.17
N TRP J 79 -34.61 -21.64 14.37
CA TRP J 79 -33.99 -20.72 13.43
C TRP J 79 -33.72 -21.49 12.15
N LYS J 80 -34.42 -21.09 11.10
CA LYS J 80 -34.28 -21.66 9.75
C LYS J 80 -34.22 -23.18 9.73
N PRO J 81 -35.24 -23.84 10.29
CA PRO J 81 -35.25 -25.31 10.29
C PRO J 81 -35.44 -25.89 8.91
N PRO J 82 -35.07 -27.17 8.71
CA PRO J 82 -35.19 -27.81 7.39
C PRO J 82 -36.62 -27.82 6.87
N HIS J 83 -36.78 -27.88 5.56
CA HIS J 83 -38.12 -27.94 4.95
C HIS J 83 -38.89 -29.12 5.51
N GLY J 84 -40.14 -28.89 5.91
CA GLY J 84 -40.97 -29.97 6.45
C GLY J 84 -40.80 -30.26 7.93
N PHE J 85 -39.89 -29.54 8.61
CA PHE J 85 -39.64 -29.73 10.02
C PHE J 85 -40.89 -29.68 10.88
N PHE J 86 -41.75 -28.69 10.65
CA PHE J 86 -42.95 -28.52 11.51
C PHE J 86 -43.97 -29.62 11.35
N ALA J 87 -44.04 -30.20 10.15
CA ALA J 87 -44.94 -31.33 9.88
C ALA J 87 -44.62 -32.61 10.66
N ARG J 88 -43.40 -32.71 11.20
CA ARG J 88 -43.05 -33.80 12.13
C ARG J 88 -43.89 -33.80 13.41
N PHE J 89 -44.42 -32.64 13.79
CA PHE J 89 -45.04 -32.44 15.11
C PHE J 89 -46.52 -32.05 14.97
N PRO J 90 -47.40 -33.05 14.88
CA PRO J 90 -48.80 -32.73 14.60
C PRO J 90 -49.56 -31.99 15.72
N ASN J 91 -49.05 -32.04 16.96
CA ASN J 91 -49.71 -31.37 18.12
C ASN J 91 -49.05 -30.03 18.51
N LEU J 92 -48.32 -29.44 17.57
CA LEU J 92 -47.67 -28.17 17.79
C LEU J 92 -48.73 -27.11 18.10
N LYS J 93 -48.54 -26.37 19.19
CA LYS J 93 -49.43 -25.27 19.59
C LYS J 93 -48.80 -23.87 19.46
N LEU J 94 -47.47 -23.81 19.28
CA LEU J 94 -46.75 -22.55 19.34
C LEU J 94 -45.42 -22.64 18.62
N VAL J 95 -45.14 -21.65 17.78
CA VAL J 95 -43.84 -21.49 17.13
C VAL J 95 -43.16 -20.27 17.71
N ILE J 96 -41.86 -20.37 17.98
CA ILE J 96 -41.06 -19.27 18.47
C ILE J 96 -39.80 -19.18 17.59
N ASN J 97 -39.64 -18.04 16.90
CA ASN J 97 -38.45 -17.79 16.11
C ASN J 97 -37.33 -17.31 17.02
N LEU J 98 -36.11 -17.78 16.79
CA LEU J 98 -34.94 -17.40 17.63
C LEU J 98 -34.37 -15.99 17.33
N GLY J 99 -35.03 -15.22 16.45
CA GLY J 99 -34.64 -13.85 16.19
C GLY J 99 -35.84 -12.95 16.32
N ALA J 100 -35.57 -11.66 16.33
CA ALA J 100 -36.60 -10.63 16.29
C ALA J 100 -37.23 -10.52 14.90
N GLY J 101 -36.47 -10.87 13.84
CA GLY J 101 -37.01 -10.90 12.49
C GLY J 101 -37.61 -12.25 12.14
N VAL J 102 -38.66 -12.24 11.31
CA VAL J 102 -39.38 -13.45 10.95
C VAL J 102 -39.62 -13.56 9.44
N ASP J 103 -38.87 -12.82 8.63
CA ASP J 103 -39.15 -12.77 7.18
C ASP J 103 -38.99 -14.13 6.48
N ALA J 104 -37.98 -14.90 6.87
CA ALA J 104 -37.79 -16.26 6.31
C ALA J 104 -38.84 -17.23 6.83
N LEU J 105 -39.08 -17.18 8.14
CA LEU J 105 -40.10 -18.03 8.78
C LEU J 105 -41.50 -17.91 8.16
N VAL J 106 -41.98 -16.68 7.97
CA VAL J 106 -43.34 -16.45 7.47
C VAL J 106 -43.50 -16.75 5.96
N ALA J 107 -42.39 -16.78 5.22
CA ALA J 107 -42.41 -17.15 3.80
C ALA J 107 -42.49 -18.66 3.55
N ARG J 108 -42.42 -19.47 4.61
CA ARG J 108 -42.40 -20.92 4.48
C ARG J 108 -43.77 -21.48 4.05
N ASP J 109 -43.72 -22.53 3.23
CA ASP J 109 -44.94 -23.23 2.79
C ASP J 109 -45.44 -24.26 3.81
N ASP J 110 -44.62 -24.59 4.81
CA ASP J 110 -44.95 -25.62 5.79
C ASP J 110 -45.27 -25.07 7.19
N LEU J 111 -45.53 -23.77 7.27
CA LEU J 111 -45.79 -23.12 8.55
C LEU J 111 -47.16 -23.57 9.06
N PRO J 112 -47.23 -24.09 10.30
CA PRO J 112 -48.50 -24.58 10.82
C PRO J 112 -49.39 -23.42 11.27
N ASP J 113 -50.70 -23.67 11.29
CA ASP J 113 -51.69 -22.64 11.60
C ASP J 113 -51.87 -22.53 13.12
N VAL J 114 -50.84 -22.01 13.77
CA VAL J 114 -50.83 -21.79 15.21
C VAL J 114 -50.17 -20.44 15.47
N PRO J 115 -50.26 -19.91 16.70
CA PRO J 115 -49.57 -18.66 16.99
C PRO J 115 -48.07 -18.74 16.73
N VAL J 116 -47.55 -17.74 15.99
CA VAL J 116 -46.15 -17.61 15.70
C VAL J 116 -45.64 -16.42 16.48
N THR J 117 -44.60 -16.62 17.27
CA THR J 117 -44.00 -15.57 18.08
C THR J 117 -42.53 -15.42 17.73
N ARG J 118 -41.97 -14.31 18.17
CA ARG J 118 -40.55 -14.02 18.00
C ARG J 118 -39.99 -13.70 19.36
N LEU J 119 -38.66 -13.72 19.48
CA LEU J 119 -38.00 -13.24 20.69
C LEU J 119 -37.97 -11.73 20.61
N SER J 120 -38.41 -11.09 21.69
CA SER J 120 -38.35 -9.65 21.80
C SER J 120 -38.49 -9.27 23.28
N ASP J 121 -37.33 -9.31 23.95
CA ASP J 121 -37.17 -9.00 25.38
C ASP J 121 -36.41 -7.69 25.62
N PRO J 122 -36.57 -7.08 26.80
CA PRO J 122 -35.90 -5.81 27.12
C PRO J 122 -34.36 -5.81 27.03
N ASN J 123 -33.71 -6.97 27.20
CA ASN J 123 -32.27 -7.06 27.03
C ASN J 123 -31.83 -6.90 25.57
N MET J 124 -32.54 -7.57 24.66
CA MET J 124 -32.31 -7.43 23.22
C MET J 124 -32.53 -6.01 22.76
N SER J 125 -33.59 -5.42 23.27
CA SER J 125 -33.99 -4.05 23.04
C SER J 125 -32.86 -3.07 23.40
N GLN J 126 -32.31 -3.27 24.61
CA GLN J 126 -31.24 -2.44 25.11
CA GLN J 126 -31.23 -2.45 25.13
C GLN J 126 -29.99 -2.57 24.25
N MET J 127 -29.63 -3.79 23.94
CA MET J 127 -28.47 -4.05 23.10
C MET J 127 -28.59 -3.38 21.74
N MET J 128 -29.75 -3.52 21.08
CA MET J 128 -29.99 -2.85 19.79
C MET J 128 -29.93 -1.32 19.94
N ALA J 129 -30.61 -0.80 20.97
CA ALA J 129 -30.63 0.63 21.18
C ALA J 129 -29.22 1.20 21.41
N SER J 130 -28.41 0.48 22.18
CA SER J 130 -27.01 0.91 22.41
C SER J 130 -26.18 0.85 21.12
N PHE J 131 -26.40 -0.19 20.33
CA PHE J 131 -25.68 -0.33 19.06
C PHE J 131 -26.06 0.79 18.08
N VAL J 132 -27.35 1.12 17.99
CA VAL J 132 -27.79 2.22 17.13
C VAL J 132 -27.18 3.54 17.61
N LEU J 133 -27.17 3.73 18.92
CA LEU J 133 -26.56 4.92 19.49
C LEU J 133 -25.08 5.04 19.13
N PHE J 134 -24.36 3.93 19.24
CA PHE J 134 -22.96 3.88 18.79
C PHE J 134 -22.83 4.33 17.33
N CYS J 135 -23.65 3.76 16.45
CA CYS J 135 -23.61 4.07 15.02
C CYS J 135 -23.84 5.56 14.73
N VAL J 136 -24.87 6.11 15.36
CA VAL J 136 -25.26 7.50 15.18
C VAL J 136 -24.18 8.44 15.72
N LEU J 137 -23.72 8.17 16.95
CA LEU J 137 -22.66 8.98 17.55
C LEU J 137 -21.38 8.96 16.72
N ARG J 138 -21.05 7.78 16.20
CA ARG J 138 -19.86 7.64 15.38
C ARG J 138 -19.90 8.58 14.18
N HIS J 139 -21.04 8.64 13.49
CA HIS J 139 -21.23 9.59 12.39
C HIS J 139 -21.34 11.05 12.87
N ALA J 140 -22.13 11.27 13.92
CA ALA J 140 -22.40 12.63 14.42
C ALA J 140 -21.14 13.32 14.92
N ARG J 141 -20.21 12.54 15.48
CA ARG J 141 -18.94 13.08 15.97
C ARG J 141 -17.76 12.97 14.98
N ASP J 142 -18.08 12.76 13.69
CA ASP J 142 -17.10 12.87 12.57
C ASP J 142 -15.95 11.86 12.66
N ILE J 143 -16.21 10.70 13.26
CA ILE J 143 -15.16 9.74 13.54
C ILE J 143 -14.48 9.20 12.27
N PRO J 144 -15.25 8.92 11.21
CA PRO J 144 -14.56 8.45 9.99
C PRO J 144 -13.58 9.44 9.40
N THR J 145 -13.83 10.73 9.58
CA THR J 145 -12.88 11.78 9.19
C THR J 145 -11.58 11.63 10.00
N PHE J 146 -11.70 11.43 11.30
CA PHE J 146 -10.50 11.31 12.15
C PHE J 146 -9.74 10.03 11.87
N GLU J 147 -10.45 8.97 11.56
CA GLU J 147 -9.82 7.71 11.20
C GLU J 147 -9.04 7.82 9.89
N ARG J 148 -9.64 8.49 8.89
CA ARG J 148 -8.96 8.74 7.62
C ARG J 148 -7.68 9.55 7.85
N ALA J 149 -7.82 10.64 8.61
CA ALA J 149 -6.69 11.48 8.99
C ALA J 149 -5.60 10.73 9.77
N GLN J 150 -6.01 9.87 10.69
CA GLN J 150 -5.07 9.10 11.50
C GLN J 150 -4.22 8.20 10.63
N ARG J 151 -4.83 7.61 9.62
CA ARG J 151 -4.11 6.74 8.69
C ARG J 151 -3.08 7.49 7.84
N GLU J 152 -3.26 8.79 7.65
CA GLU J 152 -2.32 9.67 6.98
C GLU J 152 -1.33 10.34 7.94
N GLY J 153 -1.43 10.08 9.24
CA GLY J 153 -0.57 10.72 10.23
C GLY J 153 -0.85 12.20 10.44
N ARG J 154 -2.10 12.59 10.24
CA ARG J 154 -2.48 13.99 10.23
C ARG J 154 -3.42 14.33 11.39
N TRP J 155 -3.00 15.31 12.19
CA TRP J 155 -3.82 15.90 13.24
C TRP J 155 -4.59 17.05 12.60
N HIS J 156 -5.91 16.91 12.54
CA HIS J 156 -6.75 17.97 12.01
C HIS J 156 -8.02 18.13 12.82
N TYR J 157 -8.08 19.24 13.54
CA TYR J 157 -9.22 19.59 14.35
C TYR J 157 -10.42 19.93 13.46
N VAL J 158 -11.58 19.37 13.80
CA VAL J 158 -12.84 19.69 13.16
C VAL J 158 -13.78 20.06 14.30
N HIS J 159 -14.35 21.26 14.24
CA HIS J 159 -15.16 21.76 15.34
C HIS J 159 -16.40 20.87 15.51
N PRO J 160 -16.59 20.31 16.72
CA PRO J 160 -17.73 19.43 16.96
C PRO J 160 -19.08 20.13 16.88
N ARG J 161 -20.10 19.37 16.51
CA ARG J 161 -21.47 19.86 16.54
C ARG J 161 -22.20 19.26 17.72
N THR J 162 -23.08 20.04 18.34
CA THR J 162 -23.97 19.50 19.37
C THR J 162 -25.05 18.64 18.73
N ALA J 163 -25.53 17.71 19.53
CA ALA J 163 -26.57 16.79 19.16
C ALA J 163 -27.82 17.51 18.66
N ALA J 164 -28.17 18.64 19.28
CA ALA J 164 -29.38 19.40 18.94
C ALA J 164 -29.37 19.93 17.50
N GLU J 165 -28.19 20.11 16.94
CA GLU J 165 -28.02 20.55 15.55
C GLU J 165 -28.29 19.45 14.52
N ILE J 166 -28.31 18.20 14.95
CA ILE J 166 -28.34 17.06 14.05
C ILE J 166 -29.67 16.36 14.11
N ARG J 167 -30.30 16.21 12.95
CA ARG J 167 -31.59 15.52 12.86
C ARG J 167 -31.32 14.07 12.52
N VAL J 168 -31.96 13.17 13.29
CA VAL J 168 -31.77 11.74 13.13
C VAL J 168 -33.12 11.11 12.91
N GLY J 169 -33.25 10.36 11.82
CA GLY J 169 -34.50 9.70 11.47
C GLY J 169 -34.41 8.19 11.63
N VAL J 170 -35.41 7.61 12.30
CA VAL J 170 -35.50 6.16 12.45
C VAL J 170 -36.67 5.63 11.62
N LEU J 171 -36.36 4.77 10.64
CA LEU J 171 -37.38 4.08 9.85
C LEU J 171 -37.82 2.82 10.59
N GLY J 172 -39.04 2.85 11.11
CA GLY J 172 -39.59 1.76 11.93
C GLY J 172 -39.59 2.18 13.38
N LEU J 173 -40.74 2.08 14.04
CA LEU J 173 -40.85 2.44 15.46
C LEU J 173 -41.47 1.32 16.26
N GLY J 174 -40.96 0.11 16.07
CA GLY J 174 -41.42 -1.07 16.79
C GLY J 174 -40.72 -1.27 18.12
N ASP J 175 -40.69 -2.51 18.61
CA ASP J 175 -39.99 -2.80 19.87
C ASP J 175 -38.54 -2.27 19.88
N LEU J 176 -37.84 -2.47 18.75
CA LEU J 176 -36.47 -2.01 18.60
C LEU J 176 -36.38 -0.57 18.15
N GLY J 177 -37.14 -0.22 17.11
CA GLY J 177 -37.11 1.12 16.56
C GLY J 177 -37.52 2.23 17.53
N ALA J 178 -38.60 2.01 18.27
CA ALA J 178 -39.05 2.99 19.26
C ALA J 178 -38.01 3.14 20.39
N ALA J 179 -37.46 2.02 20.85
CA ALA J 179 -36.44 2.06 21.90
C ALA J 179 -35.20 2.84 21.46
N ALA J 180 -34.77 2.64 20.22
CA ALA J 180 -33.64 3.35 19.67
C ALA J 180 -33.94 4.85 19.52
N ALA J 181 -35.11 5.18 18.99
CA ALA J 181 -35.53 6.57 18.84
C ALA J 181 -35.56 7.30 20.18
N LEU J 182 -36.14 6.67 21.19
CA LEU J 182 -36.21 7.25 22.55
C LEU J 182 -34.83 7.46 23.17
N GLU J 183 -33.93 6.52 22.94
CA GLU J 183 -32.55 6.67 23.42
C GLU J 183 -31.82 7.80 22.69
N LEU J 184 -32.01 7.90 21.37
CA LEU J 184 -31.41 9.00 20.62
C LEU J 184 -31.90 10.35 21.13
N ALA J 185 -33.18 10.43 21.47
CA ALA J 185 -33.75 11.63 22.02
C ALA J 185 -33.12 12.05 23.35
N ARG J 186 -32.76 11.07 24.18
N ARG J 186 -32.76 11.08 24.19
CA ARG J 186 -32.11 11.35 25.47
C ARG J 186 -30.75 12.02 25.31
C ARG J 186 -30.75 12.01 25.32
N HIS J 187 -30.07 11.74 24.20
CA HIS J 187 -28.77 12.34 23.90
C HIS J 187 -28.85 13.71 23.20
N GLY J 188 -30.06 14.26 23.05
CA GLY J 188 -30.24 15.62 22.58
C GLY J 188 -30.41 15.79 21.08
N PHE J 189 -30.40 14.69 20.32
CA PHE J 189 -30.65 14.74 18.88
C PHE J 189 -32.08 15.21 18.59
N ASP J 190 -32.27 15.82 17.43
CA ASP J 190 -33.61 16.16 16.95
C ASP J 190 -34.12 14.92 16.21
N VAL J 191 -34.86 14.09 16.92
CA VAL J 191 -35.18 12.74 16.46
C VAL J 191 -36.55 12.72 15.78
N ARG J 192 -36.61 12.03 14.65
CA ARG J 192 -37.88 11.75 13.98
C ARG J 192 -37.98 10.25 13.72
N GLY J 193 -39.22 9.79 13.56
CA GLY J 193 -39.52 8.40 13.33
C GLY J 193 -40.61 8.23 12.28
N TRP J 194 -40.56 7.11 11.56
CA TRP J 194 -41.51 6.78 10.52
C TRP J 194 -42.06 5.37 10.75
N SER J 195 -43.39 5.24 10.66
CA SER J 195 -44.05 3.94 10.76
C SER J 195 -45.19 3.85 9.73
N ARG J 196 -45.85 2.71 9.69
CA ARG J 196 -46.91 2.44 8.74
CA ARG J 196 -46.91 2.44 8.74
C ARG J 196 -48.21 3.14 9.15
N THR J 197 -48.50 3.09 10.44
CA THR J 197 -49.70 3.67 11.04
C THR J 197 -49.27 4.70 12.08
N PRO J 198 -50.19 5.59 12.48
CA PRO J 198 -49.82 6.65 13.42
C PRO J 198 -49.31 6.14 14.75
N LYS J 199 -48.32 6.84 15.28
CA LYS J 199 -47.74 6.55 16.57
C LYS J 199 -47.43 7.85 17.27
N ALA J 200 -47.54 7.84 18.58
CA ALA J 200 -47.17 8.97 19.39
C ALA J 200 -46.01 8.47 20.24
N LEU J 201 -44.94 9.24 20.24
CA LEU J 201 -43.75 8.84 20.93
C LEU J 201 -43.15 10.11 21.49
N GLU J 202 -43.15 10.21 22.81
CA GLU J 202 -42.73 11.42 23.51
C GLU J 202 -41.30 11.79 23.11
N GLY J 203 -41.12 13.06 22.71
CA GLY J 203 -39.80 13.59 22.36
C GLY J 203 -39.30 13.21 20.98
N VAL J 204 -40.14 12.56 20.18
CA VAL J 204 -39.81 12.15 18.83
C VAL J 204 -40.87 12.70 17.86
N SER J 205 -40.41 13.28 16.76
CA SER J 205 -41.29 13.75 15.68
C SER J 205 -41.77 12.57 14.83
N CYS J 206 -43.02 12.17 15.00
CA CYS J 206 -43.54 10.98 14.34
C CYS J 206 -44.24 11.28 13.00
N PHE J 207 -43.79 10.58 11.96
CA PHE J 207 -44.36 10.60 10.63
C PHE J 207 -44.94 9.21 10.36
N HIS J 208 -45.94 9.11 9.51
CA HIS J 208 -46.47 7.81 9.12
C HIS J 208 -47.01 7.81 7.70
N GLY J 209 -46.95 6.65 7.08
CA GLY J 209 -47.54 6.45 5.76
C GLY J 209 -46.56 6.74 4.67
N LEU J 210 -46.83 6.15 3.52
CA LEU J 210 -45.93 6.23 2.36
C LEU J 210 -45.86 7.66 1.76
N GLU J 211 -46.95 8.38 1.85
CA GLU J 211 -47.03 9.77 1.35
C GLU J 211 -46.11 10.72 2.14
N ALA J 212 -45.93 10.45 3.43
CA ALA J 212 -45.06 11.26 4.29
C ALA J 212 -43.57 10.90 4.20
N LEU J 213 -43.24 9.79 3.54
CA LEU J 213 -41.84 9.30 3.53
C LEU J 213 -40.82 10.26 2.88
N PRO J 214 -41.16 10.89 1.73
CA PRO J 214 -40.19 11.87 1.19
C PRO J 214 -39.83 12.99 2.17
N GLY J 215 -40.83 13.59 2.81
CA GLY J 215 -40.62 14.63 3.81
C GLY J 215 -39.86 14.16 5.05
N PHE J 216 -40.15 12.93 5.49
CA PHE J 216 -39.43 12.34 6.59
C PHE J 216 -37.95 12.23 6.25
N LEU J 217 -37.66 11.68 5.08
CA LEU J 217 -36.28 11.51 4.62
C LEU J 217 -35.57 12.85 4.37
N ALA J 218 -36.28 13.82 3.80
CA ALA J 218 -35.71 15.15 3.49
C ALA J 218 -35.09 15.84 4.70
N GLY J 219 -35.65 15.62 5.88
CA GLY J 219 -35.12 16.20 7.12
C GLY J 219 -34.15 15.34 7.91
N SER J 220 -33.79 14.15 7.40
CA SER J 220 -32.98 13.19 8.16
C SER J 220 -31.51 13.26 7.73
N GLU J 221 -30.71 14.00 8.50
CA GLU J 221 -29.26 14.09 8.21
C GLU J 221 -28.60 12.73 8.45
N ILE J 222 -29.01 12.06 9.52
CA ILE J 222 -28.60 10.70 9.78
C ILE J 222 -29.88 9.88 9.74
N VAL J 223 -29.85 8.73 9.07
CA VAL J 223 -31.02 7.89 8.97
C VAL J 223 -30.66 6.46 9.39
N VAL J 224 -31.58 5.82 10.11
CA VAL J 224 -31.39 4.48 10.65
C VAL J 224 -32.53 3.60 10.16
N VAL J 225 -32.20 2.53 9.42
CA VAL J 225 -33.20 1.59 8.93
C VAL J 225 -33.44 0.52 10.00
N MET J 226 -34.67 0.49 10.52
CA MET J 226 -35.10 -0.49 11.53
C MET J 226 -36.44 -1.13 11.16
N LEU J 227 -36.61 -1.38 9.86
CA LEU J 227 -37.83 -1.96 9.30
C LEU J 227 -37.69 -3.46 9.13
N PRO J 228 -38.79 -4.22 9.37
CA PRO J 228 -38.76 -5.62 8.99
C PRO J 228 -38.79 -5.73 7.47
N LEU J 229 -38.34 -6.85 6.96
CA LEU J 229 -38.37 -7.13 5.55
C LEU J 229 -39.71 -7.73 5.19
N THR J 230 -40.46 -7.04 4.35
CA THR J 230 -41.75 -7.49 3.80
C THR J 230 -41.80 -7.10 2.34
N PRO J 231 -42.84 -7.53 1.61
CA PRO J 231 -42.94 -7.08 0.22
C PRO J 231 -43.03 -5.56 0.11
N GLU J 232 -43.70 -4.91 1.05
CA GLU J 232 -43.72 -3.44 1.06
C GLU J 232 -42.38 -2.78 1.35
N THR J 233 -41.57 -3.35 2.22
CA THR J 233 -40.28 -2.76 2.55
C THR J 233 -39.12 -3.21 1.67
N ARG J 234 -39.31 -4.26 0.91
CA ARG J 234 -38.23 -4.77 0.06
C ARG J 234 -37.92 -3.74 -1.03
N GLY J 235 -36.67 -3.30 -1.07
CA GLY J 235 -36.24 -2.27 -2.01
C GLY J 235 -36.86 -0.91 -1.78
N LEU J 236 -37.36 -0.63 -0.57
CA LEU J 236 -37.97 0.66 -0.23
C LEU J 236 -36.96 1.79 -0.43
N MET J 237 -35.76 1.61 0.10
CA MET J 237 -34.68 2.57 -0.04
C MET J 237 -33.94 2.33 -1.35
N ASN J 238 -34.63 2.69 -2.43
CA ASN J 238 -34.12 2.59 -3.79
C ASN J 238 -33.52 3.96 -4.18
N ALA J 239 -33.10 4.10 -5.43
CA ALA J 239 -32.48 5.35 -5.89
C ALA J 239 -33.32 6.58 -5.57
N GLU J 240 -34.63 6.48 -5.85
CA GLU J 240 -35.58 7.57 -5.61
C GLU J 240 -35.67 7.98 -4.13
N ARG J 241 -35.77 6.99 -3.25
CA ARG J 241 -35.87 7.28 -1.81
C ARG J 241 -34.55 7.82 -1.26
N LEU J 242 -33.43 7.27 -1.70
CA LEU J 242 -32.11 7.78 -1.30
C LEU J 242 -31.94 9.24 -1.73
N ALA J 243 -32.48 9.60 -2.90
CA ALA J 243 -32.41 10.97 -3.41
C ALA J 243 -33.20 11.98 -2.58
N HIS J 244 -34.20 11.52 -1.83
CA HIS J 244 -34.93 12.38 -0.89
C HIS J 244 -34.11 12.75 0.35
N LEU J 245 -33.12 11.94 0.72
CA LEU J 245 -32.24 12.30 1.83
C LEU J 245 -31.44 13.56 1.43
N PRO J 246 -31.09 14.40 2.41
CA PRO J 246 -30.26 15.56 2.09
C PRO J 246 -28.85 15.12 1.68
N ARG J 247 -28.21 15.90 0.80
CA ARG J 247 -26.85 15.60 0.40
C ARG J 247 -25.96 15.58 1.62
N GLY J 248 -25.06 14.60 1.67
CA GLY J 248 -24.16 14.42 2.81
C GLY J 248 -24.75 13.61 3.93
N ALA J 249 -25.90 12.98 3.70
CA ALA J 249 -26.54 12.18 4.75
C ALA J 249 -25.69 10.99 5.17
N LYS J 250 -25.90 10.55 6.40
CA LYS J 250 -25.21 9.38 6.95
C LYS J 250 -26.25 8.28 7.06
N PHE J 251 -25.92 7.10 6.52
CA PHE J 251 -26.91 6.04 6.32
C PHE J 251 -26.57 4.80 7.14
N ILE J 252 -27.48 4.42 8.03
CA ILE J 252 -27.26 3.26 8.89
C ILE J 252 -28.34 2.21 8.62
N ASN J 253 -27.92 0.97 8.34
CA ASN J 253 -28.86 -0.14 8.23
C ASN J 253 -28.55 -1.23 9.23
N VAL J 254 -29.47 -1.43 10.17
CA VAL J 254 -29.41 -2.50 11.16
C VAL J 254 -30.65 -3.39 11.10
N ALA J 255 -31.33 -3.39 9.94
CA ALA J 255 -32.61 -4.06 9.81
C ALA J 255 -32.45 -5.33 8.98
N ARG J 256 -32.71 -5.24 7.68
CA ARG J 256 -32.47 -6.32 6.74
C ARG J 256 -31.91 -5.67 5.48
N GLY J 257 -30.94 -6.34 4.89
CA GLY J 257 -30.25 -5.81 3.72
C GLY J 257 -31.13 -5.45 2.54
N PRO J 258 -32.06 -6.35 2.17
CA PRO J 258 -32.89 -6.07 0.99
C PRO J 258 -33.91 -4.93 1.12
N VAL J 259 -34.04 -4.32 2.32
CA VAL J 259 -34.81 -3.09 2.46
C VAL J 259 -34.17 -1.96 1.64
N VAL J 260 -32.85 -2.07 1.46
CA VAL J 260 -32.05 -1.13 0.70
C VAL J 260 -31.66 -1.72 -0.63
N ASP J 261 -31.80 -0.94 -1.69
CA ASP J 261 -31.28 -1.31 -3.01
C ASP J 261 -29.77 -1.06 -2.93
N GLU J 262 -29.01 -2.14 -2.80
CA GLU J 262 -27.58 -2.04 -2.47
C GLU J 262 -26.77 -1.34 -3.56
N ALA J 263 -27.06 -1.68 -4.82
CA ALA J 263 -26.47 -1.03 -5.98
C ALA J 263 -26.74 0.48 -6.01
N ALA J 264 -27.96 0.86 -5.64
CA ALA J 264 -28.34 2.28 -5.56
C ALA J 264 -27.63 2.98 -4.41
N LEU J 265 -27.46 2.30 -3.27
CA LEU J 265 -26.69 2.87 -2.16
C LEU J 265 -25.25 3.11 -2.58
N ILE J 266 -24.64 2.11 -3.23
CA ILE J 266 -23.28 2.23 -3.74
C ILE J 266 -23.13 3.43 -4.67
N ALA J 267 -24.05 3.59 -5.63
CA ALA J 267 -24.02 4.72 -6.55
C ALA J 267 -24.13 6.06 -5.80
N ALA J 268 -24.99 6.11 -4.78
CA ALA J 268 -25.18 7.32 -3.99
C ALA J 268 -23.97 7.64 -3.12
N LEU J 269 -23.31 6.60 -2.62
CA LEU J 269 -22.02 6.78 -1.92
C LEU J 269 -20.96 7.31 -2.90
N ARG J 270 -20.88 6.74 -4.09
CA ARG J 270 -19.88 7.16 -5.09
C ARG J 270 -20.06 8.59 -5.60
N SER J 271 -21.31 9.05 -5.70
CA SER J 271 -21.61 10.43 -6.13
C SER J 271 -21.50 11.44 -4.99
N GLY J 272 -21.30 10.96 -3.76
CA GLY J 272 -21.24 11.81 -2.58
C GLY J 272 -22.59 12.24 -2.03
N HIS J 273 -23.70 11.77 -2.62
CA HIS J 273 -25.01 12.10 -2.08
C HIS J 273 -25.18 11.54 -0.66
N ILE J 274 -24.73 10.30 -0.44
CA ILE J 274 -24.57 9.73 0.89
C ILE J 274 -23.10 9.86 1.25
N ALA J 275 -22.80 10.56 2.34
CA ALA J 275 -21.40 10.81 2.75
C ALA J 275 -20.74 9.57 3.33
N GLU J 276 -21.48 8.88 4.20
CA GLU J 276 -20.96 7.76 4.96
C GLU J 276 -22.08 6.78 5.25
N ALA J 277 -21.70 5.54 5.53
CA ALA J 277 -22.67 4.53 5.92
C ALA J 277 -22.11 3.55 6.94
N THR J 278 -23.02 3.00 7.75
CA THR J 278 -22.74 1.88 8.64
C THR J 278 -23.77 0.81 8.33
N LEU J 279 -23.28 -0.37 7.92
CA LEU J 279 -24.12 -1.41 7.42
C LEU J 279 -23.82 -2.70 8.16
N ASP J 280 -24.83 -3.20 8.88
CA ASP J 280 -24.78 -4.47 9.59
C ASP J 280 -25.42 -5.59 8.80
N VAL J 281 -26.18 -5.24 7.75
CA VAL J 281 -26.94 -6.21 6.96
C VAL J 281 -26.86 -5.86 5.48
N PHE J 282 -27.00 -6.87 4.63
CA PHE J 282 -26.75 -6.75 3.19
C PHE J 282 -27.69 -7.63 2.39
N GLU J 283 -27.84 -7.34 1.10
CA GLU J 283 -28.74 -8.12 0.24
C GLU J 283 -28.35 -9.60 0.24
N VAL J 284 -27.07 -9.86 0.05
CA VAL J 284 -26.50 -11.19 0.17
C VAL J 284 -25.52 -11.15 1.36
N GLU J 285 -25.71 -12.07 2.30
CA GLU J 285 -24.84 -12.24 3.46
C GLU J 285 -24.26 -13.65 3.43
N PRO J 286 -22.95 -13.82 3.59
CA PRO J 286 -22.00 -12.72 3.81
C PRO J 286 -21.82 -11.84 2.57
N LEU J 287 -21.50 -10.58 2.80
CA LEU J 287 -21.21 -9.62 1.74
C LEU J 287 -20.14 -10.21 0.81
N PRO J 288 -20.49 -10.42 -0.48
CA PRO J 288 -19.53 -11.03 -1.41
C PRO J 288 -18.21 -10.28 -1.47
N VAL J 289 -17.12 -11.00 -1.65
CA VAL J 289 -15.77 -10.39 -1.64
C VAL J 289 -15.63 -9.31 -2.71
N GLY J 290 -16.32 -9.48 -3.83
CA GLY J 290 -16.32 -8.48 -4.89
C GLY J 290 -17.07 -7.18 -4.64
N SER J 291 -17.83 -7.08 -3.54
CA SER J 291 -18.60 -5.86 -3.26
C SER J 291 -17.73 -4.62 -3.13
N PRO J 292 -18.07 -3.53 -3.84
CA PRO J 292 -17.38 -2.25 -3.66
C PRO J 292 -17.39 -1.69 -2.23
N LEU J 293 -18.34 -2.14 -1.39
CA LEU J 293 -18.47 -1.64 -0.03
C LEU J 293 -17.28 -1.95 0.88
N TRP J 294 -16.61 -3.08 0.66
CA TRP J 294 -15.51 -3.51 1.52
C TRP J 294 -14.41 -2.46 1.61
N ALA J 295 -13.97 -1.96 0.45
CA ALA J 295 -12.79 -1.06 0.40
C ALA J 295 -13.09 0.43 0.63
N MET J 296 -14.36 0.78 0.81
CA MET J 296 -14.76 2.17 1.07
C MET J 296 -14.47 2.56 2.53
N ASP J 297 -13.60 3.55 2.71
CA ASP J 297 -13.22 3.96 4.07
C ASP J 297 -14.31 4.81 4.76
N ASN J 298 -15.33 5.22 3.99
CA ASN J 298 -16.52 5.88 4.52
C ASN J 298 -17.68 4.93 4.79
N VAL J 299 -17.42 3.61 4.72
CA VAL J 299 -18.42 2.59 5.06
C VAL J 299 -17.86 1.70 6.16
N LEU J 300 -18.67 1.45 7.18
CA LEU J 300 -18.34 0.48 8.21
C LEU J 300 -19.22 -0.74 8.01
N VAL J 301 -18.59 -1.90 7.85
CA VAL J 301 -19.26 -3.19 7.68
C VAL J 301 -19.18 -3.96 8.99
N THR J 302 -20.33 -4.35 9.52
CA THR J 302 -20.38 -5.31 10.63
C THR J 302 -21.15 -6.53 10.17
N PRO J 303 -20.77 -7.74 10.65
CA PRO J 303 -21.29 -8.98 10.06
C PRO J 303 -22.61 -9.47 10.68
N HIS J 304 -23.65 -8.65 10.59
CA HIS J 304 -24.99 -8.98 11.07
C HIS J 304 -24.99 -9.46 12.50
N LEU J 305 -24.72 -8.52 13.41
CA LEU J 305 -24.72 -8.82 14.84
C LEU J 305 -25.13 -7.65 15.73
N ALA J 306 -25.96 -6.74 15.19
CA ALA J 306 -26.36 -5.56 15.92
C ALA J 306 -26.94 -5.90 17.29
N SER J 307 -27.80 -6.90 17.32
CA SER J 307 -28.35 -7.36 18.59
C SER J 307 -28.67 -8.85 18.51
N ILE J 308 -28.63 -9.52 19.65
CA ILE J 308 -28.93 -10.96 19.72
C ILE J 308 -29.68 -11.29 21.00
N ALA J 309 -30.41 -12.39 20.96
CA ALA J 309 -31.08 -12.91 22.15
C ALA J 309 -30.06 -13.70 22.96
N ILE J 310 -30.13 -13.56 24.27
CA ILE J 310 -29.28 -14.28 25.19
C ILE J 310 -30.14 -15.29 25.94
N PRO J 311 -29.76 -16.56 25.98
CA PRO J 311 -30.60 -17.61 26.59
C PRO J 311 -31.20 -17.24 27.95
N ARG J 312 -30.33 -16.84 28.87
CA ARG J 312 -30.74 -16.56 30.25
C ARG J 312 -31.83 -15.49 30.36
N THR J 313 -31.71 -14.41 29.59
CA THR J 313 -32.69 -13.32 29.64
C THR J 313 -33.84 -13.47 28.62
N ALA J 314 -33.65 -14.31 27.59
CA ALA J 314 -34.72 -14.63 26.65
C ALA J 314 -35.70 -15.69 27.15
N ALA J 315 -35.20 -16.61 27.95
CA ALA J 315 -35.98 -17.77 28.42
C ALA J 315 -37.31 -17.43 29.14
N PRO J 316 -37.31 -16.42 30.02
CA PRO J 316 -38.53 -16.13 30.78
C PRO J 316 -39.77 -15.85 29.92
N GLN J 317 -39.64 -15.06 28.86
CA GLN J 317 -40.77 -14.79 27.98
C GLN J 317 -41.21 -16.05 27.25
N ILE J 318 -40.28 -16.94 26.91
CA ILE J 318 -40.61 -18.18 26.26
C ILE J 318 -41.44 -19.08 27.18
N VAL J 319 -41.01 -19.25 28.43
CA VAL J 319 -41.75 -20.10 29.37
C VAL J 319 -43.08 -19.46 29.75
N GLU J 320 -43.14 -18.12 29.77
CA GLU J 320 -44.40 -17.41 30.00
C GLU J 320 -45.41 -17.67 28.86
N ASN J 321 -44.93 -17.72 27.61
CA ASN J 321 -45.78 -18.06 26.48
C ASN J 321 -46.22 -19.52 26.48
N ILE J 322 -45.37 -20.42 26.96
CA ILE J 322 -45.77 -21.81 27.20
C ILE J 322 -46.94 -21.86 28.21
N ARG J 323 -46.80 -21.14 29.32
CA ARG J 323 -47.87 -21.06 30.32
C ARG J 323 -49.18 -20.53 29.72
N ARG J 324 -49.08 -19.43 28.98
CA ARG J 324 -50.22 -18.79 28.32
C ARG J 324 -50.95 -19.67 27.29
N ILE J 325 -50.18 -20.37 26.46
CA ILE J 325 -50.77 -21.25 25.45
C ILE J 325 -51.57 -22.40 26.12
N GLU J 326 -51.05 -22.93 27.23
CA GLU J 326 -51.75 -23.97 27.99
C GLU J 326 -52.95 -23.48 28.79
N ALA J 327 -52.89 -22.23 29.25
CA ALA J 327 -54.00 -21.59 29.97
C ALA J 327 -55.07 -20.99 29.05
N GLY J 328 -54.81 -20.95 27.74
CA GLY J 328 -55.71 -20.32 26.79
C GLY J 328 -55.65 -18.80 26.80
N GLU J 329 -54.54 -18.23 27.28
CA GLU J 329 -54.33 -16.78 27.25
C GLU J 329 -53.59 -16.39 25.97
N PRO J 330 -53.84 -15.18 25.44
CA PRO J 330 -53.08 -14.74 24.29
C PRO J 330 -51.58 -14.63 24.55
N VAL J 331 -50.78 -15.00 23.56
CA VAL J 331 -49.33 -15.01 23.73
C VAL J 331 -48.71 -13.64 23.50
N LEU J 332 -47.54 -13.43 24.12
CA LEU J 332 -46.74 -12.23 23.94
C LEU J 332 -45.92 -12.33 22.66
N ASN J 333 -45.66 -11.18 22.05
CA ASN J 333 -44.77 -11.04 20.89
C ASN J 333 -45.21 -11.85 19.69
N GLN J 334 -46.52 -11.91 19.48
CA GLN J 334 -47.07 -12.64 18.34
C GLN J 334 -46.87 -11.87 17.05
N VAL J 335 -46.57 -12.60 16.00
CA VAL J 335 -46.27 -12.06 14.68
C VAL J 335 -47.57 -12.23 13.93
N ASP J 336 -47.74 -11.44 12.90
CA ASP J 336 -48.79 -11.66 11.87
C ASP J 336 -48.13 -12.32 10.70
N PRO J 337 -48.41 -13.61 10.45
CA PRO J 337 -47.73 -14.23 9.31
C PRO J 337 -48.06 -13.63 7.95
N ARG J 338 -49.25 -13.03 7.79
CA ARG J 338 -49.60 -12.39 6.52
C ARG J 338 -48.78 -11.14 6.24
N ARG J 339 -48.61 -10.30 7.24
CA ARG J 339 -47.82 -9.06 7.14
C ARG J 339 -46.32 -9.32 7.17
N GLY J 340 -45.89 -10.27 7.97
CA GLY J 340 -44.49 -10.68 8.06
C GLY J 340 -43.74 -10.04 9.19
N TYR J 341 -44.49 -9.51 10.16
CA TYR J 341 -43.92 -8.94 11.38
C TYR J 341 -44.99 -8.83 12.44
PA NDP K . -14.25 17.81 38.22
O1A NDP K . -15.69 18.13 38.42
O2A NDP K . -13.33 18.87 38.70
O5B NDP K . -13.96 16.43 39.06
C5B NDP K . -12.60 15.98 39.19
C4B NDP K . -12.65 14.54 39.64
O4B NDP K . -11.30 14.01 39.68
C3B NDP K . -13.22 14.39 41.05
O3B NDP K . -14.10 13.27 41.12
C2B NDP K . -11.96 14.22 41.89
O2B NDP K . -12.17 13.53 43.15
C1B NDP K . -11.10 13.42 40.95
N9A NDP K . -9.68 13.48 41.27
C8A NDP K . -8.85 14.57 41.23
N7A NDP K . -7.64 14.35 41.67
C5A NDP K . -7.67 13.01 42.04
C6A NDP K . -6.73 12.17 42.65
N6A NDP K . -5.47 12.55 42.91
N1A NDP K . -7.11 10.90 42.96
C2A NDP K . -8.35 10.52 42.65
N3A NDP K . -9.32 11.21 42.06
C4A NDP K . -8.93 12.47 41.79
O3 NDP K . -13.85 17.56 36.72
PN NDP K . -14.69 17.14 35.41
O1N NDP K . -15.38 15.88 35.67
O2N NDP K . -15.64 18.28 35.15
O5D NDP K . -13.63 17.04 34.25
C5D NDP K . -12.46 16.22 34.38
C4D NDP K . -11.43 16.70 33.40
O4D NDP K . -11.91 16.47 32.07
C3D NDP K . -11.12 18.19 33.38
O3D NDP K . -10.23 18.55 34.42
C2D NDP K . -10.49 18.38 31.99
O2D NDP K . -9.08 18.25 32.04
C1D NDP K . -11.06 17.19 31.19
N1N NDP K . -11.84 17.55 30.01
C2N NDP K . -11.43 17.14 28.76
C3N NDP K . -12.11 17.44 27.62
C7N NDP K . -11.70 16.94 26.30
O7N NDP K . -12.07 17.58 25.30
N7N NDP K . -10.97 15.83 26.21
C4N NDP K . -13.34 18.31 27.69
C5N NDP K . -13.72 18.61 29.08
C6N NDP K . -13.00 18.26 30.13
P2B NDP K . -12.90 14.29 44.37
O1X NDP K . -12.91 13.45 45.60
O2X NDP K . -14.27 14.60 43.88
O3X NDP K . -12.19 15.59 44.57
O1 MES L . -11.42 25.96 22.60
C2 MES L . -10.47 26.33 23.63
C3 MES L . -10.91 25.82 25.00
N4 MES L . -11.32 24.39 25.02
C5 MES L . -11.11 23.76 23.69
C6 MES L . -11.77 24.56 22.57
C7 MES L . -10.57 23.69 26.10
C8 MES L . -10.90 22.20 26.22
S MES L . -10.92 21.55 27.77
O1S MES L . -12.30 21.58 28.32
O2S MES L . -10.41 20.15 27.65
O3S MES L . -10.12 22.36 28.73
O1 MES M . -5.01 9.52 48.30
C2 MES M . -6.06 10.40 47.92
C3 MES M . -6.15 11.47 49.00
N4 MES M . -6.53 10.83 50.26
C5 MES M . -5.40 9.98 50.68
C6 MES M . -5.17 8.92 49.59
C7 MES M . -6.86 11.85 51.29
C8 MES M . -8.31 12.32 51.12
S MES M . -8.75 13.31 52.37
O1S MES M . -9.01 12.49 53.57
O2S MES M . -10.00 14.04 52.00
O3S MES M . -7.69 14.31 52.64
PA NDP N . 9.53 49.56 2.07
O1A NDP N . 8.63 50.70 1.77
O2A NDP N . 10.99 49.96 2.17
O5B NDP N . 9.07 49.03 3.53
C5B NDP N . 9.60 47.81 4.09
C4B NDP N . 8.86 47.50 5.37
O4B NDP N . 9.53 46.41 6.04
C3B NDP N . 8.76 48.63 6.39
O3B NDP N . 7.51 48.59 7.04
C2B NDP N . 9.86 48.27 7.37
O2B NDP N . 9.61 48.78 8.70
C1B NDP N . 9.77 46.76 7.38
N9A NDP N . 11.00 46.11 7.82
C8A NDP N . 12.22 46.13 7.19
N7A NDP N . 13.16 45.47 7.82
C5A NDP N . 12.52 45.02 8.97
C6A NDP N . 12.98 44.32 10.11
N6A NDP N . 14.26 43.96 10.30
N1A NDP N . 12.09 44.07 11.10
C2A NDP N . 10.83 44.47 10.94
N3A NDP N . 10.27 45.12 9.91
C4A NDP N . 11.19 45.39 8.96
O3 NDP N . 9.42 48.42 0.97
PN NDP N . 8.21 47.98 0.01
O1N NDP N . 6.98 47.88 0.82
O2N NDP N . 8.04 49.07 -1.01
O5D NDP N . 8.66 46.63 -0.69
C5D NDP N . 8.74 45.42 0.10
C4D NDP N . 9.49 44.34 -0.64
O4D NDP N . 8.61 43.73 -1.60
C3D NDP N . 10.69 44.78 -1.46
O3D NDP N . 11.82 44.89 -0.62
C2D NDP N . 10.83 43.64 -2.48
O2D NDP N . 11.75 42.67 -2.03
C1D NDP N . 9.41 43.04 -2.54
N1N NDP N . 8.75 43.11 -3.84
C2N NDP N . 8.43 41.96 -4.53
C3N NDP N . 7.81 41.97 -5.73
C7N NDP N . 7.42 40.66 -6.36
O7N NDP N . 7.38 40.58 -7.59
N7N NDP N . 7.13 39.63 -5.58
C4N NDP N . 7.48 43.26 -6.41
C5N NDP N . 7.81 44.43 -5.57
C6N NDP N . 8.41 44.32 -4.39
P2B NDP N . 9.75 50.32 9.02
O1X NDP N . 9.94 50.46 10.51
O2X NDP N . 8.48 51.02 8.50
O3X NDP N . 10.94 50.78 8.19
O1 MES O . 12.92 43.00 -14.07
C2 MES O . 13.21 44.27 -13.49
C3 MES O . 13.31 44.09 -12.00
N4 MES O . 12.06 43.60 -11.41
C5 MES O . 11.63 42.35 -12.10
C6 MES O . 11.65 42.52 -13.61
C7 MES O . 12.34 43.36 -9.98
C8 MES O . 11.06 43.19 -9.15
S MES O . 11.30 43.44 -7.52
O1S MES O . 10.37 44.50 -7.05
O2S MES O . 11.04 42.14 -6.84
O3S MES O . 12.65 43.93 -7.17
PA NDP P . -31.06 42.35 -8.06
O1A NDP P . -30.77 43.38 -7.06
O2A NDP P . -32.53 42.07 -8.11
O5B NDP P . -30.52 42.92 -9.40
C5B NDP P . -30.60 42.10 -10.56
C4B NDP P . -29.97 42.82 -11.72
O4B NDP P . -30.14 42.03 -12.92
C3B NDP P . -30.56 44.20 -12.02
O3B NDP P . -29.55 45.14 -12.38
C2B NDP P . -31.47 43.95 -13.21
O2B NDP P . -31.65 45.03 -14.14
C1B NDP P . -30.69 42.86 -13.93
N9A NDP P . -31.54 42.08 -14.81
C8A NDP P . -32.64 41.34 -14.48
N7A NDP P . -33.32 40.88 -15.51
C5A NDP P . -32.61 41.36 -16.60
C6A NDP P . -32.86 41.31 -17.99
N6A NDP P . -33.94 40.73 -18.53
N1A NDP P . -31.98 41.95 -18.80
C2A NDP P . -30.95 42.60 -18.26
N3A NDP P . -30.62 42.72 -16.97
C4A NDP P . -31.50 42.09 -16.18
O3 NDP P . -30.24 41.01 -7.79
PN NDP P . -28.87 40.81 -7.00
O1N NDP P . -27.79 41.64 -7.56
O2N NDP P . -29.11 41.21 -5.57
O5D NDP P . -28.44 39.29 -7.17
C5D NDP P . -28.21 38.72 -8.47
C4D NDP P . -28.40 37.22 -8.37
O4D NDP P . -27.26 36.64 -7.70
C3D NDP P . -29.58 36.71 -7.57
O3D NDP P . -30.82 36.79 -8.27
C2D NDP P . -29.16 35.25 -7.30
O2D NDP P . -29.64 34.41 -8.34
C1D NDP P . -27.62 35.31 -7.36
N1N NDP P . -26.92 34.95 -6.12
C2N NDP P . -26.04 33.90 -6.10
C3N NDP P . -25.34 33.54 -5.01
C7N NDP P . -24.35 32.44 -5.06
O7N NDP P . -24.03 31.85 -4.00
N7N NDP P . -23.79 32.13 -6.22
C4N NDP P . -25.51 34.28 -3.71
C5N NDP P . -26.50 35.39 -3.85
C6N NDP P . -27.12 35.67 -4.97
P2B NDP P . -32.38 46.40 -13.69
O1X NDP P . -32.54 47.29 -14.89
O2X NDP P . -33.67 46.00 -13.03
O3X NDP P . -31.55 47.00 -12.57
O1 MES Q . -29.46 27.40 1.19
C2 MES Q . -30.09 28.50 1.82
C3 MES Q . -30.32 29.62 0.82
N4 MES Q . -29.15 29.96 -0.01
C5 MES Q . -28.59 28.73 -0.61
C6 MES Q . -28.26 27.75 0.51
C7 MES Q . -29.57 31.02 -0.98
C8 MES Q . -28.84 31.09 -2.32
S MES Q . -29.17 32.52 -3.15
O1S MES Q . -28.34 32.47 -4.37
O2S MES Q . -30.60 32.58 -3.51
O3S MES Q . -28.86 33.74 -2.35
PA NDP R . 39.89 -54.88 16.00
O1A NDP R . 39.52 -56.20 15.44
O2A NDP R . 40.19 -55.00 17.49
O5B NDP R . 41.14 -54.23 15.24
C5B NDP R . 41.85 -53.07 15.67
C4B NDP R . 43.25 -53.17 15.11
O4B NDP R . 44.08 -52.15 15.72
C3B NDP R . 43.97 -54.51 15.29
O3B NDP R . 44.49 -54.96 14.06
C2B NDP R . 45.10 -54.20 16.27
O2B NDP R . 46.33 -54.92 15.99
C1B NDP R . 45.34 -52.71 16.06
N9A NDP R . 45.82 -52.05 17.26
C8A NDP R . 45.25 -52.06 18.50
N7A NDP R . 45.92 -51.40 19.40
C5A NDP R . 47.01 -50.89 18.71
C6A NDP R . 48.09 -50.08 19.10
N6A NDP R . 48.28 -49.63 20.34
N1A NDP R . 49.00 -49.75 18.15
C2A NDP R . 48.82 -50.21 16.90
N3A NDP R . 47.85 -50.98 16.43
C4A NDP R . 46.96 -51.29 17.39
O3 NDP R . 38.73 -53.82 15.76
PN NDP R . 38.05 -53.26 14.43
O1N NDP R . 39.01 -53.30 13.32
O2N NDP R . 36.89 -54.20 14.14
O5D NDP R . 37.49 -51.80 14.71
C5D NDP R . 38.31 -50.63 14.90
C4D NDP R . 37.65 -49.64 15.82
O4D NDP R . 36.89 -48.69 15.05
C3D NDP R . 36.64 -50.19 16.82
O3D NDP R . 37.29 -50.76 17.97
C2D NDP R . 35.82 -48.94 17.18
O2D NDP R . 36.43 -48.18 18.22
C1D NDP R . 35.87 -48.12 15.87
N1N NDP R . 34.63 -48.09 15.10
C2N NDP R . 34.06 -46.89 14.72
C3N NDP R . 32.91 -46.80 14.02
C7N NDP R . 32.32 -45.50 13.59
O7N NDP R . 31.11 -45.47 13.30
N7N NDP R . 33.08 -44.42 13.52
C4N NDP R . 32.16 -48.04 13.65
C5N NDP R . 32.86 -49.27 14.08
C6N NDP R . 34.00 -49.26 14.75
P2B NDP R . 46.64 -56.45 16.40
O1X NDP R . 48.06 -56.57 16.84
O2X NDP R . 45.64 -56.84 17.47
O3X NDP R . 46.32 -57.30 15.17
O1 MES S . 23.82 -47.93 18.22
C2 MES S . 24.22 -46.97 17.24
C3 MES S . 25.57 -47.38 16.65
N4 MES S . 26.59 -47.55 17.71
C5 MES S . 26.10 -48.48 18.76
C6 MES S . 24.76 -48.03 19.29
C7 MES S . 27.86 -48.06 17.13
C8 MES S . 29.10 -47.42 17.76
S MES S . 30.51 -48.22 17.35
O1S MES S . 30.31 -49.20 16.25
O2S MES S . 31.02 -48.97 18.52
O3S MES S . 31.50 -47.21 16.92
PA NDP T . -13.90 -48.97 2.84
O1A NDP T . -13.77 -49.93 3.97
O2A NDP T . -14.05 -49.62 1.47
O5B NDP T . -15.20 -48.11 3.12
C5B NDP T . -15.45 -46.90 2.39
C4B NDP T . -16.65 -46.19 2.98
O4B NDP T . -17.10 -45.18 2.05
C3B NDP T . -17.86 -47.08 3.27
O3B NDP T . -18.50 -46.62 4.46
C2B NDP T . -18.73 -46.85 2.05
O2B NDP T . -20.14 -47.02 2.28
C1B NDP T . -18.48 -45.38 1.79
N9A NDP T . -18.76 -44.98 0.41
C8A NDP T . -18.16 -45.45 -0.72
N7A NDP T . -18.64 -44.94 -1.84
C5A NDP T . -19.63 -44.08 -1.39
C6A NDP T . -20.56 -43.27 -2.07
N6A NDP T . -20.60 -43.13 -3.41
N1A NDP T . -21.46 -42.57 -1.34
C2A NDP T . -21.41 -42.68 0.00
N3A NDP T . -20.58 -43.41 0.76
C4A NDP T . -19.71 -44.09 -0.01
O3 NDP T . -12.63 -48.00 2.77
PN NDP T . -11.59 -47.60 3.91
O1N NDP T . -12.32 -47.14 5.10
O2N NDP T . -10.79 -48.83 4.33
O5D NDP T . -10.60 -46.59 3.21
C5D NDP T . -11.07 -45.30 2.79
C4D NDP T . -10.09 -44.68 1.84
O4D NDP T . -8.99 -44.12 2.57
C3D NDP T . -9.39 -45.58 0.83
O3D NDP T . -10.25 -45.89 -0.26
C2D NDP T . -8.19 -44.72 0.41
O2D NDP T . -8.54 -43.91 -0.71
C1D NDP T . -7.98 -43.82 1.63
N1N NDP T . -6.68 -43.97 2.29
C2N NDP T . -5.82 -42.90 2.41
C3N NDP T . -4.63 -42.99 3.04
C7N NDP T . -3.72 -41.82 3.19
O7N NDP T . -2.52 -42.05 3.38
N7N NDP T . -4.21 -40.59 3.16
C4N NDP T . -4.16 -44.32 3.59
C5N NDP T . -5.17 -45.38 3.41
C6N NDP T . -6.32 -45.18 2.79
P2B NDP T . -20.84 -48.43 2.64
O1X NDP T . -22.31 -48.27 2.42
O2X NDP T . -20.49 -48.79 4.08
O3X NDP T . -20.15 -49.43 1.70
O1 MES U . 3.64 -46.57 -0.70
C2 MES U . 2.99 -47.73 -1.22
C3 MES U . 1.53 -47.40 -1.49
N4 MES U . 0.83 -46.88 -0.31
C5 MES U . 1.60 -45.76 0.29
C6 MES U . 3.04 -46.16 0.53
C7 MES U . -0.54 -46.48 -0.75
C8 MES U . -1.34 -45.84 0.38
S MES U . -3.01 -45.92 0.27
O1S MES U . -3.51 -46.50 -0.99
O2S MES U . -3.48 -46.77 1.39
O3S MES U . -3.49 -44.52 0.42
PA NDP V . -1.78 45.67 -52.80
O1A NDP V . -0.88 46.82 -52.52
O2A NDP V . -3.17 46.20 -53.06
O5B NDP V . -1.36 44.77 -54.03
C5B NDP V . -1.94 43.48 -54.28
C4B NDP V . -1.36 42.89 -55.55
O4B NDP V . -2.27 41.92 -56.08
C3B NDP V . -1.06 43.88 -56.68
O3B NDP V . 0.16 43.53 -57.31
C2B NDP V . -2.23 43.66 -57.64
O2B NDP V . -1.92 43.92 -59.02
C1B NDP V . -2.49 42.18 -57.46
N9A NDP V . -3.85 41.79 -57.81
C8A NDP V . -5.02 42.28 -57.29
N7A NDP V . -6.11 41.78 -57.84
C5A NDP V . -5.61 40.89 -58.78
C6A NDP V . -6.25 40.03 -59.70
N6A NDP V . -7.58 39.92 -59.81
N1A NDP V . -5.46 39.29 -60.52
C2A NDP V . -4.13 39.41 -60.42
N3A NDP V . -3.43 40.16 -59.57
C4A NDP V . -4.23 40.88 -58.78
O3 NDP V . -1.79 44.66 -51.57
PN NDP V . -0.69 44.13 -50.54
O1N NDP V . 0.44 43.51 -51.27
O2N NDP V . -0.27 45.37 -49.73
O5D NDP V . -1.34 43.12 -49.50
C5D NDP V . -1.49 41.71 -49.73
C4D NDP V . -2.70 41.17 -48.99
O4D NDP V . -2.25 40.28 -47.96
C3D NDP V . -3.60 42.17 -48.27
O3D NDP V . -4.56 42.77 -49.14
C2D NDP V . -4.27 41.29 -47.21
O2D NDP V . -5.44 40.63 -47.70
C1D NDP V . -3.20 40.22 -46.92
N1N NDP V . -2.50 40.38 -45.64
C2N NDP V . -2.41 39.32 -44.76
C3N NDP V . -1.79 39.41 -43.56
C7N NDP V . -1.69 38.24 -42.63
O7N NDP V . -1.48 38.46 -41.43
N7N NDP V . -1.81 37.01 -43.11
C4N NDP V . -1.16 40.69 -43.14
C5N NDP V . -1.27 41.75 -44.17
C6N NDP V . -1.91 41.56 -45.31
P2B NDP V . -1.72 45.39 -59.64
O1X NDP V . -2.21 45.38 -61.03
O2X NDP V . -2.47 46.35 -58.74
O3X NDP V . -0.23 45.72 -59.51
O1 MES W . -5.58 43.67 -35.37
C2 MES W . -5.12 42.36 -35.73
C3 MES W . -4.49 42.38 -37.13
N4 MES W . -5.39 43.01 -38.12
C5 MES W . -5.84 44.33 -37.65
C6 MES W . -6.53 44.17 -36.31
C7 MES W . -4.72 43.18 -39.42
C8 MES W . -4.62 41.86 -40.19
S MES W . -4.55 42.13 -41.83
O1S MES W . -4.38 40.79 -42.44
O2S MES W . -5.80 42.75 -42.32
O3S MES W . -3.44 43.04 -42.18
PA NDP X . 35.92 29.90 -40.14
O1A NDP X . 35.92 30.79 -41.32
O2A NDP X . 37.26 29.20 -39.98
O5B NDP X . 35.62 30.78 -38.84
C5B NDP X . 35.24 30.18 -37.59
C4B NDP X . 35.04 31.24 -36.53
O4B NDP X . 35.17 30.63 -35.22
C3B NDP X . 36.01 32.43 -36.55
O3B NDP X . 35.27 33.64 -36.46
C2B NDP X . 36.88 32.23 -35.31
O2B NDP X . 37.30 33.47 -34.71
C1B NDP X . 35.91 31.50 -34.40
N9A NDP X . 36.58 30.71 -33.36
C8A NDP X . 37.28 29.54 -33.51
N7A NDP X . 37.74 29.04 -32.39
C5A NDP X . 37.31 29.94 -31.43
C6A NDP X . 37.48 29.99 -30.04
N6A NDP X . 38.17 29.08 -29.33
N1A NDP X . 36.93 31.03 -29.37
C2A NDP X . 36.26 31.95 -30.07
N3A NDP X . 36.03 32.02 -31.39
C4A NDP X . 36.58 30.97 -32.00
O3 NDP X . 34.80 28.76 -40.28
PN NDP X . 33.37 28.69 -40.96
O1N NDP X . 32.63 29.94 -40.75
O2N NDP X . 33.58 28.50 -42.45
O5D NDP X . 32.75 27.36 -40.40
C5D NDP X . 32.55 27.10 -39.00
C4D NDP X . 32.23 25.65 -38.79
O4D NDP X . 30.92 25.35 -39.29
C3D NDP X . 33.11 24.64 -39.52
O3D NDP X . 34.36 24.46 -38.86
C2D NDP X . 32.24 23.37 -39.50
O2D NDP X . 32.52 22.58 -38.35
C1D NDP X . 30.80 23.94 -39.40
N1N NDP X . 29.95 23.63 -40.53
C2N NDP X . 28.87 22.78 -40.40
C3N NDP X . 28.03 22.48 -41.41
C7N NDP X . 26.81 21.64 -41.21
O7N NDP X . 26.34 21.02 -42.17
N7N NDP X . 26.24 21.59 -40.00
C4N NDP X . 28.28 23.03 -42.79
C5N NDP X . 29.42 23.96 -42.81
C6N NDP X . 30.17 24.21 -41.75
P2B NDP X . 38.37 34.49 -35.39
O1X NDP X . 38.85 35.49 -34.37
O2X NDP X . 37.69 35.15 -36.58
O3X NDP X . 39.47 33.59 -35.91
PA NDP Y . 32.11 -45.60 -25.06
O1A NDP Y . 32.67 -46.99 -25.08
O2A NDP Y . 32.03 -45.01 -26.46
O5B NDP Y . 30.67 -45.55 -24.36
C5B NDP Y . 29.47 -45.60 -25.16
C4B NDP Y . 28.36 -46.22 -24.36
O4B NDP Y . 27.17 -45.41 -24.48
C3B NDP Y . 27.97 -47.61 -24.83
O3B NDP Y . 27.46 -48.38 -23.74
C2B NDP Y . 26.89 -47.26 -25.85
O2B NDP Y . 26.02 -48.37 -26.14
C1B NDP Y . 26.15 -46.19 -25.08
N9A NDP Y . 25.32 -45.33 -25.91
C8A NDP Y . 25.72 -44.37 -26.81
N7A NDP Y . 24.74 -43.76 -27.42
C5A NDP Y . 23.60 -44.35 -26.90
C6A NDP Y . 22.23 -44.15 -27.13
N6A NDP Y . 21.75 -43.25 -28.00
N1A NDP Y . 21.36 -44.91 -26.44
C2A NDP Y . 21.83 -45.81 -25.57
N3A NDP Y . 23.09 -46.09 -25.26
C4A NDP Y . 23.95 -45.32 -25.97
O3 NDP Y . 33.08 -44.66 -24.24
PN NDP Y . 33.30 -44.39 -22.69
O1N NDP Y . 32.83 -45.55 -21.89
O2N NDP Y . 34.80 -44.17 -22.59
O5D NDP Y . 32.60 -43.02 -22.44
C5D NDP Y . 32.94 -41.97 -23.36
C4D NDP Y . 32.22 -40.70 -23.01
O4D NDP Y . 32.38 -40.43 -21.60
C3D NDP Y . 32.78 -39.50 -23.73
O3D NDP Y . 32.11 -39.34 -24.98
C2D NDP Y . 32.50 -38.36 -22.76
O2D NDP Y . 31.20 -37.83 -23.01
C1D NDP Y . 32.54 -39.03 -21.39
N1N NDP Y . 33.78 -38.81 -20.63
C2N NDP Y . 33.87 -37.75 -19.77
C3N NDP Y . 34.97 -37.49 -19.03
C7N NDP Y . 34.95 -36.36 -18.11
O7N NDP Y . 35.93 -35.59 -18.09
N7N NDP Y . 33.92 -36.23 -17.29
C4N NDP Y . 36.18 -38.35 -19.14
C5N NDP Y . 35.98 -39.46 -20.10
C6N NDP Y . 34.87 -39.64 -20.77
P2B NDP Y . 26.55 -49.76 -26.75
O1X NDP Y . 25.40 -50.58 -27.21
O2X NDP Y . 27.34 -50.45 -25.64
O3X NDP Y . 27.51 -49.33 -27.85
PA NDP Z . -2.67 -34.58 40.91
O1A NDP Z . -3.90 -35.36 40.74
O2A NDP Z . -2.60 -33.99 42.32
O5B NDP Z . -1.42 -35.50 40.71
C5B NDP Z . -0.10 -34.94 40.70
C4B NDP Z . 0.84 -36.02 40.27
O4B NDP Z . 2.19 -35.51 40.35
C3B NDP Z . 0.80 -37.29 41.14
O3B NDP Z . 1.07 -38.46 40.36
C2B NDP Z . 1.99 -37.07 42.07
O2B NDP Z . 2.61 -38.27 42.58
C1B NDP Z . 2.97 -36.41 41.13
N9A NDP Z . 4.02 -35.68 41.82
C8A NDP Z . 3.89 -34.60 42.66
N7A NDP Z . 5.00 -34.26 43.26
C5A NDP Z . 5.93 -35.17 42.78
C6A NDP Z . 7.31 -35.37 43.04
N6A NDP Z . 8.01 -34.61 43.90
N1A NDP Z . 7.93 -36.37 42.39
C2A NDP Z . 7.21 -37.15 41.57
N3A NDP Z . 5.92 -37.07 41.25
C4A NDP Z . 5.34 -36.06 41.89
O3 NDP Z . -2.66 -33.39 39.84
PN NDP Z . -3.37 -33.35 38.42
O1N NDP Z . -3.02 -34.58 37.67
O2N NDP Z . -4.85 -33.24 38.65
O5D NDP Z . -2.81 -32.04 37.69
C5D NDP Z . -1.39 -31.79 37.56
C4D NDP Z . -1.11 -30.32 37.33
O4D NDP Z . -1.52 -29.94 35.99
C3D NDP Z . -1.85 -29.35 38.22
O3D NDP Z . -1.23 -29.29 39.50
C2D NDP Z . -1.74 -28.03 37.42
O2D NDP Z . -0.57 -27.31 37.77
C1D NDP Z . -1.62 -28.52 35.97
N1N NDP Z . -2.72 -28.14 35.09
C2N NDP Z . -2.49 -27.37 33.97
C3N NDP Z . -3.47 -26.99 33.12
C7N NDP Z . -3.17 -26.16 31.92
O7N NDP Z . -4.11 -25.60 31.35
N7N NDP Z . -1.92 -26.10 31.45
C4N NDP Z . -4.89 -27.40 33.37
C5N NDP Z . -5.03 -28.25 34.57
C6N NDP Z . -4.00 -28.57 35.34
P2B NDP Z . 1.85 -39.29 43.57
O1X NDP Z . 2.78 -40.35 44.14
O2X NDP Z . 1.22 -38.39 44.60
O3X NDP Z . 0.75 -39.85 42.75
O1 MES AA . -9.12 -19.13 34.15
C2 MES AA . -9.18 -19.24 35.57
C3 MES AA . -8.03 -20.09 36.12
N4 MES AA . -7.84 -21.39 35.43
C5 MES AA . -7.83 -21.19 33.96
C6 MES AA . -9.05 -20.41 33.51
C7 MES AA . -6.61 -22.02 36.01
C8 MES AA . -6.03 -23.16 35.18
S MES AA . -5.13 -24.32 35.98
O1S MES AA . -5.96 -25.55 35.98
O2S MES AA . -3.88 -24.45 35.18
O3S MES AA . -4.83 -24.02 37.40
PA NDP BA . -41.49 -4.51 14.94
O1A NDP BA . -41.80 -4.40 16.39
O2A NDP BA . -42.23 -5.59 14.21
O5B NDP BA . -41.90 -3.06 14.33
C5B NDP BA . -41.77 -2.86 12.91
C4B NDP BA . -41.95 -1.39 12.62
O4B NDP BA . -41.87 -1.20 11.20
C3B NDP BA . -43.29 -0.80 13.05
O3B NDP BA . -43.12 0.54 13.46
C2B NDP BA . -44.10 -0.83 11.76
O2B NDP BA . -45.14 0.16 11.74
C1B NDP BA . -43.01 -0.48 10.77
N9A NDP BA . -43.31 -0.88 9.40
C8A NDP BA . -43.49 -2.14 8.90
N7A NDP BA . -43.78 -2.15 7.61
C5A NDP BA . -43.80 -0.81 7.27
C6A NDP BA . -44.12 -0.15 6.06
N6A NDP BA . -44.41 -0.77 4.91
N1A NDP BA . -44.10 1.21 6.07
C2A NDP BA . -43.79 1.85 7.20
N3A NDP BA . -43.46 1.32 8.39
C4A NDP BA . -43.50 -0.01 8.35
O3 NDP BA . -39.96 -4.76 14.63
PN NDP BA . -38.68 -4.48 15.56
O1N NDP BA . -38.59 -3.04 15.86
O2N NDP BA . -38.85 -5.27 16.80
O5D NDP BA . -37.54 -5.11 14.71
C5D NDP BA . -37.24 -4.53 13.44
C4D NDP BA . -36.45 -5.46 12.57
O4D NDP BA . -35.06 -5.37 12.94
C3D NDP BA . -36.74 -6.95 12.62
O3D NDP BA . -37.88 -7.34 11.86
C2D NDP BA . -35.46 -7.53 12.01
O2D NDP BA . -35.63 -7.61 10.61
C1D NDP BA . -34.39 -6.48 12.38
N1N NDP BA . -33.38 -6.93 13.35
C2N NDP BA . -32.05 -6.97 13.01
C3N NDP BA . -31.07 -7.36 13.88
C7N NDP BA . -29.64 -7.31 13.51
O7N NDP BA . -28.86 -8.03 14.12
N7N NDP BA . -29.22 -6.47 12.56
C4N NDP BA . -31.44 -7.83 15.25
C5N NDP BA . -32.87 -7.66 15.53
C6N NDP BA . -33.74 -7.26 14.62
P2B NDP BA . -46.63 -0.11 12.29
O1X NDP BA . -47.41 1.13 12.37
O2X NDP BA . -46.49 -0.76 13.61
O3X NDP BA . -47.20 -1.13 11.32
O1 MES CA . -28.08 -16.46 15.45
C2 MES CA . -29.35 -16.97 15.03
C3 MES CA . -30.27 -15.94 14.40
N4 MES CA . -30.31 -14.69 15.17
C5 MES CA . -28.94 -14.15 15.20
C6 MES CA . -28.07 -15.12 15.99
C7 MES CA . -31.40 -13.78 14.68
C8 MES CA . -31.06 -12.74 13.58
S MES CA . -32.18 -11.48 13.58
O1S MES CA . -33.51 -11.92 13.07
O2S MES CA . -32.58 -11.04 14.94
O3S MES CA . -31.59 -10.37 12.78
#